data_3L2Y
#
_entry.id   3L2Y
#
_cell.length_a   278.448
_cell.length_b   278.448
_cell.length_c   92.111
_cell.angle_alpha   90.00
_cell.angle_beta   90.00
_cell.angle_gamma   90.00
#
_symmetry.space_group_name_H-M   'P 41'
#
loop_
_entity.id
_entity.type
_entity.pdbx_description
1 polymer 'C-reactive protein'
2 non-polymer 'CALCIUM ION'
3 non-polymer 'PHOSPHORIC ACID MONO-(2-AMINO-ETHYL) ESTER'
4 water water
#
_entity_poly.entity_id   1
_entity_poly.type   'polypeptide(L)'
_entity_poly.pdbx_seq_one_letter_code
;QTDMSRKAFVFPKESDTSYVSLKAPLTKPLKAFTVCLHFYTELSSTRGYSIFSYATKRQDNEILIFWSKDIGYSFTVGGS
EILFEVPEVTVAPVHICTSWESASGIVEFWVDGKPRVRKSLKKGYTVGAEASIILGQEQDSFGGNFEGSQSLVGDIGNVN
MWDFVLSPDEINTIYLGGPFSPNVLNWRALKYEVQGEVFTKPQLWP
;
_entity_poly.pdbx_strand_id   A,B,C,D,E,F,G,H,I,J,K,L,M,N,O,P,Q,R,S,T
#
# COMPACT_ATOMS: atom_id res chain seq x y z
N GLN A 1 59.53 45.33 -14.90
CA GLN A 1 58.30 44.86 -15.54
C GLN A 1 58.27 43.34 -15.67
N THR A 2 57.53 42.67 -14.80
CA THR A 2 57.37 41.24 -14.90
C THR A 2 56.00 40.90 -15.48
N ASP A 3 55.94 39.86 -16.29
CA ASP A 3 54.66 39.36 -16.77
C ASP A 3 54.13 38.35 -15.77
N MET A 4 53.16 38.77 -14.98
CA MET A 4 52.60 37.90 -13.95
C MET A 4 51.47 37.02 -14.48
N SER A 5 51.27 37.01 -15.79
CA SER A 5 50.20 36.22 -16.39
C SER A 5 50.13 34.83 -15.81
N ARG A 6 48.94 34.45 -15.35
CA ARG A 6 48.69 33.08 -14.97
C ARG A 6 49.36 32.73 -13.63
N LYS A 7 49.86 33.75 -12.94
CA LYS A 7 50.46 33.57 -11.61
C LYS A 7 49.73 34.39 -10.53
N ALA A 8 49.98 34.05 -9.27
CA ALA A 8 49.35 34.76 -8.16
C ALA A 8 50.31 34.88 -7.00
N PHE A 9 50.09 35.87 -6.15
CA PHE A 9 50.87 35.99 -4.93
C PHE A 9 50.20 35.15 -3.86
N VAL A 10 51.00 34.46 -3.06
CA VAL A 10 50.48 33.59 -2.02
C VAL A 10 50.96 34.05 -0.66
N PHE A 11 50.03 34.28 0.25
CA PHE A 11 50.34 34.63 1.65
C PHE A 11 49.83 33.50 2.51
N PRO A 12 50.67 32.47 2.72
CA PRO A 12 50.32 31.19 3.35
C PRO A 12 49.85 31.27 4.82
N LYS A 13 50.37 32.20 5.62
CA LYS A 13 49.91 32.30 7.01
C LYS A 13 49.76 33.73 7.50
N GLU A 14 48.96 33.87 8.55
CA GLU A 14 48.71 35.19 9.14
C GLU A 14 50.02 35.84 9.55
N SER A 15 50.21 37.10 9.16
CA SER A 15 51.45 37.79 9.49
C SER A 15 51.28 39.30 9.51
N ASP A 16 52.34 39.96 9.91
CA ASP A 16 52.34 41.35 10.25
C ASP A 16 53.28 41.99 9.26
N THR A 17 53.98 41.14 8.50
CA THR A 17 55.24 41.51 7.86
C THR A 17 55.29 41.19 6.39
N SER A 18 54.34 40.38 5.93
CA SER A 18 54.35 39.90 4.56
C SER A 18 53.44 40.75 3.68
N TYR A 19 53.98 41.27 2.58
CA TYR A 19 53.22 42.08 1.67
C TYR A 19 53.91 42.29 0.33
N VAL A 20 53.16 42.84 -0.62
CA VAL A 20 53.71 43.19 -1.91
C VAL A 20 53.41 44.65 -2.16
N SER A 21 54.39 45.37 -2.67
CA SER A 21 54.19 46.76 -3.00
C SER A 21 54.14 46.90 -4.51
N LEU A 22 53.04 47.43 -5.02
CA LEU A 22 52.86 47.64 -6.44
C LEU A 22 53.27 49.06 -6.78
N LYS A 23 54.05 49.23 -7.84
CA LYS A 23 54.53 50.56 -8.26
C LYS A 23 53.81 51.10 -9.50
N ALA A 24 53.20 52.27 -9.34
CA ALA A 24 52.47 52.93 -10.42
C ALA A 24 53.25 54.16 -10.87
N PRO A 25 53.53 54.24 -12.18
CA PRO A 25 54.25 55.34 -12.84
C PRO A 25 53.38 56.60 -12.92
N LEU A 26 52.43 56.72 -12.00
CA LEU A 26 51.34 57.68 -12.09
C LEU A 26 51.81 59.10 -11.94
N THR A 27 51.21 60.00 -12.73
CA THR A 27 51.54 61.42 -12.64
C THR A 27 50.30 62.26 -12.27
N LYS A 28 49.29 62.25 -13.14
CA LYS A 28 48.07 63.03 -12.87
C LYS A 28 47.36 62.51 -11.62
N PRO A 29 46.86 63.41 -10.77
CA PRO A 29 45.94 62.93 -9.74
C PRO A 29 44.73 62.28 -10.42
N LEU A 30 44.07 61.34 -9.73
CA LEU A 30 42.99 60.57 -10.33
C LEU A 30 41.64 61.21 -10.10
N LYS A 31 40.89 61.39 -11.18
CA LYS A 31 39.52 61.88 -11.08
C LYS A 31 38.50 60.76 -11.36
N ALA A 32 39.04 59.58 -11.59
CA ALA A 32 38.26 58.37 -11.85
C ALA A 32 39.22 57.19 -11.83
N PHE A 33 38.71 56.01 -11.50
CA PHE A 33 39.54 54.80 -11.57
C PHE A 33 38.73 53.53 -11.56
N THR A 34 39.36 52.46 -12.05
CA THR A 34 38.81 51.12 -11.93
C THR A 34 39.91 50.19 -11.40
N VAL A 35 39.56 49.33 -10.46
CA VAL A 35 40.48 48.30 -9.97
C VAL A 35 39.86 46.91 -10.10
N CYS A 36 40.60 45.97 -10.67
CA CYS A 36 40.13 44.60 -10.81
C CYS A 36 41.14 43.65 -10.23
N LEU A 37 40.68 42.57 -9.62
CA LEU A 37 41.58 41.56 -9.09
C LEU A 37 40.83 40.27 -8.74
N HIS A 38 41.59 39.20 -8.59
CA HIS A 38 41.10 37.93 -8.10
C HIS A 38 41.70 37.75 -6.73
N PHE A 39 40.95 37.18 -5.80
CA PHE A 39 41.57 36.75 -4.55
C PHE A 39 40.84 35.51 -4.06
N TYR A 40 41.46 34.80 -3.12
CA TYR A 40 40.89 33.58 -2.61
C TYR A 40 41.34 33.40 -1.16
N THR A 41 40.41 33.45 -0.22
CA THR A 41 40.77 33.30 1.18
C THR A 41 39.65 32.59 1.93
N GLU A 42 39.96 32.00 3.08
CA GLU A 42 38.92 31.40 3.92
C GLU A 42 38.64 32.25 5.17
N LEU A 43 39.19 33.46 5.19
CA LEU A 43 39.08 34.30 6.36
C LEU A 43 37.68 34.88 6.60
N SER A 44 36.85 34.92 5.56
CA SER A 44 35.57 35.61 5.61
C SER A 44 34.70 35.19 6.78
N SER A 45 34.82 33.93 7.16
CA SER A 45 34.03 33.37 8.25
C SER A 45 34.52 33.83 9.63
N THR A 46 35.81 34.11 9.74
CA THR A 46 36.42 34.36 11.06
C THR A 46 36.84 35.80 11.38
N ARG A 47 37.22 36.59 10.38
CA ARG A 47 37.59 38.00 10.64
C ARG A 47 37.63 38.84 9.37
N GLY A 48 37.99 40.11 9.52
CA GLY A 48 38.07 40.98 8.34
C GLY A 48 39.46 40.98 7.74
N TYR A 49 39.58 41.53 6.53
CA TYR A 49 40.87 41.56 5.85
C TYR A 49 40.92 42.58 4.73
N SER A 50 42.13 43.05 4.42
CA SER A 50 42.35 44.00 3.34
C SER A 50 42.62 43.30 2.01
N ILE A 51 41.87 43.70 0.99
CA ILE A 51 42.04 43.14 -0.33
C ILE A 51 43.02 43.96 -1.17
N PHE A 52 42.86 45.29 -1.14
CA PHE A 52 43.67 46.21 -1.94
C PHE A 52 43.80 47.52 -1.17
N SER A 53 45.02 47.85 -0.73
CA SER A 53 45.27 49.06 0.07
C SER A 53 46.10 50.10 -0.68
N TYR A 54 45.53 51.29 -0.88
CA TYR A 54 46.14 52.35 -1.66
C TYR A 54 46.23 53.58 -0.75
N ALA A 55 47.45 53.91 -0.35
CA ALA A 55 47.67 54.99 0.62
C ALA A 55 48.41 56.20 0.06
N THR A 56 48.10 57.36 0.65
CA THR A 56 48.74 58.64 0.33
C THR A 56 49.45 59.12 1.58
N LYS A 57 50.38 60.07 1.46
CA LYS A 57 51.02 60.63 2.66
C LYS A 57 49.96 61.27 3.57
N ARG A 58 48.89 61.77 2.96
CA ARG A 58 47.80 62.43 3.66
C ARG A 58 46.67 61.49 4.10
N GLN A 59 46.46 60.41 3.37
CA GLN A 59 45.33 59.52 3.64
C GLN A 59 45.73 58.05 3.49
N ASP A 60 45.65 57.32 4.59
CA ASP A 60 46.01 55.90 4.59
C ASP A 60 45.01 55.04 3.82
N ASN A 61 43.77 55.52 3.73
CA ASN A 61 42.73 54.83 3.01
C ASN A 61 42.24 55.61 1.82
N GLU A 62 43.16 55.94 0.93
CA GLU A 62 42.83 56.73 -0.26
C GLU A 62 41.95 55.90 -1.17
N ILE A 63 42.37 54.66 -1.44
CA ILE A 63 41.46 53.67 -2.02
C ILE A 63 41.61 52.38 -1.24
N LEU A 64 40.51 51.88 -0.68
CA LEU A 64 40.58 50.65 0.11
C LEU A 64 39.45 49.69 -0.19
N ILE A 65 39.80 48.52 -0.72
CA ILE A 65 38.85 47.43 -0.85
C ILE A 65 39.13 46.46 0.29
N PHE A 66 38.10 46.21 1.10
CA PHE A 66 38.26 45.52 2.37
C PHE A 66 37.07 44.62 2.61
N TRP A 67 37.29 43.49 3.27
CA TRP A 67 36.17 42.64 3.66
C TRP A 67 36.00 42.81 5.15
N SER A 68 34.84 43.29 5.57
CA SER A 68 34.61 43.43 7.01
C SER A 68 33.67 42.32 7.53
N LYS A 69 34.04 41.74 8.67
CA LYS A 69 33.43 40.49 9.13
C LYS A 69 31.92 40.60 9.29
N ASP A 70 31.22 39.59 8.79
CA ASP A 70 29.78 39.46 9.00
C ASP A 70 29.01 40.60 8.37
N ILE A 71 29.64 41.32 7.45
CA ILE A 71 28.97 42.39 6.74
C ILE A 71 29.07 42.23 5.23
N GLY A 72 30.30 42.27 4.73
CA GLY A 72 30.52 42.15 3.30
C GLY A 72 31.67 43.03 2.85
N TYR A 73 31.63 43.46 1.59
CA TYR A 73 32.69 44.29 1.03
C TYR A 73 32.56 45.74 1.48
N SER A 74 33.68 46.30 1.90
CA SER A 74 33.75 47.71 2.25
C SER A 74 34.64 48.44 1.24
N PHE A 75 34.10 49.51 0.67
CA PHE A 75 34.84 50.28 -0.33
C PHE A 75 35.09 51.68 0.19
N THR A 76 36.35 52.07 0.24
CA THR A 76 36.70 53.37 0.78
C THR A 76 37.46 54.24 -0.23
N VAL A 77 37.00 55.47 -0.40
CA VAL A 77 37.72 56.47 -1.17
C VAL A 77 37.95 57.70 -0.31
N GLY A 78 39.19 58.14 -0.22
CA GLY A 78 39.52 59.32 0.53
C GLY A 78 39.04 59.27 1.97
N GLY A 79 39.06 58.10 2.58
CA GLY A 79 38.67 57.95 3.96
C GLY A 79 37.19 57.68 4.18
N SER A 80 36.35 57.98 3.19
CA SER A 80 34.91 57.71 3.29
C SER A 80 34.53 56.29 2.84
N GLU A 81 33.71 55.62 3.64
CA GLU A 81 33.41 54.21 3.43
C GLU A 81 31.95 54.01 3.03
N ILE A 82 31.71 53.15 2.06
CA ILE A 82 30.39 52.58 1.86
C ILE A 82 30.48 51.06 1.87
N LEU A 83 29.35 50.40 2.09
CA LEU A 83 29.32 48.96 2.24
C LEU A 83 28.57 48.31 1.10
N PHE A 84 29.03 47.14 0.71
CA PHE A 84 28.26 46.27 -0.18
C PHE A 84 28.01 44.95 0.55
N GLU A 85 26.83 44.81 1.16
CA GLU A 85 26.48 43.65 1.96
C GLU A 85 26.63 42.34 1.19
N VAL A 86 27.10 41.32 1.88
CA VAL A 86 27.12 39.99 1.30
C VAL A 86 26.69 38.95 2.32
N PRO A 87 25.45 38.47 2.21
CA PRO A 87 25.01 37.32 2.99
C PRO A 87 25.38 36.03 2.25
N GLU A 88 25.50 34.93 2.98
CA GLU A 88 25.75 33.62 2.36
C GLU A 88 27.00 33.62 1.47
N VAL A 89 28.13 33.98 2.03
CA VAL A 89 29.37 33.89 1.27
C VAL A 89 29.70 32.44 0.93
N THR A 90 30.29 32.21 -0.24
CA THR A 90 30.74 30.88 -0.62
C THR A 90 32.26 30.77 -0.63
N VAL A 91 32.74 29.55 -0.42
CA VAL A 91 34.17 29.27 -0.43
C VAL A 91 34.66 28.99 -1.86
N ALA A 92 35.10 30.04 -2.53
CA ALA A 92 35.69 29.92 -3.85
C ALA A 92 36.45 31.19 -4.18
N PRO A 93 37.37 31.13 -5.16
CA PRO A 93 38.02 32.35 -5.62
C PRO A 93 36.95 33.36 -6.04
N VAL A 94 37.23 34.63 -5.79
CA VAL A 94 36.31 35.70 -6.14
C VAL A 94 37.03 36.67 -7.04
N HIS A 95 36.31 37.18 -8.02
CA HIS A 95 36.86 38.23 -8.86
C HIS A 95 36.06 39.50 -8.62
N ILE A 96 36.74 40.61 -8.39
CA ILE A 96 36.03 41.88 -8.23
C ILE A 96 36.53 42.97 -9.18
N CYS A 97 35.61 43.81 -9.59
CA CYS A 97 35.95 45.05 -10.26
C CYS A 97 35.27 46.14 -9.50
N THR A 98 36.00 47.20 -9.21
CA THR A 98 35.40 48.30 -8.50
C THR A 98 35.81 49.62 -9.17
N SER A 99 34.88 50.57 -9.28
CA SER A 99 35.18 51.84 -9.92
C SER A 99 34.55 53.04 -9.21
N TRP A 100 35.12 54.22 -9.46
CA TRP A 100 34.68 55.46 -8.87
C TRP A 100 34.92 56.61 -9.85
N GLU A 101 33.96 57.52 -9.91
CA GLU A 101 34.08 58.69 -10.76
C GLU A 101 33.90 59.95 -9.91
N SER A 102 34.86 60.86 -9.94
CA SER A 102 34.75 62.11 -9.20
C SER A 102 33.59 62.97 -9.66
N ALA A 103 33.42 63.10 -10.97
CA ALA A 103 32.35 63.92 -11.55
C ALA A 103 30.96 63.65 -10.98
N SER A 104 30.65 62.39 -10.72
CA SER A 104 29.30 62.00 -10.33
C SER A 104 29.25 61.42 -8.92
N GLY A 105 30.39 60.93 -8.45
CA GLY A 105 30.46 60.28 -7.15
C GLY A 105 30.00 58.83 -7.20
N ILE A 106 29.64 58.37 -8.40
CA ILE A 106 29.15 57.01 -8.56
C ILE A 106 30.24 55.96 -8.37
N VAL A 107 30.00 54.99 -7.51
CA VAL A 107 30.89 53.83 -7.45
C VAL A 107 30.17 52.58 -7.92
N GLU A 108 30.88 51.72 -8.60
CA GLU A 108 30.34 50.44 -9.03
C GLU A 108 31.12 49.34 -8.34
N PHE A 109 30.41 48.28 -7.95
CA PHE A 109 31.10 47.13 -7.40
C PHE A 109 30.62 45.88 -8.12
N TRP A 110 31.56 45.18 -8.76
CA TRP A 110 31.23 43.97 -9.53
C TRP A 110 31.82 42.75 -8.86
N VAL A 111 30.99 41.76 -8.58
CA VAL A 111 31.46 40.50 -8.01
C VAL A 111 31.23 39.32 -8.97
N ASP A 112 32.32 38.67 -9.36
CA ASP A 112 32.25 37.55 -10.30
C ASP A 112 31.45 37.89 -11.56
N GLY A 113 31.65 39.10 -12.07
CA GLY A 113 31.07 39.50 -13.32
C GLY A 113 29.70 40.10 -13.20
N LYS A 114 29.16 40.13 -11.98
CA LYS A 114 27.81 40.62 -11.79
C LYS A 114 27.82 41.96 -11.02
N PRO A 115 27.09 42.97 -11.53
CA PRO A 115 27.14 44.28 -10.91
C PRO A 115 26.27 44.34 -9.67
N ARG A 116 26.81 44.89 -8.60
CA ARG A 116 26.01 45.35 -7.48
C ARG A 116 25.34 46.64 -7.88
N VAL A 117 24.42 47.13 -7.07
CA VAL A 117 23.77 48.38 -7.41
C VAL A 117 24.77 49.53 -7.35
N ARG A 118 24.47 50.64 -8.04
CA ARG A 118 25.37 51.79 -8.03
C ARG A 118 25.16 52.61 -6.76
N LYS A 119 26.25 53.15 -6.21
CA LYS A 119 26.21 53.95 -4.99
C LYS A 119 27.00 55.24 -5.14
N SER A 120 26.94 56.11 -4.14
CA SER A 120 27.58 57.43 -4.21
C SER A 120 28.68 57.56 -3.19
N LEU A 121 29.80 58.16 -3.59
CA LEU A 121 30.93 58.31 -2.68
C LEU A 121 31.88 59.39 -3.16
N LYS A 122 32.13 60.37 -2.29
CA LYS A 122 33.12 61.40 -2.57
C LYS A 122 33.00 62.10 -3.93
N LYS A 123 31.81 62.57 -4.28
CA LYS A 123 31.67 63.43 -5.45
C LYS A 123 32.61 64.63 -5.39
N GLY A 124 33.38 64.83 -6.45
CA GLY A 124 34.23 66.01 -6.55
C GLY A 124 35.59 65.89 -5.90
N TYR A 125 35.84 64.77 -5.22
CA TYR A 125 37.13 64.52 -4.60
C TYR A 125 38.17 64.23 -5.67
N THR A 126 39.44 64.25 -5.30
CA THR A 126 40.51 63.91 -6.21
C THR A 126 41.48 62.97 -5.51
N VAL A 127 41.76 61.83 -6.14
CA VAL A 127 42.62 60.81 -5.57
C VAL A 127 44.09 61.10 -5.89
N GLY A 128 44.95 61.08 -4.89
CA GLY A 128 46.34 61.42 -5.07
C GLY A 128 47.10 60.43 -5.92
N ALA A 129 48.16 60.90 -6.55
CA ALA A 129 48.95 60.07 -7.45
C ALA A 129 50.25 59.56 -6.80
N GLU A 130 50.64 60.17 -5.69
CA GLU A 130 51.82 59.74 -4.96
C GLU A 130 51.36 58.69 -3.96
N ALA A 131 51.34 57.45 -4.39
CA ALA A 131 50.66 56.39 -3.66
C ALA A 131 51.55 55.23 -3.28
N SER A 132 51.26 54.64 -2.13
CA SER A 132 51.81 53.34 -1.76
C SER A 132 50.71 52.29 -1.92
N ILE A 133 50.87 51.41 -2.89
CA ILE A 133 49.85 50.42 -3.19
C ILE A 133 50.29 49.06 -2.68
N ILE A 134 49.50 48.48 -1.78
CA ILE A 134 49.93 47.28 -1.08
C ILE A 134 48.92 46.13 -1.06
N LEU A 135 49.41 44.93 -1.39
CA LEU A 135 48.64 43.70 -1.35
C LEU A 135 49.07 42.90 -0.13
N GLY A 136 48.11 42.38 0.63
CA GLY A 136 48.43 41.48 1.72
C GLY A 136 48.40 42.06 3.12
N GLN A 137 48.47 43.38 3.21
CA GLN A 137 48.37 44.09 4.47
C GLN A 137 47.52 45.33 4.29
N GLU A 138 46.99 45.83 5.38
CA GLU A 138 46.20 47.06 5.35
C GLU A 138 47.08 48.17 5.91
N GLN A 139 47.23 49.25 5.14
CA GLN A 139 48.09 50.37 5.53
C GLN A 139 47.40 51.34 6.47
N ASP A 140 48.08 51.68 7.56
CA ASP A 140 47.60 52.74 8.43
C ASP A 140 48.50 53.97 8.30
N SER A 141 49.59 53.82 7.56
CA SER A 141 50.47 54.93 7.27
C SER A 141 51.01 54.70 5.88
N PHE A 142 51.60 55.73 5.29
CA PHE A 142 52.13 55.60 3.94
C PHE A 142 53.22 54.53 3.87
N GLY A 143 52.84 53.33 3.45
CA GLY A 143 53.80 52.26 3.24
C GLY A 143 54.02 51.36 4.45
N GLY A 144 53.21 51.49 5.48
CA GLY A 144 53.39 50.69 6.67
C GLY A 144 52.31 50.77 7.73
N ASN A 145 52.70 50.43 8.96
CA ASN A 145 51.77 50.37 10.07
C ASN A 145 50.66 49.37 9.81
N PHE A 146 51.06 48.13 9.59
CA PHE A 146 50.13 47.05 9.28
C PHE A 146 49.52 46.48 10.55
N GLU A 147 48.30 45.96 10.45
CA GLU A 147 47.67 45.22 11.53
C GLU A 147 47.50 43.79 11.07
N GLY A 148 47.95 42.84 11.88
CA GLY A 148 47.89 41.44 11.52
C GLY A 148 46.48 40.91 11.46
N SER A 149 45.60 41.52 12.24
CA SER A 149 44.19 41.12 12.25
C SER A 149 43.48 41.60 11.00
N GLN A 150 44.24 42.21 10.08
CA GLN A 150 43.65 42.69 8.84
C GLN A 150 44.39 42.18 7.61
N SER A 151 45.32 41.27 7.81
CA SER A 151 46.13 40.71 6.74
C SER A 151 45.31 39.75 5.85
N LEU A 152 45.75 39.57 4.61
CA LEU A 152 45.10 38.63 3.73
C LEU A 152 45.85 37.32 3.77
N VAL A 153 45.16 36.23 4.09
CA VAL A 153 45.77 34.92 4.09
C VAL A 153 45.14 34.12 2.98
N GLY A 154 45.94 33.83 1.96
CA GLY A 154 45.44 33.18 0.77
C GLY A 154 46.15 33.70 -0.47
N ASP A 155 45.41 33.74 -1.58
CA ASP A 155 46.00 34.14 -2.85
C ASP A 155 45.38 35.44 -3.35
N ILE A 156 46.18 36.22 -4.07
CA ILE A 156 45.65 37.36 -4.80
C ILE A 156 46.43 37.58 -6.10
N GLY A 157 45.74 37.91 -7.17
CA GLY A 157 46.36 38.05 -8.48
C GLY A 157 45.47 38.72 -9.50
N ASN A 158 45.94 38.76 -10.75
CA ASN A 158 45.24 39.51 -11.80
C ASN A 158 44.85 40.93 -11.38
N VAL A 159 45.75 41.61 -10.68
CA VAL A 159 45.49 42.98 -10.24
C VAL A 159 45.73 43.93 -11.40
N ASN A 160 44.74 44.73 -11.74
CA ASN A 160 44.88 45.71 -12.81
C ASN A 160 44.16 47.00 -12.43
N MET A 161 44.68 48.14 -12.85
CA MET A 161 44.05 49.41 -12.52
C MET A 161 43.99 50.36 -13.71
N TRP A 162 42.87 51.04 -13.89
CA TRP A 162 42.75 52.05 -14.95
C TRP A 162 42.47 53.40 -14.35
N ASP A 163 42.76 54.47 -15.07
CA ASP A 163 42.48 55.82 -14.57
C ASP A 163 41.14 56.36 -15.05
N PHE A 164 40.28 55.49 -15.53
CA PHE A 164 38.93 55.87 -15.90
C PHE A 164 37.96 54.79 -15.50
N VAL A 165 36.68 55.02 -15.74
CA VAL A 165 35.67 54.03 -15.39
C VAL A 165 35.36 53.06 -16.52
N LEU A 166 35.59 51.77 -16.25
CA LEU A 166 35.27 50.71 -17.19
C LEU A 166 33.76 50.59 -17.41
N SER A 167 33.36 50.43 -18.66
CA SER A 167 31.96 50.23 -19.01
C SER A 167 31.57 48.80 -18.68
N PRO A 168 30.25 48.55 -18.56
CA PRO A 168 29.82 47.19 -18.26
C PRO A 168 30.33 46.15 -19.27
N ASP A 169 30.37 46.52 -20.54
CA ASP A 169 30.88 45.59 -21.55
C ASP A 169 32.37 45.33 -21.35
N GLU A 170 33.11 46.35 -20.97
CA GLU A 170 34.54 46.19 -20.73
C GLU A 170 34.77 45.30 -19.55
N ILE A 171 34.01 45.52 -18.48
CA ILE A 171 34.18 44.74 -17.26
C ILE A 171 33.87 43.30 -17.60
N ASN A 172 32.87 43.10 -18.44
CA ASN A 172 32.49 41.76 -18.78
C ASN A 172 33.61 41.03 -19.50
N THR A 173 34.23 41.68 -20.48
CA THR A 173 35.30 41.03 -21.20
C THR A 173 36.52 40.75 -20.31
N ILE A 174 36.76 41.61 -19.34
CA ILE A 174 37.80 41.34 -18.36
C ILE A 174 37.51 40.09 -17.55
N TYR A 175 36.27 39.94 -17.09
CA TYR A 175 35.89 38.77 -16.30
C TYR A 175 35.93 37.48 -17.11
N LEU A 176 35.48 37.56 -18.36
CA LEU A 176 35.41 36.40 -19.24
C LEU A 176 36.75 36.03 -19.85
N GLY A 177 37.75 36.88 -19.70
CA GLY A 177 39.10 36.56 -20.11
C GLY A 177 39.61 37.21 -21.39
N GLY A 178 38.76 37.93 -22.10
CA GLY A 178 39.18 38.69 -23.27
C GLY A 178 40.39 39.60 -23.04
N PRO A 179 40.85 40.26 -24.12
CA PRO A 179 42.05 41.12 -24.13
C PRO A 179 41.78 42.52 -23.61
N PHE A 180 42.75 43.13 -22.94
CA PHE A 180 42.57 44.50 -22.46
C PHE A 180 43.92 45.11 -22.12
N SER A 181 44.00 46.43 -22.05
CA SER A 181 45.21 47.08 -21.58
C SER A 181 44.91 48.17 -20.56
N PRO A 182 45.24 47.90 -19.30
CA PRO A 182 45.08 48.83 -18.19
C PRO A 182 46.15 49.91 -18.29
N ASN A 183 45.88 51.13 -17.85
CA ASN A 183 46.87 52.19 -17.95
C ASN A 183 47.42 52.72 -16.64
N VAL A 184 47.24 51.98 -15.55
CA VAL A 184 47.83 52.35 -14.29
C VAL A 184 48.63 51.19 -13.72
N LEU A 185 47.94 50.11 -13.35
CA LEU A 185 48.62 48.86 -12.97
C LEU A 185 48.28 47.81 -14.00
N ASN A 186 49.31 47.10 -14.46
CA ASN A 186 49.13 46.04 -15.46
C ASN A 186 49.75 44.72 -15.00
N TRP A 187 48.91 43.71 -14.79
CA TRP A 187 49.37 42.42 -14.30
C TRP A 187 50.41 41.84 -15.24
N ARG A 188 50.29 42.20 -16.52
CA ARG A 188 51.17 41.64 -17.54
C ARG A 188 52.50 42.38 -17.67
N ALA A 189 52.61 43.49 -16.93
CA ALA A 189 53.82 44.29 -16.90
C ALA A 189 53.89 44.97 -15.55
N LEU A 190 54.06 44.15 -14.52
CA LEU A 190 53.91 44.61 -13.15
C LEU A 190 55.25 44.94 -12.53
N LYS A 191 55.36 46.13 -11.98
CA LYS A 191 56.56 46.51 -11.24
C LYS A 191 56.22 46.42 -9.76
N TYR A 192 56.89 45.51 -9.06
CA TYR A 192 56.53 45.22 -7.68
C TYR A 192 57.73 44.86 -6.84
N GLU A 193 57.53 44.89 -5.54
CA GLU A 193 58.59 44.58 -4.60
C GLU A 193 57.98 43.71 -3.48
N VAL A 194 58.67 42.63 -3.13
CA VAL A 194 58.13 41.71 -2.14
C VAL A 194 58.82 41.83 -0.79
N GLN A 195 58.06 41.72 0.27
CA GLN A 195 58.62 41.76 1.60
C GLN A 195 58.05 40.61 2.43
N GLY A 196 58.92 39.85 3.06
CA GLY A 196 58.48 38.81 3.97
C GLY A 196 58.06 37.52 3.30
N GLU A 197 57.12 36.82 3.93
CA GLU A 197 56.69 35.49 3.53
C GLU A 197 55.63 35.52 2.43
N VAL A 198 56.05 35.85 1.21
CA VAL A 198 55.18 35.90 0.04
C VAL A 198 55.74 35.03 -1.09
N PHE A 199 54.89 34.25 -1.73
CA PHE A 199 55.37 33.38 -2.80
C PHE A 199 54.61 33.60 -4.08
N THR A 200 55.26 33.26 -5.19
CA THR A 200 54.64 33.34 -6.49
C THR A 200 54.36 31.94 -6.97
N LYS A 201 53.10 31.64 -7.20
CA LYS A 201 52.67 30.32 -7.63
C LYS A 201 51.66 30.43 -8.76
N PRO A 202 51.42 29.34 -9.49
CA PRO A 202 50.36 29.31 -10.51
C PRO A 202 49.00 29.57 -9.88
N GLN A 203 48.16 30.34 -10.57
CA GLN A 203 46.88 30.71 -10.00
C GLN A 203 45.97 29.50 -9.83
N LEU A 204 45.13 29.55 -8.79
CA LEU A 204 44.14 28.49 -8.50
C LEU A 204 42.84 28.66 -9.27
N TRP A 205 42.61 29.85 -9.80
CA TRP A 205 41.38 30.12 -10.53
C TRP A 205 41.64 30.00 -12.03
N PRO A 206 40.58 29.79 -12.81
CA PRO A 206 40.69 29.66 -14.26
C PRO A 206 41.23 30.94 -14.87
N GLN B 1 54.11 -5.70 -8.96
CA GLN B 1 53.45 -4.62 -9.68
C GLN B 1 52.12 -5.08 -10.27
N THR B 2 51.02 -4.72 -9.62
CA THR B 2 49.72 -5.04 -10.16
C THR B 2 49.10 -3.80 -10.78
N ASP B 3 48.37 -3.97 -11.88
CA ASP B 3 47.62 -2.86 -12.45
C ASP B 3 46.24 -2.83 -11.79
N MET B 4 46.06 -1.89 -10.86
CA MET B 4 44.80 -1.75 -10.13
C MET B 4 43.75 -0.92 -10.86
N SER B 5 44.05 -0.55 -12.10
CA SER B 5 43.12 0.26 -12.88
C SER B 5 41.69 -0.20 -12.71
N ARG B 6 40.80 0.74 -12.39
CA ARG B 6 39.38 0.45 -12.45
C ARG B 6 38.93 -0.45 -11.27
N LYS B 7 39.84 -0.67 -10.31
CA LYS B 7 39.54 -1.46 -9.12
C LYS B 7 39.79 -0.68 -7.83
N ALA B 8 39.20 -1.15 -6.74
CA ALA B 8 39.31 -0.46 -5.46
C ALA B 8 39.44 -1.47 -4.34
N PHE B 9 40.05 -1.06 -3.23
CA PHE B 9 40.06 -1.88 -2.03
C PHE B 9 38.78 -1.64 -1.22
N VAL B 10 38.18 -2.72 -0.72
CA VAL B 10 36.93 -2.64 0.03
C VAL B 10 37.12 -3.11 1.46
N PHE B 11 36.78 -2.25 2.42
CA PHE B 11 36.84 -2.63 3.84
C PHE B 11 35.43 -2.62 4.38
N PRO B 12 34.73 -3.76 4.25
CA PRO B 12 33.28 -3.89 4.45
C PRO B 12 32.77 -3.61 5.88
N LYS B 13 33.56 -3.91 6.90
CA LYS B 13 33.13 -3.63 8.26
C LYS B 13 34.22 -3.08 9.17
N GLU B 14 33.80 -2.42 10.23
CA GLU B 14 34.72 -1.82 11.18
C GLU B 14 35.65 -2.89 11.73
N SER B 15 36.95 -2.60 11.75
CA SER B 15 37.92 -3.56 12.23
C SER B 15 39.20 -2.91 12.70
N ASP B 16 40.08 -3.74 13.24
CA ASP B 16 41.24 -3.32 13.99
C ASP B 16 42.42 -3.87 13.21
N THR B 17 42.10 -4.67 12.19
CA THR B 17 43.01 -5.69 11.69
C THR B 17 43.13 -5.70 10.19
N SER B 18 42.19 -5.03 9.54
CA SER B 18 42.15 -5.03 8.09
C SER B 18 42.86 -3.80 7.52
N TYR B 19 43.79 -4.01 6.60
CA TYR B 19 44.50 -2.90 6.00
C TYR B 19 45.31 -3.31 4.79
N VAL B 20 45.75 -2.31 4.03
CA VAL B 20 46.63 -2.56 2.89
C VAL B 20 47.91 -1.78 3.10
N SER B 21 49.04 -2.42 2.83
CA SER B 21 50.34 -1.75 2.90
C SER B 21 50.83 -1.46 1.48
N LEU B 22 51.08 -0.19 1.20
CA LEU B 22 51.58 0.24 -0.10
C LEU B 22 53.10 0.36 0.00
N LYS B 23 53.81 -0.19 -1.00
CA LYS B 23 55.28 -0.17 -1.00
C LYS B 23 55.84 0.83 -2.00
N ALA B 24 56.63 1.78 -1.49
CA ALA B 24 57.27 2.80 -2.32
C ALA B 24 58.77 2.56 -2.44
N PRO B 25 59.28 2.53 -3.68
CA PRO B 25 60.69 2.28 -4.00
C PRO B 25 61.55 3.47 -3.67
N LEU B 26 61.08 4.26 -2.73
CA LEU B 26 61.64 5.58 -2.46
C LEU B 26 63.06 5.55 -1.91
N THR B 27 63.85 6.52 -2.36
CA THR B 27 65.20 6.68 -1.85
C THR B 27 65.39 8.07 -1.22
N LYS B 28 65.29 9.12 -2.02
CA LYS B 28 65.53 10.47 -1.53
C LYS B 28 64.48 10.83 -0.52
N PRO B 29 64.88 11.48 0.59
CA PRO B 29 63.85 12.09 1.45
C PRO B 29 63.04 13.08 0.63
N LEU B 30 61.78 13.28 1.00
CA LEU B 30 60.88 14.13 0.24
C LEU B 30 60.94 15.60 0.67
N LYS B 31 61.09 16.49 -0.29
CA LYS B 31 61.06 17.92 0.00
C LYS B 31 59.80 18.54 -0.61
N ALA B 32 58.98 17.67 -1.19
CA ALA B 32 57.69 18.04 -1.76
C ALA B 32 56.96 16.75 -2.13
N PHE B 33 55.64 16.80 -2.15
CA PHE B 33 54.86 15.63 -2.60
C PHE B 33 53.42 16.00 -2.97
N THR B 34 52.80 15.12 -3.74
CA THR B 34 51.37 15.20 -4.00
C THR B 34 50.77 13.82 -3.82
N VAL B 35 49.61 13.75 -3.17
CA VAL B 35 48.88 12.50 -3.00
C VAL B 35 47.47 12.66 -3.49
N CYS B 36 47.03 11.72 -4.34
CA CYS B 36 45.66 11.72 -4.87
C CYS B 36 44.99 10.39 -4.62
N LEU B 37 43.68 10.40 -4.42
CA LEU B 37 42.95 9.16 -4.18
C LEU B 37 41.46 9.40 -4.20
N HIS B 38 40.72 8.31 -4.37
CA HIS B 38 39.27 8.32 -4.29
C HIS B 38 38.92 7.50 -3.06
N PHE B 39 37.88 7.91 -2.35
CA PHE B 39 37.38 7.05 -1.29
C PHE B 39 35.89 7.26 -1.14
N TYR B 40 35.22 6.32 -0.50
CA TYR B 40 33.78 6.41 -0.35
C TYR B 40 33.39 5.75 0.95
N THR B 41 32.87 6.53 1.90
CA THR B 41 32.47 5.99 3.19
C THR B 41 31.26 6.73 3.74
N GLU B 42 30.52 6.09 4.64
CA GLU B 42 29.38 6.74 5.29
C GLU B 42 29.69 7.15 6.74
N LEU B 43 30.94 7.04 7.11
CA LEU B 43 31.36 7.29 8.48
C LEU B 43 31.35 8.76 8.88
N SER B 44 31.35 9.67 7.91
CA SER B 44 31.54 11.08 8.20
C SER B 44 30.55 11.61 9.22
N SER B 45 29.34 11.06 9.19
CA SER B 45 28.28 11.48 10.09
C SER B 45 28.48 11.02 11.55
N THR B 46 29.16 9.89 11.72
CA THR B 46 29.22 9.24 13.03
C THR B 46 30.58 9.28 13.77
N ARG B 47 31.69 9.31 13.04
CA ARG B 47 33.01 9.38 13.67
C ARG B 47 34.13 9.77 12.72
N GLY B 48 35.36 9.83 13.21
CA GLY B 48 36.50 10.14 12.39
C GLY B 48 37.11 8.91 11.75
N TYR B 49 37.98 9.10 10.76
CA TYR B 49 38.65 7.99 10.09
C TYR B 49 39.90 8.43 9.34
N SER B 50 40.82 7.48 9.16
CA SER B 50 42.02 7.74 8.38
C SER B 50 41.83 7.42 6.89
N ILE B 51 42.23 8.36 6.06
CA ILE B 51 42.15 8.18 4.62
C ILE B 51 43.47 7.66 4.03
N PHE B 52 44.59 8.23 4.48
CA PHE B 52 45.91 7.88 3.97
C PHE B 52 46.93 8.05 5.11
N SER B 53 47.52 6.96 5.60
CA SER B 53 48.47 7.03 6.71
C SER B 53 49.90 6.68 6.28
N TYR B 54 50.82 7.63 6.47
CA TYR B 54 52.20 7.49 6.02
C TYR B 54 53.08 7.70 7.23
N ALA B 55 53.71 6.64 7.70
CA ALA B 55 54.48 6.67 8.96
C ALA B 55 55.99 6.41 8.80
N THR B 56 56.75 6.97 9.71
CA THR B 56 58.20 6.82 9.77
C THR B 56 58.55 6.18 11.08
N LYS B 57 59.74 5.62 11.21
CA LYS B 57 60.14 5.06 12.49
C LYS B 57 60.09 6.15 13.57
N ARG B 58 60.31 7.39 13.15
CA ARG B 58 60.37 8.54 14.05
C ARG B 58 59.02 9.23 14.23
N GLN B 59 58.18 9.17 13.21
CA GLN B 59 56.93 9.91 13.21
C GLN B 59 55.77 9.11 12.62
N ASP B 60 54.78 8.82 13.46
CA ASP B 60 53.63 8.01 13.03
C ASP B 60 52.73 8.77 12.04
N ASN B 61 52.78 10.10 12.12
CA ASN B 61 51.96 10.93 11.26
C ASN B 61 52.81 11.79 10.36
N GLU B 62 53.66 11.13 9.58
CA GLU B 62 54.59 11.85 8.72
C GLU B 62 53.77 12.51 7.63
N ILE B 63 52.89 11.74 7.01
CA ILE B 63 51.86 12.33 6.16
C ILE B 63 50.54 11.69 6.50
N LEU B 64 49.56 12.47 6.92
CA LEU B 64 48.26 11.92 7.31
C LEU B 64 47.08 12.73 6.79
N ILE B 65 46.30 12.11 5.92
CA ILE B 65 45.03 12.65 5.48
C ILE B 65 43.95 11.95 6.26
N PHE B 66 43.13 12.73 6.96
CA PHE B 66 42.24 12.20 7.97
C PHE B 66 40.94 13.00 7.95
N TRP B 67 39.84 12.36 8.28
CA TRP B 67 38.57 13.08 8.44
C TRP B 67 38.26 13.12 9.90
N SER B 68 38.18 14.30 10.48
CA SER B 68 37.84 14.36 11.89
C SER B 68 36.38 14.82 12.06
N LYS B 69 35.66 14.12 12.93
CA LYS B 69 34.21 14.26 13.02
C LYS B 69 33.75 15.69 13.26
N ASP B 70 32.71 16.08 12.53
CA ASP B 70 32.07 17.38 12.72
C ASP B 70 33.01 18.57 12.48
N ILE B 71 34.13 18.31 11.80
CA ILE B 71 35.06 19.37 11.45
C ILE B 71 35.34 19.39 9.96
N GLY B 72 35.93 18.32 9.45
CA GLY B 72 36.29 18.23 8.04
C GLY B 72 37.61 17.50 7.85
N TYR B 73 38.35 17.88 6.81
CA TYR B 73 39.58 17.18 6.48
C TYR B 73 40.70 17.71 7.34
N SER B 74 41.50 16.82 7.89
CA SER B 74 42.69 17.20 8.62
C SER B 74 43.90 16.70 7.83
N PHE B 75 44.86 17.57 7.61
CA PHE B 75 46.07 17.24 6.87
C PHE B 75 47.29 17.41 7.79
N THR B 76 48.08 16.36 7.92
CA THR B 76 49.20 16.40 8.84
C THR B 76 50.51 16.09 8.12
N VAL B 77 51.52 16.93 8.33
CA VAL B 77 52.87 16.65 7.86
C VAL B 77 53.82 16.73 9.05
N GLY B 78 54.64 15.71 9.23
CA GLY B 78 55.59 15.67 10.32
C GLY B 78 55.00 15.97 11.68
N GLY B 79 53.78 15.51 11.90
CA GLY B 79 53.15 15.68 13.20
C GLY B 79 52.33 16.94 13.37
N SER B 80 52.55 17.93 12.50
CA SER B 80 51.79 19.19 12.56
C SER B 80 50.53 19.13 11.72
N GLU B 81 49.42 19.54 12.30
CA GLU B 81 48.11 19.40 11.69
C GLU B 81 47.52 20.76 11.30
N ILE B 82 46.90 20.83 10.12
CA ILE B 82 46.00 21.93 9.78
C ILE B 82 44.67 21.36 9.35
N LEU B 83 43.63 22.18 9.38
CA LEU B 83 42.29 21.71 9.08
C LEU B 83 41.79 22.31 7.80
N PHE B 84 40.94 21.58 7.09
CA PHE B 84 40.17 22.11 5.98
C PHE B 84 38.72 21.84 6.27
N GLU B 85 38.03 22.82 6.88
CA GLU B 85 36.64 22.67 7.29
C GLU B 85 35.72 22.24 6.17
N VAL B 86 34.74 21.42 6.50
CA VAL B 86 33.72 21.02 5.55
C VAL B 86 32.37 20.94 6.24
N PRO B 87 31.54 21.96 5.99
CA PRO B 87 30.15 21.91 6.43
C PRO B 87 29.32 21.23 5.35
N GLU B 88 28.16 20.67 5.71
CA GLU B 88 27.25 20.07 4.73
C GLU B 88 27.92 19.01 3.85
N VAL B 89 28.50 18.00 4.47
CA VAL B 89 29.04 16.88 3.69
C VAL B 89 27.92 16.14 2.93
N THR B 90 28.25 15.67 1.73
CA THR B 90 27.32 14.86 0.95
C THR B 90 27.76 13.39 0.87
N VAL B 91 26.77 12.52 0.73
CA VAL B 91 27.02 11.09 0.62
C VAL B 91 27.32 10.71 -0.83
N ALA B 92 28.60 10.73 -1.17
CA ALA B 92 29.05 10.26 -2.48
C ALA B 92 30.55 9.99 -2.42
N PRO B 93 31.07 9.24 -3.41
CA PRO B 93 32.51 9.11 -3.49
C PRO B 93 33.16 10.48 -3.56
N VAL B 94 34.33 10.60 -2.96
CA VAL B 94 35.09 11.83 -2.94
C VAL B 94 36.47 11.61 -3.53
N HIS B 95 36.92 12.54 -4.35
CA HIS B 95 38.29 12.53 -4.85
C HIS B 95 39.08 13.64 -4.20
N ILE B 96 40.27 13.33 -3.69
CA ILE B 96 41.11 14.38 -3.14
C ILE B 96 42.52 14.37 -3.67
N CYS B 97 43.09 15.55 -3.81
CA CYS B 97 44.50 15.71 -4.12
C CYS B 97 45.02 16.62 -3.05
N THR B 98 46.19 16.28 -2.52
CA THR B 98 46.76 17.11 -1.49
C THR B 98 48.26 17.21 -1.74
N SER B 99 48.83 18.39 -1.53
CA SER B 99 50.26 18.61 -1.81
C SER B 99 50.92 19.48 -0.76
N TRP B 100 52.23 19.34 -0.67
CA TRP B 100 53.02 20.11 0.29
C TRP B 100 54.41 20.36 -0.27
N GLU B 101 54.93 21.56 -0.06
CA GLU B 101 56.26 21.93 -0.53
C GLU B 101 57.10 22.44 0.64
N SER B 102 58.26 21.84 0.86
CA SER B 102 59.11 22.25 1.96
C SER B 102 59.61 23.68 1.79
N ALA B 103 60.05 24.00 0.58
CA ALA B 103 60.58 25.33 0.29
C ALA B 103 59.69 26.48 0.79
N SER B 104 58.36 26.34 0.67
CA SER B 104 57.43 27.42 0.98
C SER B 104 56.52 27.12 2.15
N GLY B 105 56.32 25.84 2.41
CA GLY B 105 55.42 25.42 3.48
C GLY B 105 53.98 25.39 2.99
N ILE B 106 53.80 25.65 1.70
CA ILE B 106 52.46 25.75 1.15
C ILE B 106 51.82 24.37 1.00
N VAL B 107 50.63 24.18 1.55
CA VAL B 107 49.88 22.97 1.26
C VAL B 107 48.65 23.31 0.43
N GLU B 108 48.28 22.41 -0.47
CA GLU B 108 47.09 22.57 -1.27
C GLU B 108 46.16 21.43 -0.96
N PHE B 109 44.85 21.68 -0.92
CA PHE B 109 43.92 20.60 -0.72
C PHE B 109 42.82 20.73 -1.76
N TRP B 110 42.70 19.72 -2.62
CA TRP B 110 41.68 19.73 -3.67
C TRP B 110 40.61 18.68 -3.41
N VAL B 111 39.34 19.09 -3.45
CA VAL B 111 38.23 18.17 -3.24
C VAL B 111 37.35 18.14 -4.47
N ASP B 112 37.26 16.96 -5.09
CA ASP B 112 36.48 16.79 -6.31
C ASP B 112 36.86 17.80 -7.38
N GLY B 113 38.17 18.00 -7.52
CA GLY B 113 38.70 18.86 -8.56
C GLY B 113 38.71 20.35 -8.26
N LYS B 114 38.17 20.75 -7.10
CA LYS B 114 38.11 22.16 -6.74
C LYS B 114 39.10 22.48 -5.64
N PRO B 115 39.92 23.50 -5.83
CA PRO B 115 40.95 23.82 -4.84
C PRO B 115 40.38 24.52 -3.60
N ARG B 116 40.84 24.10 -2.43
CA ARG B 116 40.60 24.84 -1.22
C ARG B 116 41.66 25.93 -1.22
N VAL B 117 41.54 26.87 -0.32
CA VAL B 117 42.54 27.91 -0.20
C VAL B 117 43.91 27.31 0.16
N ARG B 118 44.98 28.03 -0.15
CA ARG B 118 46.29 27.55 0.21
C ARG B 118 46.62 27.86 1.67
N LYS B 119 47.35 26.96 2.31
CA LYS B 119 47.71 27.15 3.71
C LYS B 119 49.19 26.82 3.95
N SER B 120 49.65 27.01 5.17
CA SER B 120 51.05 26.84 5.50
C SER B 120 51.25 25.71 6.49
N LEU B 121 52.29 24.91 6.26
CA LEU B 121 52.58 23.79 7.14
C LEU B 121 54.03 23.33 6.99
N LYS B 122 54.76 23.30 8.10
CA LYS B 122 56.09 22.72 8.14
C LYS B 122 57.06 23.24 7.04
N LYS B 123 57.22 24.55 6.93
CA LYS B 123 58.21 25.11 6.01
C LYS B 123 59.61 24.61 6.38
N GLY B 124 60.34 24.09 5.40
CA GLY B 124 61.72 23.66 5.61
C GLY B 124 61.92 22.26 6.17
N TYR B 125 60.82 21.61 6.52
CA TYR B 125 60.84 20.24 7.02
C TYR B 125 61.23 19.26 5.89
N THR B 126 61.60 18.05 6.26
CA THR B 126 61.90 17.03 5.26
C THR B 126 61.18 15.73 5.63
N VAL B 127 60.40 15.21 4.67
CA VAL B 127 59.65 13.99 4.91
C VAL B 127 60.47 12.74 4.61
N GLY B 128 60.46 11.79 5.55
CA GLY B 128 61.27 10.60 5.48
C GLY B 128 60.92 9.68 4.34
N ALA B 129 61.89 8.94 3.83
CA ALA B 129 61.66 8.05 2.71
C ALA B 129 61.47 6.60 3.16
N GLU B 130 61.89 6.30 4.38
CA GLU B 130 61.71 4.96 4.93
C GLU B 130 60.34 4.95 5.58
N ALA B 131 59.33 4.61 4.79
CA ALA B 131 57.94 4.78 5.19
C ALA B 131 57.07 3.53 5.18
N SER B 132 56.13 3.48 6.11
CA SER B 132 55.07 2.49 6.09
C SER B 132 53.83 3.21 5.64
N ILE B 133 53.35 2.86 4.46
CA ILE B 133 52.18 3.54 3.89
C ILE B 133 50.96 2.64 3.95
N ILE B 134 49.93 3.07 4.69
CA ILE B 134 48.79 2.21 4.99
C ILE B 134 47.41 2.80 4.70
N LEU B 135 46.61 2.01 3.98
CA LEU B 135 45.21 2.30 3.70
C LEU B 135 44.32 1.49 4.64
N GLY B 136 43.30 2.12 5.21
CA GLY B 136 42.30 1.41 5.98
C GLY B 136 42.43 1.49 7.49
N GLN B 137 43.61 1.86 7.96
CA GLN B 137 43.85 1.98 9.39
C GLN B 137 44.72 3.21 9.58
N GLU B 138 44.71 3.75 10.80
CA GLU B 138 45.55 4.88 11.15
C GLU B 138 46.70 4.37 12.01
N GLN B 139 47.92 4.66 11.57
CA GLN B 139 49.13 4.18 12.24
C GLN B 139 49.50 5.00 13.48
N ASP B 140 49.77 4.35 14.60
CA ASP B 140 50.33 5.03 15.75
C ASP B 140 51.76 4.57 16.00
N SER B 141 52.21 3.62 15.19
CA SER B 141 53.58 3.16 15.22
C SER B 141 53.94 2.79 13.80
N PHE B 142 55.24 2.63 13.55
CA PHE B 142 55.68 2.25 12.21
C PHE B 142 55.09 0.90 11.82
N GLY B 143 53.97 0.93 11.10
CA GLY B 143 53.41 -0.28 10.55
C GLY B 143 52.34 -0.96 11.39
N GLY B 144 51.88 -0.27 12.43
CA GLY B 144 50.90 -0.86 13.31
C GLY B 144 50.34 0.06 14.37
N ASN B 145 49.85 -0.55 15.44
CA ASN B 145 49.16 0.16 16.52
C ASN B 145 47.95 0.91 16.01
N PHE B 146 47.06 0.17 15.36
CA PHE B 146 45.85 0.73 14.78
C PHE B 146 44.79 0.98 15.85
N GLU B 147 43.93 1.96 15.60
CA GLU B 147 42.74 2.16 16.42
C GLU B 147 41.53 1.88 15.56
N GLY B 148 40.61 1.07 16.05
CA GLY B 148 39.44 0.71 15.28
C GLY B 148 38.47 1.86 15.13
N SER B 149 38.52 2.80 16.08
CA SER B 149 37.66 3.97 16.01
C SER B 149 38.16 4.96 14.95
N GLN B 150 39.22 4.58 14.24
CA GLN B 150 39.80 5.43 13.22
C GLN B 150 39.94 4.72 11.89
N SER B 151 39.37 3.52 11.78
CA SER B 151 39.47 2.73 10.58
C SER B 151 38.55 3.26 9.49
N LEU B 152 38.87 2.93 8.24
CA LEU B 152 38.02 3.34 7.13
C LEU B 152 37.12 2.19 6.81
N VAL B 153 35.82 2.44 6.78
CA VAL B 153 34.86 1.44 6.36
C VAL B 153 34.24 1.91 5.08
N GLY B 154 34.51 1.18 4.00
CA GLY B 154 34.08 1.59 2.68
C GLY B 154 35.13 1.28 1.63
N ASP B 155 35.20 2.09 0.58
CA ASP B 155 36.14 1.85 -0.51
C ASP B 155 37.21 2.92 -0.59
N ILE B 156 38.37 2.54 -1.08
CA ILE B 156 39.40 3.50 -1.43
C ILE B 156 40.20 2.98 -2.62
N GLY B 157 40.52 3.87 -3.57
CA GLY B 157 41.26 3.47 -4.75
C GLY B 157 41.90 4.63 -5.48
N ASN B 158 42.42 4.39 -6.68
CA ASN B 158 43.12 5.41 -7.44
C ASN B 158 44.12 6.19 -6.61
N VAL B 159 44.86 5.48 -5.76
CA VAL B 159 45.89 6.10 -4.93
C VAL B 159 47.14 6.32 -5.76
N ASN B 160 47.61 7.56 -5.82
CA ASN B 160 48.83 7.89 -6.56
C ASN B 160 49.63 8.94 -5.79
N MET B 161 50.95 8.88 -5.88
CA MET B 161 51.78 9.82 -5.16
C MET B 161 52.95 10.30 -6.03
N TRP B 162 53.23 11.60 -6.02
CA TRP B 162 54.39 12.16 -6.70
C TRP B 162 55.34 12.78 -5.70
N ASP B 163 56.62 12.92 -6.07
CA ASP B 163 57.58 13.57 -5.17
C ASP B 163 57.75 15.07 -5.45
N PHE B 164 56.79 15.65 -6.15
CA PHE B 164 56.77 17.09 -6.38
C PHE B 164 55.34 17.61 -6.35
N VAL B 165 55.16 18.92 -6.41
CA VAL B 165 53.84 19.50 -6.37
C VAL B 165 53.20 19.57 -7.76
N LEU B 166 52.05 18.94 -7.89
CA LEU B 166 51.25 19.05 -9.10
C LEU B 166 50.70 20.48 -9.29
N SER B 167 50.76 20.98 -10.52
CA SER B 167 50.16 22.25 -10.87
C SER B 167 48.64 22.11 -10.96
N PRO B 168 47.94 23.22 -10.85
CA PRO B 168 46.48 23.15 -10.99
C PRO B 168 46.00 22.49 -12.29
N ASP B 169 46.70 22.70 -13.40
CA ASP B 169 46.30 22.05 -14.66
C ASP B 169 46.48 20.54 -14.59
N GLU B 170 47.59 20.12 -13.97
CA GLU B 170 47.87 18.71 -13.81
C GLU B 170 46.80 18.05 -12.93
N ILE B 171 46.50 18.69 -11.80
CA ILE B 171 45.50 18.16 -10.89
C ILE B 171 44.16 18.04 -11.59
N ASN B 172 43.86 19.02 -12.44
CA ASN B 172 42.62 18.97 -13.18
C ASN B 172 42.54 17.77 -14.12
N THR B 173 43.58 17.55 -14.91
CA THR B 173 43.56 16.40 -15.83
C THR B 173 43.46 15.07 -15.05
N ILE B 174 44.14 14.99 -13.90
CA ILE B 174 43.99 13.82 -13.05
C ILE B 174 42.53 13.58 -12.67
N TYR B 175 41.84 14.65 -12.28
CA TYR B 175 40.46 14.53 -11.80
C TYR B 175 39.52 14.18 -12.94
N LEU B 176 39.78 14.74 -14.11
CA LEU B 176 38.95 14.53 -15.29
C LEU B 176 39.24 13.21 -15.99
N GLY B 177 40.34 12.55 -15.62
CA GLY B 177 40.62 11.22 -16.14
C GLY B 177 41.75 11.10 -17.16
N GLY B 178 42.29 12.24 -17.58
CA GLY B 178 43.45 12.28 -18.47
C GLY B 178 44.62 11.43 -18.01
N PRO B 179 45.67 11.38 -18.83
CA PRO B 179 46.84 10.51 -18.62
C PRO B 179 47.81 11.16 -17.67
N PHE B 180 48.54 10.35 -16.91
CA PHE B 180 49.60 10.87 -16.04
C PHE B 180 50.50 9.73 -15.55
N SER B 181 51.69 10.07 -15.08
CA SER B 181 52.57 9.06 -14.51
C SER B 181 53.20 9.54 -13.20
N PRO B 182 52.73 8.99 -12.09
CA PRO B 182 53.22 9.29 -10.74
C PRO B 182 54.55 8.61 -10.56
N ASN B 183 55.44 9.19 -9.76
CA ASN B 183 56.77 8.63 -9.61
C ASN B 183 57.07 8.10 -8.20
N VAL B 184 56.05 7.96 -7.36
CA VAL B 184 56.24 7.39 -6.02
C VAL B 184 55.30 6.20 -5.83
N LEU B 185 53.99 6.45 -5.88
CA LEU B 185 53.00 5.38 -5.88
C LEU B 185 52.21 5.47 -7.15
N ASN B 186 52.07 4.35 -7.85
CA ASN B 186 51.31 4.32 -9.11
C ASN B 186 50.22 3.25 -9.07
N TRP B 187 48.97 3.69 -9.09
CA TRP B 187 47.83 2.77 -9.04
C TRP B 187 47.89 1.73 -10.16
N ARG B 188 48.54 2.09 -11.27
CA ARG B 188 48.61 1.21 -12.44
C ARG B 188 49.81 0.26 -12.37
N ALA B 189 50.66 0.44 -11.38
CA ALA B 189 51.76 -0.46 -11.11
C ALA B 189 52.02 -0.46 -9.62
N LEU B 190 51.07 -1.02 -8.87
CA LEU B 190 51.05 -0.91 -7.42
C LEU B 190 51.65 -2.14 -6.75
N LYS B 191 52.62 -1.92 -5.87
CA LYS B 191 53.15 -3.02 -5.09
C LYS B 191 52.53 -2.90 -3.71
N TYR B 192 51.71 -3.88 -3.35
CA TYR B 192 51.00 -3.83 -2.08
C TYR B 192 50.86 -5.19 -1.41
N GLU B 193 50.49 -5.15 -0.14
CA GLU B 193 50.32 -6.35 0.66
C GLU B 193 49.03 -6.20 1.47
N VAL B 194 48.16 -7.20 1.44
CA VAL B 194 46.89 -7.12 2.13
C VAL B 194 46.90 -7.89 3.44
N GLN B 195 46.21 -7.37 4.44
CA GLN B 195 46.10 -8.04 5.74
C GLN B 195 44.65 -7.97 6.21
N GLY B 196 44.08 -9.11 6.57
CA GLY B 196 42.75 -9.11 7.13
C GLY B 196 41.64 -9.08 6.10
N GLU B 197 40.52 -8.49 6.50
CA GLU B 197 39.28 -8.51 5.74
C GLU B 197 39.26 -7.38 4.71
N VAL B 198 40.00 -7.53 3.62
CA VAL B 198 40.08 -6.53 2.57
C VAL B 198 39.83 -7.20 1.24
N PHE B 199 38.99 -6.60 0.41
CA PHE B 199 38.70 -7.20 -0.89
C PHE B 199 38.99 -6.27 -2.03
N THR B 200 39.18 -6.85 -3.21
CA THR B 200 39.41 -6.06 -4.41
C THR B 200 38.21 -6.20 -5.30
N LYS B 201 37.53 -5.08 -5.57
CA LYS B 201 36.32 -5.06 -6.37
C LYS B 201 36.38 -3.93 -7.40
N PRO B 202 35.52 -3.99 -8.44
CA PRO B 202 35.38 -2.89 -9.39
C PRO B 202 35.00 -1.61 -8.67
N GLN B 203 35.55 -0.47 -9.08
CA GLN B 203 35.30 0.78 -8.37
C GLN B 203 33.87 1.23 -8.57
N LEU B 204 33.32 1.89 -7.55
CA LEU B 204 31.96 2.41 -7.58
C LEU B 204 31.85 3.80 -8.22
N TRP B 205 32.97 4.51 -8.29
CA TRP B 205 32.99 5.82 -8.93
C TRP B 205 33.35 5.70 -10.40
N PRO B 206 32.97 6.70 -11.20
CA PRO B 206 33.33 6.74 -12.62
C PRO B 206 34.85 6.74 -12.83
N GLN C 1 5.56 -18.37 -19.26
CA GLN C 1 6.49 -17.29 -19.54
C GLN C 1 5.78 -16.13 -20.21
N THR C 2 5.51 -15.08 -19.46
CA THR C 2 4.94 -13.88 -20.04
C THR C 2 6.03 -12.82 -20.21
N ASP C 3 5.93 -12.03 -21.28
CA ASP C 3 6.81 -10.87 -21.46
C ASP C 3 6.16 -9.67 -20.79
N MET C 4 6.67 -9.31 -19.62
CA MET C 4 6.13 -8.19 -18.84
C MET C 4 6.72 -6.84 -19.25
N SER C 5 7.51 -6.82 -20.32
CA SER C 5 8.14 -5.59 -20.78
C SER C 5 7.18 -4.42 -20.76
N ARG C 6 7.60 -3.33 -20.11
CA ARG C 6 6.89 -2.07 -20.21
C ARG C 6 5.57 -2.11 -19.39
N LYS C 7 5.41 -3.15 -18.57
CA LYS C 7 4.24 -3.28 -17.69
C LYS C 7 4.65 -3.40 -16.22
N ALA C 8 3.69 -3.12 -15.34
CA ALA C 8 3.94 -3.22 -13.91
C ALA C 8 2.77 -3.81 -13.17
N PHE C 9 3.01 -4.37 -11.99
CA PHE C 9 1.93 -4.82 -11.14
C PHE C 9 1.45 -3.67 -10.26
N VAL C 10 0.14 -3.55 -10.10
CA VAL C 10 -0.45 -2.46 -9.35
C VAL C 10 -1.25 -3.00 -8.16
N PHE C 11 -0.89 -2.55 -6.97
CA PHE C 11 -1.61 -2.89 -5.76
C PHE C 11 -2.27 -1.62 -5.22
N PRO C 12 -3.49 -1.33 -5.68
CA PRO C 12 -4.21 -0.06 -5.51
C PRO C 12 -4.56 0.29 -4.07
N LYS C 13 -4.85 -0.69 -3.21
CA LYS C 13 -5.14 -0.37 -1.82
C LYS C 13 -4.52 -1.33 -0.82
N GLU C 14 -4.36 -0.86 0.41
CA GLU C 14 -3.79 -1.64 1.47
C GLU C 14 -4.59 -2.91 1.62
N SER C 15 -3.90 -4.05 1.68
CA SER C 15 -4.57 -5.33 1.85
C SER C 15 -3.69 -6.38 2.51
N ASP C 16 -4.29 -7.53 2.74
CA ASP C 16 -3.72 -8.59 3.53
C ASP C 16 -3.57 -9.78 2.60
N THR C 17 -4.10 -9.62 1.39
CA THR C 17 -4.50 -10.74 0.55
C THR C 17 -4.00 -10.64 -0.88
N SER C 18 -3.58 -9.46 -1.29
CA SER C 18 -3.16 -9.25 -2.65
C SER C 18 -1.66 -9.41 -2.77
N TYR C 19 -1.23 -10.24 -3.72
CA TYR C 19 0.19 -10.45 -3.95
C TYR C 19 0.48 -11.18 -5.25
N VAL C 20 1.74 -11.19 -5.63
CA VAL C 20 2.17 -11.91 -6.81
C VAL C 20 3.24 -12.89 -6.38
N SER C 21 3.17 -14.10 -6.92
CA SER C 21 4.20 -15.08 -6.64
C SER C 21 5.05 -15.25 -7.90
N LEU C 22 6.34 -15.06 -7.74
CA LEU C 22 7.28 -15.22 -8.84
C LEU C 22 7.95 -16.59 -8.77
N LYS C 23 8.02 -17.30 -9.90
CA LYS C 23 8.53 -18.66 -9.91
C LYS C 23 9.90 -18.74 -10.53
N ALA C 24 10.86 -19.24 -9.76
CA ALA C 24 12.24 -19.38 -10.22
C ALA C 24 12.56 -20.86 -10.44
N PRO C 25 13.10 -21.19 -11.62
CA PRO C 25 13.45 -22.56 -12.03
C PRO C 25 14.74 -23.01 -11.37
N LEU C 26 14.99 -22.43 -10.21
CA LEU C 26 16.28 -22.56 -9.56
C LEU C 26 16.61 -23.96 -9.06
N THR C 27 17.87 -24.32 -9.20
CA THR C 27 18.35 -25.60 -8.69
C THR C 27 19.45 -25.41 -7.64
N LYS C 28 20.59 -24.83 -8.06
CA LYS C 28 21.72 -24.70 -7.17
C LYS C 28 21.36 -23.76 -6.07
N PRO C 29 21.78 -24.05 -4.82
CA PRO C 29 21.69 -23.02 -3.78
C PRO C 29 22.55 -21.81 -4.19
N LEU C 30 22.17 -20.61 -3.76
CA LEU C 30 22.82 -19.39 -4.21
C LEU C 30 24.00 -19.02 -3.34
N LYS C 31 25.15 -18.78 -3.96
CA LYS C 31 26.30 -18.30 -3.22
C LYS C 31 26.57 -16.83 -3.55
N ALA C 32 25.69 -16.28 -4.37
CA ALA C 32 25.73 -14.88 -4.74
C ALA C 32 24.44 -14.55 -5.49
N PHE C 33 24.03 -13.30 -5.47
CA PHE C 33 22.86 -12.90 -6.26
C PHE C 33 22.75 -11.40 -6.44
N THR C 34 21.98 -10.99 -7.43
CA THR C 34 21.64 -9.58 -7.62
C THR C 34 20.15 -9.50 -7.89
N VAL C 35 19.48 -8.52 -7.31
CA VAL C 35 18.06 -8.29 -7.55
C VAL C 35 17.85 -6.85 -7.93
N CYS C 36 17.14 -6.62 -9.03
CA CYS C 36 16.81 -5.27 -9.47
C CYS C 36 15.31 -5.13 -9.66
N LEU C 37 14.79 -3.93 -9.42
CA LEU C 37 13.37 -3.68 -9.63
C LEU C 37 13.07 -2.19 -9.53
N HIS C 38 11.91 -1.82 -10.04
CA HIS C 38 11.38 -0.48 -9.93
C HIS C 38 10.18 -0.60 -9.01
N PHE C 39 9.98 0.39 -8.16
CA PHE C 39 8.70 0.47 -7.45
C PHE C 39 8.31 1.92 -7.22
N TYR C 40 7.06 2.15 -6.88
CA TYR C 40 6.57 3.49 -6.69
C TYR C 40 5.45 3.47 -5.68
N THR C 41 5.65 4.09 -4.52
CA THR C 41 4.66 4.11 -3.47
C THR C 41 4.73 5.41 -2.69
N GLU C 42 3.63 5.79 -2.03
CA GLU C 42 3.62 6.98 -1.17
C GLU C 42 3.65 6.63 0.32
N LEU C 43 3.89 5.36 0.61
CA LEU C 43 3.84 4.87 1.98
C LEU C 43 5.01 5.30 2.85
N SER C 44 6.11 5.74 2.23
CA SER C 44 7.35 5.99 2.95
C SER C 44 7.19 6.96 4.11
N SER C 45 6.26 7.89 3.94
CA SER C 45 5.99 8.92 4.94
C SER C 45 5.24 8.37 6.15
N THR C 46 4.40 7.36 5.92
CA THR C 46 3.47 6.91 6.95
C THR C 46 3.77 5.56 7.62
N ARG C 47 4.41 4.63 6.90
CA ARG C 47 4.74 3.32 7.50
C ARG C 47 5.75 2.52 6.70
N GLY C 48 6.10 1.34 7.21
CA GLY C 48 7.04 0.50 6.50
C GLY C 48 6.36 -0.41 5.49
N TYR C 49 7.15 -1.01 4.59
CA TYR C 49 6.61 -1.92 3.58
C TYR C 49 7.65 -2.86 2.96
N SER C 50 7.18 -3.99 2.47
CA SER C 50 8.06 -4.95 1.82
C SER C 50 8.14 -4.67 0.32
N ILE C 51 9.36 -4.61 -0.20
CA ILE C 51 9.59 -4.42 -1.61
C ILE C 51 9.75 -5.75 -2.33
N PHE C 52 10.51 -6.68 -1.75
CA PHE C 52 10.81 -7.96 -2.39
C PHE C 52 11.03 -8.97 -1.28
N SER C 53 10.12 -9.94 -1.17
CA SER C 53 10.20 -10.98 -0.14
C SER C 53 10.52 -12.38 -0.70
N TYR C 54 11.63 -12.96 -0.23
CA TYR C 54 12.13 -14.23 -0.73
C TYR C 54 12.27 -15.16 0.47
N ALA C 55 11.38 -16.15 0.55
CA ALA C 55 11.33 -17.03 1.72
C ALA C 55 11.72 -18.48 1.43
N THR C 56 12.20 -19.16 2.46
CA THR C 56 12.56 -20.57 2.44
C THR C 56 11.69 -21.29 3.48
N LYS C 57 11.58 -22.60 3.40
CA LYS C 57 10.86 -23.35 4.45
C LYS C 57 11.50 -23.09 5.82
N ARG C 58 12.80 -22.83 5.82
CA ARG C 58 13.58 -22.61 7.04
C ARG C 58 13.69 -21.14 7.46
N GLN C 59 13.62 -20.23 6.49
CA GLN C 59 13.81 -18.83 6.79
C GLN C 59 12.87 -17.94 6.00
N ASP C 60 12.02 -17.18 6.70
CA ASP C 60 11.02 -16.35 6.02
C ASP C 60 11.65 -15.12 5.38
N ASN C 61 12.81 -14.74 5.89
CA ASN C 61 13.53 -13.60 5.38
C ASN C 61 14.86 -14.00 4.79
N GLU C 62 14.82 -14.91 3.82
CA GLU C 62 16.04 -15.42 3.20
C GLU C 62 16.66 -14.30 2.38
N ILE C 63 15.85 -13.63 1.57
CA ILE C 63 16.26 -12.35 0.99
C ILE C 63 15.12 -11.36 1.15
N LEU C 64 15.35 -10.24 1.82
CA LEU C 64 14.28 -9.27 2.04
C LEU C 64 14.71 -7.81 1.85
N ILE C 65 14.16 -7.18 0.82
CA ILE C 65 14.33 -5.77 0.60
C ILE C 65 13.09 -5.09 1.15
N PHE C 66 13.28 -4.17 2.08
CA PHE C 66 12.21 -3.63 2.88
C PHE C 66 12.45 -2.16 3.15
N TRP C 67 11.38 -1.38 3.18
CA TRP C 67 11.51 0.01 3.62
C TRP C 67 11.00 0.12 5.05
N SER C 68 11.86 0.49 5.99
CA SER C 68 11.41 0.66 7.37
C SER C 68 11.26 2.14 7.73
N LYS C 69 10.13 2.48 8.35
CA LYS C 69 9.70 3.88 8.49
C LYS C 69 10.72 4.74 9.17
N ASP C 70 10.92 5.93 8.63
CA ASP C 70 11.79 6.94 9.25
C ASP C 70 13.24 6.48 9.39
N ILE C 71 13.62 5.46 8.63
CA ILE C 71 15.00 4.97 8.63
C ILE C 71 15.57 4.92 7.22
N GLY C 72 14.99 4.09 6.37
CA GLY C 72 15.46 3.91 5.00
C GLY C 72 15.33 2.48 4.56
N TYR C 73 16.19 2.06 3.65
CA TYR C 73 16.11 0.70 3.13
C TYR C 73 16.71 -0.28 4.11
N SER C 74 16.03 -1.39 4.32
CA SER C 74 16.56 -2.51 5.07
C SER C 74 16.80 -3.70 4.14
N PHE C 75 17.97 -4.32 4.25
CA PHE C 75 18.31 -5.44 3.40
C PHE C 75 18.64 -6.61 4.31
N THR C 76 17.96 -7.72 4.08
CA THR C 76 18.12 -8.89 4.93
C THR C 76 18.51 -10.11 4.12
N VAL C 77 19.56 -10.80 4.57
CA VAL C 77 19.93 -12.09 4.00
C VAL C 77 20.00 -13.13 5.13
N GLY C 78 19.28 -14.24 4.95
CA GLY C 78 19.26 -15.30 5.94
C GLY C 78 18.92 -14.82 7.34
N GLY C 79 18.01 -13.86 7.43
CA GLY C 79 17.57 -13.38 8.72
C GLY C 79 18.37 -12.24 9.29
N SER C 80 19.59 -12.02 8.80
CA SER C 80 20.40 -10.88 9.27
C SER C 80 20.13 -9.61 8.48
N GLU C 81 19.96 -8.51 9.19
CA GLU C 81 19.56 -7.25 8.59
C GLU C 81 20.67 -6.19 8.68
N ILE C 82 20.85 -5.43 7.60
CA ILE C 82 21.62 -4.19 7.66
C ILE C 82 20.76 -3.10 7.08
N LEU C 83 21.10 -1.86 7.42
CA LEU C 83 20.32 -0.72 7.02
C LEU C 83 21.07 0.16 6.03
N PHE C 84 20.33 0.79 5.12
CA PHE C 84 20.87 1.82 4.27
C PHE C 84 20.03 3.07 4.47
N GLU C 85 20.46 3.94 5.37
CA GLU C 85 19.71 5.13 5.73
C GLU C 85 19.33 5.98 4.54
N VAL C 86 18.13 6.55 4.61
CA VAL C 86 17.72 7.52 3.62
C VAL C 86 16.99 8.68 4.28
N PRO C 87 17.66 9.83 4.38
CA PRO C 87 16.99 11.06 4.81
C PRO C 87 16.43 11.76 3.58
N GLU C 88 15.41 12.58 3.76
CA GLU C 88 14.86 13.39 2.67
C GLU C 88 14.41 12.55 1.47
N VAL C 89 13.53 11.58 1.72
CA VAL C 89 12.97 10.81 0.61
C VAL C 89 12.15 11.71 -0.32
N THR C 90 12.19 11.41 -1.61
CA THR C 90 11.38 12.14 -2.59
C THR C 90 10.25 11.27 -3.14
N VAL C 91 9.16 11.92 -3.53
CA VAL C 91 8.03 11.21 -4.12
C VAL C 91 8.24 11.00 -5.63
N ALA C 92 8.80 9.84 -5.97
CA ALA C 92 8.95 9.45 -7.36
C ALA C 92 9.26 7.97 -7.44
N PRO C 93 9.03 7.38 -8.62
CA PRO C 93 9.44 5.99 -8.79
C PRO C 93 10.91 5.84 -8.43
N VAL C 94 11.25 4.70 -7.83
CA VAL C 94 12.61 4.40 -7.43
C VAL C 94 13.07 3.11 -8.09
N HIS C 95 14.32 3.08 -8.52
CA HIS C 95 14.90 1.86 -9.04
C HIS C 95 16.00 1.39 -8.12
N ILE C 96 15.99 0.11 -7.77
CA ILE C 96 17.04 -0.38 -6.91
C ILE C 96 17.69 -1.64 -7.45
N CYS C 97 18.97 -1.76 -7.21
CA CYS C 97 19.70 -2.97 -7.46
C CYS C 97 20.38 -3.30 -6.17
N THR C 98 20.37 -4.57 -5.80
CA THR C 98 20.99 -4.98 -4.57
C THR C 98 21.67 -6.32 -4.82
N SER C 99 22.87 -6.49 -4.28
CA SER C 99 23.63 -7.72 -4.47
C SER C 99 24.33 -8.20 -3.20
N TRP C 100 24.63 -9.49 -3.17
CA TRP C 100 25.31 -10.09 -2.03
C TRP C 100 26.18 -11.23 -2.53
N GLU C 101 27.35 -11.38 -1.92
CA GLU C 101 28.30 -12.43 -2.28
C GLU C 101 28.72 -13.19 -1.04
N SER C 102 28.50 -14.51 -1.05
CA SER C 102 28.85 -15.31 0.10
C SER C 102 30.35 -15.26 0.39
N ALA C 103 31.15 -15.40 -0.65
CA ALA C 103 32.60 -15.44 -0.49
C ALA C 103 33.16 -14.30 0.38
N SER C 104 32.61 -13.10 0.23
CA SER C 104 33.16 -11.92 0.91
C SER C 104 32.20 -11.32 1.94
N GLY C 105 30.91 -11.58 1.75
CA GLY C 105 29.90 -11.04 2.62
C GLY C 105 29.52 -9.64 2.19
N ILE C 106 30.08 -9.18 1.09
CA ILE C 106 29.85 -7.82 0.64
C ILE C 106 28.46 -7.66 0.04
N VAL C 107 27.70 -6.67 0.53
CA VAL C 107 26.43 -6.33 -0.12
C VAL C 107 26.52 -4.94 -0.75
N GLU C 108 25.89 -4.79 -1.91
CA GLU C 108 25.86 -3.51 -2.57
C GLU C 108 24.42 -3.08 -2.66
N PHE C 109 24.17 -1.79 -2.53
CA PHE C 109 22.82 -1.29 -2.65
C PHE C 109 22.84 -0.06 -3.55
N TRP C 110 22.15 -0.14 -4.68
CA TRP C 110 22.14 0.93 -5.68
C TRP C 110 20.76 1.55 -5.77
N VAL C 111 20.71 2.87 -5.60
CA VAL C 111 19.45 3.60 -5.71
C VAL C 111 19.48 4.54 -6.91
N ASP C 112 18.57 4.32 -7.85
CA ASP C 112 18.48 5.15 -9.05
C ASP C 112 19.83 5.27 -9.75
N GLY C 113 20.54 4.16 -9.82
CA GLY C 113 21.79 4.10 -10.55
C GLY C 113 23.01 4.52 -9.76
N LYS C 114 22.83 4.96 -8.54
CA LYS C 114 23.95 5.44 -7.73
C LYS C 114 24.24 4.48 -6.61
N PRO C 115 25.52 4.09 -6.45
CA PRO C 115 25.86 3.12 -5.41
C PRO C 115 25.89 3.75 -4.02
N ARG C 116 25.33 3.02 -3.06
CA ARG C 116 25.56 3.29 -1.66
C ARG C 116 26.89 2.67 -1.33
N VAL C 117 27.43 2.99 -0.17
CA VAL C 117 28.69 2.38 0.22
C VAL C 117 28.52 0.84 0.33
N ARG C 118 29.63 0.09 0.27
CA ARG C 118 29.56 -1.35 0.43
C ARG C 118 29.53 -1.76 1.90
N LYS C 119 28.77 -2.81 2.23
CA LYS C 119 28.67 -3.27 3.60
C LYS C 119 28.82 -4.78 3.66
N SER C 120 28.79 -5.32 4.88
CA SER C 120 29.04 -6.74 5.10
C SER C 120 27.81 -7.44 5.66
N LEU C 121 27.56 -8.64 5.17
CA LEU C 121 26.40 -9.41 5.61
C LEU C 121 26.53 -10.90 5.29
N LYS C 122 26.45 -11.73 6.32
CA LYS C 122 26.39 -13.18 6.15
C LYS C 122 27.49 -13.78 5.28
N LYS C 123 28.75 -13.47 5.60
CA LYS C 123 29.87 -14.08 4.87
C LYS C 123 29.82 -15.61 5.03
N GLY C 124 29.89 -16.33 3.92
CA GLY C 124 29.95 -17.78 3.97
C GLY C 124 28.60 -18.48 4.02
N TYR C 125 27.54 -17.72 4.18
CA TYR C 125 26.18 -18.26 4.20
C TYR C 125 25.80 -18.80 2.83
N THR C 126 24.74 -19.58 2.76
CA THR C 126 24.24 -20.05 1.48
C THR C 126 22.72 -19.88 1.41
N VAL C 127 22.25 -19.21 0.37
CA VAL C 127 20.83 -18.92 0.21
C VAL C 127 20.13 -20.07 -0.48
N GLY C 128 18.99 -20.49 0.07
CA GLY C 128 18.29 -21.65 -0.42
C GLY C 128 17.68 -21.45 -1.78
N ALA C 129 17.51 -22.54 -2.52
CA ALA C 129 16.95 -22.47 -3.86
C ALA C 129 15.46 -22.84 -3.91
N GLU C 130 14.97 -23.50 -2.86
CA GLU C 130 13.55 -23.83 -2.76
C GLU C 130 12.85 -22.65 -2.12
N ALA C 131 12.40 -21.70 -2.94
CA ALA C 131 11.96 -20.40 -2.45
C ALA C 131 10.56 -20.01 -2.86
N SER C 132 9.92 -19.23 -2.00
CA SER C 132 8.68 -18.57 -2.34
C SER C 132 9.00 -17.10 -2.49
N ILE C 133 8.88 -16.60 -3.70
CA ILE C 133 9.23 -15.22 -4.00
C ILE C 133 7.98 -14.38 -4.20
N ILE C 134 7.78 -13.39 -3.35
CA ILE C 134 6.53 -12.64 -3.34
C ILE C 134 6.64 -11.10 -3.41
N LEU C 135 5.86 -10.52 -4.30
CA LEU C 135 5.74 -9.08 -4.44
C LEU C 135 4.43 -8.65 -3.81
N GLY C 136 4.46 -7.58 -3.01
CA GLY C 136 3.24 -6.98 -2.52
C GLY C 136 2.89 -7.26 -1.07
N GLN C 137 3.49 -8.32 -0.53
CA GLN C 137 3.30 -8.70 0.86
C GLN C 137 4.64 -9.13 1.40
N GLU C 138 4.78 -9.07 2.72
CA GLU C 138 5.96 -9.56 3.41
C GLU C 138 5.65 -10.92 4.00
N GLN C 139 6.47 -11.92 3.69
CA GLN C 139 6.24 -13.28 4.14
C GLN C 139 6.75 -13.53 5.55
N ASP C 140 5.90 -14.12 6.39
CA ASP C 140 6.36 -14.58 7.71
C ASP C 140 6.41 -16.10 7.76
N SER C 141 5.94 -16.72 6.70
CA SER C 141 6.04 -18.16 6.53
C SER C 141 6.23 -18.46 5.06
N PHE C 142 6.66 -19.68 4.75
CA PHE C 142 6.87 -20.03 3.36
C PHE C 142 5.59 -19.90 2.56
N GLY C 143 5.43 -18.77 1.89
CA GLY C 143 4.31 -18.56 0.97
C GLY C 143 3.12 -17.88 1.59
N GLY C 144 3.26 -17.37 2.81
CA GLY C 144 2.13 -16.73 3.47
C GLY C 144 2.40 -16.05 4.79
N ASN C 145 1.35 -15.91 5.59
CA ASN C 145 1.44 -15.19 6.85
C ASN C 145 1.84 -13.74 6.65
N PHE C 146 1.04 -13.06 5.84
CA PHE C 146 1.27 -11.67 5.48
C PHE C 146 0.79 -10.72 6.58
N GLU C 147 1.44 -9.57 6.72
CA GLU C 147 0.98 -8.50 7.61
C GLU C 147 0.57 -7.33 6.75
N GLY C 148 -0.65 -6.83 6.95
CA GLY C 148 -1.15 -5.74 6.13
C GLY C 148 -0.39 -4.45 6.36
N SER C 149 0.21 -4.32 7.54
CA SER C 149 0.93 -3.12 7.88
C SER C 149 2.29 -3.13 7.20
N GLN C 150 2.51 -4.16 6.38
CA GLN C 150 3.78 -4.27 5.67
C GLN C 150 3.59 -4.47 4.18
N SER C 151 2.35 -4.36 3.71
CA SER C 151 2.05 -4.56 2.30
C SER C 151 2.54 -3.38 1.46
N LEU C 152 2.72 -3.60 0.16
CA LEU C 152 3.10 -2.53 -0.74
C LEU C 152 1.86 -1.98 -1.43
N VAL C 153 1.63 -0.68 -1.31
CA VAL C 153 0.54 -0.03 -2.01
C VAL C 153 1.14 0.90 -3.06
N GLY C 154 0.93 0.55 -4.32
CA GLY C 154 1.53 1.26 -5.43
C GLY C 154 1.93 0.29 -6.53
N ASP C 155 2.99 0.63 -7.26
CA ASP C 155 3.38 -0.17 -8.41
C ASP C 155 4.72 -0.82 -8.14
N ILE C 156 4.95 -1.97 -8.76
CA ILE C 156 6.28 -2.56 -8.79
C ILE C 156 6.49 -3.35 -10.09
N GLY C 157 7.67 -3.28 -10.66
CA GLY C 157 7.90 -3.86 -11.97
C GLY C 157 9.38 -3.98 -12.29
N ASN C 158 9.69 -4.40 -13.51
CA ASN C 158 11.09 -4.61 -13.91
C ASN C 158 11.89 -5.42 -12.90
N VAL C 159 11.26 -6.45 -12.35
CA VAL C 159 11.92 -7.32 -11.39
C VAL C 159 12.80 -8.34 -12.11
N ASN C 160 14.08 -8.38 -11.76
CA ASN C 160 15.01 -9.30 -12.40
C ASN C 160 15.98 -9.79 -11.34
N MET C 161 16.43 -11.04 -11.50
CA MET C 161 17.35 -11.62 -10.53
C MET C 161 18.46 -12.44 -11.20
N TRP C 162 19.70 -12.32 -10.73
CA TRP C 162 20.81 -13.10 -11.27
C TRP C 162 21.39 -13.91 -10.13
N ASP C 163 22.10 -14.98 -10.45
CA ASP C 163 22.75 -15.79 -9.41
C ASP C 163 24.21 -15.41 -9.18
N PHE C 164 24.60 -14.22 -9.63
CA PHE C 164 25.94 -13.70 -9.39
C PHE C 164 25.87 -12.20 -9.15
N VAL C 165 26.99 -11.61 -8.76
CA VAL C 165 27.04 -10.17 -8.54
C VAL C 165 27.29 -9.35 -9.80
N LEU C 166 26.34 -8.49 -10.12
CA LEU C 166 26.49 -7.53 -11.20
C LEU C 166 27.61 -6.50 -10.91
N SER C 167 28.42 -6.23 -11.94
CA SER C 167 29.47 -5.24 -11.85
C SER C 167 28.83 -3.85 -11.95
N PRO C 168 29.54 -2.83 -11.46
CA PRO C 168 29.02 -1.46 -11.59
C PRO C 168 28.63 -1.10 -13.03
N ASP C 169 29.40 -1.53 -14.03
CA ASP C 169 29.06 -1.21 -15.41
C ASP C 169 27.77 -1.88 -15.84
N GLU C 170 27.59 -3.11 -15.37
CA GLU C 170 26.39 -3.87 -15.69
C GLU C 170 25.17 -3.23 -15.05
N ILE C 171 25.28 -2.87 -13.77
CA ILE C 171 24.18 -2.23 -13.08
C ILE C 171 23.83 -0.92 -13.75
N ASN C 172 24.85 -0.18 -14.17
CA ASN C 172 24.59 1.04 -14.89
C ASN C 172 23.78 0.82 -16.17
N THR C 173 24.16 -0.15 -17.00
CA THR C 173 23.43 -0.37 -18.26
C THR C 173 21.99 -0.83 -17.99
N ILE C 174 21.81 -1.57 -16.90
CA ILE C 174 20.47 -1.94 -16.49
C ILE C 174 19.61 -0.74 -16.15
N TYR C 175 20.19 0.19 -15.39
CA TYR C 175 19.47 1.40 -15.01
C TYR C 175 19.15 2.29 -16.19
N LEU C 176 20.13 2.44 -17.10
CA LEU C 176 19.99 3.30 -18.26
C LEU C 176 19.14 2.69 -19.37
N GLY C 177 18.84 1.40 -19.25
CA GLY C 177 17.93 0.75 -20.18
C GLY C 177 18.54 -0.20 -21.21
N GLY C 178 19.86 -0.28 -21.27
CA GLY C 178 20.52 -1.22 -22.16
C GLY C 178 20.06 -2.67 -22.02
N PRO C 179 20.63 -3.55 -22.85
CA PRO C 179 20.24 -4.96 -22.96
C PRO C 179 20.90 -5.81 -21.88
N PHE C 180 20.22 -6.86 -21.42
CA PHE C 180 20.79 -7.77 -20.44
C PHE C 180 19.95 -9.03 -20.36
N SER C 181 20.53 -10.08 -19.79
CA SER C 181 19.79 -11.33 -19.61
C SER C 181 20.04 -11.95 -18.23
N PRO C 182 19.02 -11.84 -17.37
CA PRO C 182 19.08 -12.35 -16.01
C PRO C 182 18.89 -13.87 -16.07
N ASN C 183 19.51 -14.59 -15.14
CA ASN C 183 19.42 -16.03 -15.19
C ASN C 183 18.64 -16.69 -14.04
N VAL C 184 17.90 -15.90 -13.28
CA VAL C 184 17.06 -16.44 -12.21
C VAL C 184 15.61 -15.97 -12.38
N LEU C 185 15.38 -14.67 -12.29
CA LEU C 185 14.07 -14.10 -12.66
C LEU C 185 14.25 -13.14 -13.83
N ASN C 186 13.38 -13.25 -14.82
CA ASN C 186 13.50 -12.41 -16.01
C ASN C 186 12.17 -11.74 -16.32
N TRP C 187 12.14 -10.43 -16.22
CA TRP C 187 10.90 -9.69 -16.42
C TRP C 187 10.31 -9.94 -17.79
N ARG C 188 11.18 -10.28 -18.74
CA ARG C 188 10.77 -10.46 -20.13
C ARG C 188 10.30 -11.90 -20.42
N ALA C 189 10.51 -12.79 -19.45
CA ALA C 189 10.02 -14.15 -19.51
C ALA C 189 9.66 -14.57 -18.08
N LEU C 190 8.61 -13.96 -17.54
CA LEU C 190 8.27 -14.11 -16.13
C LEU C 190 7.19 -15.16 -15.92
N LYS C 191 7.47 -16.14 -15.06
CA LYS C 191 6.45 -17.10 -14.66
C LYS C 191 5.91 -16.68 -13.30
N TYR C 192 4.65 -16.30 -13.25
CA TYR C 192 4.07 -15.74 -12.04
C TYR C 192 2.61 -16.16 -11.84
N GLU C 193 2.13 -15.96 -10.63
CA GLU C 193 0.77 -16.29 -10.27
C GLU C 193 0.21 -15.13 -9.43
N VAL C 194 -1.00 -14.68 -9.74
CA VAL C 194 -1.58 -13.56 -9.04
C VAL C 194 -2.66 -14.00 -8.06
N GLN C 195 -2.72 -13.31 -6.91
CA GLN C 195 -3.73 -13.58 -5.90
C GLN C 195 -4.32 -12.26 -5.42
N GLY C 196 -5.63 -12.16 -5.43
CA GLY C 196 -6.29 -10.98 -4.92
C GLY C 196 -6.34 -9.78 -5.85
N GLU C 197 -6.34 -8.61 -5.25
CA GLU C 197 -6.56 -7.34 -5.94
C GLU C 197 -5.26 -6.79 -6.55
N VAL C 198 -4.79 -7.41 -7.63
CA VAL C 198 -3.54 -7.01 -8.30
C VAL C 198 -3.79 -6.81 -9.79
N PHE C 199 -3.33 -5.70 -10.34
CA PHE C 199 -3.59 -5.44 -11.75
C PHE C 199 -2.32 -5.27 -12.54
N THR C 200 -2.42 -5.52 -13.84
CA THR C 200 -1.30 -5.31 -14.75
C THR C 200 -1.60 -4.10 -15.62
N LYS C 201 -0.78 -3.07 -15.48
CA LYS C 201 -0.94 -1.80 -16.20
C LYS C 201 0.40 -1.36 -16.80
N PRO C 202 0.34 -0.42 -17.76
CA PRO C 202 1.56 0.18 -18.31
C PRO C 202 2.37 0.86 -17.22
N GLN C 203 3.69 0.75 -17.26
CA GLN C 203 4.52 1.30 -16.20
C GLN C 203 4.48 2.83 -16.17
N LEU C 204 4.57 3.39 -14.97
CA LEU C 204 4.56 4.84 -14.78
C LEU C 204 5.94 5.48 -14.94
N TRP C 205 6.98 4.66 -14.85
CA TRP C 205 8.33 5.16 -15.01
C TRP C 205 8.81 4.98 -16.45
N PRO C 206 9.82 5.77 -16.85
CA PRO C 206 10.40 5.65 -18.20
C PRO C 206 11.00 4.26 -18.43
N GLN D 1 -19.39 25.10 -31.57
CA GLN D 1 -18.02 24.61 -31.56
C GLN D 1 -17.01 25.73 -31.78
N THR D 2 -16.40 26.20 -30.71
CA THR D 2 -15.36 27.21 -30.82
C THR D 2 -13.98 26.56 -30.68
N ASP D 3 -13.00 27.05 -31.43
CA ASP D 3 -11.62 26.59 -31.25
C ASP D 3 -10.96 27.47 -30.20
N MET D 4 -10.83 26.94 -28.99
CA MET D 4 -10.25 27.69 -27.89
C MET D 4 -8.74 27.61 -27.83
N SER D 5 -8.12 27.04 -28.87
CA SER D 5 -6.67 26.92 -28.92
C SER D 5 -5.98 28.17 -28.46
N ARG D 6 -5.05 28.00 -27.54
CA ARG D 6 -4.17 29.10 -27.16
C ARG D 6 -4.91 30.19 -26.34
N LYS D 7 -6.14 29.89 -25.95
CA LYS D 7 -6.90 30.81 -25.09
C LYS D 7 -7.32 30.15 -23.77
N ALA D 8 -7.68 30.99 -22.79
CA ALA D 8 -8.06 30.51 -21.47
C ALA D 8 -9.21 31.33 -20.91
N PHE D 9 -9.96 30.74 -19.99
CA PHE D 9 -11.01 31.48 -19.31
C PHE D 9 -10.40 32.17 -18.10
N VAL D 10 -10.78 33.42 -17.88
CA VAL D 10 -10.27 34.19 -16.75
C VAL D 10 -11.38 34.58 -15.75
N PHE D 11 -11.18 34.24 -14.49
CA PHE D 11 -12.11 34.60 -13.43
C PHE D 11 -11.37 35.53 -12.50
N PRO D 12 -11.44 36.85 -12.75
CA PRO D 12 -10.57 37.87 -12.16
C PRO D 12 -10.78 38.11 -10.65
N LYS D 13 -12.02 37.95 -10.17
CA LYS D 13 -12.25 38.11 -8.73
C LYS D 13 -13.19 37.08 -8.13
N GLU D 14 -13.09 36.91 -6.81
CA GLU D 14 -13.91 35.95 -6.10
C GLU D 14 -15.38 36.25 -6.35
N SER D 15 -16.16 35.24 -6.69
CA SER D 15 -17.57 35.45 -6.97
C SER D 15 -18.39 34.20 -6.77
N ASP D 16 -19.69 34.38 -6.90
CA ASP D 16 -20.69 33.39 -6.52
C ASP D 16 -21.40 33.01 -7.80
N THR D 17 -21.07 33.73 -8.87
CA THR D 17 -21.97 33.90 -10.00
C THR D 17 -21.30 33.69 -11.33
N SER D 18 -19.98 33.68 -11.32
CA SER D 18 -19.19 33.55 -12.54
C SER D 18 -18.79 32.10 -12.80
N TYR D 19 -19.07 31.60 -14.00
CA TYR D 19 -18.72 30.23 -14.34
C TYR D 19 -18.89 29.95 -15.82
N VAL D 20 -18.34 28.83 -16.24
CA VAL D 20 -18.50 28.37 -17.61
C VAL D 20 -19.08 26.96 -17.62
N SER D 21 -20.08 26.74 -18.47
CA SER D 21 -20.69 25.44 -18.57
C SER D 21 -20.21 24.78 -19.85
N LEU D 22 -19.58 23.61 -19.70
CA LEU D 22 -19.09 22.84 -20.83
C LEU D 22 -20.12 21.78 -21.24
N LYS D 23 -20.39 21.68 -22.54
CA LYS D 23 -21.42 20.79 -23.03
C LYS D 23 -20.81 19.55 -23.70
N ALA D 24 -21.15 18.38 -23.18
CA ALA D 24 -20.67 17.12 -23.73
C ALA D 24 -21.80 16.36 -24.44
N PRO D 25 -21.56 15.95 -25.68
CA PRO D 25 -22.53 15.26 -26.55
C PRO D 25 -22.69 13.82 -26.12
N LEU D 26 -22.44 13.59 -24.84
CA LEU D 26 -22.30 12.24 -24.30
C LEU D 26 -23.60 11.43 -24.31
N THR D 27 -23.47 10.14 -24.63
CA THR D 27 -24.61 9.23 -24.61
C THR D 27 -24.40 8.06 -23.63
N LYS D 28 -23.41 7.22 -23.89
CA LYS D 28 -23.14 6.08 -23.01
C LYS D 28 -22.73 6.58 -21.63
N PRO D 29 -23.21 5.92 -20.56
CA PRO D 29 -22.61 6.16 -19.24
C PRO D 29 -21.13 5.78 -19.24
N LEU D 30 -20.32 6.43 -18.41
CA LEU D 30 -18.87 6.30 -18.49
C LEU D 30 -18.35 5.20 -17.58
N LYS D 31 -17.54 4.30 -18.15
CA LYS D 31 -16.95 3.23 -17.38
C LYS D 31 -15.46 3.45 -17.23
N ALA D 32 -15.02 4.59 -17.76
CA ALA D 32 -13.63 5.06 -17.67
C ALA D 32 -13.58 6.48 -18.19
N PHE D 33 -12.60 7.27 -17.75
CA PHE D 33 -12.43 8.61 -18.30
C PHE D 33 -11.07 9.19 -17.99
N THR D 34 -10.66 10.17 -18.78
CA THR D 34 -9.48 10.97 -18.48
C THR D 34 -9.84 12.45 -18.62
N VAL D 35 -9.38 13.26 -17.68
CA VAL D 35 -9.60 14.71 -17.75
C VAL D 35 -8.29 15.44 -17.63
N CYS D 36 -8.00 16.32 -18.58
CA CYS D 36 -6.77 17.15 -18.54
C CYS D 36 -7.10 18.62 -18.61
N LEU D 37 -6.28 19.43 -17.94
CA LEU D 37 -6.48 20.87 -17.98
C LEU D 37 -5.31 21.64 -17.39
N HIS D 38 -5.25 22.92 -17.71
CA HIS D 38 -4.27 23.84 -17.15
C HIS D 38 -5.06 24.79 -16.29
N PHE D 39 -4.48 25.19 -15.16
CA PHE D 39 -5.08 26.26 -14.38
C PHE D 39 -3.98 27.02 -13.67
N TYR D 40 -4.31 28.21 -13.19
CA TYR D 40 -3.33 29.06 -12.55
C TYR D 40 -4.04 29.96 -11.57
N THR D 41 -3.76 29.77 -10.28
CA THR D 41 -4.40 30.57 -9.24
C THR D 41 -3.45 30.78 -8.08
N GLU D 42 -3.71 31.80 -7.27
CA GLU D 42 -2.88 32.02 -6.07
C GLU D 42 -3.64 31.66 -4.80
N LEU D 43 -4.78 30.99 -4.95
CA LEU D 43 -5.64 30.69 -3.82
C LEU D 43 -5.10 29.60 -2.90
N SER D 44 -4.18 28.80 -3.39
CA SER D 44 -3.73 27.61 -2.69
C SER D 44 -3.27 27.90 -1.27
N SER D 45 -2.71 29.09 -1.07
CA SER D 45 -2.19 29.49 0.23
C SER D 45 -3.30 29.86 1.22
N THR D 46 -4.43 30.33 0.70
CA THR D 46 -5.44 30.94 1.55
C THR D 46 -6.74 30.12 1.73
N ARG D 47 -7.14 29.35 0.73
CA ARG D 47 -8.37 28.55 0.84
C ARG D 47 -8.50 27.48 -0.23
N GLY D 48 -9.58 26.70 -0.18
CA GLY D 48 -9.82 25.66 -1.17
C GLY D 48 -10.57 26.17 -2.38
N TYR D 49 -10.58 25.37 -3.45
CA TYR D 49 -11.26 25.78 -4.69
C TYR D 49 -11.55 24.61 -5.61
N SER D 50 -12.57 24.76 -6.45
CA SER D 50 -12.91 23.74 -7.45
C SER D 50 -12.19 23.95 -8.77
N ILE D 51 -11.57 22.88 -9.26
CA ILE D 51 -10.86 22.95 -10.52
C ILE D 51 -11.78 22.51 -11.66
N PHE D 52 -12.51 21.41 -11.44
CA PHE D 52 -13.36 20.81 -12.48
C PHE D 52 -14.53 20.12 -11.79
N SER D 53 -15.74 20.64 -12.01
CA SER D 53 -16.95 20.11 -11.35
C SER D 53 -17.93 19.46 -12.33
N TYR D 54 -18.20 18.18 -12.13
CA TYR D 54 -19.01 17.39 -13.04
C TYR D 54 -20.14 16.79 -12.23
N ALA D 55 -21.35 17.30 -12.43
CA ALA D 55 -22.50 16.90 -11.62
C ALA D 55 -23.58 16.19 -12.39
N THR D 56 -24.34 15.35 -11.67
CA THR D 56 -25.45 14.56 -12.19
C THR D 56 -26.68 14.99 -11.42
N LYS D 57 -27.87 14.68 -11.92
CA LYS D 57 -29.08 14.99 -11.17
C LYS D 57 -29.05 14.28 -9.81
N ARG D 58 -28.41 13.13 -9.79
CA ARG D 58 -28.31 12.30 -8.58
C ARG D 58 -27.09 12.62 -7.71
N GLN D 59 -26.01 13.10 -8.31
CA GLN D 59 -24.75 13.28 -7.58
C GLN D 59 -24.06 14.56 -8.00
N ASP D 60 -23.92 15.48 -7.04
CA ASP D 60 -23.29 16.77 -7.31
C ASP D 60 -21.77 16.65 -7.56
N ASN D 61 -21.17 15.62 -6.99
CA ASN D 61 -19.76 15.37 -7.16
C ASN D 61 -19.48 14.08 -7.90
N GLU D 62 -20.01 13.97 -9.12
CA GLU D 62 -19.88 12.76 -9.91
C GLU D 62 -18.44 12.63 -10.35
N ILE D 63 -17.86 13.72 -10.85
CA ILE D 63 -16.41 13.84 -10.99
C ILE D 63 -15.98 15.19 -10.46
N LEU D 64 -15.09 15.23 -9.49
CA LEU D 64 -14.65 16.50 -8.91
C LEU D 64 -13.16 16.56 -8.66
N ILE D 65 -12.49 17.45 -9.39
CA ILE D 65 -11.10 17.77 -9.11
C ILE D 65 -11.12 19.07 -8.31
N PHE D 66 -10.49 19.03 -7.14
CA PHE D 66 -10.62 20.10 -6.18
C PHE D 66 -9.30 20.28 -5.44
N TRP D 67 -9.00 21.50 -5.03
CA TRP D 67 -7.85 21.74 -4.20
C TRP D 67 -8.34 22.03 -2.81
N SER D 68 -7.99 21.20 -1.83
CA SER D 68 -8.42 21.49 -0.46
C SER D 68 -7.26 22.04 0.38
N LYS D 69 -7.55 23.11 1.13
CA LYS D 69 -6.49 23.92 1.74
C LYS D 69 -5.56 23.12 2.61
N ASP D 70 -4.26 23.39 2.50
CA ASP D 70 -3.26 22.80 3.39
C ASP D 70 -3.19 21.26 3.30
N ILE D 71 -3.76 20.71 2.23
CA ILE D 71 -3.70 19.28 2.01
C ILE D 71 -3.15 18.94 0.63
N GLY D 72 -3.86 19.34 -0.41
CA GLY D 72 -3.44 19.04 -1.77
C GLY D 72 -4.63 18.80 -2.68
N TYR D 73 -4.42 17.99 -3.71
CA TYR D 73 -5.49 17.71 -4.66
C TYR D 73 -6.45 16.68 -4.11
N SER D 74 -7.75 16.93 -4.28
CA SER D 74 -8.79 15.99 -3.90
C SER D 74 -9.51 15.54 -5.16
N PHE D 75 -9.62 14.24 -5.34
CA PHE D 75 -10.26 13.67 -6.51
C PHE D 75 -11.48 12.89 -6.08
N THR D 76 -12.63 13.21 -6.66
CA THR D 76 -13.88 12.60 -6.25
C THR D 76 -14.61 11.97 -7.43
N VAL D 77 -15.00 10.71 -7.28
CA VAL D 77 -15.83 10.03 -8.24
C VAL D 77 -17.04 9.47 -7.52
N GLY D 78 -18.23 9.83 -7.99
CA GLY D 78 -19.45 9.31 -7.42
C GLY D 78 -19.61 9.60 -5.94
N GLY D 79 -19.11 10.75 -5.51
CA GLY D 79 -19.21 11.12 -4.12
C GLY D 79 -18.06 10.67 -3.21
N SER D 80 -17.27 9.69 -3.67
CA SER D 80 -16.15 9.19 -2.87
C SER D 80 -14.87 9.93 -3.18
N GLU D 81 -14.19 10.36 -2.14
CA GLU D 81 -13.03 11.21 -2.28
C GLU D 81 -11.73 10.48 -1.91
N ILE D 82 -10.67 10.72 -2.67
CA ILE D 82 -9.32 10.37 -2.24
C ILE D 82 -8.45 11.60 -2.36
N LEU D 83 -7.33 11.60 -1.64
CA LEU D 83 -6.45 12.75 -1.62
C LEU D 83 -5.13 12.46 -2.30
N PHE D 84 -4.56 13.49 -2.92
CA PHE D 84 -3.20 13.47 -3.40
C PHE D 84 -2.45 14.62 -2.74
N GLU D 85 -1.76 14.32 -1.64
CA GLU D 85 -1.06 15.34 -0.85
C GLU D 85 -0.08 16.15 -1.66
N VAL D 86 0.00 17.44 -1.38
CA VAL D 86 1.01 18.29 -1.97
C VAL D 86 1.58 19.24 -0.94
N PRO D 87 2.80 18.94 -0.48
CA PRO D 87 3.55 19.89 0.35
C PRO D 87 4.34 20.82 -0.56
N GLU D 88 4.68 22.00 -0.07
CA GLU D 88 5.52 22.94 -0.80
C GLU D 88 4.98 23.27 -2.19
N VAL D 89 3.75 23.76 -2.25
CA VAL D 89 3.20 24.21 -3.52
C VAL D 89 3.99 25.41 -4.07
N THR D 90 4.12 25.47 -5.38
CA THR D 90 4.77 26.61 -6.04
C THR D 90 3.78 27.47 -6.80
N VAL D 91 4.09 28.75 -6.91
CA VAL D 91 3.27 29.70 -7.65
C VAL D 91 3.61 29.68 -9.14
N ALA D 92 2.88 28.85 -9.88
CA ALA D 92 3.02 28.79 -11.34
C ALA D 92 1.81 28.08 -11.91
N PRO D 93 1.56 28.25 -13.21
CA PRO D 93 0.49 27.48 -13.84
C PRO D 93 0.75 25.99 -13.60
N VAL D 94 -0.32 25.22 -13.44
CA VAL D 94 -0.22 23.79 -13.21
C VAL D 94 -1.00 23.07 -14.28
N HIS D 95 -0.43 21.99 -14.79
CA HIS D 95 -1.16 21.12 -15.69
C HIS D 95 -1.50 19.80 -14.98
N ILE D 96 -2.74 19.37 -15.05
CA ILE D 96 -3.09 18.07 -14.48
C ILE D 96 -3.81 17.15 -15.46
N CYS D 97 -3.52 15.87 -15.34
CA CYS D 97 -4.30 14.84 -15.99
C CYS D 97 -4.77 13.89 -14.92
N THR D 98 -6.03 13.49 -14.99
CA THR D 98 -6.54 12.59 -13.98
C THR D 98 -7.41 11.55 -14.69
N SER D 99 -7.28 10.29 -14.28
CA SER D 99 -8.08 9.23 -14.92
C SER D 99 -8.64 8.22 -13.91
N TRP D 100 -9.69 7.52 -14.32
CA TRP D 100 -10.36 6.52 -13.49
C TRP D 100 -10.91 5.42 -14.37
N GLU D 101 -10.78 4.18 -13.89
CA GLU D 101 -11.29 3.03 -14.62
C GLU D 101 -12.23 2.22 -13.72
N SER D 102 -13.47 2.01 -14.15
CA SER D 102 -14.43 1.24 -13.36
C SER D 102 -13.95 -0.19 -13.15
N ALA D 103 -13.49 -0.83 -14.21
CA ALA D 103 -13.03 -2.22 -14.13
C ALA D 103 -12.08 -2.52 -12.95
N SER D 104 -11.16 -1.61 -12.68
CA SER D 104 -10.12 -1.85 -11.68
C SER D 104 -10.20 -0.91 -10.47
N GLY D 105 -10.88 0.21 -10.67
CA GLY D 105 -10.99 1.23 -9.63
C GLY D 105 -9.74 2.08 -9.52
N ILE D 106 -8.79 1.84 -10.42
CA ILE D 106 -7.54 2.57 -10.41
C ILE D 106 -7.68 4.02 -10.88
N VAL D 107 -7.26 4.97 -10.05
CA VAL D 107 -7.19 6.36 -10.50
C VAL D 107 -5.74 6.80 -10.62
N GLU D 108 -5.47 7.61 -11.63
CA GLU D 108 -4.15 8.15 -11.85
C GLU D 108 -4.23 9.67 -11.74
N PHE D 109 -3.22 10.26 -11.12
CA PHE D 109 -3.19 11.71 -11.04
C PHE D 109 -1.82 12.17 -11.51
N TRP D 110 -1.82 12.98 -12.57
CA TRP D 110 -0.58 13.51 -13.14
C TRP D 110 -0.46 15.01 -12.95
N VAL D 111 0.64 15.44 -12.32
CA VAL D 111 0.89 16.85 -12.15
C VAL D 111 2.12 17.31 -12.96
N ASP D 112 1.87 18.21 -13.91
CA ASP D 112 2.95 18.75 -14.74
C ASP D 112 3.75 17.63 -15.39
N GLY D 113 3.02 16.64 -15.90
CA GLY D 113 3.63 15.57 -16.66
C GLY D 113 4.20 14.44 -15.83
N LYS D 114 4.19 14.57 -14.50
CA LYS D 114 4.72 13.54 -13.61
C LYS D 114 3.61 12.78 -12.88
N PRO D 115 3.65 11.45 -12.92
CA PRO D 115 2.58 10.67 -12.31
C PRO D 115 2.73 10.62 -10.80
N ARG D 116 1.60 10.79 -10.11
CA ARG D 116 1.50 10.43 -8.70
C ARG D 116 1.29 8.93 -8.63
N VAL D 117 1.43 8.35 -7.45
CA VAL D 117 1.19 6.92 -7.32
C VAL D 117 -0.25 6.59 -7.72
N ARG D 118 -0.49 5.34 -8.09
CA ARG D 118 -1.85 4.90 -8.42
C ARG D 118 -2.66 4.61 -7.15
N LYS D 119 -3.95 4.95 -7.19
CA LYS D 119 -4.83 4.70 -6.05
C LYS D 119 -6.14 4.06 -6.47
N SER D 120 -6.99 3.72 -5.51
CA SER D 120 -8.22 3.01 -5.80
C SER D 120 -9.45 3.84 -5.44
N LEU D 121 -10.46 3.80 -6.29
CA LEU D 121 -11.67 4.56 -6.05
C LEU D 121 -12.82 4.00 -6.87
N LYS D 122 -13.92 3.72 -6.21
CA LYS D 122 -15.16 3.32 -6.87
C LYS D 122 -15.03 2.23 -7.93
N LYS D 123 -14.44 1.09 -7.58
CA LYS D 123 -14.40 -0.04 -8.51
C LYS D 123 -15.82 -0.50 -8.86
N GLY D 124 -16.08 -0.67 -10.16
CA GLY D 124 -17.37 -1.14 -10.64
C GLY D 124 -18.48 -0.11 -10.75
N TYR D 125 -18.21 1.12 -10.31
CA TYR D 125 -19.16 2.21 -10.41
C TYR D 125 -19.33 2.63 -11.88
N THR D 126 -20.38 3.38 -12.16
CA THR D 126 -20.62 3.88 -13.51
C THR D 126 -20.97 5.36 -13.43
N VAL D 127 -20.22 6.18 -14.16
CA VAL D 127 -20.42 7.63 -14.14
C VAL D 127 -21.49 8.06 -15.14
N GLY D 128 -22.46 8.84 -14.66
CA GLY D 128 -23.60 9.28 -15.45
C GLY D 128 -23.24 10.14 -16.67
N ALA D 129 -24.05 10.04 -17.72
CA ALA D 129 -23.77 10.77 -18.95
C ALA D 129 -24.57 12.07 -19.07
N GLU D 130 -25.64 12.17 -18.27
CA GLU D 130 -26.44 13.38 -18.23
C GLU D 130 -25.80 14.30 -17.20
N ALA D 131 -24.86 15.12 -17.66
CA ALA D 131 -24.00 15.86 -16.75
C ALA D 131 -24.04 17.37 -16.93
N SER D 132 -23.84 18.09 -15.83
CA SER D 132 -23.57 19.52 -15.88
C SER D 132 -22.11 19.71 -15.55
N ILE D 133 -21.31 20.13 -16.53
CA ILE D 133 -19.87 20.28 -16.35
C ILE D 133 -19.51 21.74 -16.21
N ILE D 134 -18.92 22.12 -15.08
CA ILE D 134 -18.72 23.53 -14.76
C ILE D 134 -17.31 23.93 -14.31
N LEU D 135 -16.81 24.98 -14.95
CA LEU D 135 -15.52 25.57 -14.61
C LEU D 135 -15.77 26.84 -13.79
N GLY D 136 -15.04 27.00 -12.70
CA GLY D 136 -15.05 28.28 -12.00
C GLY D 136 -15.85 28.30 -10.72
N GLN D 137 -16.76 27.34 -10.60
CA GLN D 137 -17.56 27.17 -9.40
C GLN D 137 -17.65 25.70 -9.04
N GLU D 138 -17.98 25.42 -7.79
CA GLU D 138 -18.20 24.05 -7.35
C GLU D 138 -19.70 23.82 -7.22
N GLN D 139 -20.19 22.80 -7.93
CA GLN D 139 -21.63 22.49 -7.93
C GLN D 139 -22.10 21.70 -6.69
N ASP D 140 -23.17 22.19 -6.05
CA ASP D 140 -23.81 21.41 -4.99
C ASP D 140 -25.15 20.88 -5.45
N SER D 141 -25.56 21.32 -6.64
CA SER D 141 -26.77 20.80 -7.27
C SER D 141 -26.51 20.76 -8.76
N PHE D 142 -27.35 20.03 -9.50
CA PHE D 142 -27.18 19.93 -10.95
C PHE D 142 -27.26 21.32 -11.60
N GLY D 143 -26.09 21.90 -11.86
CA GLY D 143 -26.02 23.17 -12.57
C GLY D 143 -26.07 24.42 -11.70
N GLY D 144 -25.91 24.27 -10.40
CA GLY D 144 -25.98 25.42 -9.52
C GLY D 144 -25.62 25.16 -8.08
N ASN D 145 -26.11 26.03 -7.21
CA ASN D 145 -25.80 26.00 -5.78
C ASN D 145 -24.32 26.12 -5.52
N PHE D 146 -23.76 27.21 -6.00
CA PHE D 146 -22.34 27.45 -5.90
C PHE D 146 -21.99 28.03 -4.53
N GLU D 147 -20.78 27.74 -4.06
CA GLU D 147 -20.27 28.41 -2.87
C GLU D 147 -19.08 29.28 -3.29
N GLY D 148 -19.10 30.54 -2.83
CA GLY D 148 -18.07 31.49 -3.21
C GLY D 148 -16.73 31.13 -2.61
N SER D 149 -16.74 30.48 -1.45
CA SER D 149 -15.52 30.06 -0.78
C SER D 149 -14.89 28.88 -1.49
N GLN D 150 -15.46 28.49 -2.63
CA GLN D 150 -14.93 27.37 -3.38
C GLN D 150 -14.73 27.70 -4.85
N SER D 151 -14.87 28.99 -5.19
CA SER D 151 -14.73 29.43 -6.58
C SER D 151 -13.26 29.48 -7.00
N LEU D 152 -13.02 29.38 -8.30
CA LEU D 152 -11.65 29.51 -8.80
C LEU D 152 -11.40 30.95 -9.21
N VAL D 153 -10.35 31.54 -8.65
CA VAL D 153 -9.94 32.88 -9.05
C VAL D 153 -8.61 32.80 -9.76
N GLY D 154 -8.62 33.11 -11.06
CA GLY D 154 -7.45 32.94 -11.90
C GLY D 154 -7.84 32.40 -13.26
N ASP D 155 -6.97 31.61 -13.87
CA ASP D 155 -7.21 31.16 -15.23
C ASP D 155 -7.40 29.64 -15.28
N ILE D 156 -8.16 29.17 -16.24
CA ILE D 156 -8.21 27.75 -16.53
C ILE D 156 -8.45 27.53 -18.01
N GLY D 157 -7.76 26.55 -18.59
CA GLY D 157 -7.87 26.30 -20.02
C GLY D 157 -7.34 24.93 -20.43
N ASN D 158 -7.26 24.69 -21.73
CA ASN D 158 -6.84 23.39 -22.24
C ASN D 158 -7.58 22.22 -21.63
N VAL D 159 -8.88 22.41 -21.38
CA VAL D 159 -9.71 21.37 -20.81
C VAL D 159 -10.07 20.33 -21.85
N ASN D 160 -9.75 19.08 -21.58
CA ASN D 160 -10.06 18.00 -22.53
C ASN D 160 -10.51 16.77 -21.77
N MET D 161 -11.40 15.97 -22.36
CA MET D 161 -11.88 14.78 -21.67
C MET D 161 -12.05 13.61 -22.62
N TRP D 162 -11.59 12.44 -22.21
CA TRP D 162 -11.80 11.21 -22.99
C TRP D 162 -12.68 10.23 -22.20
N ASP D 163 -13.30 9.29 -22.89
CA ASP D 163 -14.11 8.27 -22.22
C ASP D 163 -13.32 6.98 -21.95
N PHE D 164 -12.00 7.08 -21.98
CA PHE D 164 -11.15 5.95 -21.64
C PHE D 164 -9.89 6.43 -20.95
N VAL D 165 -9.08 5.49 -20.49
CA VAL D 165 -7.88 5.87 -19.76
C VAL D 165 -6.67 6.09 -20.68
N LEU D 166 -6.12 7.29 -20.62
CA LEU D 166 -4.91 7.59 -21.35
C LEU D 166 -3.72 6.83 -20.77
N SER D 167 -2.91 6.29 -21.67
CA SER D 167 -1.66 5.63 -21.29
C SER D 167 -0.64 6.67 -20.89
N PRO D 168 0.39 6.26 -20.14
CA PRO D 168 1.47 7.18 -19.78
C PRO D 168 2.10 7.89 -20.99
N ASP D 169 2.25 7.18 -22.11
CA ASP D 169 2.86 7.80 -23.29
C ASP D 169 1.94 8.88 -23.84
N GLU D 170 0.65 8.58 -23.87
CA GLU D 170 -0.34 9.52 -24.35
C GLU D 170 -0.36 10.77 -23.47
N ILE D 171 -0.33 10.57 -22.16
CA ILE D 171 -0.42 11.69 -21.24
C ILE D 171 0.81 12.54 -21.44
N ASN D 172 1.93 11.88 -21.68
CA ASN D 172 3.14 12.63 -21.89
C ASN D 172 3.06 13.52 -23.12
N THR D 173 2.62 12.97 -24.25
CA THR D 173 2.53 13.79 -25.45
C THR D 173 1.51 14.93 -25.28
N ILE D 174 0.44 14.70 -24.54
CA ILE D 174 -0.46 15.79 -24.22
C ILE D 174 0.24 16.93 -23.46
N TYR D 175 1.06 16.57 -22.47
CA TYR D 175 1.74 17.58 -21.64
C TYR D 175 2.80 18.33 -22.45
N LEU D 176 3.53 17.60 -23.28
CA LEU D 176 4.60 18.17 -24.09
C LEU D 176 4.07 18.94 -25.30
N GLY D 177 2.79 18.79 -25.60
CA GLY D 177 2.16 19.58 -26.64
C GLY D 177 1.83 18.89 -27.95
N GLY D 178 2.27 17.64 -28.10
CA GLY D 178 1.91 16.83 -29.26
C GLY D 178 0.42 16.81 -29.61
N PRO D 179 0.07 16.15 -30.74
CA PRO D 179 -1.29 16.11 -31.29
C PRO D 179 -2.14 15.07 -30.58
N PHE D 180 -3.44 15.32 -30.46
CA PHE D 180 -4.35 14.34 -29.87
C PHE D 180 -5.79 14.72 -30.18
N SER D 181 -6.70 13.75 -30.07
CA SER D 181 -8.12 14.03 -30.26
C SER D 181 -9.00 13.40 -29.17
N PRO D 182 -9.50 14.24 -28.25
CA PRO D 182 -10.34 13.80 -27.14
C PRO D 182 -11.71 13.52 -27.70
N ASN D 183 -12.44 12.58 -27.12
CA ASN D 183 -13.75 12.22 -27.64
C ASN D 183 -14.93 12.60 -26.74
N VAL D 184 -14.70 13.42 -25.73
CA VAL D 184 -15.79 13.86 -24.86
C VAL D 184 -15.84 15.39 -24.80
N LEU D 185 -14.78 15.99 -24.27
CA LEU D 185 -14.62 17.44 -24.35
C LEU D 185 -13.36 17.74 -25.13
N ASN D 186 -13.47 18.63 -26.12
CA ASN D 186 -12.32 19.01 -26.94
C ASN D 186 -12.09 20.51 -26.93
N TRP D 187 -10.95 20.93 -26.39
CA TRP D 187 -10.66 22.36 -26.28
C TRP D 187 -10.65 23.03 -27.65
N ARG D 188 -10.36 22.26 -28.69
CA ARG D 188 -10.29 22.78 -30.05
C ARG D 188 -11.65 22.80 -30.76
N ALA D 189 -12.66 22.19 -30.14
CA ALA D 189 -14.03 22.24 -30.62
C ALA D 189 -14.97 22.23 -29.43
N LEU D 190 -14.96 23.32 -28.68
CA LEU D 190 -15.61 23.38 -27.40
C LEU D 190 -16.98 24.02 -27.51
N LYS D 191 -18.01 23.34 -27.02
CA LYS D 191 -19.33 23.96 -26.92
C LYS D 191 -19.54 24.39 -25.48
N TYR D 192 -19.65 25.69 -25.27
CA TYR D 192 -19.73 26.22 -23.91
C TYR D 192 -20.63 27.42 -23.79
N GLU D 193 -20.99 27.74 -22.57
CA GLU D 193 -21.87 28.87 -22.29
C GLU D 193 -21.30 29.61 -21.08
N VAL D 194 -21.24 30.93 -21.16
CA VAL D 194 -20.63 31.71 -20.09
C VAL D 194 -21.67 32.42 -19.27
N GLN D 195 -21.39 32.54 -17.98
CA GLN D 195 -22.30 33.24 -17.08
C GLN D 195 -21.48 34.13 -16.16
N GLY D 196 -21.85 35.41 -16.07
CA GLY D 196 -21.21 36.32 -15.14
C GLY D 196 -19.88 36.88 -15.62
N GLU D 197 -19.02 37.20 -14.66
CA GLU D 197 -17.74 37.86 -14.88
C GLU D 197 -16.62 36.88 -15.33
N VAL D 198 -16.70 36.42 -16.57
CA VAL D 198 -15.71 35.51 -17.13
C VAL D 198 -15.19 36.07 -18.45
N PHE D 199 -13.87 36.04 -18.64
CA PHE D 199 -13.29 36.56 -19.87
C PHE D 199 -12.42 35.56 -20.59
N THR D 200 -12.32 35.76 -21.91
CA THR D 200 -11.48 34.92 -22.73
C THR D 200 -10.25 35.72 -23.12
N LYS D 201 -9.09 35.24 -22.66
CA LYS D 201 -7.80 35.91 -22.93
C LYS D 201 -6.78 34.90 -23.41
N PRO D 202 -5.68 35.38 -24.00
CA PRO D 202 -4.56 34.50 -24.38
C PRO D 202 -4.01 33.79 -23.14
N GLN D 203 -3.65 32.53 -23.29
CA GLN D 203 -3.18 31.77 -22.14
C GLN D 203 -1.84 32.29 -21.61
N LEU D 204 -1.67 32.22 -20.29
CA LEU D 204 -0.43 32.62 -19.62
C LEU D 204 0.66 31.55 -19.65
N TRP D 205 0.27 30.31 -19.89
CA TRP D 205 1.24 29.21 -19.93
C TRP D 205 1.65 28.90 -21.36
N PRO D 206 2.84 28.30 -21.53
CA PRO D 206 3.33 27.92 -22.85
C PRO D 206 2.38 26.97 -23.57
N GLN E 1 13.35 64.64 -27.84
CA GLN E 1 13.40 63.19 -28.06
C GLN E 1 14.82 62.68 -28.00
N THR E 2 15.19 62.07 -26.89
CA THR E 2 16.49 61.43 -26.77
C THR E 2 16.38 59.91 -26.93
N ASP E 3 17.34 59.29 -27.59
CA ASP E 3 17.38 57.83 -27.65
C ASP E 3 18.14 57.33 -26.43
N MET E 4 17.39 56.81 -25.46
CA MET E 4 17.97 56.32 -24.22
C MET E 4 18.49 54.89 -24.30
N SER E 5 18.49 54.32 -25.51
CA SER E 5 18.88 52.93 -25.71
C SER E 5 20.13 52.58 -24.96
N ARG E 6 20.08 51.50 -24.19
CA ARG E 6 21.27 50.97 -23.59
C ARG E 6 21.75 51.86 -22.41
N LYS E 7 20.92 52.82 -22.02
CA LYS E 7 21.24 53.70 -20.89
C LYS E 7 20.17 53.66 -19.79
N ALA E 8 20.57 54.04 -18.59
CA ALA E 8 19.65 54.04 -17.45
C ALA E 8 19.82 55.30 -16.60
N PHE E 9 18.79 55.65 -15.86
CA PHE E 9 18.90 56.72 -14.87
C PHE E 9 19.43 56.14 -13.56
N VAL E 10 20.36 56.83 -12.92
CA VAL E 10 20.95 56.39 -11.67
C VAL E 10 20.64 57.38 -10.56
N PHE E 11 20.06 56.89 -9.48
CA PHE E 11 19.81 57.69 -8.30
C PHE E 11 20.65 57.12 -7.17
N PRO E 12 21.89 57.61 -7.04
CA PRO E 12 22.96 57.06 -6.18
C PRO E 12 22.70 57.10 -4.68
N LYS E 13 21.96 58.08 -4.19
CA LYS E 13 21.66 58.11 -2.75
C LYS E 13 20.24 58.55 -2.42
N GLU E 14 19.80 58.18 -1.22
CA GLU E 14 18.48 58.51 -0.74
C GLU E 14 18.28 60.02 -0.77
N SER E 15 17.18 60.47 -1.37
CA SER E 15 16.92 61.89 -1.47
C SER E 15 15.44 62.22 -1.61
N ASP E 16 15.16 63.50 -1.57
CA ASP E 16 13.83 64.05 -1.43
C ASP E 16 13.55 64.81 -2.71
N THR E 17 14.61 64.95 -3.50
CA THR E 17 14.72 66.03 -4.47
C THR E 17 15.11 65.56 -5.86
N SER E 18 15.62 64.33 -5.94
CA SER E 18 16.10 63.80 -7.20
C SER E 18 15.01 63.02 -7.91
N TYR E 19 14.79 63.33 -9.18
CA TYR E 19 13.78 62.64 -9.93
C TYR E 19 13.85 62.95 -11.42
N VAL E 20 13.13 62.15 -12.21
CA VAL E 20 13.01 62.39 -13.63
C VAL E 20 11.53 62.50 -13.99
N SER E 21 11.19 63.47 -14.81
CA SER E 21 9.82 63.63 -15.25
C SER E 21 9.74 63.21 -16.72
N LEU E 22 8.86 62.27 -16.99
CA LEU E 22 8.67 61.73 -18.34
C LEU E 22 7.45 62.40 -18.96
N LYS E 23 7.60 62.86 -20.21
CA LYS E 23 6.53 63.60 -20.85
C LYS E 23 5.82 62.76 -21.89
N ALA E 24 4.51 62.62 -21.75
CA ALA E 24 3.70 61.86 -22.69
C ALA E 24 2.82 62.79 -23.50
N PRO E 25 2.85 62.64 -24.82
CA PRO E 25 2.11 63.48 -25.77
C PRO E 25 0.65 63.06 -25.80
N LEU E 26 0.19 62.56 -24.67
CA LEU E 26 -1.12 61.92 -24.58
C LEU E 26 -2.31 62.85 -24.72
N THR E 27 -3.33 62.38 -25.42
CA THR E 27 -4.54 63.13 -25.61
C THR E 27 -5.76 62.39 -25.04
N LYS E 28 -6.11 61.24 -25.63
CA LYS E 28 -7.24 60.46 -25.16
C LYS E 28 -7.01 59.98 -23.73
N PRO E 29 -8.06 60.04 -22.89
CA PRO E 29 -7.97 59.31 -21.61
C PRO E 29 -7.75 57.82 -21.86
N LEU E 30 -7.08 57.14 -20.95
CA LEU E 30 -6.69 55.76 -21.19
C LEU E 30 -7.76 54.79 -20.70
N LYS E 31 -8.14 53.86 -21.55
CA LYS E 31 -9.06 52.80 -21.16
C LYS E 31 -8.35 51.46 -21.05
N ALA E 32 -7.04 51.50 -21.24
CA ALA E 32 -6.16 50.36 -21.11
C ALA E 32 -4.72 50.85 -21.21
N PHE E 33 -3.78 50.12 -20.61
CA PHE E 33 -2.38 50.48 -20.75
C PHE E 33 -1.44 49.34 -20.37
N THR E 34 -0.19 49.43 -20.83
CA THR E 34 0.86 48.53 -20.40
C THR E 34 2.09 49.36 -20.10
N VAL E 35 2.75 49.06 -18.99
CA VAL E 35 3.99 49.73 -18.63
C VAL E 35 5.09 48.69 -18.39
N CYS E 36 6.26 48.93 -18.97
CA CYS E 36 7.40 48.02 -18.80
C CYS E 36 8.61 48.82 -18.39
N LEU E 37 9.48 48.21 -17.59
CA LEU E 37 10.71 48.86 -17.19
C LEU E 37 11.65 47.90 -16.48
N HIS E 38 12.90 48.31 -16.39
CA HIS E 38 13.90 47.58 -15.64
C HIS E 38 14.26 48.45 -14.47
N PHE E 39 14.53 47.85 -13.32
CA PHE E 39 15.09 48.62 -12.23
C PHE E 39 15.98 47.73 -11.39
N TYR E 40 16.80 48.34 -10.54
CA TYR E 40 17.76 47.59 -9.78
C TYR E 40 18.05 48.35 -8.53
N THR E 41 17.64 47.81 -7.38
CA THR E 41 17.85 48.46 -6.09
C THR E 41 18.10 47.45 -4.99
N GLU E 42 18.75 47.87 -3.92
CA GLU E 42 18.94 47.00 -2.74
C GLU E 42 18.00 47.35 -1.57
N LEU E 43 17.03 48.21 -1.85
CA LEU E 43 16.15 48.72 -0.81
C LEU E 43 15.14 47.69 -0.31
N SER E 44 14.89 46.65 -1.09
CA SER E 44 13.79 45.71 -0.82
C SER E 44 13.84 45.13 0.59
N SER E 45 15.06 44.97 1.10
CA SER E 45 15.28 44.38 2.42
C SER E 45 14.95 45.36 3.56
N THR E 46 15.14 46.65 3.29
CA THR E 46 15.08 47.65 4.35
C THR E 46 13.83 48.56 4.38
N ARG E 47 13.25 48.88 3.23
CA ARG E 47 12.06 49.73 3.20
C ARG E 47 11.30 49.67 1.87
N GLY E 48 10.22 50.44 1.75
CA GLY E 48 9.46 50.47 0.51
C GLY E 48 9.98 51.54 -0.44
N TYR E 49 9.53 51.50 -1.70
CA TYR E 49 9.96 52.46 -2.70
C TYR E 49 9.05 52.52 -3.91
N SER E 50 9.02 53.68 -4.57
CA SER E 50 8.24 53.85 -5.77
C SER E 50 9.04 53.46 -7.01
N ILE E 51 8.44 52.65 -7.86
CA ILE E 51 9.07 52.27 -9.11
C ILE E 51 8.62 53.18 -10.27
N PHE E 52 7.33 53.45 -10.35
CA PHE E 52 6.76 54.23 -11.44
C PHE E 52 5.55 54.99 -10.90
N SER E 53 5.66 56.32 -10.80
CA SER E 53 4.56 57.15 -10.30
C SER E 53 3.89 58.00 -11.36
N TYR E 54 2.60 57.79 -11.56
CA TYR E 54 1.81 58.47 -12.58
C TYR E 54 0.64 59.20 -11.90
N ALA E 55 0.70 60.52 -11.87
CA ALA E 55 -0.26 61.31 -11.13
C ALA E 55 -1.12 62.22 -12.00
N THR E 56 -2.32 62.50 -11.52
CA THR E 56 -3.30 63.38 -12.15
C THR E 56 -3.55 64.53 -11.19
N LYS E 57 -4.14 65.62 -11.68
CA LYS E 57 -4.50 66.72 -10.79
C LYS E 57 -5.47 66.20 -9.71
N ARG E 58 -6.28 65.21 -10.09
CA ARG E 58 -7.31 64.64 -9.23
C ARG E 58 -6.82 63.45 -8.39
N GLN E 59 -5.84 62.72 -8.89
CA GLN E 59 -5.40 61.49 -8.23
C GLN E 59 -3.87 61.32 -8.29
N ASP E 60 -3.23 61.33 -7.13
CA ASP E 60 -1.76 61.23 -7.05
C ASP E 60 -1.26 59.83 -7.44
N ASN E 61 -2.13 58.85 -7.29
CA ASN E 61 -1.80 57.47 -7.58
C ASN E 61 -2.67 56.94 -8.69
N GLU E 62 -2.64 57.63 -9.82
CA GLU E 62 -3.47 57.25 -10.95
C GLU E 62 -2.95 55.93 -11.50
N ILE E 63 -1.62 55.84 -11.68
CA ILE E 63 -0.99 54.55 -11.90
C ILE E 63 0.26 54.50 -11.04
N LEU E 64 0.33 53.54 -10.14
CA LEU E 64 1.50 53.43 -9.28
C LEU E 64 2.02 52.01 -9.12
N ILE E 65 3.25 51.79 -9.58
CA ILE E 65 3.98 50.56 -9.33
C ILE E 65 4.94 50.81 -8.18
N PHE E 66 4.78 50.03 -7.12
CA PHE E 66 5.43 50.31 -5.86
C PHE E 66 5.88 49.01 -5.21
N TRP E 67 7.00 49.04 -4.51
CA TRP E 67 7.42 47.91 -3.71
C TRP E 67 7.15 48.23 -2.25
N SER E 68 6.29 47.45 -1.60
CA SER E 68 6.05 47.70 -0.19
C SER E 68 6.75 46.66 0.66
N LYS E 69 7.44 47.13 1.70
CA LYS E 69 8.37 46.31 2.47
C LYS E 69 7.75 45.03 3.03
N ASP E 70 8.48 43.93 2.88
CA ASP E 70 8.08 42.64 3.45
C ASP E 70 6.76 42.12 2.90
N ILE E 71 6.33 42.63 1.75
CA ILE E 71 5.10 42.17 1.11
C ILE E 71 5.33 41.80 -0.34
N GLY E 72 5.72 42.78 -1.15
CA GLY E 72 5.98 42.55 -2.56
C GLY E 72 5.56 43.73 -3.39
N TYR E 73 5.18 43.46 -4.64
CA TYR E 73 4.78 44.52 -5.56
C TYR E 73 3.38 44.98 -5.26
N SER E 74 3.19 46.29 -5.19
CA SER E 74 1.87 46.89 -5.08
C SER E 74 1.53 47.63 -6.39
N PHE E 75 0.36 47.34 -6.95
CA PHE E 75 -0.06 47.96 -8.19
C PHE E 75 -1.33 48.76 -7.92
N THR E 76 -1.31 50.04 -8.25
CA THR E 76 -2.44 50.93 -7.96
C THR E 76 -2.96 51.60 -9.23
N VAL E 77 -4.27 51.51 -9.45
CA VAL E 77 -4.91 52.27 -10.53
C VAL E 77 -6.03 53.10 -9.94
N GLY E 78 -6.01 54.40 -10.20
CA GLY E 78 -7.03 55.30 -9.67
C GLY E 78 -7.23 55.23 -8.17
N GLY E 79 -6.14 55.08 -7.44
CA GLY E 79 -6.18 55.05 -5.98
C GLY E 79 -6.42 53.68 -5.36
N SER E 80 -6.96 52.74 -6.14
CA SER E 80 -7.17 51.36 -5.65
C SER E 80 -5.95 50.45 -5.83
N GLU E 81 -5.60 49.76 -4.74
CA GLU E 81 -4.37 48.98 -4.70
C GLU E 81 -4.66 47.49 -4.66
N ILE E 82 -3.87 46.72 -5.41
CA ILE E 82 -3.80 45.28 -5.21
C ILE E 82 -2.35 44.88 -5.02
N LEU E 83 -2.14 43.72 -4.42
CA LEU E 83 -0.79 43.28 -4.11
C LEU E 83 -0.40 42.09 -4.94
N PHE E 84 0.89 41.99 -5.25
CA PHE E 84 1.47 40.77 -5.82
C PHE E 84 2.60 40.36 -4.91
N GLU E 85 2.31 39.42 -4.01
CA GLU E 85 3.28 38.97 -3.00
C GLU E 85 4.56 38.47 -3.61
N VAL E 86 5.65 38.74 -2.92
CA VAL E 86 6.93 38.19 -3.32
C VAL E 86 7.73 37.77 -2.10
N PRO E 87 7.80 36.46 -1.85
CA PRO E 87 8.70 35.94 -0.82
C PRO E 87 10.06 35.66 -1.46
N GLU E 88 11.12 35.64 -0.66
CA GLU E 88 12.45 35.29 -1.14
C GLU E 88 12.91 36.15 -2.31
N VAL E 89 12.91 37.46 -2.12
CA VAL E 89 13.46 38.34 -3.14
C VAL E 89 14.94 38.10 -3.37
N THR E 90 15.39 38.22 -4.62
CA THR E 90 16.82 38.09 -4.94
C THR E 90 17.43 39.43 -5.32
N VAL E 91 18.72 39.57 -5.06
CA VAL E 91 19.44 40.79 -5.40
C VAL E 91 19.92 40.75 -6.84
N ALA E 92 19.11 41.31 -7.75
CA ALA E 92 19.47 41.41 -9.15
C ALA E 92 18.54 42.38 -9.83
N PRO E 93 18.95 42.91 -11.00
CA PRO E 93 18.03 43.76 -11.76
C PRO E 93 16.74 42.99 -12.00
N VAL E 94 15.63 43.70 -11.98
CA VAL E 94 14.33 43.12 -12.23
C VAL E 94 13.66 43.82 -13.39
N HIS E 95 12.99 43.05 -14.22
CA HIS E 95 12.20 43.62 -15.30
C HIS E 95 10.73 43.38 -15.01
N ILE E 96 9.90 44.40 -15.14
CA ILE E 96 8.48 44.17 -14.96
C ILE E 96 7.65 44.73 -16.11
N CYS E 97 6.54 44.07 -16.37
CA CYS E 97 5.54 44.55 -17.29
C CYS E 97 4.25 44.47 -16.55
N THR E 98 3.43 45.49 -16.67
CA THR E 98 2.20 45.49 -15.93
C THR E 98 1.15 46.10 -16.81
N SER E 99 -0.06 45.55 -16.79
CA SER E 99 -1.12 46.05 -17.66
C SER E 99 -2.50 46.05 -16.99
N TRP E 100 -3.39 46.88 -17.51
CA TRP E 100 -4.72 47.02 -16.97
C TRP E 100 -5.69 47.33 -18.08
N GLU E 101 -6.88 46.73 -18.02
CA GLU E 101 -7.91 46.97 -19.02
C GLU E 101 -9.19 47.39 -18.35
N SER E 102 -9.72 48.56 -18.72
CA SER E 102 -10.95 49.07 -18.13
C SER E 102 -12.12 48.14 -18.39
N ALA E 103 -12.25 47.68 -19.64
CA ALA E 103 -13.37 46.81 -20.04
C ALA E 103 -13.59 45.62 -19.10
N SER E 104 -12.51 45.04 -18.60
CA SER E 104 -12.60 43.81 -17.82
C SER E 104 -12.14 43.99 -16.38
N GLY E 105 -11.31 45.00 -16.17
CA GLY E 105 -10.73 45.24 -14.86
C GLY E 105 -9.54 44.32 -14.59
N ILE E 106 -9.18 43.52 -15.59
CA ILE E 106 -8.06 42.60 -15.46
C ILE E 106 -6.71 43.32 -15.43
N VAL E 107 -5.91 43.07 -14.40
CA VAL E 107 -4.54 43.52 -14.44
C VAL E 107 -3.60 42.32 -14.57
N GLU E 108 -2.48 42.52 -15.26
CA GLU E 108 -1.46 41.51 -15.38
C GLU E 108 -0.19 42.05 -14.79
N PHE E 109 0.58 41.19 -14.14
CA PHE E 109 1.87 41.62 -13.62
C PHE E 109 2.91 40.57 -14.01
N TRP E 110 3.92 41.00 -14.77
CA TRP E 110 4.95 40.10 -15.23
C TRP E 110 6.30 40.44 -14.60
N VAL E 111 6.96 39.45 -14.01
CA VAL E 111 8.25 39.67 -13.41
C VAL E 111 9.30 38.83 -14.12
N ASP E 112 10.27 39.49 -14.72
CA ASP E 112 11.35 38.83 -15.45
C ASP E 112 10.83 37.87 -16.51
N GLY E 113 9.78 38.31 -17.22
CA GLY E 113 9.21 37.54 -18.30
C GLY E 113 8.17 36.51 -17.89
N LYS E 114 7.95 36.33 -16.59
CA LYS E 114 7.02 35.30 -16.10
C LYS E 114 5.75 35.94 -15.55
N PRO E 115 4.59 35.49 -16.02
CA PRO E 115 3.33 36.10 -15.57
C PRO E 115 2.94 35.69 -14.17
N ARG E 116 2.50 36.65 -13.37
CA ARG E 116 1.80 36.39 -12.14
C ARG E 116 0.37 36.09 -12.53
N VAL E 117 -0.42 35.60 -11.59
CA VAL E 117 -1.81 35.32 -11.90
C VAL E 117 -2.56 36.63 -12.25
N ARG E 118 -3.66 36.52 -12.98
CA ARG E 118 -4.46 37.69 -13.32
C ARG E 118 -5.35 38.13 -12.16
N LYS E 119 -5.50 39.43 -11.99
CA LYS E 119 -6.33 39.96 -10.90
C LYS E 119 -7.26 41.05 -11.42
N SER E 120 -8.11 41.57 -10.54
CA SER E 120 -9.12 42.54 -10.93
C SER E 120 -8.91 43.87 -10.22
N LEU E 121 -9.08 44.96 -10.97
CA LEU E 121 -8.87 46.30 -10.45
C LEU E 121 -9.57 47.36 -11.29
N LYS E 122 -10.43 48.15 -10.64
CA LYS E 122 -11.06 49.30 -11.28
C LYS E 122 -11.71 49.01 -12.65
N LYS E 123 -12.61 48.04 -12.71
CA LYS E 123 -13.36 47.78 -13.94
C LYS E 123 -14.19 49.00 -14.30
N GLY E 124 -14.12 49.41 -15.57
CA GLY E 124 -14.89 50.56 -16.04
C GLY E 124 -14.32 51.95 -15.77
N TYR E 125 -13.23 52.02 -14.99
CA TYR E 125 -12.59 53.29 -14.66
C TYR E 125 -11.93 53.87 -15.91
N THR E 126 -11.54 55.13 -15.85
CA THR E 126 -10.81 55.74 -16.95
C THR E 126 -9.62 56.52 -16.43
N VAL E 127 -8.44 56.21 -16.96
CA VAL E 127 -7.20 56.85 -16.51
C VAL E 127 -6.97 58.18 -17.25
N GLY E 128 -6.65 59.21 -16.49
CA GLY E 128 -6.53 60.55 -17.04
C GLY E 128 -5.32 60.71 -17.91
N ALA E 129 -5.41 61.63 -18.87
CA ALA E 129 -4.32 61.85 -19.84
C ALA E 129 -3.41 63.01 -19.48
N GLU E 130 -3.89 63.89 -18.62
CA GLU E 130 -3.10 65.02 -18.15
C GLU E 130 -2.32 64.56 -16.94
N ALA E 131 -1.13 64.02 -17.19
CA ALA E 131 -0.42 63.31 -16.15
C ALA E 131 0.97 63.85 -15.89
N SER E 132 1.42 63.66 -14.66
CA SER E 132 2.80 63.90 -14.29
C SER E 132 3.40 62.54 -14.02
N ILE E 133 4.33 62.13 -14.89
CA ILE E 133 4.93 60.81 -14.78
C ILE E 133 6.36 60.91 -14.23
N ILE E 134 6.60 60.27 -13.10
CA ILE E 134 7.85 60.48 -12.39
C ILE E 134 8.58 59.21 -11.96
N LEU E 135 9.87 59.17 -12.27
CA LEU E 135 10.77 58.11 -11.84
C LEU E 135 11.63 58.61 -10.69
N GLY E 136 11.79 57.80 -9.65
CA GLY E 136 12.73 58.13 -8.59
C GLY E 136 12.10 58.65 -7.30
N GLN E 137 10.86 59.12 -7.40
CA GLN E 137 10.12 59.63 -6.26
C GLN E 137 8.68 59.21 -6.37
N GLU E 138 7.99 59.18 -5.24
CA GLU E 138 6.56 58.85 -5.22
C GLU E 138 5.78 60.15 -5.06
N GLN E 139 4.88 60.42 -5.99
CA GLN E 139 4.09 61.63 -5.97
C GLN E 139 2.92 61.58 -5.00
N ASP E 140 2.79 62.61 -4.16
CA ASP E 140 1.59 62.80 -3.34
C ASP E 140 0.74 63.97 -3.83
N SER E 141 1.27 64.70 -4.81
CA SER E 141 0.55 65.76 -5.49
C SER E 141 0.98 65.78 -6.95
N PHE E 142 0.21 66.45 -7.79
CA PHE E 142 0.56 66.52 -9.20
C PHE E 142 1.93 67.15 -9.39
N GLY E 143 2.96 66.32 -9.51
CA GLY E 143 4.30 66.79 -9.83
C GLY E 143 5.19 67.07 -8.63
N GLY E 144 4.74 66.68 -7.45
CA GLY E 144 5.54 66.92 -6.27
C GLY E 144 5.04 66.27 -5.00
N ASN E 145 5.42 66.86 -3.87
CA ASN E 145 5.15 66.28 -2.56
C ASN E 145 5.73 64.89 -2.38
N PHE E 146 7.06 64.80 -2.52
CA PHE E 146 7.78 63.54 -2.47
C PHE E 146 8.06 63.16 -1.03
N GLU E 147 8.13 61.86 -0.76
CA GLU E 147 8.59 61.37 0.54
C GLU E 147 9.91 60.65 0.32
N GLY E 148 10.91 61.02 1.10
CA GLY E 148 12.23 60.42 0.96
C GLY E 148 12.25 58.95 1.33
N SER E 149 11.32 58.54 2.19
CA SER E 149 11.24 57.15 2.63
C SER E 149 10.60 56.28 1.56
N GLN E 150 10.31 56.89 0.42
CA GLN E 150 9.71 56.17 -0.69
C GLN E 150 10.47 56.35 -2.00
N SER E 151 11.65 56.96 -1.91
CA SER E 151 12.45 57.21 -3.11
C SER E 151 13.11 55.93 -3.61
N LEU E 152 13.46 55.90 -4.89
CA LEU E 152 14.20 54.78 -5.42
C LEU E 152 15.68 55.09 -5.37
N VAL E 153 16.46 54.21 -4.77
CA VAL E 153 17.91 54.37 -4.78
C VAL E 153 18.47 53.25 -5.59
N GLY E 154 19.00 53.58 -6.75
CA GLY E 154 19.50 52.56 -7.66
C GLY E 154 19.31 53.00 -9.10
N ASP E 155 19.10 52.03 -10.00
CA ASP E 155 18.96 52.35 -11.41
C ASP E 155 17.57 52.03 -11.88
N ILE E 156 17.10 52.76 -12.88
CA ILE E 156 15.87 52.42 -13.58
C ILE E 156 15.96 52.83 -15.04
N GLY E 157 15.46 51.99 -15.95
CA GLY E 157 15.60 52.26 -17.37
C GLY E 157 14.65 51.41 -18.20
N ASN E 158 14.81 51.46 -19.52
CA ASN E 158 13.91 50.74 -20.42
C ASN E 158 12.44 50.95 -20.11
N VAL E 159 12.07 52.17 -19.73
CA VAL E 159 10.70 52.50 -19.44
C VAL E 159 9.92 52.70 -20.73
N ASN E 160 8.85 51.95 -20.93
CA ASN E 160 8.02 52.09 -22.11
C ASN E 160 6.56 51.93 -21.71
N MET E 161 5.65 52.60 -22.42
CA MET E 161 4.23 52.55 -22.08
C MET E 161 3.38 52.49 -23.35
N TRP E 162 2.36 51.64 -23.35
CA TRP E 162 1.41 51.56 -24.45
C TRP E 162 0.04 51.92 -23.94
N ASP E 163 -0.88 52.31 -24.83
CA ASP E 163 -2.25 52.61 -24.43
C ASP E 163 -3.20 51.41 -24.63
N PHE E 164 -2.63 50.23 -24.78
CA PHE E 164 -3.43 49.01 -24.86
C PHE E 164 -2.72 47.89 -24.11
N VAL E 165 -3.39 46.75 -23.99
CA VAL E 165 -2.81 45.62 -23.29
C VAL E 165 -1.95 44.73 -24.17
N LEU E 166 -0.69 44.60 -23.78
CA LEU E 166 0.23 43.71 -24.48
C LEU E 166 -0.13 42.24 -24.29
N SER E 167 -0.10 41.48 -25.38
CA SER E 167 -0.35 40.03 -25.33
C SER E 167 0.86 39.34 -24.73
N PRO E 168 0.66 38.11 -24.23
CA PRO E 168 1.78 37.36 -23.66
C PRO E 168 2.95 37.20 -24.64
N ASP E 169 2.68 36.99 -25.91
CA ASP E 169 3.76 36.88 -26.90
C ASP E 169 4.52 38.20 -27.02
N GLU E 170 3.78 39.31 -27.01
CA GLU E 170 4.41 40.63 -27.12
C GLU E 170 5.28 40.90 -25.90
N ILE E 171 4.75 40.58 -24.73
CA ILE E 171 5.49 40.81 -23.50
C ILE E 171 6.77 39.99 -23.52
N ASN E 172 6.65 38.77 -24.03
CA ASN E 172 7.83 37.93 -24.10
C ASN E 172 8.90 38.52 -25.00
N THR E 173 8.51 39.01 -26.17
CA THR E 173 9.53 39.53 -27.09
C THR E 173 10.14 40.79 -26.47
N ILE E 174 9.36 41.54 -25.72
CA ILE E 174 9.92 42.71 -25.03
C ILE E 174 10.97 42.33 -23.99
N TYR E 175 10.69 41.31 -23.20
CA TYR E 175 11.66 40.85 -22.22
C TYR E 175 12.92 40.25 -22.86
N LEU E 176 12.75 39.47 -23.93
CA LEU E 176 13.86 38.78 -24.57
C LEU E 176 14.69 39.72 -25.45
N GLY E 177 14.16 40.90 -25.75
CA GLY E 177 14.93 41.89 -26.47
C GLY E 177 14.49 42.24 -27.88
N GLY E 178 13.59 41.46 -28.47
CA GLY E 178 13.07 41.77 -29.79
C GLY E 178 12.63 43.23 -30.01
N PRO E 179 12.14 43.54 -31.22
CA PRO E 179 11.72 44.86 -31.66
C PRO E 179 10.30 45.18 -31.24
N PHE E 180 10.02 46.45 -30.96
CA PHE E 180 8.67 46.86 -30.61
C PHE E 180 8.57 48.39 -30.69
N SER E 181 7.34 48.90 -30.82
CA SER E 181 7.13 50.34 -30.79
C SER E 181 5.97 50.75 -29.88
N PRO E 182 6.29 51.30 -28.71
CA PRO E 182 5.33 51.77 -27.72
C PRO E 182 4.72 53.09 -28.19
N ASN E 183 3.46 53.35 -27.87
CA ASN E 183 2.83 54.53 -28.40
C ASN E 183 2.49 55.58 -27.35
N VAL E 184 3.02 55.44 -26.16
CA VAL E 184 2.83 56.43 -25.12
C VAL E 184 4.17 56.95 -24.59
N LEU E 185 4.96 56.07 -23.99
CA LEU E 185 6.33 56.42 -23.64
C LEU E 185 7.26 55.49 -24.40
N ASN E 186 8.29 56.06 -25.05
CA ASN E 186 9.24 55.27 -25.82
C ASN E 186 10.68 55.52 -25.40
N TRP E 187 11.32 54.52 -24.81
CA TRP E 187 12.65 54.71 -24.28
C TRP E 187 13.62 55.18 -25.37
N ARG E 188 13.32 54.82 -26.61
CA ARG E 188 14.17 55.16 -27.74
C ARG E 188 13.89 56.55 -28.32
N ALA E 189 12.81 57.18 -27.84
CA ALA E 189 12.47 58.56 -28.18
C ALA E 189 11.81 59.20 -26.98
N LEU E 190 12.60 59.40 -25.93
CA LEU E 190 12.07 59.80 -24.64
C LEU E 190 12.21 61.31 -24.41
N LYS E 191 11.10 61.96 -24.06
CA LYS E 191 11.13 63.37 -23.72
C LYS E 191 11.07 63.46 -22.21
N TYR E 192 12.13 63.93 -21.61
CA TYR E 192 12.23 63.93 -20.16
C TYR E 192 12.94 65.17 -19.61
N GLU E 193 12.78 65.38 -18.32
CA GLU E 193 13.40 66.49 -17.65
C GLU E 193 13.98 65.97 -16.32
N VAL E 194 15.22 66.33 -16.01
CA VAL E 194 15.86 65.85 -14.80
C VAL E 194 15.89 66.91 -13.71
N GLN E 195 15.75 66.47 -12.47
CA GLN E 195 15.84 67.39 -11.35
C GLN E 195 16.70 66.73 -10.27
N GLY E 196 17.71 67.45 -9.79
CA GLY E 196 18.49 66.96 -8.68
C GLY E 196 19.61 66.01 -9.06
N GLU E 197 19.93 65.12 -8.12
CA GLU E 197 21.07 64.21 -8.21
C GLU E 197 20.71 62.95 -9.02
N VAL E 198 20.62 63.08 -10.34
CA VAL E 198 20.27 61.99 -11.22
C VAL E 198 21.29 61.89 -12.35
N PHE E 199 21.80 60.70 -12.62
CA PHE E 199 22.79 60.57 -13.67
C PHE E 199 22.38 59.60 -14.77
N THR E 200 22.98 59.76 -15.93
CA THR E 200 22.72 58.86 -17.05
C THR E 200 23.96 58.02 -17.30
N LYS E 201 23.83 56.71 -17.08
CA LYS E 201 24.94 55.79 -17.23
C LYS E 201 24.54 54.59 -18.09
N PRO E 202 25.53 53.82 -18.57
CA PRO E 202 25.23 52.59 -19.30
C PRO E 202 24.49 51.61 -18.39
N GLN E 203 23.50 50.90 -18.91
CA GLN E 203 22.68 50.01 -18.08
C GLN E 203 23.47 48.83 -17.54
N LEU E 204 23.11 48.39 -16.33
CA LEU E 204 23.80 47.28 -15.66
C LEU E 204 23.26 45.92 -16.07
N TRP E 205 22.05 45.91 -16.61
CA TRP E 205 21.44 44.69 -17.07
C TRP E 205 21.70 44.46 -18.57
N PRO E 206 21.62 43.20 -18.99
CA PRO E 206 21.79 42.86 -20.41
C PRO E 206 20.76 43.59 -21.28
N GLN F 1 -76.09 -9.34 58.79
CA GLN F 1 -74.99 -10.13 58.26
C GLN F 1 -75.13 -10.40 56.77
N THR F 2 -74.43 -9.63 55.95
CA THR F 2 -74.41 -9.86 54.51
C THR F 2 -73.13 -10.58 54.10
N ASP F 3 -73.23 -11.53 53.16
CA ASP F 3 -72.04 -12.13 52.58
C ASP F 3 -71.54 -11.27 51.42
N MET F 4 -70.50 -10.49 51.68
CA MET F 4 -69.93 -9.59 50.67
C MET F 4 -68.94 -10.29 49.73
N SER F 5 -68.84 -11.61 49.82
CA SER F 5 -67.92 -12.35 48.97
C SER F 5 -67.97 -11.86 47.54
N ARG F 6 -66.80 -11.55 47.00
CA ARG F 6 -66.68 -11.32 45.57
C ARG F 6 -67.26 -9.95 45.18
N LYS F 7 -67.58 -9.13 46.17
CA LYS F 7 -68.09 -7.78 45.92
C LYS F 7 -67.23 -6.72 46.59
N ALA F 8 -67.39 -5.47 46.16
CA ALA F 8 -66.62 -4.35 46.70
C ALA F 8 -67.47 -3.09 46.82
N PHE F 9 -67.08 -2.18 47.70
CA PHE F 9 -67.76 -0.91 47.80
C PHE F 9 -67.10 0.04 46.81
N VAL F 10 -67.92 0.85 46.14
CA VAL F 10 -67.40 1.78 45.14
C VAL F 10 -67.74 3.22 45.49
N PHE F 11 -66.72 4.07 45.56
CA PHE F 11 -66.90 5.48 45.82
C PHE F 11 -66.44 6.22 44.60
N PRO F 12 -67.36 6.45 43.65
CA PRO F 12 -67.08 6.91 42.28
C PRO F 12 -66.50 8.31 42.18
N LYS F 13 -66.87 9.21 43.08
CA LYS F 13 -66.29 10.55 43.01
C LYS F 13 -65.96 11.16 44.36
N GLU F 14 -65.07 12.15 44.32
CA GLU F 14 -64.62 12.80 45.53
C GLU F 14 -65.81 13.37 46.27
N SER F 15 -65.92 13.06 47.56
CA SER F 15 -67.04 13.56 48.35
C SER F 15 -66.71 13.71 49.82
N ASP F 16 -67.68 14.25 50.54
CA ASP F 16 -67.53 14.69 51.92
C ASP F 16 -68.47 13.86 52.76
N THR F 17 -69.27 13.04 52.07
CA THR F 17 -70.54 12.56 52.61
C THR F 17 -70.76 11.09 52.40
N SER F 18 -69.95 10.51 51.53
CA SER F 18 -70.11 9.10 51.17
C SER F 18 -69.19 8.23 52.02
N TYR F 19 -69.75 7.18 52.62
CA TYR F 19 -68.95 6.29 53.46
C TYR F 19 -69.72 5.06 53.87
N VAL F 20 -69.00 4.07 54.39
CA VAL F 20 -69.62 2.88 54.92
C VAL F 20 -69.17 2.72 56.37
N SER F 21 -70.10 2.35 57.24
CA SER F 21 -69.78 2.13 58.63
C SER F 21 -69.83 0.62 58.88
N LEU F 22 -68.72 0.09 59.37
CA LEU F 22 -68.62 -1.33 59.69
C LEU F 22 -68.91 -1.55 61.17
N LYS F 23 -69.70 -2.57 61.49
CA LYS F 23 -70.11 -2.79 62.87
C LYS F 23 -69.42 -4.02 63.45
N ALA F 24 -68.66 -3.81 64.53
CA ALA F 24 -67.98 -4.90 65.21
C ALA F 24 -68.65 -5.22 66.55
N PRO F 25 -68.97 -6.50 66.77
CA PRO F 25 -69.65 -7.00 67.97
C PRO F 25 -68.68 -7.07 69.14
N LEU F 26 -67.70 -6.19 69.09
CA LEU F 26 -66.56 -6.26 69.98
C LEU F 26 -66.89 -5.96 71.44
N THR F 27 -66.26 -6.72 72.34
CA THR F 27 -66.40 -6.47 73.77
C THR F 27 -65.06 -6.13 74.42
N LYS F 28 -64.11 -7.09 74.41
CA LYS F 28 -62.81 -6.87 75.05
C LYS F 28 -62.06 -5.74 74.35
N PRO F 29 -61.41 -4.86 75.12
CA PRO F 29 -60.47 -3.95 74.46
C PRO F 29 -59.37 -4.78 73.78
N LEU F 30 -58.78 -4.23 72.72
CA LEU F 30 -57.85 -4.99 71.90
C LEU F 30 -56.41 -4.82 72.38
N LYS F 31 -55.72 -5.95 72.56
CA LYS F 31 -54.31 -5.91 72.93
C LYS F 31 -53.45 -6.40 71.77
N ALA F 32 -54.13 -6.66 70.66
CA ALA F 32 -53.51 -7.08 69.41
C ALA F 32 -54.58 -7.10 68.32
N PHE F 33 -54.18 -6.85 67.08
CA PHE F 33 -55.12 -6.99 65.97
C PHE F 33 -54.44 -7.17 64.61
N THR F 34 -55.20 -7.67 63.66
CA THR F 34 -54.77 -7.70 62.27
C THR F 34 -55.91 -7.16 61.41
N VAL F 35 -55.57 -6.31 60.44
CA VAL F 35 -56.55 -5.82 59.48
C VAL F 35 -56.09 -6.09 58.06
N CYS F 36 -56.97 -6.71 57.26
CA CYS F 36 -56.67 -6.98 55.84
C CYS F 36 -57.73 -6.36 54.94
N LEU F 37 -57.32 -5.93 53.75
CA LEU F 37 -58.27 -5.38 52.81
C LEU F 37 -57.65 -5.17 51.45
N HIS F 38 -58.50 -5.08 50.43
CA HIS F 38 -58.11 -4.75 49.07
C HIS F 38 -58.62 -3.35 48.82
N PHE F 39 -57.88 -2.56 48.07
CA PHE F 39 -58.41 -1.29 47.59
C PHE F 39 -57.78 -0.93 46.26
N TYR F 40 -58.36 0.04 45.57
CA TYR F 40 -57.90 0.38 44.24
C TYR F 40 -58.28 1.81 43.93
N THR F 41 -57.29 2.67 43.78
CA THR F 41 -57.56 4.08 43.58
C THR F 41 -56.45 4.69 42.76
N GLU F 42 -56.72 5.82 42.12
CA GLU F 42 -55.70 6.51 41.33
C GLU F 42 -55.24 7.81 42.03
N LEU F 43 -55.65 7.95 43.28
CA LEU F 43 -55.36 9.18 44.00
C LEU F 43 -53.91 9.33 44.41
N SER F 44 -53.17 8.22 44.41
CA SER F 44 -51.84 8.21 45.00
C SER F 44 -50.93 9.27 44.40
N SER F 45 -51.16 9.56 43.12
CA SER F 45 -50.33 10.54 42.41
C SER F 45 -50.63 11.99 42.81
N THR F 46 -51.89 12.24 43.20
CA THR F 46 -52.36 13.61 43.37
C THR F 46 -52.59 14.08 44.83
N ARG F 47 -52.97 13.18 45.73
CA ARG F 47 -53.20 13.57 47.13
C ARG F 47 -53.27 12.38 48.10
N GLY F 48 -53.44 12.65 49.39
CA GLY F 48 -53.52 11.60 50.39
C GLY F 48 -54.95 11.11 50.53
N TYR F 49 -55.13 9.97 51.20
CA TYR F 49 -56.48 9.40 51.41
C TYR F 49 -56.50 8.37 52.53
N SER F 50 -57.68 8.19 53.12
CA SER F 50 -57.85 7.20 54.19
C SER F 50 -58.31 5.84 53.66
N ILE F 51 -57.61 4.79 54.08
CA ILE F 51 -57.95 3.45 53.64
C ILE F 51 -58.89 2.80 54.64
N PHE F 52 -58.58 2.93 55.92
CA PHE F 52 -59.35 2.26 56.97
C PHE F 52 -59.28 3.12 58.23
N SER F 53 -60.43 3.68 58.64
CA SER F 53 -60.49 4.60 59.80
C SER F 53 -61.25 4.02 60.97
N TYR F 54 -60.56 3.89 62.09
CA TYR F 54 -61.11 3.23 63.29
C TYR F 54 -61.01 4.21 64.44
N ALA F 55 -62.16 4.77 64.86
CA ALA F 55 -62.16 5.84 65.86
C ALA F 55 -62.84 5.43 67.18
N THR F 56 -62.39 6.10 68.25
CA THR F 56 -62.94 5.94 69.59
C THR F 56 -63.49 7.29 70.03
N LYS F 57 -64.34 7.31 71.06
CA LYS F 57 -64.82 8.59 71.60
C LYS F 57 -63.62 9.46 72.01
N ARG F 58 -62.56 8.80 72.46
CA ARG F 58 -61.34 9.44 72.96
C ARG F 58 -60.29 9.72 71.88
N GLN F 59 -60.24 8.85 70.87
CA GLN F 59 -59.20 8.95 69.85
C GLN F 59 -59.77 8.74 68.43
N ASP F 60 -59.63 9.76 67.59
CA ASP F 60 -60.17 9.68 66.23
C ASP F 60 -59.34 8.75 65.34
N ASN F 61 -58.07 8.60 65.71
CA ASN F 61 -57.13 7.76 64.96
C ASN F 61 -56.65 6.60 65.81
N GLU F 62 -57.61 5.83 66.31
CA GLU F 62 -57.29 4.70 67.18
C GLU F 62 -56.58 3.65 66.34
N ILE F 63 -57.13 3.30 65.19
CA ILE F 63 -56.38 2.57 64.17
C ILE F 63 -56.60 3.25 62.83
N LEU F 64 -55.54 3.71 62.18
CA LEU F 64 -55.70 4.38 60.89
C LEU F 64 -54.69 3.96 59.83
N ILE F 65 -55.19 3.33 58.77
CA ILE F 65 -54.36 3.02 57.61
C ILE F 65 -54.63 4.10 56.58
N PHE F 66 -53.57 4.76 56.13
CA PHE F 66 -53.72 5.99 55.38
C PHE F 66 -52.61 6.07 54.35
N TRP F 67 -52.90 6.65 53.20
CA TRP F 67 -51.85 6.89 52.22
C TRP F 67 -51.54 8.37 52.22
N SER F 68 -50.29 8.73 52.53
CA SER F 68 -49.97 10.16 52.55
C SER F 68 -49.10 10.52 51.34
N LYS F 69 -49.46 11.61 50.68
CA LYS F 69 -48.93 11.90 49.35
C LYS F 69 -47.42 11.95 49.30
N ASP F 70 -46.86 11.34 48.26
CA ASP F 70 -45.42 11.42 47.98
C ASP F 70 -44.56 10.80 49.10
N ILE F 71 -45.19 10.01 49.96
CA ILE F 71 -44.48 9.33 51.04
C ILE F 71 -44.71 7.82 51.01
N GLY F 72 -45.96 7.42 51.23
CA GLY F 72 -46.33 6.01 51.24
C GLY F 72 -47.41 5.73 52.26
N TYR F 73 -47.43 4.51 52.77
CA TYR F 73 -48.43 4.13 53.76
C TYR F 73 -48.10 4.71 55.14
N SER F 74 -49.12 5.25 55.80
CA SER F 74 -48.99 5.70 57.18
C SER F 74 -49.89 4.84 58.05
N PHE F 75 -49.30 4.26 59.10
CA PHE F 75 -50.06 3.41 60.02
C PHE F 75 -50.09 4.06 61.39
N THR F 76 -51.30 4.23 61.93
CA THR F 76 -51.49 4.94 63.20
C THR F 76 -52.26 4.10 64.20
N VAL F 77 -51.68 3.98 65.39
CA VAL F 77 -52.36 3.33 66.51
C VAL F 77 -52.37 4.32 67.66
N GLY F 78 -53.56 4.54 68.24
CA GLY F 78 -53.72 5.44 69.36
C GLY F 78 -53.10 6.81 69.15
N GLY F 79 -53.19 7.32 67.93
CA GLY F 79 -52.70 8.65 67.61
C GLY F 79 -51.25 8.72 67.21
N SER F 80 -50.49 7.66 67.47
CA SER F 80 -49.07 7.62 67.09
C SER F 80 -48.88 7.03 65.69
N GLU F 81 -48.10 7.73 64.87
CA GLU F 81 -47.96 7.37 63.47
C GLU F 81 -46.55 6.86 63.14
N ILE F 82 -46.48 5.81 62.33
CA ILE F 82 -45.24 5.44 61.65
C ILE F 82 -45.48 5.36 60.15
N LEU F 83 -44.41 5.45 59.39
CA LEU F 83 -44.50 5.44 57.94
C LEU F 83 -43.91 4.18 57.33
N PHE F 84 -44.50 3.74 56.22
CA PHE F 84 -43.91 2.70 55.40
C PHE F 84 -43.74 3.26 54.00
N GLU F 85 -42.54 3.78 53.73
CA GLU F 85 -42.26 4.45 52.45
C GLU F 85 -42.60 3.59 51.25
N VAL F 86 -43.07 4.24 50.20
CA VAL F 86 -43.29 3.56 48.94
C VAL F 86 -42.90 4.47 47.80
N PRO F 87 -41.74 4.20 47.19
CA PRO F 87 -41.36 4.87 45.94
C PRO F 87 -41.91 4.07 44.78
N GLU F 88 -42.10 4.71 43.63
CA GLU F 88 -42.52 4.01 42.41
C GLU F 88 -43.81 3.23 42.61
N VAL F 89 -44.87 3.91 43.03
CA VAL F 89 -46.17 3.25 43.13
C VAL F 89 -46.69 2.83 41.74
N THR F 90 -47.39 1.70 41.67
CA THR F 90 -47.98 1.24 40.42
C THR F 90 -49.50 1.34 40.46
N VAL F 91 -50.09 1.49 39.27
CA VAL F 91 -51.53 1.60 39.15
C VAL F 91 -52.18 0.21 39.05
N ALA F 92 -52.57 -0.32 40.20
CA ALA F 92 -53.26 -1.61 40.23
C ALA F 92 -53.89 -1.79 41.60
N PRO F 93 -54.85 -2.71 41.70
CA PRO F 93 -55.44 -2.99 43.02
C PRO F 93 -54.33 -3.39 43.95
N VAL F 94 -54.45 -3.02 45.22
CA VAL F 94 -53.47 -3.34 46.24
C VAL F 94 -54.12 -4.13 47.35
N HIS F 95 -53.43 -5.13 47.87
CA HIS F 95 -53.90 -5.82 49.04
C HIS F 95 -52.97 -5.53 50.20
N ILE F 96 -53.53 -5.18 51.35
CA ILE F 96 -52.67 -4.98 52.51
C ILE F 96 -53.14 -5.76 53.73
N CYS F 97 -52.18 -6.21 54.52
CA CYS F 97 -52.44 -6.76 55.85
C CYS F 97 -51.58 -5.95 56.81
N THR F 98 -52.13 -5.61 57.95
CA THR F 98 -51.38 -4.81 58.88
C THR F 98 -51.73 -5.30 60.27
N SER F 99 -50.71 -5.41 61.13
CA SER F 99 -50.93 -5.95 62.48
C SER F 99 -50.15 -5.21 63.54
N TRP F 100 -50.63 -5.32 64.78
CA TRP F 100 -50.02 -4.65 65.92
C TRP F 100 -50.21 -5.49 67.16
N GLU F 101 -49.18 -5.55 67.99
CA GLU F 101 -49.24 -6.30 69.26
C GLU F 101 -48.83 -5.42 70.42
N SER F 102 -49.71 -5.29 71.42
CA SER F 102 -49.42 -4.44 72.57
C SER F 102 -48.19 -4.92 73.32
N ALA F 103 -48.16 -6.23 73.58
CA ALA F 103 -47.07 -6.83 74.33
C ALA F 103 -45.66 -6.39 73.88
N SER F 104 -45.46 -6.27 72.57
CA SER F 104 -44.13 -6.02 72.02
C SER F 104 -44.03 -4.67 71.32
N GLY F 105 -45.17 -4.13 70.89
CA GLY F 105 -45.22 -2.90 70.14
C GLY F 105 -44.88 -3.10 68.67
N ILE F 106 -44.73 -4.37 68.28
CA ILE F 106 -44.34 -4.68 66.92
C ILE F 106 -45.53 -4.51 65.96
N VAL F 107 -45.34 -3.69 64.93
CA VAL F 107 -46.31 -3.65 63.83
C VAL F 107 -45.74 -4.32 62.56
N GLU F 108 -46.61 -4.99 61.81
CA GLU F 108 -46.22 -5.59 60.53
C GLU F 108 -47.05 -4.93 59.47
N PHE F 109 -46.45 -4.72 58.32
CA PHE F 109 -47.21 -4.18 57.21
C PHE F 109 -46.91 -5.04 55.98
N TRP F 110 -47.95 -5.66 55.43
CA TRP F 110 -47.81 -6.51 54.24
C TRP F 110 -48.48 -5.90 53.01
N VAL F 111 -47.72 -5.79 51.92
CA VAL F 111 -48.27 -5.26 50.69
C VAL F 111 -48.24 -6.32 49.61
N ASP F 112 -49.41 -6.69 49.12
CA ASP F 112 -49.54 -7.70 48.07
C ASP F 112 -48.81 -8.99 48.45
N GLY F 113 -48.95 -9.39 49.71
CA GLY F 113 -48.42 -10.66 50.16
C GLY F 113 -46.96 -10.63 50.58
N LYS F 114 -46.31 -9.47 50.45
CA LYS F 114 -44.89 -9.34 50.80
C LYS F 114 -44.73 -8.47 52.06
N PRO F 115 -43.99 -8.97 53.05
CA PRO F 115 -43.82 -8.23 54.30
C PRO F 115 -42.87 -7.06 54.15
N ARG F 116 -43.26 -5.91 54.69
CA ARG F 116 -42.34 -4.83 54.95
C ARG F 116 -41.59 -5.18 56.23
N VAL F 117 -40.52 -4.45 56.52
CA VAL F 117 -39.77 -4.71 57.75
C VAL F 117 -40.66 -4.48 58.99
N ARG F 118 -40.34 -5.13 60.10
CA ARG F 118 -41.10 -4.90 61.33
C ARG F 118 -40.70 -3.57 62.01
N LYS F 119 -41.67 -2.91 62.61
CA LYS F 119 -41.42 -1.64 63.29
C LYS F 119 -42.10 -1.62 64.64
N SER F 120 -41.89 -0.53 65.39
CA SER F 120 -42.40 -0.45 66.75
C SER F 120 -43.42 0.67 66.88
N LEU F 121 -44.50 0.40 67.61
CA LEU F 121 -45.53 1.41 67.83
C LEU F 121 -46.38 1.10 69.05
N LYS F 122 -46.47 2.07 69.95
CA LYS F 122 -47.38 1.98 71.10
C LYS F 122 -47.28 0.68 71.91
N LYS F 123 -46.08 0.32 72.37
CA LYS F 123 -45.95 -0.84 73.22
C LYS F 123 -46.77 -0.62 74.49
N GLY F 124 -47.54 -1.63 74.89
CA GLY F 124 -48.31 -1.58 76.13
C GLY F 124 -49.64 -0.84 76.06
N TYR F 125 -49.88 -0.11 74.97
CA TYR F 125 -51.16 0.56 74.75
C TYR F 125 -52.31 -0.44 74.66
N THR F 126 -53.54 0.05 74.80
CA THR F 126 -54.73 -0.80 74.62
C THR F 126 -55.72 -0.11 73.71
N VAL F 127 -56.14 -0.80 72.66
CA VAL F 127 -57.08 -0.24 71.68
C VAL F 127 -58.52 -0.44 72.13
N GLY F 128 -59.30 0.64 72.06
CA GLY F 128 -60.68 0.63 72.55
C GLY F 128 -61.61 -0.26 71.75
N ALA F 129 -62.64 -0.80 72.40
CA ALA F 129 -63.60 -1.69 71.73
C ALA F 129 -64.88 -0.97 71.28
N GLU F 130 -65.14 0.20 71.86
CA GLU F 130 -66.27 1.02 71.46
C GLU F 130 -65.81 1.90 70.30
N ALA F 131 -65.96 1.37 69.08
CA ALA F 131 -65.35 1.99 67.92
C ALA F 131 -66.33 2.31 66.80
N SER F 132 -65.99 3.38 66.07
CA SER F 132 -66.66 3.70 64.82
C SER F 132 -65.69 3.35 63.69
N ILE F 133 -66.03 2.31 62.94
CA ILE F 133 -65.16 1.85 61.86
C ILE F 133 -65.69 2.28 60.48
N ILE F 134 -64.90 3.08 59.78
CA ILE F 134 -65.36 3.73 58.56
C ILE F 134 -64.48 3.59 57.31
N LEU F 135 -65.11 3.14 56.22
CA LEU F 135 -64.47 3.08 54.91
C LEU F 135 -64.89 4.29 54.08
N GLY F 136 -63.95 4.94 53.42
CA GLY F 136 -64.30 5.92 52.41
C GLY F 136 -64.04 7.33 52.87
N GLN F 137 -64.01 7.51 54.18
CA GLN F 137 -63.73 8.83 54.76
C GLN F 137 -62.77 8.70 55.91
N GLU F 138 -62.08 9.80 56.23
CA GLU F 138 -61.19 9.81 57.39
C GLU F 138 -61.89 10.51 58.56
N GLN F 139 -62.02 9.80 59.68
CA GLN F 139 -62.69 10.34 60.88
C GLN F 139 -61.83 11.32 61.69
N ASP F 140 -62.39 12.49 62.00
CA ASP F 140 -61.78 13.43 62.95
C ASP F 140 -62.56 13.48 64.26
N SER F 141 -63.70 12.79 64.27
CA SER F 141 -64.51 12.68 65.47
C SER F 141 -65.18 11.32 65.42
N PHE F 142 -65.67 10.86 66.56
CA PHE F 142 -66.34 9.57 66.61
C PHE F 142 -67.54 9.51 65.65
N GLY F 143 -67.32 8.97 64.45
CA GLY F 143 -68.40 8.76 63.50
C GLY F 143 -68.62 9.89 62.52
N GLY F 144 -67.70 10.87 62.48
CA GLY F 144 -67.90 11.99 61.59
C GLY F 144 -66.73 12.93 61.49
N ASN F 145 -67.03 14.16 61.08
CA ASN F 145 -66.00 15.18 60.83
C ASN F 145 -65.03 14.76 59.76
N PHE F 146 -65.58 14.41 58.60
CA PHE F 146 -64.80 13.98 57.45
C PHE F 146 -64.15 15.15 56.72
N GLU F 147 -62.98 14.90 56.13
CA GLU F 147 -62.37 15.87 55.21
C GLU F 147 -62.41 15.26 53.81
N GLY F 148 -62.88 16.06 52.84
CA GLY F 148 -62.99 15.60 51.47
C GLY F 148 -61.63 15.39 50.82
N SER F 149 -60.64 16.14 51.29
CA SER F 149 -59.29 16.01 50.74
C SER F 149 -58.62 14.72 51.26
N GLN F 150 -59.38 13.92 52.00
CA GLN F 150 -58.86 12.66 52.54
C GLN F 150 -59.77 11.48 52.25
N SER F 151 -60.75 11.69 51.37
CA SER F 151 -61.68 10.64 51.02
C SER F 151 -61.04 9.64 50.05
N LEU F 152 -61.60 8.43 50.01
CA LEU F 152 -61.12 7.40 49.09
C LEU F 152 -62.00 7.44 47.86
N VAL F 153 -61.38 7.62 46.70
CA VAL F 153 -62.13 7.55 45.45
C VAL F 153 -61.67 6.31 44.68
N GLY F 154 -62.54 5.30 44.62
CA GLY F 154 -62.21 4.06 43.98
C GLY F 154 -62.94 2.94 44.68
N ASP F 155 -62.33 1.76 44.73
CA ASP F 155 -62.99 0.60 45.32
C ASP F 155 -62.28 0.17 46.59
N ILE F 156 -63.00 -0.50 47.47
CA ILE F 156 -62.39 -1.15 48.62
C ILE F 156 -63.25 -2.34 49.03
N GLY F 157 -62.61 -3.47 49.36
CA GLY F 157 -63.34 -4.68 49.68
C GLY F 157 -62.48 -5.70 50.39
N ASN F 158 -63.01 -6.90 50.60
CA ASN F 158 -62.29 -7.92 51.36
C ASN F 158 -61.73 -7.41 52.68
N VAL F 159 -62.48 -6.57 53.36
CA VAL F 159 -62.09 -6.08 54.67
C VAL F 159 -62.32 -7.16 55.74
N ASN F 160 -61.27 -7.53 56.46
CA ASN F 160 -61.40 -8.47 57.56
C ASN F 160 -60.52 -8.03 58.73
N MET F 161 -60.93 -8.37 59.94
CA MET F 161 -60.18 -7.95 61.13
C MET F 161 -60.14 -9.05 62.15
N TRP F 162 -58.95 -9.31 62.72
CA TRP F 162 -58.84 -10.27 63.82
C TRP F 162 -58.38 -9.57 65.08
N ASP F 163 -58.62 -10.17 66.26
CA ASP F 163 -58.16 -9.57 67.53
C ASP F 163 -56.81 -10.12 67.99
N PHE F 164 -56.10 -10.78 67.07
CA PHE F 164 -54.75 -11.24 67.35
C PHE F 164 -53.85 -11.03 66.13
N VAL F 165 -52.56 -11.33 66.28
CA VAL F 165 -51.63 -11.15 65.17
C VAL F 165 -51.55 -12.39 64.30
N LEU F 166 -51.82 -12.20 63.02
CA LEU F 166 -51.68 -13.26 62.03
C LEU F 166 -50.20 -13.58 61.80
N SER F 167 -49.90 -14.88 61.75
CA SER F 167 -48.58 -15.36 61.41
C SER F 167 -48.34 -15.16 59.92
N PRO F 168 -47.06 -15.14 59.51
CA PRO F 168 -46.75 -15.00 58.08
C PRO F 168 -47.43 -16.07 57.21
N ASP F 169 -47.50 -17.31 57.68
CA ASP F 169 -48.20 -18.35 56.92
C ASP F 169 -49.68 -18.03 56.73
N GLU F 170 -50.31 -17.56 57.81
CA GLU F 170 -51.70 -17.20 57.77
C GLU F 170 -51.93 -16.05 56.79
N ILE F 171 -51.08 -15.03 56.86
CA ILE F 171 -51.21 -13.89 55.99
C ILE F 171 -51.07 -14.35 54.56
N ASN F 172 -50.16 -15.27 54.33
CA ASN F 172 -49.97 -15.75 52.97
C ASN F 172 -51.23 -16.42 52.42
N THR F 173 -51.80 -17.34 53.19
CA THR F 173 -53.00 -18.02 52.71
C THR F 173 -54.16 -17.04 52.49
N ILE F 174 -54.26 -16.01 53.31
CA ILE F 174 -55.24 -14.97 53.07
C ILE F 174 -55.04 -14.29 51.73
N TYR F 175 -53.78 -13.95 51.40
CA TYR F 175 -53.46 -13.26 50.15
C TYR F 175 -53.70 -14.16 48.95
N LEU F 176 -53.34 -15.45 49.10
CA LEU F 176 -53.45 -16.42 48.01
C LEU F 176 -54.88 -16.91 47.80
N GLY F 177 -55.76 -16.62 48.76
CA GLY F 177 -57.17 -16.93 48.62
C GLY F 177 -57.71 -18.10 49.43
N GLY F 178 -56.83 -18.83 50.11
CA GLY F 178 -57.26 -19.89 51.00
C GLY F 178 -58.33 -19.49 52.01
N PRO F 179 -58.78 -20.47 52.82
CA PRO F 179 -59.87 -20.33 53.80
C PRO F 179 -59.41 -19.71 55.12
N PHE F 180 -60.29 -18.95 55.76
CA PHE F 180 -59.96 -18.34 57.04
C PHE F 180 -61.21 -17.82 57.70
N SER F 181 -61.15 -17.63 59.02
CA SER F 181 -62.27 -17.04 59.74
C SER F 181 -61.83 -15.94 60.71
N PRO F 182 -62.08 -14.69 60.35
CA PRO F 182 -61.78 -13.52 61.17
C PRO F 182 -62.75 -13.46 62.32
N ASN F 183 -62.34 -12.94 63.46
CA ASN F 183 -63.23 -12.92 64.62
C ASN F 183 -63.62 -11.51 65.08
N VAL F 184 -63.35 -10.50 64.25
CA VAL F 184 -63.80 -9.14 64.57
C VAL F 184 -64.66 -8.60 63.43
N LEU F 185 -64.06 -8.39 62.24
CA LEU F 185 -64.84 -8.08 61.05
C LEU F 185 -64.68 -9.22 60.07
N ASN F 186 -65.82 -9.67 59.51
CA ASN F 186 -65.80 -10.76 58.52
C ASN F 186 -66.50 -10.34 57.23
N TRP F 187 -65.75 -10.25 56.14
CA TRP F 187 -66.30 -9.82 54.86
C TRP F 187 -67.46 -10.73 54.44
N ARG F 188 -67.40 -11.99 54.84
CA ARG F 188 -68.41 -12.98 54.49
C ARG F 188 -69.65 -12.96 55.42
N ALA F 189 -69.58 -12.17 56.48
CA ALA F 189 -70.71 -11.96 57.40
C ALA F 189 -70.60 -10.55 57.93
N LEU F 190 -70.76 -9.57 57.05
CA LEU F 190 -70.48 -8.18 57.36
C LEU F 190 -71.76 -7.42 57.76
N LYS F 191 -71.73 -6.79 58.93
CA LYS F 191 -72.82 -5.90 59.32
C LYS F 191 -72.37 -4.48 59.05
N TYR F 192 -73.03 -3.82 58.11
CA TYR F 192 -72.61 -2.48 57.70
C TYR F 192 -73.78 -1.56 57.40
N GLU F 193 -73.47 -0.27 57.29
CA GLU F 193 -74.48 0.73 57.02
C GLU F 193 -73.90 1.74 56.02
N VAL F 194 -74.65 2.02 54.96
CA VAL F 194 -74.14 2.90 53.92
C VAL F 194 -74.71 4.30 54.03
N GLN F 195 -73.89 5.29 53.69
CA GLN F 195 -74.33 6.68 53.68
C GLN F 195 -73.82 7.34 52.42
N GLY F 196 -74.71 7.97 51.68
CA GLY F 196 -74.30 8.77 50.54
C GLY F 196 -74.06 7.95 49.28
N GLU F 197 -73.15 8.45 48.45
CA GLU F 197 -72.90 7.92 47.11
C GLU F 197 -71.94 6.72 47.13
N VAL F 198 -72.46 5.56 47.56
CA VAL F 198 -71.67 4.35 47.67
C VAL F 198 -72.39 3.20 47.01
N PHE F 199 -71.68 2.46 46.16
CA PHE F 199 -72.31 1.35 45.47
C PHE F 199 -71.64 0.01 45.72
N THR F 200 -72.42 -1.06 45.55
CA THR F 200 -71.90 -2.40 45.69
C THR F 200 -71.80 -3.01 44.29
N LYS F 201 -70.58 -3.33 43.86
CA LYS F 201 -70.32 -3.91 42.54
C LYS F 201 -69.41 -5.10 42.66
N PRO F 202 -69.33 -5.93 41.60
CA PRO F 202 -68.37 -7.05 41.57
C PRO F 202 -66.94 -6.52 41.66
N GLN F 203 -66.07 -7.22 42.40
CA GLN F 203 -64.72 -6.73 42.64
C GLN F 203 -63.89 -6.75 41.35
N LEU F 204 -63.01 -5.76 41.23
CA LEU F 204 -62.13 -5.64 40.07
C LEU F 204 -60.85 -6.46 40.18
N TRP F 205 -60.55 -6.92 41.39
CA TRP F 205 -59.38 -7.76 41.57
C TRP F 205 -59.76 -9.24 41.60
N PRO F 206 -58.78 -10.11 41.32
CA PRO F 206 -59.00 -11.56 41.35
C PRO F 206 -59.48 -12.02 42.73
N GLN G 1 -76.29 -6.89 7.01
CA GLN G 1 -75.59 -7.64 8.06
C GLN G 1 -74.39 -8.42 7.51
N THR G 2 -73.19 -7.88 7.71
CA THR G 2 -72.00 -8.60 7.31
C THR G 2 -71.32 -9.22 8.53
N ASP G 3 -70.78 -10.42 8.38
CA ASP G 3 -69.97 -11.03 9.44
C ASP G 3 -68.53 -10.55 9.28
N MET G 4 -68.15 -9.60 10.13
CA MET G 4 -66.82 -9.03 10.08
C MET G 4 -65.78 -9.84 10.87
N SER G 5 -66.16 -11.05 11.30
CA SER G 5 -65.28 -11.88 12.09
C SER G 5 -63.90 -11.95 11.49
N ARG G 6 -62.90 -11.67 12.33
CA ARG G 6 -61.52 -11.91 11.93
C ARG G 6 -61.03 -10.85 10.90
N LYS G 7 -61.84 -9.79 10.70
CA LYS G 7 -61.48 -8.72 9.80
C LYS G 7 -61.48 -7.36 10.49
N ALA G 8 -60.81 -6.39 9.89
CA ALA G 8 -60.70 -5.06 10.49
C ALA G 8 -60.76 -3.99 9.41
N PHE G 9 -61.14 -2.78 9.81
CA PHE G 9 -61.10 -1.65 8.89
C PHE G 9 -59.73 -1.00 8.93
N VAL G 10 -59.22 -0.63 7.76
CA VAL G 10 -57.89 -0.05 7.65
C VAL G 10 -57.95 1.36 7.07
N PHE G 11 -57.40 2.31 7.80
CA PHE G 11 -57.30 3.69 7.37
C PHE G 11 -55.83 3.99 7.19
N PRO G 12 -55.30 3.73 5.99
CA PRO G 12 -53.87 3.74 5.69
C PRO G 12 -53.18 5.10 5.79
N LYS G 13 -53.88 6.20 5.51
CA LYS G 13 -53.25 7.52 5.65
C LYS G 13 -54.15 8.58 6.23
N GLU G 14 -53.51 9.63 6.76
CA GLU G 14 -54.23 10.72 7.40
C GLU G 14 -55.19 11.32 6.40
N SER G 15 -56.43 11.52 6.81
CA SER G 15 -57.42 12.07 5.90
C SER G 15 -58.55 12.76 6.62
N ASP G 16 -59.43 13.35 5.82
CA ASP G 16 -60.46 14.26 6.27
C ASP G 16 -61.79 13.61 5.91
N THR G 17 -61.70 12.52 5.16
CA THR G 17 -62.78 12.08 4.31
C THR G 17 -63.09 10.61 4.46
N SER G 18 -62.16 9.89 5.06
CA SER G 18 -62.28 8.45 5.17
C SER G 18 -62.91 8.08 6.50
N TYR G 19 -63.96 7.25 6.45
CA TYR G 19 -64.62 6.81 7.68
C TYR G 19 -65.61 5.68 7.46
N VAL G 20 -66.06 5.08 8.55
CA VAL G 20 -67.08 4.05 8.47
C VAL G 20 -68.22 4.45 9.38
N SER G 21 -69.44 4.29 8.88
CA SER G 21 -70.63 4.60 9.67
C SER G 21 -71.27 3.28 10.09
N LEU G 22 -71.45 3.13 11.40
CA LEU G 22 -72.03 1.92 11.96
C LEU G 22 -73.49 2.20 12.27
N LYS G 23 -74.36 1.28 11.88
CA LYS G 23 -75.81 1.47 12.02
C LYS G 23 -76.37 0.64 13.16
N ALA G 24 -76.99 1.31 14.12
CA ALA G 24 -77.62 0.64 15.24
C ALA G 24 -79.15 0.71 15.15
N PRO G 25 -79.81 -0.45 15.27
CA PRO G 25 -81.26 -0.61 15.17
C PRO G 25 -81.94 -0.10 16.44
N LEU G 26 -81.28 0.84 17.10
CA LEU G 26 -81.64 1.24 18.45
C LEU G 26 -82.97 1.99 18.54
N THR G 27 -83.72 1.67 19.57
CA THR G 27 -84.98 2.37 19.84
C THR G 27 -84.93 3.11 21.19
N LYS G 28 -84.83 2.36 22.30
CA LYS G 28 -84.82 2.97 23.63
C LYS G 28 -83.62 3.88 23.80
N PRO G 29 -83.82 5.06 24.41
CA PRO G 29 -82.64 5.82 24.81
C PRO G 29 -81.83 4.98 25.79
N LEU G 30 -80.52 5.19 25.84
CA LEU G 30 -79.62 4.37 26.64
C LEU G 30 -79.47 4.90 28.06
N LYS G 31 -79.69 4.02 29.04
CA LYS G 31 -79.44 4.35 30.44
C LYS G 31 -78.19 3.65 30.98
N ALA G 32 -77.52 2.94 30.08
CA ALA G 32 -76.30 2.20 30.36
C ALA G 32 -75.76 1.65 29.05
N PHE G 33 -74.44 1.50 28.94
CA PHE G 33 -73.89 0.86 27.76
C PHE G 33 -72.49 0.34 28.00
N THR G 34 -72.06 -0.57 27.13
CA THR G 34 -70.67 -1.01 27.08
C THR G 34 -70.21 -1.02 25.62
N VAL G 35 -68.99 -0.54 25.40
CA VAL G 35 -68.41 -0.56 24.04
C VAL G 35 -67.04 -1.22 24.10
N CYS G 36 -66.81 -2.17 23.20
CA CYS G 36 -65.53 -2.86 23.12
C CYS G 36 -64.97 -2.77 21.71
N LEU G 37 -63.66 -2.67 21.59
CA LEU G 37 -63.05 -2.66 20.27
C LEU G 37 -61.56 -2.87 20.34
N HIS G 38 -60.97 -3.25 19.21
CA HIS G 38 -59.54 -3.35 19.05
C HIS G 38 -59.11 -2.23 18.13
N PHE G 39 -57.97 -1.62 18.39
CA PHE G 39 -57.43 -0.69 17.41
C PHE G 39 -55.92 -0.74 17.46
N TYR G 40 -55.28 -0.20 16.44
CA TYR G 40 -53.83 -0.26 16.34
C TYR G 40 -53.34 0.93 15.54
N THR G 41 -52.64 1.85 16.20
CA THR G 41 -52.14 3.03 15.50
C THR G 41 -50.80 3.45 16.07
N GLU G 42 -50.01 4.17 15.29
CA GLU G 42 -48.75 4.72 15.78
C GLU G 42 -48.83 6.22 16.09
N LEU G 43 -50.05 6.76 16.11
CA LEU G 43 -50.26 8.18 16.28
C LEU G 43 -50.02 8.69 17.70
N SER G 44 -50.04 7.78 18.67
CA SER G 44 -50.04 8.17 20.09
C SER G 44 -48.88 9.10 20.44
N SER G 45 -47.75 8.88 19.77
CA SER G 45 -46.53 9.65 20.01
C SER G 45 -46.61 11.08 19.47
N THR G 46 -47.38 11.27 18.39
CA THR G 46 -47.35 12.53 17.64
C THR G 46 -48.59 13.43 17.76
N ARG G 47 -49.79 12.86 17.95
CA ARG G 47 -51.00 13.68 18.08
C ARG G 47 -52.19 12.91 18.63
N GLY G 48 -53.31 13.59 18.82
CA GLY G 48 -54.52 12.96 19.31
C GLY G 48 -55.33 12.31 18.20
N TYR G 49 -56.31 11.48 18.56
CA TYR G 49 -57.17 10.80 17.59
C TYR G 49 -58.43 10.23 18.20
N SER G 50 -59.46 10.09 17.37
CA SER G 50 -60.72 9.54 17.81
C SER G 50 -60.75 8.04 17.59
N ILE G 51 -61.15 7.32 18.63
CA ILE G 51 -61.28 5.88 18.54
C ILE G 51 -62.70 5.43 18.19
N PHE G 52 -63.68 6.06 18.82
CA PHE G 52 -65.09 5.70 18.65
C PHE G 52 -65.92 6.97 18.86
N SER G 53 -66.56 7.47 17.79
CA SER G 53 -67.36 8.70 17.87
C SER G 53 -68.87 8.44 17.69
N TYR G 54 -69.63 8.81 18.70
CA TYR G 54 -71.06 8.53 18.74
C TYR G 54 -71.77 9.87 18.95
N ALA G 55 -72.44 10.34 17.90
CA ALA G 55 -73.04 11.68 17.93
C ALA G 55 -74.57 11.66 17.86
N THR G 56 -75.16 12.71 18.44
CA THR G 56 -76.61 12.95 18.43
C THR G 56 -76.84 14.26 17.68
N LYS G 57 -78.09 14.52 17.26
CA LYS G 57 -78.41 15.81 16.63
C LYS G 57 -78.09 16.96 17.62
N ARG G 58 -78.27 16.66 18.91
CA ARG G 58 -78.06 17.62 20.00
C ARG G 58 -76.62 17.65 20.54
N GLN G 59 -75.93 16.52 20.49
CA GLN G 59 -74.59 16.39 21.09
C GLN G 59 -73.60 15.62 20.20
N ASP G 60 -72.53 16.29 19.78
CA ASP G 60 -71.58 15.67 18.86
C ASP G 60 -70.70 14.65 19.57
N ASN G 61 -70.61 14.80 20.89
CA ASN G 61 -69.82 13.88 21.71
C ASN G 61 -70.71 13.19 22.73
N GLU G 62 -71.73 12.48 22.22
CA GLU G 62 -72.67 11.79 23.09
C GLU G 62 -71.94 10.65 23.77
N ILE G 63 -71.23 9.85 22.98
CA ILE G 63 -70.23 8.92 23.51
C ILE G 63 -68.93 9.05 22.70
N LEU G 64 -67.83 9.41 23.37
CA LEU G 64 -66.56 9.55 22.65
C LEU G 64 -65.39 8.93 23.38
N ILE G 65 -64.79 7.94 22.74
CA ILE G 65 -63.53 7.37 23.18
C ILE G 65 -62.43 7.96 22.32
N PHE G 66 -61.47 8.59 22.97
CA PHE G 66 -60.52 9.44 22.27
C PHE G 66 -59.15 9.30 22.91
N TRP G 67 -58.10 9.42 22.13
CA TRP G 67 -56.76 9.46 22.70
C TRP G 67 -56.25 10.89 22.61
N SER G 68 -55.98 11.52 23.75
CA SER G 68 -55.44 12.88 23.67
C SER G 68 -53.94 12.92 23.97
N LYS G 69 -53.21 13.65 23.15
CA LYS G 69 -51.75 13.52 23.12
C LYS G 69 -51.10 13.79 24.47
N ASP G 70 -50.12 12.96 24.80
CA ASP G 70 -49.33 13.15 26.02
C ASP G 70 -50.17 13.10 27.30
N ILE G 71 -51.38 12.54 27.22
CA ILE G 71 -52.22 12.39 28.41
C ILE G 71 -52.69 10.95 28.61
N GLY G 72 -53.46 10.45 27.64
CA GLY G 72 -54.01 9.11 27.69
C GLY G 72 -55.38 9.05 27.09
N TYR G 73 -56.19 8.10 27.57
CA TYR G 73 -57.55 7.93 27.06
C TYR G 73 -58.48 8.97 27.64
N SER G 74 -59.30 9.55 26.78
CA SER G 74 -60.34 10.47 27.19
C SER G 74 -61.70 9.83 26.88
N PHE G 75 -62.57 9.79 27.88
CA PHE G 75 -63.89 9.19 27.71
C PHE G 75 -64.92 10.26 27.95
N THR G 76 -65.82 10.43 26.98
CA THR G 76 -66.80 11.49 27.05
C THR G 76 -68.22 10.94 26.92
N VAL G 77 -69.09 11.32 27.85
CA VAL G 77 -70.51 11.01 27.75
C VAL G 77 -71.30 12.32 27.86
N GLY G 78 -72.20 12.56 26.90
CA GLY G 78 -73.01 13.76 26.88
C GLY G 78 -72.21 15.05 26.99
N GLY G 79 -71.06 15.09 26.33
CA GLY G 79 -70.24 16.29 26.37
C GLY G 79 -69.27 16.42 27.55
N SER G 80 -69.52 15.69 28.64
CA SER G 80 -68.61 15.68 29.81
C SER G 80 -67.46 14.65 29.68
N GLU G 81 -66.25 15.11 29.93
CA GLU G 81 -65.04 14.33 29.70
C GLU G 81 -64.35 13.97 31.02
N ILE G 82 -63.91 12.72 31.13
CA ILE G 82 -62.93 12.34 32.15
C ILE G 82 -61.73 11.70 31.48
N LEU G 83 -60.60 11.70 32.17
CA LEU G 83 -59.39 11.17 31.60
C LEU G 83 -58.99 9.87 32.26
N PHE G 84 -58.33 9.01 31.49
CA PHE G 84 -57.63 7.86 32.04
C PHE G 84 -56.18 7.94 31.61
N GLU G 85 -55.33 8.48 32.47
CA GLU G 85 -53.92 8.70 32.15
C GLU G 85 -53.22 7.44 31.70
N VAL G 86 -52.29 7.60 30.78
CA VAL G 86 -51.44 6.51 30.35
C VAL G 86 -50.04 7.02 30.09
N PRO G 87 -49.14 6.72 31.02
CA PRO G 87 -47.72 6.96 30.80
C PRO G 87 -47.11 5.71 30.14
N GLU G 88 -46.00 5.89 29.43
CA GLU G 88 -45.27 4.76 28.83
C GLU G 88 -46.15 3.91 27.91
N VAL G 89 -46.76 4.54 26.92
CA VAL G 89 -47.52 3.76 25.94
C VAL G 89 -46.61 2.82 25.14
N THR G 90 -47.13 1.64 24.80
CA THR G 90 -46.38 0.70 23.98
C THR G 90 -46.96 0.59 22.56
N VAL G 91 -46.11 0.25 21.60
CA VAL G 91 -46.53 0.09 20.21
C VAL G 91 -47.06 -1.33 19.95
N ALA G 92 -48.36 -1.49 20.16
CA ALA G 92 -49.02 -2.76 19.89
C ALA G 92 -50.53 -2.55 19.77
N PRO G 93 -51.23 -3.51 19.13
CA PRO G 93 -52.69 -3.41 19.12
C PRO G 93 -53.19 -3.29 20.55
N VAL G 94 -54.23 -2.49 20.75
CA VAL G 94 -54.84 -2.31 22.05
C VAL G 94 -56.31 -2.71 22.01
N HIS G 95 -56.76 -3.39 23.04
CA HIS G 95 -58.17 -3.72 23.16
C HIS G 95 -58.76 -2.92 24.31
N ILE G 96 -59.89 -2.26 24.09
CA ILE G 96 -60.53 -1.55 25.18
C ILE G 96 -61.99 -1.94 25.34
N CYS G 97 -62.43 -1.93 26.58
CA CYS G 97 -63.84 -2.03 26.93
C CYS G 97 -64.15 -0.84 27.81
N THR G 98 -65.25 -0.18 27.56
CA THR G 98 -65.59 0.98 28.35
C THR G 98 -67.08 0.94 28.58
N SER G 99 -67.50 1.27 29.80
CA SER G 99 -68.90 1.21 30.17
C SER G 99 -69.33 2.40 31.04
N TRP G 100 -70.64 2.66 31.03
CA TRP G 100 -71.23 3.76 31.78
C TRP G 100 -72.64 3.39 32.22
N GLU G 101 -72.99 3.79 33.43
CA GLU G 101 -74.32 3.50 33.98
C GLU G 101 -74.95 4.79 34.50
N SER G 102 -76.13 5.13 33.98
CA SER G 102 -76.83 6.35 34.40
C SER G 102 -77.16 6.33 35.90
N ALA G 103 -77.70 5.21 36.34
CA ALA G 103 -78.11 5.06 37.73
C ALA G 103 -77.03 5.53 38.74
N SER G 104 -75.77 5.20 38.48
CA SER G 104 -74.70 5.45 39.45
C SER G 104 -73.70 6.50 38.97
N GLY G 105 -73.59 6.65 37.65
CA GLY G 105 -72.63 7.56 37.05
C GLY G 105 -71.26 6.93 36.95
N ILE G 106 -71.19 5.63 37.28
CA ILE G 106 -69.93 4.89 37.26
C ILE G 106 -69.49 4.56 35.85
N VAL G 107 -68.27 4.97 35.47
CA VAL G 107 -67.70 4.49 34.22
C VAL G 107 -66.54 3.53 34.51
N GLU G 108 -66.40 2.49 33.68
CA GLU G 108 -65.28 1.58 33.77
C GLU G 108 -64.47 1.69 32.50
N PHE G 109 -63.15 1.59 32.61
CA PHE G 109 -62.35 1.59 31.42
C PHE G 109 -61.37 0.43 31.54
N TRP G 110 -61.45 -0.50 30.60
CA TRP G 110 -60.58 -1.69 30.58
C TRP G 110 -59.60 -1.64 29.42
N VAL G 111 -58.30 -1.76 29.72
CA VAL G 111 -57.28 -1.80 28.69
C VAL G 111 -56.58 -3.17 28.65
N ASP G 112 -56.70 -3.85 27.53
CA ASP G 112 -56.10 -5.16 27.35
C ASP G 112 -56.52 -6.14 28.46
N GLY G 113 -57.79 -6.08 28.85
CA GLY G 113 -58.33 -7.01 29.81
C GLY G 113 -58.15 -6.62 31.27
N LYS G 114 -57.46 -5.52 31.52
CA LYS G 114 -57.19 -5.04 32.88
C LYS G 114 -58.00 -3.79 33.21
N PRO G 115 -58.69 -3.78 34.35
CA PRO G 115 -59.55 -2.66 34.69
C PRO G 115 -58.76 -1.49 35.23
N ARG G 116 -59.08 -0.30 34.75
CA ARG G 116 -58.64 0.94 35.34
C ARG G 116 -59.57 1.17 36.51
N VAL G 117 -59.25 2.15 37.35
CA VAL G 117 -60.09 2.40 38.50
C VAL G 117 -61.47 2.90 38.02
N ARG G 118 -62.48 2.76 38.88
CA ARG G 118 -63.80 3.26 38.53
C ARG G 118 -63.91 4.76 38.75
N LYS G 119 -64.65 5.43 37.87
CA LYS G 119 -64.80 6.88 37.96
C LYS G 119 -66.28 7.28 37.79
N SER G 120 -66.55 8.57 37.91
CA SER G 120 -67.94 9.07 37.87
C SER G 120 -68.15 10.02 36.72
N LEU G 121 -69.28 9.86 36.04
CA LEU G 121 -69.58 10.68 34.87
C LEU G 121 -71.07 10.69 34.55
N LYS G 122 -71.66 11.89 34.51
CA LYS G 122 -73.04 12.08 34.08
C LYS G 122 -74.06 11.16 34.77
N LYS G 123 -74.08 11.16 36.09
CA LYS G 123 -75.10 10.39 36.81
C LYS G 123 -76.49 10.90 36.43
N GLY G 124 -77.38 9.98 36.10
CA GLY G 124 -78.76 10.33 35.77
C GLY G 124 -79.02 10.82 34.35
N TYR G 125 -77.96 11.05 33.59
CA TYR G 125 -78.09 11.46 32.19
C TYR G 125 -78.72 10.34 31.37
N THR G 126 -79.14 10.67 30.15
CA THR G 126 -79.69 9.64 29.26
C THR G 126 -79.08 9.82 27.87
N VAL G 127 -78.52 8.75 27.32
CA VAL G 127 -77.87 8.81 26.01
C VAL G 127 -78.85 8.57 24.90
N GLY G 128 -78.83 9.44 23.89
CA GLY G 128 -79.80 9.39 22.80
C GLY G 128 -79.68 8.13 21.96
N ALA G 129 -80.78 7.69 21.36
CA ALA G 129 -80.79 6.50 20.49
C ALA G 129 -80.72 6.82 18.99
N GLU G 130 -81.00 8.08 18.63
CA GLU G 130 -80.88 8.53 17.25
C GLU G 130 -79.44 9.02 17.05
N ALA G 131 -78.58 8.08 16.66
CA ALA G 131 -77.15 8.33 16.69
C ALA G 131 -76.44 8.10 15.37
N SER G 132 -75.37 8.86 15.16
CA SER G 132 -74.44 8.65 14.07
C SER G 132 -73.16 8.11 14.69
N ILE G 133 -72.87 6.84 14.42
CA ILE G 133 -71.72 6.17 15.00
C ILE G 133 -70.62 6.02 13.95
N ILE G 134 -69.46 6.63 14.23
CA ILE G 134 -68.41 6.71 13.22
C ILE G 134 -67.02 6.28 13.68
N LEU G 135 -66.41 5.41 12.88
CA LEU G 135 -65.03 4.96 13.07
C LEU G 135 -64.13 5.71 12.10
N GLY G 136 -63.00 6.25 12.59
CA GLY G 136 -61.99 6.78 11.72
C GLY G 136 -61.91 8.29 11.68
N GLN G 137 -63.01 8.92 12.10
CA GLN G 137 -63.07 10.38 12.19
C GLN G 137 -63.77 10.80 13.48
N GLU G 138 -63.50 12.03 13.91
CA GLU G 138 -64.17 12.55 15.09
C GLU G 138 -65.25 13.51 14.62
N GLN G 139 -66.49 13.24 15.05
CA GLN G 139 -67.64 14.05 14.68
C GLN G 139 -67.74 15.37 15.46
N ASP G 140 -67.90 16.48 14.73
CA ASP G 140 -68.28 17.76 15.34
C ASP G 140 -69.72 18.15 15.04
N SER G 141 -70.36 17.38 14.17
CA SER G 141 -71.77 17.54 13.88
C SER G 141 -72.36 16.14 13.64
N PHE G 142 -73.68 16.03 13.67
CA PHE G 142 -74.31 14.75 13.42
C PHE G 142 -73.94 14.21 12.03
N GLY G 143 -72.94 13.33 11.99
CA GLY G 143 -72.60 12.63 10.76
C GLY G 143 -71.52 13.32 9.96
N GLY G 144 -70.89 14.35 10.53
CA GLY G 144 -69.87 15.05 9.77
C GLY G 144 -69.05 16.08 10.54
N ASN G 145 -68.46 17.01 9.78
CA ASN G 145 -67.57 18.03 10.33
C ASN G 145 -66.33 17.43 11.00
N PHE G 146 -65.61 16.66 10.21
CA PHE G 146 -64.46 15.92 10.70
C PHE G 146 -63.25 16.83 10.76
N GLU G 147 -62.36 16.57 11.71
CA GLU G 147 -61.05 17.24 11.72
C GLU G 147 -59.97 16.19 11.39
N GLY G 148 -59.10 16.52 10.46
CA GLY G 148 -58.06 15.60 10.03
C GLY G 148 -57.01 15.37 11.10
N SER G 149 -56.84 16.37 11.97
CA SER G 149 -55.89 16.26 13.06
C SER G 149 -56.43 15.34 14.16
N GLN G 150 -57.60 14.75 13.91
CA GLN G 150 -58.21 13.88 14.90
C GLN G 150 -58.61 12.55 14.31
N SER G 151 -58.18 12.30 13.09
CA SER G 151 -58.50 11.05 12.39
C SER G 151 -57.68 9.89 12.94
N LEU G 152 -58.20 8.68 12.79
CA LEU G 152 -57.46 7.47 13.15
C LEU G 152 -56.71 6.94 11.94
N VAL G 153 -55.40 6.79 12.08
CA VAL G 153 -54.60 6.18 11.01
C VAL G 153 -54.08 4.83 11.52
N GLY G 154 -54.58 3.76 10.92
CA GLY G 154 -54.26 2.41 11.37
C GLY G 154 -55.47 1.50 11.25
N ASP G 155 -55.57 0.51 12.12
CA ASP G 155 -56.67 -0.46 12.02
C ASP G 155 -57.61 -0.32 13.18
N ILE G 156 -58.86 -0.72 12.96
CA ILE G 156 -59.81 -0.83 14.06
C ILE G 156 -60.82 -1.91 13.74
N GLY G 157 -61.18 -2.72 14.72
CA GLY G 157 -62.06 -3.84 14.48
C GLY G 157 -62.66 -4.39 15.77
N ASN G 158 -63.33 -5.54 15.67
CA ASN G 158 -64.02 -6.11 16.82
C ASN G 158 -64.84 -5.12 17.63
N VAL G 159 -65.55 -4.24 16.93
CA VAL G 159 -66.38 -3.25 17.59
C VAL G 159 -67.69 -3.87 18.00
N ASN G 160 -68.03 -3.77 19.28
CA ASN G 160 -69.27 -4.32 19.78
C ASN G 160 -69.84 -3.39 20.83
N MET G 161 -71.18 -3.33 20.93
CA MET G 161 -71.83 -2.45 21.89
C MET G 161 -73.03 -3.12 22.55
N TRP G 162 -73.16 -2.96 23.87
CA TRP G 162 -74.33 -3.48 24.57
C TRP G 162 -75.07 -2.31 25.23
N ASP G 163 -76.34 -2.52 25.54
CA ASP G 163 -77.12 -1.47 26.19
C ASP G 163 -77.15 -1.61 27.72
N PHE G 164 -76.23 -2.41 28.23
CA PHE G 164 -76.07 -2.54 29.68
C PHE G 164 -74.59 -2.64 30.03
N VAL G 165 -74.30 -2.70 31.33
CA VAL G 165 -72.92 -2.78 31.79
C VAL G 165 -72.46 -4.23 31.91
N LEU G 166 -71.38 -4.53 31.19
CA LEU G 166 -70.74 -5.84 31.27
C LEU G 166 -70.04 -6.01 32.62
N SER G 167 -70.20 -7.21 33.18
CA SER G 167 -69.53 -7.57 34.41
C SER G 167 -68.06 -7.86 34.14
N PRO G 168 -67.22 -7.78 35.18
CA PRO G 168 -65.80 -8.11 34.99
C PRO G 168 -65.59 -9.48 34.36
N ASP G 169 -66.37 -10.48 34.74
CA ASP G 169 -66.21 -11.80 34.16
C ASP G 169 -66.55 -11.78 32.68
N GLU G 170 -67.61 -11.05 32.32
CA GLU G 170 -68.02 -10.95 30.92
C GLU G 170 -66.92 -10.25 30.10
N ILE G 171 -66.42 -9.14 30.64
CA ILE G 171 -65.39 -8.40 29.93
C ILE G 171 -64.18 -9.29 29.72
N ASN G 172 -63.87 -10.10 30.74
CA ASN G 172 -62.73 -10.99 30.60
C ASN G 172 -62.92 -11.99 29.46
N THR G 173 -64.08 -12.65 29.39
CA THR G 173 -64.29 -13.63 28.34
C THR G 173 -64.29 -12.96 26.96
N ILE G 174 -64.74 -11.71 26.88
CA ILE G 174 -64.66 -11.00 25.62
C ILE G 174 -63.21 -10.76 25.18
N TYR G 175 -62.36 -10.36 26.12
CA TYR G 175 -60.95 -10.15 25.82
C TYR G 175 -60.23 -11.44 25.44
N LEU G 176 -60.50 -12.51 26.19
CA LEU G 176 -59.83 -13.79 25.98
C LEU G 176 -60.36 -14.52 24.74
N GLY G 177 -61.48 -14.07 24.20
CA GLY G 177 -61.99 -14.65 22.98
C GLY G 177 -63.24 -15.51 23.06
N GLY G 178 -63.69 -15.87 24.25
CA GLY G 178 -64.94 -16.60 24.38
C GLY G 178 -66.16 -16.06 23.62
N PRO G 179 -67.30 -16.75 23.73
CA PRO G 179 -68.55 -16.43 23.05
C PRO G 179 -69.34 -15.32 23.75
N PHE G 180 -70.06 -14.52 22.97
CA PHE G 180 -70.91 -13.48 23.54
C PHE G 180 -71.85 -12.95 22.45
N SER G 181 -72.93 -12.29 22.85
CA SER G 181 -73.84 -11.66 21.91
C SER G 181 -74.24 -10.25 22.35
N PRO G 182 -73.65 -9.24 21.70
CA PRO G 182 -73.94 -7.83 21.94
C PRO G 182 -75.31 -7.48 21.37
N ASN G 183 -76.02 -6.53 21.98
CA ASN G 183 -77.39 -6.26 21.54
C ASN G 183 -77.57 -4.86 20.96
N VAL G 184 -76.48 -4.19 20.63
CA VAL G 184 -76.58 -2.89 19.99
C VAL G 184 -75.73 -2.88 18.71
N LEU G 185 -74.42 -3.06 18.84
CA LEU G 185 -73.58 -3.27 17.68
C LEU G 185 -72.97 -4.66 17.81
N ASN G 186 -72.99 -5.43 16.71
CA ASN G 186 -72.42 -6.78 16.69
C ASN G 186 -71.46 -6.95 15.50
N TRP G 187 -70.19 -7.18 15.80
CA TRP G 187 -69.16 -7.29 14.78
C TRP G 187 -69.47 -8.44 13.85
N ARG G 188 -70.18 -9.45 14.38
CA ARG G 188 -70.54 -10.63 13.60
C ARG G 188 -71.81 -10.48 12.74
N ALA G 189 -72.53 -9.38 12.95
CA ALA G 189 -73.68 -9.01 12.14
C ALA G 189 -73.72 -7.49 12.06
N LEU G 190 -72.73 -6.92 11.37
CA LEU G 190 -72.54 -5.48 11.36
C LEU G 190 -73.18 -4.82 10.12
N LYS G 191 -74.04 -3.83 10.35
CA LYS G 191 -74.56 -3.03 9.27
C LYS G 191 -73.76 -1.73 9.21
N TYR G 192 -73.03 -1.54 8.11
CA TYR G 192 -72.14 -0.40 8.03
C TYR G 192 -72.07 0.17 6.61
N GLU G 193 -71.51 1.38 6.51
CA GLU G 193 -71.37 2.06 5.23
C GLU G 193 -69.99 2.68 5.19
N VAL G 194 -69.29 2.50 4.08
CA VAL G 194 -67.94 3.03 3.99
C VAL G 194 -67.86 4.30 3.13
N GLN G 195 -66.99 5.21 3.52
CA GLN G 195 -66.77 6.43 2.76
C GLN G 195 -65.28 6.71 2.64
N GLY G 196 -64.81 6.87 1.42
CA GLY G 196 -63.43 7.28 1.23
C GLY G 196 -62.46 6.12 1.24
N GLU G 197 -61.24 6.42 1.67
CA GLU G 197 -60.12 5.51 1.61
C GLU G 197 -60.10 4.57 2.83
N VAL G 198 -61.01 3.59 2.84
CA VAL G 198 -61.12 2.61 3.92
C VAL G 198 -61.12 1.18 3.36
N PHE G 199 -60.32 0.30 3.95
CA PHE G 199 -60.22 -1.04 3.39
C PHE G 199 -60.54 -2.09 4.42
N THR G 200 -60.95 -3.26 3.96
CA THR G 200 -61.22 -4.37 4.85
C THR G 200 -60.15 -5.42 4.64
N LYS G 201 -59.40 -5.70 5.70
CA LYS G 201 -58.29 -6.66 5.66
C LYS G 201 -58.37 -7.59 6.88
N PRO G 202 -57.64 -8.72 6.84
CA PRO G 202 -57.53 -9.63 7.98
C PRO G 202 -56.91 -8.92 9.17
N GLN G 203 -57.40 -9.19 10.38
CA GLN G 203 -56.92 -8.43 11.53
C GLN G 203 -55.48 -8.77 11.88
N LEU G 204 -54.78 -7.77 12.39
CA LEU G 204 -53.38 -7.93 12.78
C LEU G 204 -53.20 -8.49 14.19
N TRP G 205 -54.24 -8.41 14.99
CA TRP G 205 -54.20 -8.93 16.34
C TRP G 205 -54.77 -10.34 16.39
N PRO G 206 -54.41 -11.10 17.43
CA PRO G 206 -54.92 -12.46 17.61
C PRO G 206 -56.42 -12.47 17.79
N GLN H 1 -30.28 -24.12 -9.09
CA GLN H 1 -31.12 -24.22 -7.91
C GLN H 1 -30.39 -24.86 -6.75
N THR H 2 -29.98 -24.05 -5.78
CA THR H 2 -29.33 -24.58 -4.59
C THR H 2 -30.28 -24.54 -3.39
N ASP H 3 -30.22 -25.57 -2.55
CA ASP H 3 -30.99 -25.56 -1.32
C ASP H 3 -30.16 -24.86 -0.26
N MET H 4 -30.53 -23.62 0.06
CA MET H 4 -29.81 -22.82 1.04
C MET H 4 -30.31 -23.05 2.46
N SER H 5 -31.16 -24.06 2.65
CA SER H 5 -31.73 -24.34 3.96
C SER H 5 -30.67 -24.29 5.05
N ARG H 6 -30.91 -23.52 6.10
CA ARG H 6 -30.09 -23.61 7.29
C ARG H 6 -28.73 -22.93 7.08
N LYS H 7 -28.58 -22.23 5.95
CA LYS H 7 -27.35 -21.50 5.64
C LYS H 7 -27.64 -20.01 5.42
N ALA H 8 -26.59 -19.19 5.50
CA ALA H 8 -26.72 -17.75 5.34
C ALA H 8 -25.54 -17.19 4.57
N PHE H 9 -25.72 -16.03 3.95
CA PHE H 9 -24.62 -15.35 3.28
C PHE H 9 -23.95 -14.45 4.30
N VAL H 10 -22.62 -14.44 4.31
CA VAL H 10 -21.87 -13.62 5.26
C VAL H 10 -21.03 -12.58 4.56
N PHE H 11 -21.22 -11.31 4.93
CA PHE H 11 -20.42 -10.21 4.41
C PHE H 11 -19.61 -9.67 5.55
N PRO H 12 -18.42 -10.23 5.78
CA PRO H 12 -17.57 -10.00 6.96
C PRO H 12 -17.05 -8.57 7.15
N LYS H 13 -16.77 -7.84 6.08
CA LYS H 13 -16.32 -6.46 6.24
C LYS H 13 -16.91 -5.49 5.25
N GLU H 14 -16.91 -4.22 5.63
CA GLU H 14 -17.45 -3.17 4.78
C GLU H 14 -16.77 -3.20 3.42
N SER H 15 -17.56 -3.13 2.37
CA SER H 15 -17.00 -3.17 1.03
C SER H 15 -17.94 -2.54 0.02
N ASP H 16 -17.44 -2.47 -1.21
CA ASP H 16 -18.02 -1.69 -2.29
C ASP H 16 -18.37 -2.68 -3.39
N THR H 17 -17.95 -3.93 -3.16
CA THR H 17 -17.72 -4.89 -4.24
C THR H 17 -18.35 -6.25 -3.96
N SER H 18 -18.70 -6.49 -2.71
CA SER H 18 -19.23 -7.78 -2.32
C SER H 18 -20.76 -7.76 -2.33
N TYR H 19 -21.35 -8.74 -3.02
CA TYR H 19 -22.80 -8.84 -3.09
C TYR H 19 -23.27 -10.17 -3.66
N VAL H 20 -24.56 -10.44 -3.49
CA VAL H 20 -25.17 -11.61 -4.10
C VAL H 20 -26.28 -11.15 -4.99
N SER H 21 -26.37 -11.75 -6.19
CA SER H 21 -27.47 -11.46 -7.12
C SER H 21 -28.45 -12.62 -7.15
N LEU H 22 -29.71 -12.35 -6.83
CA LEU H 22 -30.75 -13.35 -6.77
C LEU H 22 -31.52 -13.33 -8.07
N LYS H 23 -31.72 -14.50 -8.68
CA LYS H 23 -32.38 -14.59 -9.98
C LYS H 23 -33.82 -15.07 -9.86
N ALA H 24 -34.75 -14.23 -10.33
CA ALA H 24 -36.17 -14.56 -10.34
C ALA H 24 -36.67 -14.85 -11.76
N PRO H 25 -37.29 -16.01 -11.95
CA PRO H 25 -37.84 -16.48 -13.23
C PRO H 25 -39.10 -15.71 -13.61
N LEU H 26 -39.21 -14.48 -13.10
CA LEU H 26 -40.45 -13.72 -13.12
C LEU H 26 -40.87 -13.30 -14.52
N THR H 27 -42.18 -13.37 -14.78
CA THR H 27 -42.72 -12.92 -16.06
C THR H 27 -43.72 -11.76 -15.89
N LYS H 28 -44.83 -12.01 -15.20
CA LYS H 28 -45.84 -10.99 -14.99
C LYS H 28 -45.29 -9.85 -14.16
N PRO H 29 -45.61 -8.59 -14.52
CA PRO H 29 -45.32 -7.50 -13.60
C PRO H 29 -46.07 -7.73 -12.29
N LEU H 30 -45.55 -7.23 -11.18
CA LEU H 30 -46.11 -7.52 -9.87
C LEU H 30 -47.13 -6.50 -9.45
N LYS H 31 -48.31 -6.98 -9.04
CA LYS H 31 -49.35 -6.09 -8.54
C LYS H 31 -49.52 -6.26 -7.04
N ALA H 32 -48.66 -7.10 -6.49
CA ALA H 32 -48.59 -7.38 -5.06
C ALA H 32 -47.37 -8.24 -4.80
N PHE H 33 -46.81 -8.17 -3.59
CA PHE H 33 -45.70 -9.03 -3.24
C PHE H 33 -45.48 -9.10 -1.74
N THR H 34 -44.76 -10.13 -1.31
CA THR H 34 -44.30 -10.24 0.06
C THR H 34 -42.83 -10.66 0.04
N VAL H 35 -42.02 -10.05 0.89
CA VAL H 35 -40.62 -10.43 1.00
C VAL H 35 -40.30 -10.72 2.44
N CYS H 36 -39.68 -11.86 2.70
CA CYS H 36 -39.26 -12.23 4.05
C CYS H 36 -37.79 -12.56 4.07
N LEU H 37 -37.12 -12.26 5.18
CA LEU H 37 -35.72 -12.60 5.31
C LEU H 37 -35.25 -12.42 6.74
N HIS H 38 -34.09 -13.02 7.05
CA HIS H 38 -33.41 -12.86 8.32
C HIS H 38 -32.15 -12.09 8.02
N PHE H 39 -31.74 -11.22 8.94
CA PHE H 39 -30.43 -10.59 8.81
C PHE H 39 -29.91 -10.27 10.19
N TYR H 40 -28.61 -10.02 10.29
CA TYR H 40 -27.97 -9.77 11.57
C TYR H 40 -26.76 -8.90 11.33
N THR H 41 -26.80 -7.68 11.87
CA THR H 41 -25.73 -6.72 11.70
C THR H 41 -25.60 -5.82 12.90
N GLU H 42 -24.39 -5.28 13.12
CA GLU H 42 -24.18 -4.35 14.24
C GLU H 42 -24.10 -2.91 13.75
N LEU H 43 -24.43 -2.71 12.48
CA LEU H 43 -24.33 -1.38 11.86
C LEU H 43 -25.36 -0.36 12.33
N SER H 44 -26.46 -0.83 12.91
CA SER H 44 -27.61 0.02 13.25
C SER H 44 -27.22 1.25 14.09
N SER H 45 -26.21 1.06 14.93
CA SER H 45 -25.75 2.12 15.84
C SER H 45 -24.93 3.20 15.13
N THR H 46 -24.24 2.81 14.06
CA THR H 46 -23.26 3.69 13.44
C THR H 46 -23.62 4.27 12.05
N ARG H 47 -24.41 3.57 11.24
CA ARG H 47 -24.80 4.09 9.92
C ARG H 47 -25.97 3.33 9.29
N GLY H 48 -26.40 3.76 8.10
CA GLY H 48 -27.50 3.12 7.40
C GLY H 48 -27.02 1.95 6.56
N TYR H 49 -27.93 1.08 6.13
CA TYR H 49 -27.56 -0.05 5.28
C TYR H 49 -28.73 -0.63 4.51
N SER H 50 -28.43 -1.27 3.38
CA SER H 50 -29.46 -1.91 2.57
C SER H 50 -29.66 -3.37 2.97
N ILE H 51 -30.92 -3.74 3.16
CA ILE H 51 -31.26 -5.10 3.52
C ILE H 51 -31.64 -5.90 2.28
N PHE H 52 -32.43 -5.33 1.41
CA PHE H 52 -32.93 -6.01 0.23
C PHE H 52 -33.12 -4.98 -0.89
N SER H 53 -32.31 -5.05 -1.94
CA SER H 53 -32.40 -4.09 -3.05
C SER H 53 -32.91 -4.73 -4.35
N TYR H 54 -34.02 -4.21 -4.84
CA TYR H 54 -34.68 -4.73 -6.04
C TYR H 54 -34.79 -3.60 -7.05
N ALA H 55 -34.05 -3.71 -8.15
CA ALA H 55 -33.96 -2.62 -9.12
C ALA H 55 -34.48 -2.99 -10.50
N THR H 56 -34.97 -1.97 -11.20
CA THR H 56 -35.44 -2.06 -12.58
C THR H 56 -34.55 -1.17 -13.45
N LYS H 57 -34.59 -1.37 -14.77
CA LYS H 57 -33.86 -0.47 -15.66
C LYS H 57 -34.32 0.98 -15.48
N ARG H 58 -35.59 1.13 -15.09
CA ARG H 58 -36.22 2.43 -14.92
C ARG H 58 -36.14 2.97 -13.50
N GLN H 59 -36.08 2.08 -12.52
CA GLN H 59 -36.11 2.50 -11.12
C GLN H 59 -35.16 1.69 -10.24
N ASP H 60 -34.16 2.36 -9.67
CA ASP H 60 -33.15 1.67 -8.87
C ASP H 60 -33.72 1.18 -7.54
N ASN H 61 -34.77 1.85 -7.07
CA ASN H 61 -35.43 1.52 -5.83
C ASN H 61 -36.85 1.06 -6.07
N GLU H 62 -36.99 0.01 -6.90
CA GLU H 62 -38.30 -0.53 -7.23
C GLU H 62 -38.91 -1.19 -6.00
N ILE H 63 -38.14 -2.04 -5.34
CA ILE H 63 -38.44 -2.45 -3.97
C ILE H 63 -37.19 -2.34 -3.10
N LEU H 64 -37.24 -1.54 -2.04
CA LEU H 64 -36.07 -1.40 -1.19
C LEU H 64 -36.39 -1.45 0.30
N ILE H 65 -35.86 -2.46 0.98
CA ILE H 65 -35.90 -2.53 2.43
C ILE H 65 -34.54 -2.05 2.94
N PHE H 66 -34.57 -1.04 3.80
CA PHE H 66 -33.35 -0.32 4.14
C PHE H 66 -33.43 0.12 5.59
N TRP H 67 -32.30 0.14 6.27
CA TRP H 67 -32.26 0.69 7.62
C TRP H 67 -31.61 2.04 7.55
N SER H 68 -32.32 3.09 7.94
CA SER H 68 -31.72 4.41 7.93
C SER H 68 -31.38 4.85 9.36
N LYS H 69 -30.16 5.39 9.53
CA LYS H 69 -29.59 5.60 10.85
C LYS H 69 -30.47 6.46 11.74
N ASP H 70 -30.60 6.03 12.99
CA ASP H 70 -31.29 6.81 14.02
C ASP H 70 -32.77 7.07 13.69
N ILE H 71 -33.33 6.27 12.78
CA ILE H 71 -34.74 6.38 12.43
C ILE H 71 -35.43 5.04 12.54
N GLY H 72 -35.01 4.10 11.70
CA GLY H 72 -35.60 2.77 11.70
C GLY H 72 -35.67 2.19 10.30
N TYR H 73 -36.66 1.34 10.06
CA TYR H 73 -36.78 0.69 8.76
C TYR H 73 -37.38 1.63 7.74
N SER H 74 -36.82 1.65 6.54
CA SER H 74 -37.40 2.41 5.45
C SER H 74 -37.80 1.44 4.37
N PHE H 75 -39.02 1.58 3.91
CA PHE H 75 -39.56 0.70 2.88
C PHE H 75 -39.89 1.53 1.66
N THR H 76 -39.37 1.12 0.51
CA THR H 76 -39.57 1.89 -0.70
C THR H 76 -40.16 1.04 -1.82
N VAL H 77 -41.23 1.54 -2.42
CA VAL H 77 -41.77 0.92 -3.62
C VAL H 77 -41.80 1.96 -4.76
N GLY H 78 -41.23 1.61 -5.92
CA GLY H 78 -41.23 2.52 -7.06
C GLY H 78 -40.72 3.92 -6.75
N GLY H 79 -39.69 3.99 -5.91
CA GLY H 79 -39.07 5.26 -5.58
C GLY H 79 -39.70 6.01 -4.41
N SER H 80 -40.93 5.66 -4.03
CA SER H 80 -41.58 6.29 -2.88
C SER H 80 -41.26 5.59 -1.56
N GLU H 81 -40.93 6.36 -0.55
CA GLU H 81 -40.45 5.83 0.72
C GLU H 81 -41.44 6.12 1.86
N ILE H 82 -41.67 5.12 2.70
CA ILE H 82 -42.28 5.35 4.00
C ILE H 82 -41.37 4.79 5.09
N LEU H 83 -41.57 5.25 6.32
CA LEU H 83 -40.71 4.85 7.40
C LEU H 83 -41.47 4.03 8.42
N PHE H 84 -40.77 3.09 9.04
CA PHE H 84 -41.27 2.41 10.22
C PHE H 84 -40.28 2.62 11.35
N GLU H 85 -40.56 3.61 12.20
CA GLU H 85 -39.66 4.01 13.29
C GLU H 85 -39.29 2.86 14.20
N VAL H 86 -38.05 2.87 14.66
CA VAL H 86 -37.63 1.91 15.66
C VAL H 86 -36.73 2.59 16.68
N PRO H 87 -37.27 2.87 17.87
CA PRO H 87 -36.44 3.31 18.98
C PRO H 87 -35.95 2.08 19.75
N GLU H 88 -34.84 2.21 20.46
CA GLU H 88 -34.31 1.13 21.30
C GLU H 88 -34.07 -0.18 20.53
N VAL H 89 -33.28 -0.11 19.47
CA VAL H 89 -32.89 -1.32 18.76
C VAL H 89 -32.07 -2.26 19.66
N THR H 90 -32.26 -3.55 19.49
CA THR H 90 -31.48 -4.55 20.21
C THR H 90 -30.51 -5.27 19.29
N VAL H 91 -29.40 -5.74 19.86
CA VAL H 91 -28.40 -6.48 19.12
C VAL H 91 -28.74 -7.97 19.05
N ALA H 92 -29.45 -8.35 17.99
CA ALA H 92 -29.78 -9.74 17.75
C ALA H 92 -30.23 -9.92 16.30
N PRO H 93 -30.17 -11.16 15.80
CA PRO H 93 -30.75 -11.40 14.48
C PRO H 93 -32.17 -10.89 14.44
N VAL H 94 -32.57 -10.35 13.29
CA VAL H 94 -33.93 -9.86 13.09
C VAL H 94 -34.55 -10.61 11.94
N HIS H 95 -35.84 -10.90 12.07
CA HIS H 95 -36.60 -11.42 10.95
C HIS H 95 -37.64 -10.40 10.49
N ILE H 96 -37.71 -10.16 9.19
CA ILE H 96 -38.74 -9.25 8.71
C ILE H 96 -39.55 -9.84 7.57
N CYS H 97 -40.81 -9.45 7.54
CA CYS H 97 -41.69 -9.72 6.43
C CYS H 97 -42.27 -8.40 6.05
N THR H 98 -42.34 -8.14 4.76
CA THR H 98 -42.88 -6.88 4.30
C THR H 98 -43.71 -7.18 3.06
N SER H 99 -44.86 -6.51 2.95
CA SER H 99 -45.73 -6.72 1.81
C SER H 99 -46.38 -5.43 1.30
N TRP H 100 -46.82 -5.48 0.04
CA TRP H 100 -47.45 -4.35 -0.60
C TRP H 100 -48.48 -4.85 -1.60
N GLU H 101 -49.61 -4.14 -1.67
CA GLU H 101 -50.67 -4.48 -2.61
C GLU H 101 -51.04 -3.25 -3.45
N SER H 102 -50.97 -3.39 -4.77
CA SER H 102 -51.29 -2.30 -5.67
C SER H 102 -52.74 -1.84 -5.50
N ALA H 103 -53.65 -2.80 -5.49
CA ALA H 103 -55.06 -2.49 -5.36
C ALA H 103 -55.41 -1.46 -4.26
N SER H 104 -54.75 -1.56 -3.12
CA SER H 104 -55.14 -0.75 -1.97
C SER H 104 -54.03 0.19 -1.55
N GLY H 105 -52.80 -0.12 -1.97
CA GLY H 105 -51.66 0.65 -1.56
C GLY H 105 -51.19 0.32 -0.14
N ILE H 106 -51.82 -0.66 0.48
CA ILE H 106 -51.48 -1.04 1.84
C ILE H 106 -50.15 -1.78 1.91
N VAL H 107 -49.23 -1.32 2.76
CA VAL H 107 -48.00 -2.07 3.03
C VAL H 107 -48.00 -2.56 4.46
N GLU H 108 -47.47 -3.76 4.67
CA GLU H 108 -47.39 -4.31 6.01
C GLU H 108 -45.92 -4.49 6.31
N PHE H 109 -45.55 -4.27 7.56
CA PHE H 109 -44.17 -4.50 7.96
C PHE H 109 -44.17 -5.32 9.25
N TRP H 110 -43.63 -6.54 9.18
CA TRP H 110 -43.57 -7.43 10.34
C TRP H 110 -42.15 -7.62 10.87
N VAL H 111 -41.95 -7.34 12.15
CA VAL H 111 -40.62 -7.49 12.74
C VAL H 111 -40.65 -8.59 13.81
N ASP H 112 -39.88 -9.65 13.59
CA ASP H 112 -39.84 -10.79 14.51
C ASP H 112 -41.23 -11.34 14.83
N GLY H 113 -42.06 -11.43 13.79
CA GLY H 113 -43.37 -12.04 13.91
C GLY H 113 -44.49 -11.11 14.35
N LYS H 114 -44.14 -9.86 14.66
CA LYS H 114 -45.11 -8.91 15.17
C LYS H 114 -45.37 -7.83 14.13
N PRO H 115 -46.66 -7.55 13.86
CA PRO H 115 -47.02 -6.59 12.82
C PRO H 115 -46.86 -5.17 13.29
N ARG H 116 -46.26 -4.34 12.44
CA ARG H 116 -46.30 -2.91 12.62
C ARG H 116 -47.65 -2.46 12.09
N VAL H 117 -48.06 -1.25 12.39
CA VAL H 117 -49.32 -0.76 11.86
C VAL H 117 -49.32 -0.75 10.32
N ARG H 118 -50.50 -0.77 9.70
CA ARG H 118 -50.56 -0.75 8.25
C ARG H 118 -50.40 0.68 7.74
N LYS H 119 -49.77 0.83 6.57
CA LYS H 119 -49.55 2.14 5.96
C LYS H 119 -49.87 2.07 4.48
N SER H 120 -49.77 3.24 3.82
CA SER H 120 -50.12 3.37 2.41
C SER H 120 -48.92 3.76 1.56
N LEU H 121 -48.81 3.13 0.40
CA LEU H 121 -47.71 3.42 -0.50
C LEU H 121 -48.04 2.97 -1.95
N LYS H 122 -47.94 3.92 -2.87
CA LYS H 122 -48.06 3.62 -4.30
C LYS H 122 -49.29 2.81 -4.68
N LYS H 123 -50.48 3.28 -4.31
CA LYS H 123 -51.72 2.64 -4.78
C LYS H 123 -51.77 2.67 -6.31
N GLY H 124 -52.05 1.53 -6.93
CA GLY H 124 -52.24 1.48 -8.36
C GLY H 124 -50.98 1.35 -9.20
N TYR H 125 -49.84 1.45 -8.54
CA TYR H 125 -48.54 1.27 -9.20
C TYR H 125 -48.35 -0.18 -9.64
N THR H 126 -47.36 -0.42 -10.50
CA THR H 126 -47.07 -1.78 -10.92
C THR H 126 -45.56 -2.00 -10.88
N VAL H 127 -45.12 -3.01 -10.13
CA VAL H 127 -43.69 -3.30 -9.99
C VAL H 127 -43.18 -4.15 -11.16
N GLY H 128 -42.05 -3.74 -11.72
CA GLY H 128 -41.51 -4.41 -12.90
C GLY H 128 -40.99 -5.80 -12.63
N ALA H 129 -40.98 -6.62 -13.65
CA ALA H 129 -40.55 -8.00 -13.52
C ALA H 129 -39.12 -8.24 -14.00
N GLU H 130 -38.62 -7.31 -14.80
CA GLU H 130 -37.23 -7.38 -15.25
C GLU H 130 -36.38 -6.72 -14.18
N ALA H 131 -35.94 -7.52 -13.21
CA ALA H 131 -35.33 -6.97 -12.01
C ALA H 131 -33.94 -7.48 -11.71
N SER H 132 -33.14 -6.62 -11.08
CA SER H 132 -31.87 -7.03 -10.50
C SER H 132 -32.05 -7.03 -9.00
N ILE H 133 -31.95 -8.20 -8.39
CA ILE H 133 -32.23 -8.33 -6.97
C ILE H 133 -30.94 -8.62 -6.27
N ILE H 134 -30.57 -7.74 -5.34
CA ILE H 134 -29.24 -7.79 -4.75
C ILE H 134 -29.23 -7.74 -3.23
N LEU H 135 -28.46 -8.66 -2.65
CA LEU H 135 -28.20 -8.69 -1.22
C LEU H 135 -26.79 -8.16 -0.95
N GLY H 136 -26.66 -7.30 0.07
CA GLY H 136 -25.32 -6.85 0.49
C GLY H 136 -24.86 -5.47 0.03
N GLN H 137 -25.49 -4.97 -1.02
CA GLN H 137 -25.22 -3.64 -1.53
C GLN H 137 -26.52 -2.98 -1.89
N GLU H 138 -26.54 -1.65 -1.90
CA GLU H 138 -27.72 -0.89 -2.33
C GLU H 138 -27.50 -0.42 -3.76
N GLN H 139 -28.44 -0.75 -4.65
CA GLN H 139 -28.30 -0.44 -6.07
C GLN H 139 -28.69 1.00 -6.40
N ASP H 140 -27.84 1.70 -7.16
CA ASP H 140 -28.22 3.02 -7.68
C ASP H 140 -28.42 2.95 -9.18
N SER H 141 -28.10 1.80 -9.75
CA SER H 141 -28.37 1.53 -11.15
C SER H 141 -28.74 0.07 -11.29
N PHE H 142 -29.29 -0.30 -12.43
CA PHE H 142 -29.65 -1.69 -12.67
C PHE H 142 -28.44 -2.62 -12.56
N GLY H 143 -28.22 -3.17 -11.38
CA GLY H 143 -27.20 -4.20 -11.19
C GLY H 143 -25.87 -3.66 -10.70
N GLY H 144 -25.86 -2.41 -10.27
CA GLY H 144 -24.62 -1.80 -9.84
C GLY H 144 -24.71 -0.40 -9.22
N ASN H 145 -23.60 0.31 -9.30
CA ASN H 145 -23.48 1.61 -8.67
C ASN H 145 -23.74 1.56 -7.18
N PHE H 146 -22.97 0.73 -6.50
CA PHE H 146 -23.11 0.54 -5.06
C PHE H 146 -22.41 1.66 -4.26
N GLU H 147 -22.91 1.94 -3.08
CA GLU H 147 -22.26 2.84 -2.14
C GLU H 147 -21.83 2.04 -0.94
N GLY H 148 -20.56 2.17 -0.56
CA GLY H 148 -20.00 1.41 0.53
C GLY H 148 -20.62 1.81 1.85
N SER H 149 -21.08 3.05 1.93
CA SER H 149 -21.67 3.55 3.17
C SER H 149 -23.10 3.01 3.32
N GLN H 150 -23.49 2.13 2.41
CA GLN H 150 -24.82 1.55 2.47
C GLN H 150 -24.79 0.03 2.41
N SER H 151 -23.59 -0.54 2.44
CA SER H 151 -23.44 -1.98 2.38
C SER H 151 -23.88 -2.68 3.66
N LEU H 152 -24.19 -3.97 3.56
CA LEU H 152 -24.55 -4.74 4.74
C LEU H 152 -23.34 -5.48 5.23
N VAL H 153 -22.98 -5.27 6.49
CA VAL H 153 -21.92 -6.04 7.10
C VAL H 153 -22.53 -6.95 8.14
N GLY H 154 -22.47 -8.25 7.90
CA GLY H 154 -23.10 -9.21 8.76
C GLY H 154 -23.67 -10.35 7.93
N ASP H 155 -24.76 -10.92 8.42
CA ASP H 155 -25.35 -12.09 7.78
C ASP H 155 -26.73 -11.74 7.23
N ILE H 156 -27.12 -12.44 6.18
CA ILE H 156 -28.49 -12.38 5.70
C ILE H 156 -28.88 -13.71 5.07
N GLY H 157 -30.10 -14.18 5.35
CA GLY H 157 -30.53 -15.46 4.84
C GLY H 157 -32.04 -15.66 4.92
N ASN H 158 -32.51 -16.88 4.62
CA ASN H 158 -33.95 -17.15 4.58
C ASN H 158 -34.71 -16.12 3.76
N VAL H 159 -34.14 -15.73 2.62
CA VAL H 159 -34.79 -14.78 1.74
C VAL H 159 -35.83 -15.48 0.90
N ASN H 160 -37.07 -15.03 0.97
CA ASN H 160 -38.15 -15.61 0.18
C ASN H 160 -39.07 -14.50 -0.32
N MET H 161 -39.65 -14.70 -1.50
CA MET H 161 -40.54 -13.70 -2.08
C MET H 161 -41.77 -14.34 -2.72
N TRP H 162 -42.95 -13.77 -2.48
CA TRP H 162 -44.18 -14.21 -3.13
C TRP H 162 -44.74 -13.08 -3.98
N ASP H 163 -45.55 -13.43 -4.98
CA ASP H 163 -46.20 -12.41 -5.81
C ASP H 163 -47.60 -12.00 -5.33
N PHE H 164 -47.88 -12.28 -4.06
CA PHE H 164 -49.14 -11.86 -3.45
C PHE H 164 -48.91 -11.52 -2.01
N VAL H 165 -49.94 -11.02 -1.34
CA VAL H 165 -49.80 -10.65 0.06
C VAL H 165 -50.09 -11.79 1.02
N LEU H 166 -49.09 -12.13 1.82
CA LEU H 166 -49.24 -13.12 2.87
C LEU H 166 -50.23 -12.65 3.96
N SER H 167 -51.10 -13.56 4.39
CA SER H 167 -52.03 -13.28 5.47
C SER H 167 -51.28 -13.35 6.78
N PRO H 168 -51.84 -12.75 7.84
CA PRO H 168 -51.18 -12.79 9.15
C PRO H 168 -50.90 -14.21 9.63
N ASP H 169 -51.81 -15.14 9.35
CA ASP H 169 -51.56 -16.52 9.74
C ASP H 169 -50.39 -17.13 8.98
N GLU H 170 -50.29 -16.81 7.69
CA GLU H 170 -49.19 -17.30 6.86
C GLU H 170 -47.85 -16.73 7.29
N ILE H 171 -47.82 -15.44 7.58
CA ILE H 171 -46.60 -14.81 8.06
C ILE H 171 -46.18 -15.46 9.37
N ASN H 172 -47.16 -15.75 10.21
CA ASN H 172 -46.86 -16.35 11.48
C ASN H 172 -46.19 -17.73 11.31
N THR H 173 -46.75 -18.55 10.44
CA THR H 173 -46.16 -19.87 10.28
C THR H 173 -44.76 -19.79 9.66
N ILE H 174 -44.53 -18.78 8.83
CA ILE H 174 -43.19 -18.55 8.30
C ILE H 174 -42.20 -18.21 9.41
N TYR H 175 -42.60 -17.34 10.34
CA TYR H 175 -41.72 -16.92 11.42
C TYR H 175 -41.45 -18.06 12.37
N LEU H 176 -42.50 -18.85 12.65
CA LEU H 176 -42.42 -19.94 13.62
C LEU H 176 -41.73 -21.19 13.04
N GLY H 177 -41.53 -21.19 11.72
CA GLY H 177 -40.77 -22.27 11.10
C GLY H 177 -41.55 -23.31 10.31
N GLY H 178 -42.87 -23.22 10.34
CA GLY H 178 -43.68 -24.12 9.54
C GLY H 178 -43.35 -24.14 8.06
N PRO H 179 -44.03 -25.02 7.29
CA PRO H 179 -43.81 -25.25 5.86
C PRO H 179 -44.48 -24.21 4.98
N PHE H 180 -43.86 -23.91 3.83
CA PHE H 180 -44.43 -22.92 2.91
C PHE H 180 -43.73 -23.06 1.57
N SER H 181 -44.37 -22.56 0.52
CA SER H 181 -43.73 -22.50 -0.79
C SER H 181 -43.93 -21.14 -1.46
N PRO H 182 -42.86 -20.36 -1.52
CA PRO H 182 -42.84 -19.03 -2.15
C PRO H 182 -42.83 -19.25 -3.65
N ASN H 183 -43.43 -18.33 -4.41
CA ASN H 183 -43.48 -18.46 -5.86
C ASN H 183 -42.68 -17.45 -6.68
N VAL H 184 -41.78 -16.72 -6.04
CA VAL H 184 -40.88 -15.81 -6.75
C VAL H 184 -39.44 -16.13 -6.39
N LEU H 185 -39.05 -15.90 -5.13
CA LEU H 185 -37.75 -16.35 -4.65
C LEU H 185 -37.93 -17.40 -3.57
N ASN H 186 -37.22 -18.51 -3.69
CA ASN H 186 -37.31 -19.61 -2.73
C ASN H 186 -35.95 -20.00 -2.18
N TRP H 187 -35.75 -19.75 -0.89
CA TRP H 187 -34.48 -20.03 -0.25
C TRP H 187 -34.05 -21.49 -0.43
N ARG H 188 -35.02 -22.37 -0.63
CA ARG H 188 -34.76 -23.80 -0.71
C ARG H 188 -34.47 -24.23 -2.15
N ALA H 189 -34.70 -23.31 -3.08
CA ALA H 189 -34.35 -23.51 -4.48
C ALA H 189 -33.89 -22.20 -5.08
N LEU H 190 -32.74 -21.73 -4.60
CA LEU H 190 -32.25 -20.39 -4.90
C LEU H 190 -31.27 -20.37 -6.07
N LYS H 191 -31.57 -19.57 -7.07
CA LYS H 191 -30.64 -19.36 -8.17
C LYS H 191 -29.93 -18.03 -7.94
N TYR H 192 -28.63 -18.09 -7.66
CA TYR H 192 -27.89 -16.90 -7.28
C TYR H 192 -26.48 -16.87 -7.85
N GLU H 193 -25.90 -15.69 -7.81
CA GLU H 193 -24.55 -15.49 -8.29
C GLU H 193 -23.80 -14.62 -7.27
N VAL H 194 -22.58 -15.03 -6.92
CA VAL H 194 -21.83 -14.31 -5.90
C VAL H 194 -20.70 -13.48 -6.52
N GLN H 195 -20.45 -12.32 -5.94
CA GLN H 195 -19.37 -11.46 -6.40
C GLN H 195 -18.61 -10.92 -5.21
N GLY H 196 -17.30 -11.12 -5.20
CA GLY H 196 -16.49 -10.54 -4.15
C GLY H 196 -16.43 -11.34 -2.87
N GLU H 197 -16.28 -10.64 -1.75
CA GLU H 197 -16.00 -11.25 -0.45
C GLU H 197 -17.28 -11.68 0.27
N VAL H 198 -17.89 -12.76 -0.20
CA VAL H 198 -19.13 -13.28 0.37
C VAL H 198 -18.97 -14.75 0.67
N PHE H 199 -19.39 -15.16 1.86
CA PHE H 199 -19.25 -16.57 2.24
C PHE H 199 -20.55 -17.21 2.61
N THR H 200 -20.60 -18.52 2.47
CA THR H 200 -21.79 -19.27 2.86
C THR H 200 -21.47 -20.06 4.12
N LYS H 201 -22.16 -19.72 5.19
CA LYS H 201 -21.94 -20.36 6.50
C LYS H 201 -23.27 -20.77 7.14
N PRO H 202 -23.23 -21.69 8.14
CA PRO H 202 -24.43 -22.08 8.89
C PRO H 202 -25.05 -20.88 9.57
N GLN H 203 -26.38 -20.77 9.55
CA GLN H 203 -27.03 -19.57 10.06
C GLN H 203 -26.86 -19.43 11.56
N LEU H 204 -26.77 -18.19 12.03
CA LEU H 204 -26.60 -17.89 13.45
C LEU H 204 -27.92 -17.83 14.22
N TRP H 205 -29.02 -17.73 13.49
CA TRP H 205 -30.33 -17.72 14.13
C TRP H 205 -30.98 -19.10 14.10
N PRO H 206 -31.94 -19.32 15.01
CA PRO H 206 -32.66 -20.60 15.07
C PRO H 206 -33.39 -20.92 13.77
N GLN I 1 -2.06 -34.96 32.95
CA GLN I 1 -3.48 -34.87 32.62
C GLN I 1 -4.36 -34.87 33.87
N THR I 2 -4.81 -33.69 34.28
CA THR I 2 -5.72 -33.58 35.41
C THR I 2 -7.15 -33.34 34.90
N ASP I 3 -8.11 -33.96 35.55
CA ASP I 3 -9.51 -33.66 35.26
C ASP I 3 -9.92 -32.46 36.12
N MET I 4 -10.02 -31.30 35.48
CA MET I 4 -10.40 -30.07 36.16
C MET I 4 -11.91 -29.87 36.26
N SER I 5 -12.67 -30.90 35.84
CA SER I 5 -14.13 -30.81 35.84
C SER I 5 -14.61 -30.13 37.11
N ARG I 6 -15.46 -29.13 36.95
CA ARG I 6 -16.20 -28.58 38.08
C ARG I 6 -15.26 -27.73 38.98
N LYS I 7 -14.04 -27.48 38.50
CA LYS I 7 -13.06 -26.63 39.21
C LYS I 7 -12.57 -25.44 38.39
N ALA I 8 -12.06 -24.42 39.09
CA ALA I 8 -11.61 -23.20 38.44
C ALA I 8 -10.31 -22.71 39.06
N PHE I 9 -9.56 -21.90 38.30
CA PHE I 9 -8.35 -21.30 38.84
C PHE I 9 -8.74 -19.98 39.43
N VAL I 10 -8.19 -19.67 40.61
CA VAL I 10 -8.53 -18.44 41.30
C VAL I 10 -7.30 -17.56 41.45
N PHE I 11 -7.42 -16.32 40.97
CA PHE I 11 -6.38 -15.32 41.15
C PHE I 11 -6.93 -14.22 42.04
N PRO I 12 -6.75 -14.38 43.36
CA PRO I 12 -7.36 -13.57 44.42
C PRO I 12 -7.00 -12.08 44.44
N LYS I 13 -5.77 -11.74 44.08
CA LYS I 13 -5.39 -10.31 44.07
C LYS I 13 -4.53 -9.92 42.89
N GLU I 14 -4.51 -8.64 42.59
CA GLU I 14 -3.72 -8.12 41.49
C GLU I 14 -2.26 -8.50 41.67
N SER I 15 -1.65 -9.05 40.62
CA SER I 15 -0.25 -9.44 40.68
C SER I 15 0.44 -9.43 39.33
N ASP I 16 1.74 -9.71 39.37
CA ASP I 16 2.63 -9.51 38.25
C ASP I 16 3.16 -10.89 37.95
N THR I 17 2.82 -11.83 38.84
CA THR I 17 3.61 -13.05 39.02
C THR I 17 2.78 -14.31 39.05
N SER I 18 1.48 -14.15 39.19
CA SER I 18 0.60 -15.29 39.29
C SER I 18 0.00 -15.63 37.92
N TYR I 19 0.07 -16.90 37.53
CA TYR I 19 -0.44 -17.34 36.24
C TYR I 19 -0.44 -18.87 36.08
N VAL I 20 -1.17 -19.34 35.08
CA VAL I 20 -1.19 -20.75 34.77
C VAL I 20 -0.75 -20.92 33.35
N SER I 21 0.07 -21.93 33.09
CA SER I 21 0.52 -22.22 31.74
C SER I 21 -0.15 -23.50 31.30
N LEU I 22 -0.87 -23.41 30.18
CA LEU I 22 -1.58 -24.53 29.61
C LEU I 22 -0.73 -25.14 28.49
N LYS I 23 -0.61 -26.47 28.48
CA LYS I 23 0.25 -27.15 27.52
C LYS I 23 -0.56 -27.86 26.43
N ALA I 24 -0.34 -27.46 25.18
CA ALA I 24 -1.00 -28.09 24.05
C ALA I 24 -0.06 -28.99 23.27
N PRO I 25 -0.48 -30.24 23.01
CA PRO I 25 0.34 -31.27 22.35
C PRO I 25 0.33 -31.03 20.87
N LEU I 26 0.17 -29.76 20.51
CA LEU I 26 -0.05 -29.36 19.14
C LEU I 26 1.13 -29.60 18.19
N THR I 27 0.81 -30.01 16.98
CA THR I 27 1.84 -30.21 15.96
C THR I 27 1.61 -29.33 14.73
N LYS I 28 0.51 -29.55 14.02
CA LYS I 28 0.18 -28.76 12.83
C LYS I 28 -0.03 -27.29 13.21
N PRO I 29 0.46 -26.36 12.39
CA PRO I 29 0.02 -24.97 12.54
C PRO I 29 -1.49 -24.86 12.34
N LEU I 30 -2.13 -23.90 13.01
CA LEU I 30 -3.59 -23.83 13.03
C LEU I 30 -4.14 -23.00 11.87
N LYS I 31 -5.09 -23.56 11.14
CA LYS I 31 -5.74 -22.81 10.06
C LYS I 31 -7.17 -22.47 10.43
N ALA I 32 -7.52 -22.84 11.65
CA ALA I 32 -8.80 -22.53 12.25
C ALA I 32 -8.74 -22.92 13.72
N PHE I 33 -9.55 -22.27 14.56
CA PHE I 33 -9.64 -22.69 15.95
C PHE I 33 -10.90 -22.18 16.65
N THR I 34 -11.24 -22.82 17.76
CA THR I 34 -12.27 -22.33 18.67
C THR I 34 -11.75 -22.39 20.11
N VAL I 35 -12.02 -21.33 20.87
CA VAL I 35 -11.67 -21.29 22.28
C VAL I 35 -12.89 -20.94 23.11
N CYS I 36 -13.16 -21.75 24.13
CA CYS I 36 -14.28 -21.51 25.06
C CYS I 36 -13.77 -21.44 26.48
N LEU I 37 -14.39 -20.61 27.30
CA LEU I 37 -14.03 -20.53 28.71
C LEU I 37 -15.04 -19.76 29.50
N HIS I 38 -14.97 -19.92 30.83
CA HIS I 38 -15.79 -19.17 31.78
C HIS I 38 -14.84 -18.32 32.57
N PHE I 39 -15.23 -17.10 32.88
CA PHE I 39 -14.43 -16.31 33.81
C PHE I 39 -15.34 -15.41 34.60
N TYR I 40 -14.82 -14.84 35.67
CA TYR I 40 -15.63 -14.03 36.56
C TYR I 40 -14.77 -13.03 37.28
N THR I 41 -14.97 -11.74 37.01
CA THR I 41 -14.11 -10.71 37.58
C THR I 41 -14.90 -9.43 37.75
N GLU I 42 -14.43 -8.57 38.65
CA GLU I 42 -15.08 -7.27 38.83
C GLU I 42 -14.25 -6.13 38.25
N LEU I 43 -13.23 -6.49 37.48
CA LEU I 43 -12.29 -5.50 36.96
C LEU I 43 -12.87 -4.62 35.83
N SER I 44 -13.94 -5.10 35.21
CA SER I 44 -14.47 -4.45 34.00
C SER I 44 -14.74 -2.96 34.18
N SER I 45 -15.14 -2.58 35.38
CA SER I 45 -15.48 -1.20 35.69
C SER I 45 -14.23 -0.31 35.80
N THR I 46 -13.12 -0.91 36.22
CA THR I 46 -11.96 -0.11 36.62
C THR I 46 -10.75 -0.15 35.66
N ARG I 47 -10.54 -1.26 34.97
CA ARG I 47 -9.41 -1.38 34.04
C ARG I 47 -9.52 -2.54 33.06
N GLY I 48 -8.56 -2.67 32.15
CA GLY I 48 -8.54 -3.77 31.22
C GLY I 48 -7.86 -5.01 31.79
N TYR I 49 -8.01 -6.15 31.12
CA TYR I 49 -7.43 -7.41 31.57
C TYR I 49 -7.39 -8.49 30.47
N SER I 50 -6.44 -9.41 30.62
CA SER I 50 -6.31 -10.52 29.68
C SER I 50 -7.13 -11.72 30.14
N ILE I 51 -7.89 -12.27 29.21
CA ILE I 51 -8.71 -13.44 29.48
C ILE I 51 -7.96 -14.70 29.06
N PHE I 52 -7.37 -14.69 27.87
CA PHE I 52 -6.71 -15.86 27.30
C PHE I 52 -5.55 -15.38 26.41
N SER I 53 -4.31 -15.67 26.83
CA SER I 53 -3.12 -15.19 26.11
C SER I 53 -2.31 -16.32 25.47
N TYR I 54 -2.22 -16.27 24.14
CA TYR I 54 -1.60 -17.33 23.35
C TYR I 54 -0.46 -16.72 22.55
N ALA I 55 0.77 -17.01 22.96
CA ALA I 55 1.94 -16.37 22.36
C ALA I 55 2.85 -17.32 21.61
N THR I 56 3.52 -16.77 20.60
CA THR I 56 4.50 -17.47 19.76
C THR I 56 5.86 -16.80 19.98
N LYS I 57 6.95 -17.46 19.61
CA LYS I 57 8.26 -16.80 19.69
C LYS I 57 8.26 -15.53 18.85
N ARG I 58 7.48 -15.54 17.76
CA ARG I 58 7.42 -14.43 16.81
C ARG I 58 6.33 -13.41 17.14
N GLN I 59 5.26 -13.84 17.81
CA GLN I 59 4.13 -12.98 18.08
C GLN I 59 3.57 -13.21 19.48
N ASP I 60 3.60 -12.15 20.29
CA ASP I 60 3.11 -12.23 21.66
C ASP I 60 1.58 -12.29 21.75
N ASN I 61 0.92 -11.78 20.72
CA ASN I 61 -0.53 -11.82 20.64
C ASN I 61 -1.01 -12.64 19.46
N GLU I 62 -0.58 -13.90 19.41
CA GLU I 62 -0.97 -14.79 18.34
C GLU I 62 -2.47 -15.07 18.42
N ILE I 63 -2.95 -15.45 19.61
CA ILE I 63 -4.38 -15.38 19.89
C ILE I 63 -4.58 -14.69 21.23
N LEU I 64 -5.31 -13.59 21.24
CA LEU I 64 -5.58 -12.87 22.50
C LEU I 64 -7.03 -12.47 22.69
N ILE I 65 -7.65 -13.02 23.73
CA ILE I 65 -8.96 -12.57 24.18
C ILE I 65 -8.75 -11.66 25.36
N PHE I 66 -9.25 -10.44 25.25
CA PHE I 66 -8.90 -9.38 26.18
C PHE I 66 -10.12 -8.48 26.44
N TRP I 67 -10.25 -7.97 27.66
CA TRP I 67 -11.26 -6.97 27.94
C TRP I 67 -10.59 -5.61 28.01
N SER I 68 -10.96 -4.69 27.14
CA SER I 68 -10.35 -3.37 27.21
C SER I 68 -11.36 -2.37 27.78
N LYS I 69 -10.88 -1.54 28.72
CA LYS I 69 -11.75 -0.73 29.56
C LYS I 69 -12.68 0.19 28.77
N ASP I 70 -13.93 0.25 29.20
CA ASP I 70 -14.92 1.16 28.62
C ASP I 70 -15.15 0.92 27.13
N ILE I 71 -14.79 -0.26 26.64
CA ILE I 71 -15.04 -0.62 25.24
C ILE I 71 -15.76 -1.95 25.10
N GLY I 72 -15.11 -3.02 25.56
CA GLY I 72 -15.70 -4.33 25.48
C GLY I 72 -14.63 -5.36 25.19
N TYR I 73 -15.02 -6.47 24.56
CA TYR I 73 -14.08 -7.53 24.25
C TYR I 73 -13.21 -7.16 23.07
N SER I 74 -11.92 -7.42 23.20
CA SER I 74 -10.97 -7.28 22.09
C SER I 74 -10.45 -8.67 21.72
N PHE I 75 -10.50 -8.99 20.44
CA PHE I 75 -10.06 -10.31 19.95
C PHE I 75 -8.92 -10.09 18.99
N THR I 76 -7.78 -10.74 19.25
CA THR I 76 -6.60 -10.54 18.45
C THR I 76 -6.05 -11.85 17.86
N VAL I 77 -5.85 -11.89 16.55
CA VAL I 77 -5.17 -13.00 15.92
C VAL I 77 -3.94 -12.47 15.18
N GLY I 78 -2.78 -13.06 15.42
CA GLY I 78 -1.55 -12.66 14.75
C GLY I 78 -1.23 -11.18 14.83
N GLY I 79 -1.53 -10.55 15.97
CA GLY I 79 -1.27 -9.14 16.14
C GLY I 79 -2.38 -8.18 15.71
N SER I 80 -3.29 -8.63 14.87
CA SER I 80 -4.40 -7.79 14.43
C SER I 80 -5.60 -7.88 15.35
N GLU I 81 -6.15 -6.72 15.71
CA GLU I 81 -7.20 -6.63 16.71
C GLU I 81 -8.52 -6.20 16.10
N ILE I 82 -9.62 -6.84 16.51
CA ILE I 82 -10.97 -6.32 16.30
C ILE I 82 -11.68 -6.22 17.63
N LEU I 83 -12.72 -5.39 17.66
CA LEU I 83 -13.44 -5.14 18.89
C LEU I 83 -14.85 -5.71 18.83
N PHE I 84 -15.34 -6.15 19.98
CA PHE I 84 -16.73 -6.47 20.14
C PHE I 84 -17.28 -5.62 21.29
N GLU I 85 -17.89 -4.49 20.96
CA GLU I 85 -18.38 -3.54 21.95
C GLU I 85 -19.33 -4.17 22.96
N VAL I 86 -19.23 -3.73 24.20
CA VAL I 86 -20.18 -4.13 25.22
C VAL I 86 -20.56 -2.96 26.12
N PRO I 87 -21.74 -2.39 25.90
CA PRO I 87 -22.28 -1.40 26.82
C PRO I 87 -23.03 -2.11 27.93
N GLU I 88 -23.18 -1.48 29.08
CA GLU I 88 -23.98 -2.03 30.19
C GLU I 88 -23.53 -3.43 30.61
N VAL I 89 -22.26 -3.56 30.97
CA VAL I 89 -21.78 -4.84 31.48
C VAL I 89 -22.46 -5.19 32.82
N THR I 90 -22.72 -6.47 33.03
CA THR I 90 -23.30 -6.93 34.29
C THR I 90 -22.29 -7.72 35.12
N VAL I 91 -22.48 -7.67 36.44
CA VAL I 91 -21.61 -8.38 37.37
C VAL I 91 -22.08 -9.83 37.55
N ALA I 92 -21.51 -10.71 36.73
CA ALA I 92 -21.78 -12.13 36.86
C ALA I 92 -20.74 -12.92 36.07
N PRO I 93 -20.59 -14.22 36.36
CA PRO I 93 -19.72 -15.04 35.53
C PRO I 93 -20.13 -14.92 34.06
N VAL I 94 -19.14 -14.92 33.18
CA VAL I 94 -19.37 -14.84 31.75
C VAL I 94 -18.79 -16.07 31.07
N HIS I 95 -19.49 -16.56 30.06
CA HIS I 95 -18.99 -17.66 29.27
C HIS I 95 -18.77 -17.17 27.86
N ILE I 96 -17.59 -17.42 27.30
CA ILE I 96 -17.36 -16.98 25.92
C ILE I 96 -16.86 -18.11 25.06
N CYS I 97 -17.23 -18.06 23.78
CA CYS I 97 -16.68 -18.92 22.77
C CYS I 97 -16.26 -18.02 21.66
N THR I 98 -15.09 -18.27 21.09
CA THR I 98 -14.59 -17.40 20.05
C THR I 98 -13.91 -18.27 19.03
N SER I 99 -14.11 -17.98 17.74
CA SER I 99 -13.54 -18.82 16.69
C SER I 99 -13.03 -17.99 15.54
N TRP I 100 -12.09 -18.58 14.78
CA TRP I 100 -11.47 -17.92 13.63
C TRP I 100 -11.14 -18.95 12.56
N GLU I 101 -11.36 -18.59 11.30
CA GLU I 101 -11.06 -19.48 10.18
C GLU I 101 -10.16 -18.79 9.17
N SER I 102 -9.03 -19.39 8.86
CA SER I 102 -8.09 -18.78 7.95
C SER I 102 -8.72 -18.64 6.57
N ALA I 103 -9.39 -19.69 6.12
CA ALA I 103 -9.94 -19.71 4.76
C ALA I 103 -10.80 -18.51 4.42
N SER I 104 -11.56 -18.01 5.41
CA SER I 104 -12.50 -16.94 5.17
C SER I 104 -12.19 -15.66 5.94
N GLY I 105 -11.40 -15.81 7.00
CA GLY I 105 -11.11 -14.69 7.88
C GLY I 105 -12.23 -14.36 8.84
N ILE I 106 -13.26 -15.21 8.84
CA ILE I 106 -14.41 -14.98 9.69
C ILE I 106 -14.14 -15.29 11.15
N VAL I 107 -14.39 -14.34 12.04
CA VAL I 107 -14.33 -14.62 13.46
C VAL I 107 -15.74 -14.55 14.06
N GLU I 108 -16.00 -15.45 15.01
CA GLU I 108 -17.25 -15.43 15.72
C GLU I 108 -16.96 -15.19 17.19
N PHE I 109 -17.82 -14.43 17.84
CA PHE I 109 -17.67 -14.19 19.25
C PHE I 109 -19.02 -14.45 19.93
N TRP I 110 -19.05 -15.43 20.83
CA TRP I 110 -20.27 -15.78 21.53
C TRP I 110 -20.18 -15.44 22.99
N VAL I 111 -21.15 -14.67 23.49
CA VAL I 111 -21.22 -14.33 24.91
C VAL I 111 -22.45 -14.92 25.59
N ASP I 112 -22.20 -15.79 26.58
CA ASP I 112 -23.27 -16.46 27.30
C ASP I 112 -24.25 -17.17 26.37
N GLY I 113 -23.72 -17.82 25.35
CA GLY I 113 -24.52 -18.62 24.44
C GLY I 113 -25.13 -17.84 23.27
N LYS I 114 -24.94 -16.52 23.26
CA LYS I 114 -25.52 -15.70 22.21
C LYS I 114 -24.45 -15.16 21.25
N PRO I 115 -24.63 -15.38 19.94
CA PRO I 115 -23.63 -14.94 18.97
C PRO I 115 -23.64 -13.45 18.74
N ARG I 116 -22.47 -12.83 18.78
CA ARG I 116 -22.28 -11.50 18.26
C ARG I 116 -22.24 -11.62 16.73
N VAL I 117 -22.28 -10.50 16.04
CA VAL I 117 -22.23 -10.54 14.58
C VAL I 117 -20.88 -11.11 14.10
N ARG I 118 -20.83 -11.61 12.88
CA ARG I 118 -19.58 -12.15 12.37
C ARG I 118 -18.68 -11.03 11.82
N LYS I 119 -17.37 -11.18 12.01
CA LYS I 119 -16.43 -10.15 11.58
C LYS I 119 -15.27 -10.79 10.83
N SER I 120 -14.38 -9.94 10.30
CA SER I 120 -13.25 -10.41 9.49
C SER I 120 -11.92 -10.12 10.16
N LEU I 121 -11.02 -11.10 10.12
CA LEU I 121 -9.70 -10.93 10.71
C LEU I 121 -8.71 -11.91 10.12
N LYS I 122 -7.60 -11.38 9.61
CA LYS I 122 -6.48 -12.21 9.19
C LYS I 122 -6.83 -13.35 8.22
N LYS I 123 -7.52 -13.05 7.14
CA LYS I 123 -7.79 -14.09 6.16
C LYS I 123 -6.48 -14.63 5.59
N GLY I 124 -6.36 -15.95 5.55
CA GLY I 124 -5.20 -16.60 4.96
C GLY I 124 -4.00 -16.77 5.88
N TYR I 125 -4.08 -16.16 7.07
CA TYR I 125 -3.02 -16.26 8.08
C TYR I 125 -2.92 -17.69 8.60
N THR I 126 -1.82 -18.00 9.28
CA THR I 126 -1.64 -19.30 9.90
C THR I 126 -1.11 -19.13 11.32
N VAL I 127 -1.83 -19.67 12.28
CA VAL I 127 -1.46 -19.54 13.67
C VAL I 127 -0.46 -20.60 14.06
N GLY I 128 0.63 -20.18 14.73
CA GLY I 128 1.74 -21.07 15.08
C GLY I 128 1.39 -22.10 16.14
N ALA I 129 2.09 -23.24 16.07
CA ALA I 129 1.79 -24.36 16.96
C ALA I 129 2.72 -24.41 18.16
N GLU I 130 3.84 -23.72 18.07
CA GLU I 130 4.79 -23.65 19.17
C GLU I 130 4.37 -22.46 20.04
N ALA I 131 3.50 -22.72 21.00
CA ALA I 131 2.84 -21.65 21.72
C ALA I 131 3.02 -21.72 23.22
N SER I 132 2.98 -20.56 23.86
CA SER I 132 2.89 -20.45 25.29
C SER I 132 1.50 -19.94 25.59
N ILE I 133 0.70 -20.78 26.23
CA ILE I 133 -0.70 -20.43 26.49
C ILE I 133 -0.89 -20.10 27.97
N ILE I 134 -1.32 -18.88 28.26
CA ILE I 134 -1.30 -18.40 29.64
C ILE I 134 -2.62 -17.78 30.11
N LEU I 135 -3.07 -18.26 31.27
CA LEU I 135 -4.22 -17.72 31.98
C LEU I 135 -3.74 -16.83 33.12
N GLY I 136 -4.34 -15.65 33.28
CA GLY I 136 -4.06 -14.84 34.45
C GLY I 136 -3.16 -13.64 34.22
N GLN I 137 -2.37 -13.70 33.15
CA GLN I 137 -1.46 -12.61 32.78
C GLN I 137 -1.52 -12.41 31.29
N GLU I 138 -1.10 -11.23 30.85
CA GLU I 138 -1.01 -10.94 29.42
C GLU I 138 0.45 -11.00 28.99
N GLN I 139 0.76 -11.85 28.01
CA GLN I 139 2.12 -12.05 27.54
C GLN I 139 2.61 -10.94 26.60
N ASP I 140 3.79 -10.40 26.86
CA ASP I 140 4.42 -9.49 25.91
C ASP I 140 5.64 -10.15 25.29
N SER I 141 5.99 -11.32 25.80
CA SER I 141 7.04 -12.13 25.22
C SER I 141 6.66 -13.61 25.38
N PHE I 142 7.34 -14.49 24.66
CA PHE I 142 7.02 -15.90 24.74
C PHE I 142 7.20 -16.43 26.17
N GLY I 143 6.12 -16.46 26.94
CA GLY I 143 6.14 -17.07 28.25
C GLY I 143 6.35 -16.11 29.41
N GLY I 144 6.29 -14.81 29.12
CA GLY I 144 6.55 -13.83 30.15
C GLY I 144 6.34 -12.39 29.76
N ASN I 145 7.04 -11.49 30.47
CA ASN I 145 6.87 -10.05 30.31
C ASN I 145 5.44 -9.62 30.58
N PHE I 146 4.97 -9.94 31.77
CA PHE I 146 3.59 -9.66 32.14
C PHE I 146 3.46 -8.21 32.59
N GLU I 147 2.27 -7.63 32.41
CA GLU I 147 1.96 -6.32 32.98
C GLU I 147 0.87 -6.53 34.03
N GLY I 148 1.09 -5.98 35.22
CA GLY I 148 0.13 -6.14 36.31
C GLY I 148 -1.18 -5.41 36.05
N SER I 149 -1.13 -4.35 35.25
CA SER I 149 -2.32 -3.60 34.92
C SER I 149 -3.19 -4.35 33.90
N GLN I 150 -2.77 -5.57 33.57
CA GLN I 150 -3.51 -6.37 32.60
C GLN I 150 -3.79 -7.77 33.14
N SER I 151 -3.55 -8.00 34.42
CA SER I 151 -3.75 -9.31 35.01
C SER I 151 -5.23 -9.55 35.28
N LEU I 152 -5.60 -10.82 35.40
CA LEU I 152 -6.98 -11.16 35.70
C LEU I 152 -7.08 -11.39 37.18
N VAL I 153 -8.00 -10.68 37.82
CA VAL I 153 -8.28 -10.90 39.23
C VAL I 153 -9.69 -11.48 39.37
N GLY I 154 -9.77 -12.74 39.79
CA GLY I 154 -11.04 -13.44 39.86
C GLY I 154 -10.87 -14.90 39.47
N ASP I 155 -11.88 -15.49 38.88
CA ASP I 155 -11.83 -16.91 38.52
C ASP I 155 -11.83 -17.09 37.01
N ILE I 156 -11.27 -18.22 36.56
CA ILE I 156 -11.37 -18.61 35.16
C ILE I 156 -11.29 -20.12 35.09
N GLY I 157 -12.14 -20.73 34.26
CA GLY I 157 -12.18 -22.18 34.15
C GLY I 157 -12.88 -22.66 32.90
N ASN I 158 -13.11 -23.96 32.82
CA ASN I 158 -13.74 -24.55 31.63
C ASN I 158 -13.12 -24.08 30.33
N VAL I 159 -11.78 -23.99 30.33
CA VAL I 159 -11.04 -23.60 29.14
C VAL I 159 -10.90 -24.78 28.22
N ASN I 160 -11.35 -24.63 26.97
CA ASN I 160 -11.25 -25.69 25.99
C ASN I 160 -10.91 -25.10 24.65
N MET I 161 -10.17 -25.85 23.83
CA MET I 161 -9.75 -25.36 22.52
C MET I 161 -9.83 -26.44 21.45
N TRP I 162 -10.36 -26.09 20.28
CA TRP I 162 -10.41 -27.01 19.15
C TRP I 162 -9.61 -26.43 17.99
N ASP I 163 -9.17 -27.28 17.08
CA ASP I 163 -8.43 -26.81 15.91
C ASP I 163 -9.32 -26.57 14.68
N PHE I 164 -10.63 -26.48 14.91
CA PHE I 164 -11.57 -26.17 13.84
C PHE I 164 -12.67 -25.31 14.41
N VAL I 165 -13.57 -24.84 13.52
CA VAL I 165 -14.63 -23.93 13.93
C VAL I 165 -15.88 -24.68 14.36
N LEU I 166 -16.28 -24.42 15.60
CA LEU I 166 -17.50 -24.97 16.15
C LEU I 166 -18.72 -24.36 15.45
N SER I 167 -19.66 -25.23 15.09
CA SER I 167 -20.94 -24.80 14.55
C SER I 167 -21.80 -24.19 15.64
N PRO I 168 -22.76 -23.35 15.25
CA PRO I 168 -23.66 -22.78 16.26
C PRO I 168 -24.35 -23.82 17.16
N ASP I 169 -24.77 -24.95 16.59
CA ASP I 169 -25.36 -26.02 17.41
C ASP I 169 -24.36 -26.54 18.44
N GLU I 170 -23.11 -26.72 18.00
CA GLU I 170 -22.09 -27.26 18.86
C GLU I 170 -21.87 -26.26 20.00
N ILE I 171 -21.79 -24.99 19.65
CA ILE I 171 -21.48 -23.96 20.64
C ILE I 171 -22.60 -23.92 21.65
N ASN I 172 -23.81 -24.08 21.16
CA ASN I 172 -24.94 -24.12 22.06
C ASN I 172 -24.89 -25.28 23.07
N THR I 173 -24.69 -26.50 22.61
CA THR I 173 -24.58 -27.62 23.55
C THR I 173 -23.44 -27.39 24.56
N ILE I 174 -22.34 -26.79 24.12
CA ILE I 174 -21.24 -26.50 25.03
C ILE I 174 -21.73 -25.60 26.14
N TYR I 175 -22.49 -24.57 25.77
CA TYR I 175 -22.96 -23.58 26.74
C TYR I 175 -24.00 -24.15 27.68
N LEU I 176 -24.87 -24.99 27.14
CA LEU I 176 -25.91 -25.62 27.93
C LEU I 176 -25.42 -26.81 28.77
N GLY I 177 -24.21 -27.30 28.52
CA GLY I 177 -23.63 -28.31 29.36
C GLY I 177 -23.49 -29.70 28.77
N GLY I 178 -24.02 -29.89 27.56
CA GLY I 178 -23.90 -31.13 26.83
C GLY I 178 -22.47 -31.60 26.64
N PRO I 179 -22.31 -32.79 26.05
CA PRO I 179 -21.02 -33.48 25.97
C PRO I 179 -20.25 -32.96 24.79
N PHE I 180 -18.92 -33.03 24.86
CA PHE I 180 -18.04 -32.63 23.77
C PHE I 180 -16.61 -33.07 24.04
N SER I 181 -15.79 -33.12 23.00
CA SER I 181 -14.40 -33.48 23.14
C SER I 181 -13.54 -32.57 22.27
N PRO I 182 -12.88 -31.60 22.92
CA PRO I 182 -11.96 -30.66 22.30
C PRO I 182 -10.67 -31.39 21.94
N ASN I 183 -10.01 -30.97 20.86
CA ASN I 183 -8.83 -31.69 20.44
C ASN I 183 -7.52 -30.89 20.58
N VAL I 184 -7.55 -29.79 21.30
CA VAL I 184 -6.32 -29.03 21.52
C VAL I 184 -6.12 -28.85 23.01
N LEU I 185 -7.02 -28.13 23.66
CA LEU I 185 -7.02 -28.04 25.12
C LEU I 185 -8.29 -28.65 25.66
N ASN I 186 -8.15 -29.54 26.64
CA ASN I 186 -9.31 -30.20 27.23
C ASN I 186 -9.34 -30.00 28.73
N TRP I 187 -10.34 -29.29 29.23
CA TRP I 187 -10.43 -29.05 30.66
C TRP I 187 -10.49 -30.35 31.47
N ARG I 188 -10.99 -31.41 30.86
CA ARG I 188 -11.16 -32.68 31.56
C ARG I 188 -9.89 -33.54 31.52
N ALA I 189 -8.90 -33.09 30.75
CA ALA I 189 -7.58 -33.72 30.68
C ALA I 189 -6.54 -32.65 30.41
N LEU I 190 -6.38 -31.77 31.39
CA LEU I 190 -5.59 -30.56 31.23
C LEU I 190 -4.18 -30.75 31.74
N LYS I 191 -3.20 -30.46 30.88
CA LYS I 191 -1.81 -30.46 31.32
C LYS I 191 -1.40 -29.02 31.56
N TYR I 192 -1.12 -28.67 32.81
CA TYR I 192 -0.86 -27.28 33.16
C TYR I 192 0.23 -27.15 34.21
N GLU I 193 0.73 -25.92 34.36
CA GLU I 193 1.75 -25.64 35.36
C GLU I 193 1.39 -24.33 36.05
N VAL I 194 1.47 -24.30 37.38
CA VAL I 194 1.07 -23.10 38.11
C VAL I 194 2.25 -22.32 38.62
N GLN I 195 2.13 -21.00 38.61
CA GLN I 195 3.18 -20.12 39.11
C GLN I 195 2.58 -19.02 39.98
N GLY I 196 3.07 -18.90 41.20
CA GLY I 196 2.65 -17.81 42.06
C GLY I 196 1.37 -18.08 42.82
N GLU I 197 0.64 -17.00 43.09
CA GLU I 197 -0.55 -17.03 43.92
C GLU I 197 -1.82 -17.43 43.15
N VAL I 198 -1.95 -18.72 42.86
CA VAL I 198 -3.07 -19.26 42.09
C VAL I 198 -3.65 -20.45 42.82
N PHE I 199 -4.97 -20.50 42.97
CA PHE I 199 -5.57 -21.61 43.69
C PHE I 199 -6.57 -22.34 42.86
N THR I 200 -6.81 -23.59 43.23
CA THR I 200 -7.82 -24.40 42.58
C THR I 200 -9.00 -24.59 43.53
N LYS I 201 -10.16 -24.05 43.14
CA LYS I 201 -11.36 -24.15 43.95
C LYS I 201 -12.52 -24.63 43.09
N PRO I 202 -13.62 -25.07 43.73
CA PRO I 202 -14.87 -25.41 43.03
C PRO I 202 -15.39 -24.19 42.29
N GLN I 203 -15.90 -24.37 41.08
CA GLN I 203 -16.36 -23.24 40.28
C GLN I 203 -17.58 -22.53 40.89
N LEU I 204 -17.64 -21.22 40.69
CA LEU I 204 -18.76 -20.41 41.18
C LEU I 204 -19.97 -20.42 40.23
N TRP I 205 -19.74 -20.79 38.98
CA TRP I 205 -20.82 -20.82 38.01
C TRP I 205 -21.41 -22.22 37.94
N PRO I 206 -22.67 -22.32 37.49
CA PRO I 206 -23.34 -23.61 37.31
C PRO I 206 -22.56 -24.51 36.34
N GLN J 1 -29.76 -25.02 74.71
CA GLN J 1 -29.98 -25.34 73.30
C GLN J 1 -31.45 -25.16 72.91
N THR J 2 -31.76 -24.05 72.24
CA THR J 2 -33.11 -23.84 71.73
C THR J 2 -33.17 -24.11 70.24
N ASP J 3 -34.26 -24.72 69.77
CA ASP J 3 -34.48 -24.86 68.34
C ASP J 3 -35.15 -23.59 67.81
N MET J 4 -34.37 -22.75 67.14
CA MET J 4 -34.89 -21.49 66.63
C MET J 4 -35.51 -21.62 65.23
N SER J 5 -35.64 -22.86 64.75
CA SER J 5 -36.24 -23.11 63.43
C SER J 5 -37.44 -22.23 63.17
N ARG J 6 -37.42 -21.53 62.05
CA ARG J 6 -38.62 -20.85 61.59
C ARG J 6 -38.90 -19.58 62.42
N LYS J 7 -37.95 -19.21 63.29
CA LYS J 7 -38.07 -18.00 64.11
C LYS J 7 -36.92 -17.03 63.84
N ALA J 8 -37.13 -15.78 64.18
CA ALA J 8 -36.12 -14.74 63.99
C ALA J 8 -36.05 -13.78 65.18
N PHE J 9 -34.92 -13.12 65.36
CA PHE J 9 -34.82 -12.07 66.36
C PHE J 9 -35.27 -10.74 65.75
N VAL J 10 -36.05 -9.97 66.51
CA VAL J 10 -36.56 -8.71 66.02
C VAL J 10 -36.03 -7.56 66.86
N PHE J 11 -35.43 -6.58 66.21
CA PHE J 11 -34.96 -5.39 66.88
C PHE J 11 -35.75 -4.23 66.31
N PRO J 12 -36.91 -3.94 66.92
CA PRO J 12 -37.95 -3.03 66.42
C PRO J 12 -37.54 -1.55 66.30
N LYS J 13 -36.68 -1.04 67.18
CA LYS J 13 -36.22 0.34 67.02
C LYS J 13 -34.74 0.54 67.29
N GLU J 14 -34.23 1.66 66.79
CA GLU J 14 -32.81 1.99 66.95
C GLU J 14 -32.50 2.04 68.44
N SER J 15 -31.41 1.37 68.84
CA SER J 15 -31.00 1.36 70.24
C SER J 15 -29.52 1.11 70.42
N ASP J 16 -29.10 1.21 71.66
CA ASP J 16 -27.71 1.24 72.04
C ASP J 16 -27.47 -0.01 72.85
N THR J 17 -28.58 -0.68 73.17
CA THR J 17 -28.66 -1.56 74.33
C THR J 17 -29.23 -2.93 74.04
N SER J 18 -29.86 -3.06 72.88
CA SER J 18 -30.52 -4.30 72.52
C SER J 18 -29.59 -5.16 71.67
N TYR J 19 -29.43 -6.41 72.08
CA TYR J 19 -28.60 -7.32 71.33
C TYR J 19 -28.77 -8.76 71.77
N VAL J 20 -28.23 -9.68 70.97
CA VAL J 20 -28.23 -11.08 71.30
C VAL J 20 -26.80 -11.59 71.30
N SER J 21 -26.46 -12.39 72.29
CA SER J 21 -25.14 -12.96 72.36
C SER J 21 -25.23 -14.44 72.02
N LEU J 22 -24.49 -14.86 71.02
CA LEU J 22 -24.48 -16.25 70.60
C LEU J 22 -23.29 -16.97 71.20
N LYS J 23 -23.52 -18.14 71.75
CA LYS J 23 -22.47 -18.89 72.45
C LYS J 23 -21.94 -20.06 71.62
N ALA J 24 -20.64 -20.04 71.34
CA ALA J 24 -20.01 -21.12 70.59
C ALA J 24 -19.11 -21.95 71.50
N PRO J 25 -19.30 -23.27 71.48
CA PRO J 25 -18.56 -24.24 72.31
C PRO J 25 -17.15 -24.45 71.78
N LEU J 26 -16.64 -23.41 71.11
CA LEU J 26 -15.44 -23.54 70.32
C LEU J 26 -14.17 -23.77 71.13
N THR J 27 -13.31 -24.61 70.60
CA THR J 27 -12.02 -24.84 71.23
C THR J 27 -10.86 -24.44 70.30
N LYS J 28 -10.72 -25.12 69.17
CA LYS J 28 -9.61 -24.86 68.24
C LYS J 28 -9.73 -23.47 67.67
N PRO J 29 -8.61 -22.74 67.57
CA PRO J 29 -8.65 -21.50 66.80
C PRO J 29 -9.04 -21.82 65.34
N LEU J 30 -9.67 -20.87 64.68
CA LEU J 30 -10.23 -21.14 63.36
C LEU J 30 -9.22 -20.84 62.26
N LYS J 31 -9.03 -21.81 61.37
CA LYS J 31 -8.19 -21.59 60.20
C LYS J 31 -9.02 -21.52 58.93
N ALA J 32 -10.33 -21.57 59.12
CA ALA J 32 -11.33 -21.42 58.06
C ALA J 32 -12.71 -21.33 58.69
N PHE J 33 -13.65 -20.64 58.05
CA PHE J 33 -15.02 -20.62 58.54
C PHE J 33 -16.03 -20.22 57.47
N THR J 34 -17.29 -20.56 57.72
CA THR J 34 -18.39 -20.08 56.91
C THR J 34 -19.49 -19.55 57.84
N VAL J 35 -20.06 -18.41 57.50
CA VAL J 35 -21.19 -17.87 58.25
C VAL J 35 -22.36 -17.60 57.32
N CYS J 36 -23.53 -18.09 57.67
CA CYS J 36 -24.76 -17.85 56.92
C CYS J 36 -25.83 -17.24 57.80
N LEU J 37 -26.66 -16.39 57.21
CA LEU J 37 -27.76 -15.80 57.94
C LEU J 37 -28.74 -15.08 57.02
N HIS J 38 -29.94 -14.83 57.53
CA HIS J 38 -30.94 -14.02 56.86
C HIS J 38 -31.08 -12.76 57.67
N PHE J 39 -31.28 -11.63 57.02
CA PHE J 39 -31.65 -10.44 57.76
C PHE J 39 -32.53 -9.58 56.88
N TYR J 40 -33.20 -8.61 57.49
CA TYR J 40 -34.15 -7.79 56.78
C TYR J 40 -34.23 -6.47 57.49
N THR J 41 -33.78 -5.41 56.83
CA THR J 41 -33.80 -4.06 57.39
C THR J 41 -34.03 -3.01 56.30
N GLU J 42 -34.52 -1.84 56.69
CA GLU J 42 -34.69 -0.74 55.75
C GLU J 42 -33.62 0.34 55.93
N LEU J 43 -32.61 0.02 56.73
CA LEU J 43 -31.58 0.99 57.04
C LEU J 43 -30.64 1.32 55.87
N SER J 44 -30.56 0.44 54.88
CA SER J 44 -29.56 0.54 53.82
C SER J 44 -29.54 1.91 53.16
N SER J 45 -30.70 2.53 53.07
CA SER J 45 -30.84 3.81 52.40
C SER J 45 -30.30 4.97 53.23
N THR J 46 -30.34 4.81 54.55
CA THR J 46 -30.08 5.94 55.45
C THR J 46 -28.75 5.88 56.23
N ARG J 47 -28.25 4.69 56.56
CA ARG J 47 -27.00 4.59 57.31
C ARG J 47 -26.42 3.18 57.31
N GLY J 48 -25.26 3.01 57.93
CA GLY J 48 -24.60 1.71 57.99
C GLY J 48 -25.11 0.90 59.17
N TYR J 49 -24.80 -0.39 59.19
CA TYR J 49 -25.22 -1.27 60.28
C TYR J 49 -24.43 -2.57 60.35
N SER J 50 -24.35 -3.14 61.55
CA SER J 50 -23.67 -4.42 61.73
C SER J 50 -24.63 -5.60 61.56
N ILE J 51 -24.22 -6.57 60.75
CA ILE J 51 -25.02 -7.74 60.53
C ILE J 51 -24.61 -8.87 61.47
N PHE J 52 -23.30 -9.09 61.59
CA PHE J 52 -22.76 -10.17 62.41
C PHE J 52 -21.42 -9.73 62.99
N SER J 53 -21.35 -9.55 64.32
CA SER J 53 -20.13 -9.06 65.02
C SER J 53 -19.49 -10.14 65.89
N TYR J 54 -18.24 -10.48 65.57
CA TYR J 54 -17.50 -11.56 66.23
C TYR J 54 -16.21 -10.96 66.78
N ALA J 55 -16.13 -10.80 68.09
CA ALA J 55 -14.99 -10.11 68.71
C ALA J 55 -14.12 -11.01 69.58
N THR J 56 -12.85 -10.64 69.67
CA THR J 56 -11.87 -11.30 70.53
C THR J 56 -11.39 -10.29 71.59
N LYS J 57 -10.74 -10.77 72.65
CA LYS J 57 -10.17 -9.85 73.64
C LYS J 57 -9.15 -8.93 72.95
N ARG J 58 -8.53 -9.46 71.90
CA ARG J 58 -7.49 -8.77 71.14
C ARG J 58 -8.01 -7.97 69.95
N GLN J 59 -9.11 -8.42 69.35
CA GLN J 59 -9.63 -7.81 68.13
C GLN J 59 -11.15 -7.70 68.13
N ASP J 60 -11.64 -6.46 68.08
CA ASP J 60 -13.08 -6.23 68.15
C ASP J 60 -13.78 -6.65 66.87
N ASN J 61 -13.02 -6.63 65.78
CA ASN J 61 -13.52 -7.00 64.46
C ASN J 61 -12.84 -8.25 63.93
N GLU J 62 -12.87 -9.31 64.72
CA GLU J 62 -12.24 -10.56 64.35
C GLU J 62 -12.96 -11.15 63.15
N ILE J 63 -14.29 -11.24 63.20
CA ILE J 63 -15.11 -11.45 62.01
C ILE J 63 -16.26 -10.47 62.00
N LEU J 64 -16.36 -9.63 60.99
CA LEU J 64 -17.42 -8.64 60.95
C LEU J 64 -18.09 -8.51 59.58
N ILE J 65 -19.37 -8.87 59.53
CA ILE J 65 -20.17 -8.62 58.35
C ILE J 65 -20.96 -7.35 58.59
N PHE J 66 -20.80 -6.38 57.72
CA PHE J 66 -21.32 -5.05 57.98
C PHE J 66 -21.83 -4.42 56.68
N TRP J 67 -22.86 -3.59 56.78
CA TRP J 67 -23.31 -2.84 55.62
C TRP J 67 -22.88 -1.41 55.77
N SER J 68 -22.05 -0.92 54.85
CA SER J 68 -21.62 0.47 54.97
C SER J 68 -22.36 1.30 53.95
N LYS J 69 -22.85 2.45 54.40
CA LYS J 69 -23.78 3.26 53.62
C LYS J 69 -23.24 3.64 52.24
N ASP J 70 -24.09 3.49 51.23
CA ASP J 70 -23.80 3.94 49.87
C ASP J 70 -22.61 3.22 49.25
N ILE J 71 -22.23 2.09 49.85
CA ILE J 71 -21.15 1.28 49.30
C ILE J 71 -21.57 -0.17 49.05
N GLY J 72 -21.93 -0.87 50.12
CA GLY J 72 -22.32 -2.25 50.01
C GLY J 72 -21.85 -3.05 51.20
N TYR J 73 -21.63 -4.35 51.00
CA TYR J 73 -21.24 -5.19 52.11
C TYR J 73 -19.78 -5.01 52.41
N SER J 74 -19.44 -4.91 53.69
CA SER J 74 -18.06 -4.89 54.15
C SER J 74 -17.77 -6.14 54.95
N PHE J 75 -16.71 -6.85 54.58
CA PHE J 75 -16.34 -8.09 55.26
C PHE J 75 -14.97 -7.89 55.91
N THR J 76 -14.89 -8.14 57.22
CA THR J 76 -13.66 -7.92 57.95
C THR J 76 -13.21 -9.19 58.68
N VAL J 77 -11.95 -9.55 58.48
CA VAL J 77 -11.32 -10.64 59.24
C VAL J 77 -10.07 -10.08 59.90
N GLY J 78 -9.95 -10.27 61.21
CA GLY J 78 -8.81 -9.82 61.98
C GLY J 78 -8.47 -8.35 61.74
N GLY J 79 -9.50 -7.53 61.61
CA GLY J 79 -9.31 -6.10 61.48
C GLY J 79 -9.16 -5.59 60.07
N SER J 80 -8.83 -6.49 59.14
CA SER J 80 -8.69 -6.11 57.73
C SER J 80 -10.00 -6.20 56.98
N GLU J 81 -10.33 -5.15 56.26
CA GLU J 81 -11.62 -5.03 55.58
C GLU J 81 -11.50 -5.12 54.06
N ILE J 82 -12.41 -5.86 53.43
CA ILE J 82 -12.63 -5.73 51.99
C ILE J 82 -14.09 -5.43 51.74
N LEU J 83 -14.37 -4.86 50.57
CA LEU J 83 -15.72 -4.44 50.23
C LEU J 83 -16.31 -5.31 49.14
N PHE J 84 -17.63 -5.47 49.20
CA PHE J 84 -18.39 -6.06 48.11
C PHE J 84 -19.47 -5.05 47.71
N GLU J 85 -19.19 -4.26 46.68
CA GLU J 85 -20.08 -3.20 46.25
C GLU J 85 -21.47 -3.70 45.93
N VAL J 86 -22.46 -2.88 46.27
CA VAL J 86 -23.83 -3.18 45.89
C VAL J 86 -24.53 -1.92 45.45
N PRO J 87 -24.71 -1.76 44.13
CA PRO J 87 -25.56 -0.69 43.62
C PRO J 87 -27.00 -1.20 43.53
N GLU J 88 -27.97 -0.28 43.54
CA GLU J 88 -29.38 -0.63 43.37
C GLU J 88 -29.85 -1.69 44.36
N VAL J 89 -29.72 -1.40 45.65
CA VAL J 89 -30.25 -2.32 46.66
C VAL J 89 -31.76 -2.40 46.58
N THR J 90 -32.31 -3.58 46.85
CA THR J 90 -33.76 -3.76 46.89
C THR J 90 -34.26 -3.98 48.31
N VAL J 91 -35.51 -3.60 48.55
CA VAL J 91 -36.14 -3.76 49.85
C VAL J 91 -36.77 -5.15 49.98
N ALA J 92 -35.99 -6.07 50.52
CA ALA J 92 -36.47 -7.43 50.78
C ALA J 92 -35.51 -8.14 51.72
N PRO J 93 -35.98 -9.23 52.35
CA PRO J 93 -35.06 -10.03 53.14
C PRO J 93 -33.87 -10.44 52.28
N VAL J 94 -32.69 -10.47 52.88
CA VAL J 94 -31.49 -10.90 52.19
C VAL J 94 -30.88 -12.07 52.91
N HIS J 95 -30.37 -13.02 52.14
CA HIS J 95 -29.65 -14.14 52.73
C HIS J 95 -28.18 -14.04 52.31
N ILE J 96 -27.26 -14.13 53.26
CA ILE J 96 -25.85 -14.14 52.90
C ILE J 96 -25.08 -15.34 53.45
N CYS J 97 -24.10 -15.78 52.69
CA CYS J 97 -23.15 -16.76 53.17
C CYS J 97 -21.80 -16.15 52.89
N THR J 98 -20.90 -16.26 53.83
CA THR J 98 -19.59 -15.67 53.66
C THR J 98 -18.57 -16.62 54.24
N SER J 99 -17.44 -16.78 53.56
CA SER J 99 -16.43 -17.74 54.03
C SER J 99 -15.02 -17.19 53.86
N TRP J 100 -14.10 -17.77 54.63
CA TRP J 100 -12.70 -17.38 54.60
C TRP J 100 -11.81 -18.58 54.89
N GLU J 101 -10.70 -18.69 54.18
CA GLU J 101 -9.75 -19.78 54.39
C GLU J 101 -8.36 -19.24 54.64
N SER J 102 -7.77 -19.61 55.77
CA SER J 102 -6.44 -19.09 56.11
C SER J 102 -5.40 -19.50 55.06
N ALA J 103 -5.41 -20.78 54.71
CA ALA J 103 -4.45 -21.33 53.75
C ALA J 103 -4.23 -20.49 52.50
N SER J 104 -5.32 -19.93 51.96
CA SER J 104 -5.28 -19.25 50.66
C SER J 104 -5.62 -17.77 50.77
N GLY J 105 -6.28 -17.40 51.85
CA GLY J 105 -6.73 -16.04 52.05
C GLY J 105 -7.98 -15.72 51.22
N ILE J 106 -8.54 -16.75 50.59
CA ILE J 106 -9.71 -16.55 49.75
C ILE J 106 -10.98 -16.31 50.57
N VAL J 107 -11.67 -15.21 50.33
CA VAL J 107 -13.00 -15.06 50.91
C VAL J 107 -14.09 -15.16 49.81
N GLU J 108 -15.22 -15.76 50.17
CA GLU J 108 -16.37 -15.84 49.27
C GLU J 108 -17.51 -15.07 49.89
N PHE J 109 -18.28 -14.39 49.07
CA PHE J 109 -19.47 -13.70 49.57
C PHE J 109 -20.65 -14.05 48.67
N TRP J 110 -21.66 -14.70 49.24
CA TRP J 110 -22.85 -15.12 48.50
C TRP J 110 -24.07 -14.34 48.95
N VAL J 111 -24.74 -13.69 47.99
CA VAL J 111 -25.97 -12.96 48.26
C VAL J 111 -27.18 -13.61 47.60
N ASP J 112 -28.11 -14.09 48.40
CA ASP J 112 -29.33 -14.71 47.89
C ASP J 112 -28.99 -15.86 46.97
N GLY J 113 -28.00 -16.65 47.37
CA GLY J 113 -27.63 -17.85 46.65
C GLY J 113 -26.68 -17.65 45.47
N LYS J 114 -26.31 -16.40 45.21
CA LYS J 114 -25.47 -16.10 44.06
C LYS J 114 -24.11 -15.61 44.51
N PRO J 115 -23.03 -16.22 43.98
CA PRO J 115 -21.68 -15.88 44.43
C PRO J 115 -21.21 -14.54 43.86
N ARG J 116 -20.65 -13.72 44.73
CA ARG J 116 -19.82 -12.60 44.30
C ARG J 116 -18.47 -13.15 43.91
N VAL J 117 -17.65 -12.33 43.29
CA VAL J 117 -16.33 -12.81 42.87
C VAL J 117 -15.49 -13.17 44.10
N ARG J 118 -14.48 -14.02 43.94
CA ARG J 118 -13.62 -14.37 45.08
C ARG J 118 -12.57 -13.29 45.31
N LYS J 119 -12.27 -13.03 46.57
CA LYS J 119 -11.28 -12.01 46.93
C LYS J 119 -10.30 -12.53 47.96
N SER J 120 -9.32 -11.68 48.31
CA SER J 120 -8.24 -12.12 49.21
C SER J 120 -8.26 -11.34 50.50
N LEU J 121 -8.05 -12.05 51.60
CA LEU J 121 -8.05 -11.40 52.91
C LEU J 121 -7.31 -12.24 53.97
N LYS J 122 -6.28 -11.64 54.58
CA LYS J 122 -5.60 -12.25 55.73
C LYS J 122 -5.12 -13.68 55.49
N LYS J 123 -4.35 -13.89 54.43
CA LYS J 123 -3.77 -15.22 54.22
C LYS J 123 -2.88 -15.56 55.40
N GLY J 124 -3.01 -16.78 55.92
CA GLY J 124 -2.17 -17.27 57.00
C GLY J 124 -2.55 -16.83 58.41
N TYR J 125 -3.51 -15.91 58.51
CA TYR J 125 -4.02 -15.46 59.81
C TYR J 125 -4.74 -16.59 60.55
N THR J 126 -4.96 -16.42 61.84
CA THR J 126 -5.72 -17.40 62.61
C THR J 126 -6.78 -16.69 63.45
N VAL J 127 -8.03 -17.12 63.31
CA VAL J 127 -9.13 -16.48 64.03
C VAL J 127 -9.32 -17.10 65.40
N GLY J 128 -9.39 -16.25 66.43
CA GLY J 128 -9.51 -16.70 67.79
C GLY J 128 -10.78 -17.47 68.13
N ALA J 129 -10.69 -18.39 69.07
CA ALA J 129 -11.85 -19.20 69.48
C ALA J 129 -12.55 -18.66 70.72
N GLU J 130 -11.88 -17.77 71.46
CA GLU J 130 -12.48 -17.15 72.65
C GLU J 130 -13.17 -15.90 72.15
N ALA J 131 -14.44 -16.06 71.77
CA ALA J 131 -15.13 -15.01 71.05
C ALA J 131 -16.42 -14.56 71.71
N SER J 132 -16.75 -13.28 71.50
CA SER J 132 -18.06 -12.74 71.83
C SER J 132 -18.80 -12.49 70.53
N ILE J 133 -19.84 -13.28 70.28
CA ILE J 133 -20.55 -13.19 69.01
C ILE J 133 -21.88 -12.50 69.21
N ILE J 134 -22.08 -11.40 68.52
CA ILE J 134 -23.23 -10.54 68.81
C ILE J 134 -24.06 -10.11 67.60
N LEU J 135 -25.37 -10.29 67.72
CA LEU J 135 -26.35 -9.85 66.73
C LEU J 135 -26.99 -8.56 67.21
N GLY J 136 -27.08 -7.57 66.35
CA GLY J 136 -27.89 -6.41 66.66
C GLY J 136 -27.13 -5.17 67.00
N GLN J 137 -25.87 -5.37 67.39
CA GLN J 137 -24.97 -4.28 67.71
C GLN J 137 -23.61 -4.57 67.13
N GLU J 138 -22.82 -3.53 66.94
CA GLU J 138 -21.44 -3.70 66.48
C GLU J 138 -20.49 -3.52 67.68
N GLN J 139 -19.66 -4.53 67.92
CA GLN J 139 -18.72 -4.52 69.05
C GLN J 139 -17.46 -3.68 68.83
N ASP J 140 -17.15 -2.80 69.77
CA ASP J 140 -15.87 -2.09 69.77
C ASP J 140 -14.96 -2.59 70.88
N SER J 141 -15.50 -3.47 71.71
CA SER J 141 -14.74 -4.12 72.75
C SER J 141 -15.31 -5.52 72.94
N PHE J 142 -14.56 -6.39 73.57
CA PHE J 142 -15.04 -7.74 73.80
C PHE J 142 -16.34 -7.74 74.59
N GLY J 143 -17.46 -7.82 73.88
CA GLY J 143 -18.76 -7.96 74.51
C GLY J 143 -19.51 -6.66 74.76
N GLY J 144 -18.99 -5.56 74.22
CA GLY J 144 -19.62 -4.29 74.46
C GLY J 144 -19.09 -3.12 73.66
N ASN J 145 -19.34 -1.93 74.17
CA ASN J 145 -18.99 -0.68 73.49
C ASN J 145 -19.69 -0.52 72.17
N PHE J 146 -21.02 -0.56 72.22
CA PHE J 146 -21.83 -0.53 71.02
C PHE J 146 -22.00 0.92 70.56
N GLU J 147 -22.18 1.10 69.26
CA GLU J 147 -22.57 2.40 68.72
C GLU J 147 -23.99 2.27 68.15
N GLY J 148 -24.84 3.20 68.50
CA GLY J 148 -26.23 3.15 68.08
C GLY J 148 -26.37 3.42 66.60
N SER J 149 -25.42 4.16 66.05
CA SER J 149 -25.46 4.50 64.64
C SER J 149 -25.02 3.29 63.80
N GLN J 150 -24.80 2.16 64.47
CA GLN J 150 -24.38 0.95 63.79
C GLN J 150 -25.21 -0.24 64.17
N SER J 151 -26.30 0.00 64.88
CA SER J 151 -27.22 -1.07 65.30
C SER J 151 -28.09 -1.58 64.14
N LEU J 152 -28.54 -2.82 64.23
CA LEU J 152 -29.44 -3.36 63.24
C LEU J 152 -30.88 -3.13 63.69
N VAL J 153 -31.67 -2.48 62.86
CA VAL J 153 -33.09 -2.34 63.12
C VAL J 153 -33.87 -3.17 62.11
N GLY J 154 -34.49 -4.24 62.59
CA GLY J 154 -35.17 -5.18 61.71
C GLY J 154 -35.05 -6.58 62.26
N ASP J 155 -35.01 -7.56 61.36
CA ASP J 155 -34.99 -8.95 61.78
C ASP J 155 -33.68 -9.58 61.36
N ILE J 156 -33.28 -10.61 62.10
CA ILE J 156 -32.16 -11.44 61.68
C ILE J 156 -32.38 -12.86 62.21
N GLY J 157 -32.08 -13.86 61.40
CA GLY J 157 -32.29 -15.24 61.80
C GLY J 157 -31.50 -16.23 60.97
N ASN J 158 -31.77 -17.52 61.15
CA ASN J 158 -31.08 -18.58 60.40
C ASN J 158 -29.56 -18.41 60.43
N VAL J 159 -29.04 -17.99 61.59
CA VAL J 159 -27.60 -17.81 61.76
C VAL J 159 -26.94 -19.15 61.97
N ASN J 160 -25.98 -19.48 61.12
CA ASN J 160 -25.26 -20.74 61.25
C ASN J 160 -23.78 -20.51 60.95
N MET J 161 -22.91 -21.26 61.61
CA MET J 161 -21.48 -21.10 61.40
C MET J 161 -20.73 -22.44 61.32
N TRP J 162 -19.82 -22.58 60.36
CA TRP J 162 -19.01 -23.79 60.27
C TRP J 162 -17.54 -23.42 60.46
N ASP J 163 -16.71 -24.38 60.83
CA ASP J 163 -15.27 -24.13 60.96
C ASP J 163 -14.49 -24.51 59.71
N PHE J 164 -15.19 -24.63 58.59
CA PHE J 164 -14.54 -24.89 57.31
C PHE J 164 -15.28 -24.16 56.21
N VAL J 165 -14.73 -24.20 55.00
CA VAL J 165 -15.37 -23.53 53.88
C VAL J 165 -16.40 -24.41 53.17
N LEU J 166 -17.63 -23.89 53.09
CA LEU J 166 -18.72 -24.52 52.36
C LEU J 166 -18.49 -24.46 50.85
N SER J 167 -18.74 -25.60 50.19
CA SER J 167 -18.61 -25.68 48.74
C SER J 167 -19.81 -25.01 48.11
N PRO J 168 -19.69 -24.61 46.84
CA PRO J 168 -20.82 -23.94 46.18
C PRO J 168 -22.08 -24.81 46.22
N ASP J 169 -21.95 -26.12 46.07
CA ASP J 169 -23.13 -26.99 46.13
C ASP J 169 -23.77 -26.95 47.52
N GLU J 170 -22.92 -26.94 48.55
CA GLU J 170 -23.40 -26.91 49.94
C GLU J 170 -24.13 -25.59 50.16
N ILE J 171 -23.56 -24.49 49.71
CA ILE J 171 -24.14 -23.18 49.97
C ILE J 171 -25.48 -23.12 49.27
N ASN J 172 -25.54 -23.69 48.08
CA ASN J 172 -26.79 -23.70 47.35
C ASN J 172 -27.89 -24.45 48.10
N THR J 173 -27.61 -25.66 48.59
CA THR J 173 -28.62 -26.40 49.33
C THR J 173 -29.06 -25.64 50.59
N ILE J 174 -28.13 -24.93 51.23
CA ILE J 174 -28.49 -24.13 52.39
C ILE J 174 -29.47 -23.03 52.01
N TYR J 175 -29.21 -22.35 50.91
CA TYR J 175 -30.10 -21.28 50.46
C TYR J 175 -31.47 -21.80 50.04
N LEU J 176 -31.49 -22.93 49.36
CA LEU J 176 -32.73 -23.52 48.86
C LEU J 176 -33.53 -24.23 49.95
N GLY J 177 -32.94 -24.43 51.12
CA GLY J 177 -33.66 -25.01 52.25
C GLY J 177 -33.33 -26.44 52.63
N GLY J 178 -32.52 -27.13 51.82
CA GLY J 178 -32.08 -28.49 52.13
C GLY J 178 -31.46 -28.67 53.51
N PRO J 179 -31.11 -29.92 53.84
CA PRO J 179 -30.62 -30.29 55.18
C PRO J 179 -29.14 -29.98 55.34
N PHE J 180 -28.70 -29.66 56.55
CA PHE J 180 -27.29 -29.46 56.80
C PHE J 180 -27.05 -29.47 58.30
N SER J 181 -25.79 -29.66 58.70
CA SER J 181 -25.41 -29.56 60.10
C SER J 181 -24.14 -28.75 60.30
N PRO J 182 -24.29 -27.54 60.85
CA PRO J 182 -23.19 -26.64 61.13
C PRO J 182 -22.51 -27.11 62.39
N ASN J 183 -21.21 -26.86 62.52
CA ASN J 183 -20.48 -27.37 63.66
C ASN J 183 -19.91 -26.30 64.58
N VAL J 184 -20.35 -25.06 64.41
CA VAL J 184 -19.94 -24.00 65.33
C VAL J 184 -21.15 -23.30 65.93
N LEU J 185 -21.96 -22.66 65.08
CA LEU J 185 -23.28 -22.15 65.52
C LEU J 185 -24.37 -22.86 64.75
N ASN J 186 -25.38 -23.36 65.46
CA ASN J 186 -26.49 -24.06 64.83
C ASN J 186 -27.83 -23.43 65.22
N TRP J 187 -28.53 -22.85 64.26
CA TRP J 187 -29.79 -22.21 64.54
C TRP J 187 -30.79 -23.18 65.18
N ARG J 188 -30.63 -24.46 64.89
CA ARG J 188 -31.57 -25.47 65.38
C ARG J 188 -31.19 -26.00 66.78
N ALA J 189 -30.04 -25.59 67.27
CA ALA J 189 -29.59 -25.86 68.63
C ALA J 189 -28.73 -24.69 69.11
N LEU J 190 -29.37 -23.55 69.30
CA LEU J 190 -28.71 -22.29 69.55
C LEU J 190 -28.67 -21.96 71.03
N LYS J 191 -27.48 -21.71 71.55
CA LYS J 191 -27.32 -21.24 72.92
C LYS J 191 -27.08 -19.75 72.87
N TYR J 192 -28.02 -18.97 73.39
CA TYR J 192 -27.97 -17.52 73.27
C TYR J 192 -28.50 -16.83 74.51
N GLU J 193 -28.22 -15.54 74.61
CA GLU J 193 -28.62 -14.74 75.74
C GLU J 193 -29.08 -13.39 75.20
N VAL J 194 -30.21 -12.89 75.70
CA VAL J 194 -30.79 -11.68 75.15
C VAL J 194 -30.62 -10.52 76.11
N GLN J 195 -30.44 -9.34 75.56
CA GLN J 195 -30.32 -8.14 76.37
C GLN J 195 -31.12 -7.02 75.74
N GLY J 196 -31.99 -6.41 76.51
CA GLY J 196 -32.74 -5.26 76.02
C GLY J 196 -33.99 -5.59 75.21
N GLU J 197 -34.32 -4.67 74.31
CA GLU J 197 -35.53 -4.75 73.50
C GLU J 197 -35.39 -5.65 72.28
N VAL J 198 -35.41 -6.97 72.51
CA VAL J 198 -35.27 -7.96 71.44
C VAL J 198 -36.38 -8.98 71.56
N PHE J 199 -37.03 -9.31 70.45
CA PHE J 199 -38.13 -10.24 70.51
C PHE J 199 -37.93 -11.41 69.57
N THR J 200 -38.58 -12.52 69.90
CA THR J 200 -38.57 -13.69 69.06
C THR J 200 -39.94 -13.86 68.37
N LYS J 201 -39.94 -13.78 67.04
CA LYS J 201 -41.16 -13.85 66.26
C LYS J 201 -40.95 -14.81 65.10
N PRO J 202 -42.05 -15.25 64.46
CA PRO J 202 -41.96 -16.09 63.25
C PRO J 202 -41.24 -15.32 62.17
N GLN J 203 -40.39 -16.01 61.38
CA GLN J 203 -39.60 -15.32 60.36
C GLN J 203 -40.48 -14.78 59.23
N LEU J 204 -40.06 -13.65 58.65
CA LEU J 204 -40.77 -12.99 57.56
C LEU J 204 -40.40 -13.55 56.19
N TRP J 205 -39.30 -14.29 56.14
CA TRP J 205 -38.85 -14.86 54.87
C TRP J 205 -39.24 -16.31 54.78
N PRO J 206 -39.31 -16.83 53.55
CA PRO J 206 -39.67 -18.23 53.33
C PRO J 206 -38.69 -19.18 54.01
N GLN K 1 7.54 32.14 -30.96
CA GLN K 1 8.82 32.39 -30.30
C GLN K 1 9.42 31.11 -29.71
N THR K 2 10.42 30.56 -30.38
CA THR K 2 11.10 29.37 -29.87
C THR K 2 12.46 29.75 -29.34
N ASP K 3 12.86 29.13 -28.24
CA ASP K 3 14.20 29.33 -27.71
C ASP K 3 15.11 28.33 -28.40
N MET K 4 15.90 28.81 -29.35
CA MET K 4 16.82 27.95 -30.10
C MET K 4 18.16 27.77 -29.40
N SER K 5 18.27 28.21 -28.16
CA SER K 5 19.53 28.13 -27.44
C SER K 5 20.16 26.78 -27.61
N ARG K 6 21.44 26.76 -27.97
CA ARG K 6 22.22 25.53 -27.93
C ARG K 6 21.83 24.57 -29.07
N LYS K 7 21.04 25.07 -30.02
CA LYS K 7 20.61 24.28 -31.15
C LYS K 7 20.99 24.96 -32.47
N ALA K 8 21.05 24.17 -33.55
CA ALA K 8 21.39 24.69 -34.88
C ALA K 8 20.50 24.10 -35.95
N PHE K 9 20.35 24.83 -37.06
CA PHE K 9 19.67 24.27 -38.23
C PHE K 9 20.67 23.48 -39.06
N VAL K 10 20.24 22.31 -39.53
CA VAL K 10 21.12 21.43 -40.30
C VAL K 10 20.56 21.23 -41.69
N PHE K 11 21.36 21.56 -42.70
CA PHE K 11 21.02 21.30 -44.09
C PHE K 11 21.97 20.25 -44.65
N PRO K 12 21.59 18.96 -44.50
CA PRO K 12 22.46 17.79 -44.71
C PRO K 12 22.96 17.58 -46.15
N LYS K 13 22.18 17.95 -47.17
CA LYS K 13 22.64 17.79 -48.55
C LYS K 13 22.27 18.94 -49.45
N GLU K 14 23.00 19.08 -50.54
CA GLU K 14 22.76 20.14 -51.51
C GLU K 14 21.32 20.09 -52.02
N SER K 15 20.65 21.24 -52.02
CA SER K 15 19.26 21.29 -52.47
C SER K 15 18.85 22.67 -52.95
N ASP K 16 17.62 22.73 -53.43
CA ASP K 16 17.12 23.85 -54.16
C ASP K 16 15.93 24.35 -53.36
N THR K 17 15.60 23.59 -52.33
CA THR K 17 14.26 23.61 -51.76
C THR K 17 14.25 23.71 -50.25
N SER K 18 15.41 23.47 -49.63
CA SER K 18 15.51 23.50 -48.17
C SER K 18 15.97 24.86 -47.70
N TYR K 19 15.21 25.42 -46.75
CA TYR K 19 15.55 26.72 -46.17
C TYR K 19 14.73 27.07 -44.92
N VAL K 20 15.20 28.08 -44.20
CA VAL K 20 14.50 28.58 -43.05
C VAL K 20 14.19 30.06 -43.27
N SER K 21 12.96 30.46 -42.98
CA SER K 21 12.59 31.86 -43.07
C SER K 21 12.51 32.43 -41.66
N LEU K 22 13.29 33.49 -41.42
CA LEU K 22 13.32 34.15 -40.12
C LEU K 22 12.40 35.37 -40.19
N LYS K 23 11.54 35.52 -39.18
CA LYS K 23 10.56 36.63 -39.17
C LYS K 23 10.94 37.74 -38.21
N ALA K 24 11.07 38.94 -38.75
CA ALA K 24 11.43 40.11 -37.96
C ALA K 24 10.23 41.05 -37.84
N PRO K 25 9.87 41.41 -36.60
CA PRO K 25 8.75 42.30 -36.26
C PRO K 25 9.10 43.76 -36.59
N LEU K 26 9.98 43.94 -37.58
CA LEU K 26 10.61 45.22 -37.83
C LEU K 26 9.63 46.25 -38.37
N THR K 27 9.78 47.49 -37.92
CA THR K 27 8.96 48.57 -38.43
C THR K 27 9.80 49.66 -39.12
N LYS K 28 10.68 50.32 -38.37
CA LYS K 28 11.52 51.38 -38.93
C LYS K 28 12.45 50.82 -39.98
N PRO K 29 12.63 51.53 -41.10
CA PRO K 29 13.74 51.17 -42.00
C PRO K 29 15.07 51.26 -41.24
N LEU K 30 16.05 50.48 -41.64
CA LEU K 30 17.30 50.40 -40.89
C LEU K 30 18.33 51.39 -41.39
N LYS K 31 18.91 52.15 -40.46
CA LYS K 31 19.99 53.07 -40.82
C LYS K 31 21.32 52.57 -40.26
N ALA K 32 21.25 51.39 -39.64
CA ALA K 32 22.43 50.71 -39.13
C ALA K 32 21.97 49.31 -38.71
N PHE K 33 22.90 48.35 -38.71
CA PHE K 33 22.57 47.01 -38.23
C PHE K 33 23.81 46.20 -37.90
N THR K 34 23.64 45.18 -37.05
CA THR K 34 24.66 44.19 -36.84
C THR K 34 24.02 42.79 -37.00
N VAL K 35 24.76 41.87 -37.60
CA VAL K 35 24.31 40.49 -37.72
C VAL K 35 25.40 39.55 -37.26
N CYS K 36 25.05 38.63 -36.37
CA CYS K 36 25.99 37.63 -35.88
C CYS K 36 25.44 36.23 -36.08
N LEU K 37 26.33 35.27 -36.31
CA LEU K 37 25.90 33.88 -36.50
C LEU K 37 27.09 32.94 -36.52
N HIS K 38 26.80 31.68 -36.30
CA HIS K 38 27.77 30.59 -36.39
C HIS K 38 27.36 29.77 -37.59
N PHE K 39 28.32 29.28 -38.34
CA PHE K 39 28.01 28.30 -39.39
C PHE K 39 29.17 27.35 -39.54
N TYR K 40 28.93 26.24 -40.23
CA TYR K 40 29.94 25.19 -40.36
C TYR K 40 29.67 24.41 -41.61
N THR K 41 30.54 24.57 -42.60
CA THR K 41 30.36 23.87 -43.89
C THR K 41 31.70 23.48 -44.48
N GLU K 42 31.70 22.46 -45.34
CA GLU K 42 32.94 22.08 -46.05
C GLU K 42 32.95 22.54 -47.50
N LEU K 43 31.99 23.38 -47.85
CA LEU K 43 31.84 23.85 -49.23
C LEU K 43 32.92 24.80 -49.71
N SER K 44 33.64 25.42 -48.77
CA SER K 44 34.55 26.52 -49.08
C SER K 44 35.58 26.14 -50.15
N SER K 45 35.99 24.88 -50.12
CA SER K 45 36.98 24.35 -51.05
C SER K 45 36.43 24.17 -52.48
N THR K 46 35.13 23.89 -52.59
CA THR K 46 34.55 23.48 -53.87
C THR K 46 33.65 24.51 -54.57
N ARG K 47 32.94 25.36 -53.84
CA ARG K 47 32.08 26.37 -54.48
C ARG K 47 31.65 27.47 -53.52
N GLY K 48 30.85 28.41 -54.02
CA GLY K 48 30.34 29.49 -53.19
C GLY K 48 29.04 29.12 -52.49
N TYR K 49 28.63 29.92 -51.50
CA TYR K 49 27.38 29.68 -50.77
C TYR K 49 26.88 30.90 -50.02
N SER K 50 25.57 30.93 -49.79
CA SER K 50 24.95 32.02 -49.03
C SER K 50 24.88 31.71 -47.54
N ILE K 51 25.34 32.65 -46.72
CA ILE K 51 25.35 32.47 -45.28
C ILE K 51 24.11 33.10 -44.66
N PHE K 52 23.76 34.29 -45.12
CA PHE K 52 22.64 35.05 -44.59
C PHE K 52 22.05 35.90 -45.71
N SER K 53 20.84 35.57 -46.14
CA SER K 53 20.19 36.33 -47.22
C SER K 53 18.99 37.14 -46.75
N TYR K 54 19.05 38.45 -46.98
CA TYR K 54 18.03 39.39 -46.52
C TYR K 54 17.53 40.16 -47.73
N ALA K 55 16.30 39.86 -48.15
CA ALA K 55 15.75 40.44 -49.37
C ALA K 55 14.56 41.40 -49.17
N THR K 56 14.45 42.36 -50.08
CA THR K 56 13.35 43.32 -50.13
C THR K 56 12.57 43.09 -51.44
N LYS K 57 11.35 43.60 -51.53
CA LYS K 57 10.61 43.50 -52.80
C LYS K 57 11.40 44.19 -53.91
N ARG K 58 12.15 45.22 -53.56
CA ARG K 58 12.95 46.00 -54.50
C ARG K 58 14.39 45.47 -54.71
N GLN K 59 14.94 44.81 -53.69
CA GLN K 59 16.34 44.40 -53.73
C GLN K 59 16.53 43.01 -53.13
N ASP K 60 16.94 42.05 -53.97
CA ASP K 60 17.12 40.67 -53.51
C ASP K 60 18.34 40.52 -52.57
N ASN K 61 19.29 41.44 -52.70
CA ASN K 61 20.50 41.43 -51.89
C ASN K 61 20.58 42.69 -51.03
N GLU K 62 19.53 42.91 -50.25
CA GLU K 62 19.48 44.07 -49.38
C GLU K 62 20.56 43.93 -48.31
N ILE K 63 20.62 42.78 -47.66
CA ILE K 63 21.80 42.41 -46.87
C ILE K 63 22.19 40.99 -47.21
N LEU K 64 23.43 40.80 -47.66
CA LEU K 64 23.87 39.46 -48.02
C LEU K 64 25.27 39.13 -47.55
N ILE K 65 25.36 38.14 -46.67
CA ILE K 65 26.65 37.59 -46.27
C ILE K 65 26.84 36.30 -47.05
N PHE K 66 27.94 36.25 -47.80
CA PHE K 66 28.14 35.21 -48.80
C PHE K 66 29.60 34.80 -48.83
N TRP K 67 29.84 33.53 -49.10
CA TRP K 67 31.21 33.05 -49.32
C TRP K 67 31.39 32.81 -50.81
N SER K 68 32.27 33.58 -51.45
CA SER K 68 32.52 33.35 -52.87
C SER K 68 33.84 32.59 -53.08
N LYS K 69 33.78 31.56 -53.94
CA LYS K 69 34.84 30.57 -54.03
C LYS K 69 36.21 31.20 -54.32
N ASP K 70 37.23 30.70 -53.62
CA ASP K 70 38.63 31.09 -53.85
C ASP K 70 38.88 32.59 -53.65
N ILE K 71 37.97 33.24 -52.93
CA ILE K 71 38.13 34.67 -52.63
C ILE K 71 38.01 34.93 -51.13
N GLY K 72 36.84 34.65 -50.57
CA GLY K 72 36.59 34.85 -49.16
C GLY K 72 35.18 35.35 -48.91
N TYR K 73 35.00 36.14 -47.87
CA TYR K 73 33.67 36.62 -47.52
C TYR K 73 33.26 37.78 -48.42
N SER K 74 32.04 37.75 -48.90
CA SER K 74 31.47 38.86 -49.64
C SER K 74 30.32 39.43 -48.85
N PHE K 75 30.33 40.75 -48.64
CA PHE K 75 29.30 41.42 -47.86
C PHE K 75 28.58 42.41 -48.75
N THR K 76 27.27 42.30 -48.83
CA THR K 76 26.51 43.15 -49.74
C THR K 76 25.42 43.92 -49.00
N VAL K 77 25.39 45.22 -49.20
CA VAL K 77 24.27 46.04 -48.72
C VAL K 77 23.64 46.80 -49.89
N GLY K 78 22.32 46.68 -50.05
CA GLY K 78 21.59 47.34 -51.12
C GLY K 78 22.14 47.07 -52.51
N GLY K 79 22.60 45.83 -52.74
CA GLY K 79 23.12 45.46 -54.05
C GLY K 79 24.62 45.69 -54.25
N SER K 80 25.21 46.57 -53.42
CA SER K 80 26.65 46.85 -53.53
C SER K 80 27.49 45.87 -52.72
N GLU K 81 28.54 45.35 -53.33
CA GLU K 81 29.34 44.30 -52.71
C GLU K 81 30.75 44.77 -52.39
N ILE K 82 31.26 44.38 -51.23
CA ILE K 82 32.69 44.47 -50.94
C ILE K 82 33.17 43.12 -50.47
N LEU K 83 34.48 42.91 -50.56
CA LEU K 83 35.05 41.60 -50.27
C LEU K 83 35.92 41.66 -49.04
N PHE K 84 35.97 40.56 -48.31
CA PHE K 84 36.93 40.38 -47.24
C PHE K 84 37.71 39.10 -47.52
N GLU K 85 38.88 39.26 -48.13
CA GLU K 85 39.68 38.12 -48.59
C GLU K 85 39.97 37.16 -47.48
N VAL K 86 39.98 35.87 -47.81
CA VAL K 86 40.44 34.89 -46.85
C VAL K 86 41.30 33.83 -47.54
N PRO K 87 42.61 33.90 -47.33
CA PRO K 87 43.49 32.84 -47.78
C PRO K 87 43.62 31.80 -46.68
N GLU K 88 43.95 30.57 -47.04
CA GLU K 88 44.19 29.50 -46.06
C GLU K 88 42.99 29.28 -45.12
N VAL K 89 41.83 29.01 -45.70
CA VAL K 89 40.67 28.69 -44.87
C VAL K 89 40.90 27.40 -44.10
N THR K 90 40.36 27.32 -42.88
CA THR K 90 40.44 26.10 -42.07
C THR K 90 39.08 25.44 -41.92
N VAL K 91 39.10 24.13 -41.72
CA VAL K 91 37.88 23.35 -41.57
C VAL K 91 37.44 23.33 -40.10
N ALA K 92 36.59 24.29 -39.75
CA ALA K 92 36.02 24.34 -38.41
C ALA K 92 34.82 25.27 -38.44
N PRO K 93 33.94 25.16 -37.43
CA PRO K 93 32.86 26.13 -37.30
C PRO K 93 33.45 27.54 -37.28
N VAL K 94 32.72 28.47 -37.87
CA VAL K 94 33.14 29.86 -37.90
C VAL K 94 32.06 30.73 -37.29
N HIS K 95 32.49 31.73 -36.54
CA HIS K 95 31.56 32.72 -36.01
C HIS K 95 31.79 34.05 -36.69
N ILE K 96 30.75 34.68 -37.20
CA ILE K 96 30.95 36.01 -37.77
C ILE K 96 30.01 37.05 -37.19
N CYS K 97 30.51 38.28 -37.09
CA CYS K 97 29.68 39.45 -36.81
C CYS K 97 29.96 40.43 -37.90
N THR K 98 28.91 41.05 -38.41
CA THR K 98 29.11 42.00 -39.48
C THR K 98 28.17 43.16 -39.23
N SER K 99 28.65 44.39 -39.46
CA SER K 99 27.85 45.58 -39.20
C SER K 99 28.02 46.64 -40.29
N TRP K 100 27.03 47.53 -40.36
CA TRP K 100 27.01 48.61 -41.32
C TRP K 100 26.30 49.82 -40.73
N GLU K 101 26.82 51.01 -40.99
CA GLU K 101 26.19 52.24 -40.53
C GLU K 101 25.95 53.18 -41.70
N SER K 102 24.70 53.58 -41.90
CA SER K 102 24.39 54.51 -42.99
C SER K 102 25.14 55.83 -42.86
N ALA K 103 25.08 56.43 -41.68
CA ALA K 103 25.77 57.70 -41.44
C ALA K 103 27.20 57.82 -42.02
N SER K 104 27.98 56.76 -41.91
CA SER K 104 29.41 56.81 -42.25
C SER K 104 29.73 55.89 -43.40
N GLY K 105 28.89 54.89 -43.62
CA GLY K 105 29.14 53.91 -44.64
C GLY K 105 30.14 52.85 -44.20
N ILE K 106 30.54 52.91 -42.94
CA ILE K 106 31.54 51.98 -42.42
C ILE K 106 30.93 50.60 -42.21
N VAL K 107 31.55 49.57 -42.79
CA VAL K 107 31.19 48.20 -42.42
C VAL K 107 32.33 47.53 -41.66
N GLU K 108 31.95 46.65 -40.74
CA GLU K 108 32.91 45.89 -39.95
C GLU K 108 32.64 44.42 -40.21
N PHE K 109 33.72 43.65 -40.26
CA PHE K 109 33.56 42.22 -40.42
C PHE K 109 34.44 41.51 -39.39
N TRP K 110 33.80 40.74 -38.52
CA TRP K 110 34.52 40.06 -37.45
C TRP K 110 34.48 38.55 -37.68
N VAL K 111 35.64 37.92 -37.68
CA VAL K 111 35.71 36.48 -37.85
C VAL K 111 36.31 35.85 -36.60
N ASP K 112 35.53 35.00 -35.96
CA ASP K 112 35.97 34.30 -34.76
C ASP K 112 36.50 35.27 -33.70
N GLY K 113 35.80 36.39 -33.55
CA GLY K 113 36.12 37.34 -32.52
C GLY K 113 37.18 38.37 -32.90
N LYS K 114 37.78 38.22 -34.08
CA LYS K 114 38.84 39.13 -34.53
C LYS K 114 38.33 40.04 -35.64
N PRO K 115 38.61 41.34 -35.52
CA PRO K 115 38.09 42.30 -36.49
C PRO K 115 38.96 42.31 -37.75
N ARG K 116 38.30 42.29 -38.89
CA ARG K 116 38.92 42.64 -40.15
C ARG K 116 38.98 44.15 -40.21
N VAL K 117 39.73 44.69 -41.15
CA VAL K 117 39.86 46.14 -41.26
C VAL K 117 38.49 46.75 -41.60
N ARG K 118 38.31 48.04 -41.32
CA ARG K 118 37.03 48.70 -41.62
C ARG K 118 36.96 49.09 -43.09
N LYS K 119 35.78 49.00 -43.68
CA LYS K 119 35.61 49.37 -45.09
C LYS K 119 34.38 50.23 -45.29
N SER K 120 34.15 50.66 -46.52
CA SER K 120 33.07 51.59 -46.80
C SER K 120 32.05 50.99 -47.74
N LEU K 121 30.78 51.24 -47.47
CA LEU K 121 29.71 50.67 -48.29
C LEU K 121 28.40 51.41 -48.11
N LYS K 122 27.86 51.90 -49.21
CA LYS K 122 26.53 52.51 -49.20
C LYS K 122 26.29 53.59 -48.13
N LYS K 123 27.19 54.57 -48.05
CA LYS K 123 26.95 55.70 -47.14
C LYS K 123 25.62 56.39 -47.50
N GLY K 124 24.77 56.62 -46.49
CA GLY K 124 23.53 57.36 -46.69
C GLY K 124 22.35 56.53 -47.15
N TYR K 125 22.61 55.27 -47.51
CA TYR K 125 21.56 54.36 -47.94
C TYR K 125 20.64 54.02 -46.76
N THR K 126 19.47 53.45 -47.06
CA THR K 126 18.56 53.01 -46.02
C THR K 126 18.04 51.61 -46.33
N VAL K 127 18.21 50.69 -45.37
CA VAL K 127 17.80 49.29 -45.58
C VAL K 127 16.34 49.11 -45.25
N GLY K 128 15.62 48.44 -46.13
CA GLY K 128 14.18 48.28 -45.98
C GLY K 128 13.80 47.37 -44.84
N ALA K 129 12.59 47.58 -44.31
CA ALA K 129 12.14 46.83 -43.15
C ALA K 129 11.20 45.69 -43.53
N GLU K 130 10.64 45.77 -44.74
CA GLU K 130 9.76 44.72 -45.22
C GLU K 130 10.65 43.68 -45.89
N ALA K 131 11.13 42.73 -45.10
CA ALA K 131 12.18 41.84 -45.57
C ALA K 131 11.82 40.37 -45.50
N SER K 132 12.39 39.59 -46.43
CA SER K 132 12.39 38.14 -46.35
C SER K 132 13.80 37.71 -45.96
N ILE K 133 13.92 37.14 -44.77
CA ILE K 133 15.23 36.75 -44.25
C ILE K 133 15.37 35.25 -44.29
N ILE K 134 16.36 34.77 -45.04
CA ILE K 134 16.45 33.33 -45.31
C ILE K 134 17.83 32.71 -45.05
N LEU K 135 17.80 31.61 -44.32
CA LEU K 135 18.97 30.79 -44.07
C LEU K 135 18.94 29.56 -44.98
N GLY K 136 20.07 29.22 -45.59
CA GLY K 136 20.18 27.98 -46.35
C GLY K 136 20.09 28.09 -47.86
N GLN K 137 19.55 29.20 -48.34
CA GLN K 137 19.44 29.47 -49.76
C GLN K 137 19.76 30.93 -50.01
N GLU K 138 20.14 31.25 -51.25
CA GLU K 138 20.38 32.63 -51.64
C GLU K 138 19.19 33.12 -52.43
N GLN K 139 18.59 34.22 -52.01
CA GLN K 139 17.40 34.76 -52.65
C GLN K 139 17.72 35.59 -53.90
N ASP K 140 17.01 35.32 -54.99
CA ASP K 140 17.08 36.16 -56.18
C ASP K 140 15.79 36.94 -56.38
N SER K 141 14.80 36.59 -55.56
CA SER K 141 13.54 37.33 -55.52
C SER K 141 13.06 37.33 -54.08
N PHE K 142 12.10 38.21 -53.80
CA PHE K 142 11.56 38.32 -52.44
C PHE K 142 10.96 36.97 -51.99
N GLY K 143 11.75 36.18 -51.28
CA GLY K 143 11.23 34.96 -50.70
C GLY K 143 11.41 33.73 -51.55
N GLY K 144 12.22 33.84 -52.62
CA GLY K 144 12.42 32.69 -53.49
C GLY K 144 13.44 32.88 -54.60
N ASN K 145 13.29 32.06 -55.65
CA ASN K 145 14.26 32.02 -56.74
C ASN K 145 15.67 31.64 -56.28
N PHE K 146 15.73 30.48 -55.66
CA PHE K 146 16.97 29.97 -55.10
C PHE K 146 17.82 29.33 -56.18
N GLU K 147 19.15 29.39 -56.01
CA GLU K 147 20.06 28.63 -56.85
C GLU K 147 20.71 27.55 -55.98
N GLY K 148 20.68 26.31 -56.44
CA GLY K 148 21.27 25.20 -55.71
C GLY K 148 22.77 25.29 -55.60
N SER K 149 23.40 25.96 -56.56
CA SER K 149 24.86 26.13 -56.55
C SER K 149 25.30 27.18 -55.53
N GLN K 150 24.32 27.70 -54.77
CA GLN K 150 24.58 28.74 -53.76
C GLN K 150 24.00 28.38 -52.41
N SER K 151 23.51 27.15 -52.28
CA SER K 151 22.90 26.72 -51.04
C SER K 151 23.95 26.43 -49.98
N LEU K 152 23.55 26.45 -48.72
CA LEU K 152 24.45 26.12 -47.63
C LEU K 152 24.25 24.68 -47.28
N VAL K 153 25.34 23.92 -47.27
CA VAL K 153 25.28 22.54 -46.81
C VAL K 153 26.10 22.42 -45.55
N GLY K 154 25.42 22.16 -44.44
CA GLY K 154 26.07 22.09 -43.14
C GLY K 154 25.15 22.68 -42.08
N ASP K 155 25.74 23.30 -41.06
CA ASP K 155 24.97 23.86 -39.95
C ASP K 155 25.03 25.37 -39.90
N ILE K 156 23.98 25.97 -39.37
CA ILE K 156 24.00 27.39 -39.08
C ILE K 156 23.10 27.65 -37.89
N GLY K 157 23.59 28.51 -36.98
CA GLY K 157 22.86 28.83 -35.75
C GLY K 157 23.33 30.09 -35.05
N ASN K 158 22.82 30.33 -33.85
CA ASN K 158 23.15 31.54 -33.09
C ASN K 158 22.99 32.81 -33.94
N VAL K 159 21.94 32.84 -34.75
CA VAL K 159 21.67 34.00 -35.59
C VAL K 159 21.02 35.10 -34.75
N ASN K 160 21.63 36.28 -34.75
CA ASN K 160 21.09 37.41 -34.00
C ASN K 160 21.29 38.68 -34.80
N MET K 161 20.36 39.63 -34.68
CA MET K 161 20.47 40.86 -35.43
C MET K 161 20.07 42.06 -34.57
N TRP K 162 20.85 43.14 -34.64
CA TRP K 162 20.49 44.39 -33.96
C TRP K 162 20.27 45.49 -34.97
N ASP K 163 19.54 46.54 -34.58
CA ASP K 163 19.31 47.68 -35.49
C ASP K 163 20.32 48.82 -35.27
N PHE K 164 21.42 48.50 -34.62
CA PHE K 164 22.51 49.45 -34.47
C PHE K 164 23.86 48.75 -34.54
N VAL K 165 24.94 49.51 -34.51
CA VAL K 165 26.26 48.93 -34.62
C VAL K 165 26.83 48.53 -33.26
N LEU K 166 27.13 47.24 -33.13
CA LEU K 166 27.81 46.73 -31.95
C LEU K 166 29.26 47.26 -31.81
N SER K 167 29.61 47.66 -30.59
CA SER K 167 30.95 48.12 -30.29
C SER K 167 31.85 46.92 -30.18
N PRO K 168 33.16 47.12 -30.32
CA PRO K 168 34.10 46.01 -30.21
C PRO K 168 33.94 45.22 -28.91
N ASP K 169 33.70 45.90 -27.80
CA ASP K 169 33.52 45.22 -26.52
C ASP K 169 32.28 44.34 -26.52
N GLU K 170 31.20 44.84 -27.11
CA GLU K 170 29.95 44.09 -27.23
C GLU K 170 30.13 42.86 -28.10
N ILE K 171 30.81 43.04 -29.22
CA ILE K 171 31.04 41.94 -30.14
C ILE K 171 31.87 40.90 -29.42
N ASN K 172 32.81 41.36 -28.62
CA ASN K 172 33.65 40.41 -27.92
C ASN K 172 32.85 39.56 -26.95
N THR K 173 31.98 40.19 -26.17
CA THR K 173 31.21 39.43 -25.20
C THR K 173 30.25 38.46 -25.91
N ILE K 174 29.77 38.85 -27.08
CA ILE K 174 28.94 37.93 -27.86
C ILE K 174 29.73 36.70 -28.26
N TYR K 175 30.95 36.90 -28.71
CA TYR K 175 31.80 35.79 -29.16
C TYR K 175 32.19 34.89 -28.00
N LEU K 176 32.51 35.50 -26.87
CA LEU K 176 32.96 34.78 -25.69
C LEU K 176 31.82 34.12 -24.91
N GLY K 177 30.59 34.47 -25.24
CA GLY K 177 29.45 33.79 -24.68
C GLY K 177 28.64 34.54 -23.64
N GLY K 178 29.11 35.70 -23.21
CA GLY K 178 28.36 36.54 -22.30
C GLY K 178 26.90 36.80 -22.70
N PRO K 179 26.18 37.54 -21.87
CA PRO K 179 24.74 37.86 -22.03
C PRO K 179 24.52 39.04 -22.96
N PHE K 180 23.42 39.01 -23.70
CA PHE K 180 23.08 40.12 -24.60
C PHE K 180 21.63 40.03 -25.02
N SER K 181 21.06 41.13 -25.49
CA SER K 181 19.72 41.10 -26.04
C SER K 181 19.64 41.86 -27.36
N PRO K 182 19.48 41.13 -28.45
CA PRO K 182 19.36 41.69 -29.78
C PRO K 182 17.96 42.23 -29.93
N ASN K 183 17.76 43.25 -30.75
CA ASN K 183 16.45 43.84 -30.91
C ASN K 183 15.81 43.70 -32.28
N VAL K 184 16.35 42.82 -33.12
CA VAL K 184 15.71 42.53 -34.41
C VAL K 184 15.45 41.03 -34.57
N LEU K 185 16.53 40.24 -34.58
CA LEU K 185 16.42 38.78 -34.53
C LEU K 185 17.07 38.26 -33.25
N ASN K 186 16.35 37.38 -32.54
CA ASN K 186 16.86 36.86 -31.29
C ASN K 186 16.82 35.35 -31.29
N TRP K 187 17.99 34.72 -31.24
CA TRP K 187 18.08 33.28 -31.30
C TRP K 187 17.28 32.65 -30.17
N ARG K 188 17.17 33.36 -29.05
CA ARG K 188 16.51 32.84 -27.86
C ARG K 188 14.99 33.06 -27.90
N ALA K 189 14.52 33.81 -28.89
CA ALA K 189 13.09 34.02 -29.11
C ALA K 189 12.87 34.19 -30.59
N LEU K 190 13.09 33.10 -31.32
CA LEU K 190 13.12 33.14 -32.76
C LEU K 190 11.78 32.73 -33.37
N LYS K 191 11.26 33.56 -34.25
CA LYS K 191 10.04 33.20 -34.96
C LYS K 191 10.46 32.82 -36.38
N TYR K 192 10.29 31.54 -36.70
CA TYR K 192 10.79 31.01 -37.98
C TYR K 192 9.86 29.98 -38.59
N GLU K 193 10.09 29.73 -39.86
CA GLU K 193 9.29 28.76 -40.61
C GLU K 193 10.25 27.91 -41.45
N VAL K 194 10.08 26.59 -41.40
CA VAL K 194 10.96 25.69 -42.12
C VAL K 194 10.34 25.16 -43.41
N GLN K 195 11.15 25.02 -44.44
CA GLN K 195 10.70 24.44 -45.70
C GLN K 195 11.71 23.40 -46.19
N GLY K 196 11.22 22.21 -46.51
CA GLY K 196 12.10 21.19 -47.07
C GLY K 196 12.95 20.43 -46.06
N GLU K 197 14.12 20.00 -46.53
CA GLU K 197 14.99 19.10 -45.76
C GLU K 197 15.88 19.86 -44.78
N VAL K 198 15.29 20.32 -43.67
CA VAL K 198 16.03 21.06 -42.65
C VAL K 198 15.79 20.44 -41.29
N PHE K 199 16.82 20.25 -40.49
CA PHE K 199 16.63 19.66 -39.19
C PHE K 199 17.17 20.52 -38.07
N THR K 200 16.67 20.26 -36.87
CA THR K 200 17.10 20.99 -35.70
C THR K 200 17.86 20.01 -34.83
N LYS K 201 19.14 20.29 -34.61
CA LYS K 201 20.03 19.41 -33.84
C LYS K 201 20.87 20.23 -32.87
N PRO K 202 21.44 19.57 -31.85
CA PRO K 202 22.36 20.23 -30.92
C PRO K 202 23.51 20.82 -31.69
N GLN K 203 23.97 22.03 -31.35
CA GLN K 203 25.04 22.67 -32.09
C GLN K 203 26.37 21.93 -31.91
N LEU K 204 27.19 21.97 -32.96
CA LEU K 204 28.51 21.33 -32.98
C LEU K 204 29.61 22.21 -32.39
N TRP K 205 29.36 23.49 -32.31
CA TRP K 205 30.33 24.41 -31.74
C TRP K 205 30.06 24.65 -30.27
N PRO K 206 31.09 25.07 -29.53
CA PRO K 206 30.95 25.38 -28.10
C PRO K 206 29.93 26.49 -27.85
N GLN L 1 32.29 -12.12 -21.36
CA GLN L 1 32.46 -10.69 -21.09
C GLN L 1 33.84 -10.41 -20.50
N THR L 2 34.73 -9.88 -21.32
CA THR L 2 36.05 -9.49 -20.83
C THR L 2 36.12 -7.97 -20.70
N ASP L 3 36.81 -7.52 -19.66
CA ASP L 3 37.08 -6.10 -19.51
C ASP L 3 38.37 -5.78 -20.29
N MET L 4 38.19 -5.17 -21.46
CA MET L 4 39.33 -4.81 -22.30
C MET L 4 39.97 -3.45 -21.96
N SER L 5 39.53 -2.85 -20.85
CA SER L 5 40.05 -1.56 -20.42
C SER L 5 41.58 -1.49 -20.53
N ARG L 6 42.04 -0.46 -21.22
CA ARG L 6 43.45 -0.14 -21.20
C ARG L 6 44.26 -1.14 -22.06
N LYS L 7 43.54 -1.91 -22.88
CA LYS L 7 44.16 -2.89 -23.77
C LYS L 7 43.70 -2.71 -25.21
N ALA L 8 44.49 -3.21 -26.15
CA ALA L 8 44.16 -3.12 -27.57
C ALA L 8 44.47 -4.42 -28.32
N PHE L 9 43.81 -4.59 -29.45
CA PHE L 9 44.14 -5.70 -30.34
C PHE L 9 45.25 -5.28 -31.28
N VAL L 10 46.24 -6.14 -31.44
CA VAL L 10 47.38 -5.84 -32.31
C VAL L 10 47.43 -6.80 -33.49
N PHE L 11 47.46 -6.23 -34.70
CA PHE L 11 47.62 -7.00 -35.93
C PHE L 11 48.95 -6.64 -36.54
N PRO L 12 50.01 -7.37 -36.17
CA PRO L 12 51.43 -7.03 -36.41
C PRO L 12 51.85 -7.05 -37.88
N LYS L 13 51.25 -7.90 -38.71
CA LYS L 13 51.60 -7.91 -40.12
C LYS L 13 50.42 -8.12 -41.03
N GLU L 14 50.59 -7.72 -42.29
CA GLU L 14 49.56 -7.85 -43.30
C GLU L 14 49.13 -9.31 -43.42
N SER L 15 47.83 -9.56 -43.41
CA SER L 15 47.33 -10.92 -43.50
C SER L 15 45.92 -10.98 -44.03
N ASP L 16 45.44 -12.20 -44.18
CA ASP L 16 44.25 -12.50 -44.93
C ASP L 16 43.35 -13.20 -43.95
N THR L 17 43.90 -13.49 -42.78
CA THR L 17 43.40 -14.53 -41.90
C THR L 17 43.24 -14.08 -40.46
N SER L 18 43.82 -12.93 -40.13
CA SER L 18 43.79 -12.45 -38.76
C SER L 18 42.66 -11.46 -38.56
N TYR L 19 41.85 -11.71 -37.54
CA TYR L 19 40.73 -10.85 -37.23
C TYR L 19 40.08 -11.11 -35.87
N VAL L 20 39.26 -10.15 -35.43
CA VAL L 20 38.48 -10.32 -34.21
C VAL L 20 37.01 -10.18 -34.54
N SER L 21 36.21 -11.07 -33.99
CA SER L 21 34.78 -10.98 -34.17
C SER L 21 34.17 -10.49 -32.86
N LEU L 22 33.45 -9.38 -32.97
CA LEU L 22 32.75 -8.77 -31.83
C LEU L 22 31.28 -9.23 -31.83
N LYS L 23 30.82 -9.65 -30.65
CA LYS L 23 29.46 -10.20 -30.53
C LYS L 23 28.50 -9.23 -29.84
N ALA L 24 27.44 -8.85 -30.56
CA ALA L 24 26.42 -7.95 -30.06
C ALA L 24 25.12 -8.68 -29.74
N PRO L 25 24.62 -8.52 -28.50
CA PRO L 25 23.41 -9.17 -27.99
C PRO L 25 22.16 -8.54 -28.60
N LEU L 26 22.33 -7.97 -29.77
CA LEU L 26 21.33 -7.09 -30.36
C LEU L 26 20.06 -7.81 -30.76
N THR L 27 18.94 -7.13 -30.55
CA THR L 27 17.65 -7.66 -30.98
C THR L 27 16.95 -6.72 -31.99
N LYS L 28 16.65 -5.49 -31.58
CA LYS L 28 15.92 -4.58 -32.45
C LYS L 28 16.80 -4.21 -33.61
N PRO L 29 16.23 -4.15 -34.82
CA PRO L 29 16.96 -3.50 -35.92
C PRO L 29 17.31 -2.06 -35.54
N LEU L 30 18.42 -1.53 -36.06
CA LEU L 30 18.91 -0.22 -35.65
C LEU L 30 18.33 0.90 -36.49
N LYS L 31 17.77 1.92 -35.85
CA LYS L 31 17.30 3.09 -36.58
C LYS L 31 18.22 4.31 -36.34
N ALA L 32 19.27 4.04 -35.56
CA ALA L 32 20.29 5.02 -35.25
C ALA L 32 21.44 4.29 -34.56
N PHE L 33 22.66 4.80 -34.71
CA PHE L 33 23.78 4.23 -33.96
C PHE L 33 24.95 5.19 -33.84
N THR L 34 25.83 4.89 -32.89
CA THR L 34 27.10 5.59 -32.76
C THR L 34 28.19 4.54 -32.54
N VAL L 35 29.33 4.72 -33.22
CA VAL L 35 30.48 3.85 -33.05
C VAL L 35 31.70 4.68 -32.75
N CYS L 36 32.44 4.28 -31.73
CA CYS L 36 33.68 4.97 -31.36
C CYS L 36 34.80 3.95 -31.22
N LEU L 37 36.02 4.39 -31.55
CA LEU L 37 37.17 3.52 -31.43
C LEU L 37 38.47 4.29 -31.61
N HIS L 38 39.55 3.68 -31.12
CA HIS L 38 40.90 4.17 -31.33
C HIS L 38 41.60 3.21 -32.27
N PHE L 39 42.39 3.74 -33.20
CA PHE L 39 43.26 2.88 -34.00
C PHE L 39 44.56 3.56 -34.32
N TYR L 40 45.55 2.78 -34.73
CA TYR L 40 46.86 3.32 -35.00
C TYR L 40 47.57 2.48 -36.06
N THR L 41 47.78 3.07 -37.23
CA THR L 41 48.41 2.34 -38.32
C THR L 41 49.25 3.28 -39.19
N GLU L 42 50.23 2.70 -39.88
CA GLU L 42 51.04 3.48 -40.81
C GLU L 42 50.65 3.24 -42.28
N LEU L 43 49.52 2.57 -42.49
CA LEU L 43 49.10 2.19 -43.83
C LEU L 43 48.57 3.34 -44.67
N SER L 44 48.19 4.44 -44.03
CA SER L 44 47.49 5.51 -44.72
C SER L 44 48.25 6.04 -45.94
N SER L 45 49.57 6.00 -45.86
CA SER L 45 50.44 6.50 -46.92
C SER L 45 50.48 5.55 -48.13
N THR L 46 50.30 4.26 -47.88
CA THR L 46 50.54 3.26 -48.91
C THR L 46 49.30 2.56 -49.51
N ARG L 47 48.22 2.40 -48.74
CA ARG L 47 47.02 1.76 -49.27
C ARG L 47 45.80 1.98 -48.37
N GLY L 48 44.65 1.45 -48.78
CA GLY L 48 43.45 1.55 -47.97
C GLY L 48 43.34 0.45 -46.93
N TYR L 49 42.42 0.61 -45.98
CA TYR L 49 42.19 -0.40 -44.95
C TYR L 49 40.82 -0.25 -44.26
N SER L 50 40.34 -1.35 -43.69
CA SER L 50 39.07 -1.34 -42.98
C SER L 50 39.30 -1.11 -41.50
N ILE L 51 38.53 -0.16 -40.95
CA ILE L 51 38.65 0.16 -39.54
C ILE L 51 37.62 -0.62 -38.71
N PHE L 52 36.39 -0.69 -39.23
CA PHE L 52 35.27 -1.30 -38.52
C PHE L 52 34.31 -1.85 -39.58
N SER L 53 34.18 -3.18 -39.64
CA SER L 53 33.31 -3.82 -40.62
C SER L 53 32.13 -4.52 -39.96
N TYR L 54 30.93 -4.11 -40.37
CA TYR L 54 29.67 -4.59 -39.81
C TYR L 54 28.82 -5.16 -40.96
N ALA L 55 28.68 -6.48 -40.97
CA ALA L 55 28.01 -7.13 -42.09
C ALA L 55 26.73 -7.87 -41.72
N THR L 56 25.82 -7.91 -42.69
CA THR L 56 24.54 -8.61 -42.61
C THR L 56 24.52 -9.74 -43.65
N LYS L 57 23.64 -10.72 -43.49
CA LYS L 57 23.51 -11.75 -44.52
C LYS L 57 23.18 -11.11 -45.87
N ARG L 58 22.48 -9.98 -45.83
CA ARG L 58 22.03 -9.29 -47.04
C ARG L 58 23.00 -8.22 -47.54
N GLN L 59 23.80 -7.66 -46.64
CA GLN L 59 24.69 -6.55 -46.97
C GLN L 59 26.04 -6.63 -46.24
N ASP L 60 27.11 -6.75 -47.02
CA ASP L 60 28.45 -6.93 -46.45
C ASP L 60 28.95 -5.62 -45.83
N ASN L 61 28.45 -4.52 -46.38
CA ASN L 61 28.81 -3.20 -45.88
C ASN L 61 27.62 -2.49 -45.23
N GLU L 62 27.06 -3.12 -44.19
CA GLU L 62 25.90 -2.57 -43.50
C GLU L 62 26.35 -1.32 -42.75
N ILE L 63 27.42 -1.47 -41.98
CA ILE L 63 28.14 -0.30 -41.48
C ILE L 63 29.63 -0.50 -41.69
N LEU L 64 30.24 0.40 -42.46
CA LEU L 64 31.68 0.31 -42.73
C LEU L 64 32.45 1.63 -42.57
N ILE L 65 33.39 1.61 -41.64
CA ILE L 65 34.33 2.70 -41.48
C ILE L 65 35.63 2.23 -42.10
N PHE L 66 36.09 3.00 -43.08
CA PHE L 66 37.18 2.56 -43.95
C PHE L 66 38.06 3.74 -44.29
N TRP L 67 39.35 3.51 -44.40
CA TRP L 67 40.25 4.53 -44.92
C TRP L 67 40.56 4.22 -46.38
N SER L 68 40.23 5.11 -47.30
CA SER L 68 40.58 4.86 -48.69
C SER L 68 41.74 5.75 -49.13
N LYS L 69 42.72 5.13 -49.79
CA LYS L 69 44.02 5.76 -50.03
C LYS L 69 43.91 7.11 -50.73
N ASP L 70 44.69 8.07 -50.25
CA ASP L 70 44.80 9.37 -50.91
C ASP L 70 43.47 10.14 -50.95
N ILE L 71 42.51 9.72 -50.13
CA ILE L 71 41.23 10.41 -50.05
C ILE L 71 40.89 10.81 -48.62
N GLY L 72 40.70 9.82 -47.76
CA GLY L 72 40.38 10.06 -46.37
C GLY L 72 39.45 9.00 -45.83
N TYR L 73 38.59 9.38 -44.88
CA TYR L 73 37.67 8.41 -44.28
C TYR L 73 36.47 8.16 -45.18
N SER L 74 36.09 6.90 -45.31
CA SER L 74 34.88 6.54 -46.02
C SER L 74 33.91 5.91 -45.02
N PHE L 75 32.68 6.38 -45.06
CA PHE L 75 31.67 5.89 -44.16
C PHE L 75 30.53 5.31 -44.98
N THR L 76 30.19 4.06 -44.68
CA THR L 76 29.17 3.36 -45.47
C THR L 76 28.05 2.79 -44.61
N VAL L 77 26.82 3.12 -44.99
CA VAL L 77 25.65 2.54 -44.34
C VAL L 77 24.79 1.89 -45.40
N GLY L 78 24.46 0.61 -45.19
CA GLY L 78 23.64 -0.16 -46.12
C GLY L 78 24.13 -0.11 -47.55
N GLY L 79 25.44 -0.15 -47.74
CA GLY L 79 26.02 -0.12 -49.06
C GLY L 79 26.28 1.25 -49.67
N SER L 80 25.65 2.29 -49.14
CA SER L 80 25.89 3.66 -49.62
C SER L 80 27.04 4.34 -48.89
N GLU L 81 27.91 4.98 -49.66
CA GLU L 81 29.17 5.51 -49.17
C GLU L 81 29.20 7.03 -49.30
N ILE L 82 29.67 7.69 -48.24
CA ILE L 82 30.09 9.08 -48.34
C ILE L 82 31.53 9.22 -47.83
N LEU L 83 32.16 10.32 -48.23
CA LEU L 83 33.56 10.50 -47.91
C LEU L 83 33.75 11.66 -46.93
N PHE L 84 34.76 11.54 -46.08
CA PHE L 84 35.25 12.64 -45.27
C PHE L 84 36.73 12.86 -45.59
N GLU L 85 37.00 13.79 -46.51
CA GLU L 85 38.35 14.04 -46.98
C GLU L 85 39.32 14.32 -45.86
N VAL L 86 40.54 13.84 -46.00
CA VAL L 86 41.60 14.19 -45.08
C VAL L 86 42.91 14.42 -45.82
N PRO L 87 43.27 15.70 -45.98
CA PRO L 87 44.60 16.03 -46.49
C PRO L 87 45.57 16.09 -45.32
N GLU L 88 46.86 15.92 -45.59
CA GLU L 88 47.89 16.05 -44.55
C GLU L 88 47.66 15.16 -43.34
N VAL L 89 47.53 13.86 -43.57
CA VAL L 89 47.41 12.94 -42.44
C VAL L 89 48.68 12.95 -41.57
N THR L 90 48.51 12.76 -40.27
CA THR L 90 49.66 12.69 -39.37
C THR L 90 49.80 11.27 -38.80
N VAL L 91 51.05 10.93 -38.46
CA VAL L 91 51.35 9.62 -37.89
C VAL L 91 51.16 9.65 -36.38
N ALA L 92 49.96 9.27 -35.95
CA ALA L 92 49.67 9.13 -34.53
C ALA L 92 48.38 8.36 -34.36
N PRO L 93 48.15 7.82 -33.15
CA PRO L 93 46.87 7.15 -32.90
C PRO L 93 45.75 8.12 -33.21
N VAL L 94 44.64 7.60 -33.72
CA VAL L 94 43.48 8.40 -34.08
C VAL L 94 42.28 7.89 -33.34
N HIS L 95 41.44 8.79 -32.87
CA HIS L 95 40.20 8.39 -32.24
C HIS L 95 39.06 8.86 -33.12
N ILE L 96 38.09 8.01 -33.38
CA ILE L 96 36.95 8.47 -34.18
C ILE L 96 35.64 8.10 -33.52
N CYS L 97 34.66 8.95 -33.73
CA CYS L 97 33.28 8.64 -33.39
C CYS L 97 32.48 8.91 -34.61
N THR L 98 31.55 8.02 -34.92
CA THR L 98 30.74 8.22 -36.09
C THR L 98 29.31 7.83 -35.76
N SER L 99 28.34 8.55 -36.31
CA SER L 99 26.94 8.26 -35.97
C SER L 99 26.04 8.47 -37.17
N TRP L 100 24.89 7.82 -37.12
CA TRP L 100 23.90 7.89 -38.19
C TRP L 100 22.51 7.78 -37.60
N GLU L 101 21.57 8.53 -38.18
CA GLU L 101 20.19 8.52 -37.73
C GLU L 101 19.26 8.32 -38.91
N SER L 102 18.45 7.26 -38.83
CA SER L 102 17.52 6.96 -39.91
C SER L 102 16.53 8.10 -40.17
N ALA L 103 15.93 8.60 -39.08
CA ALA L 103 14.93 9.66 -39.18
C ALA L 103 15.33 10.83 -40.10
N SER L 104 16.59 11.25 -40.04
CA SER L 104 17.05 12.45 -40.75
C SER L 104 18.07 12.13 -41.84
N GLY L 105 18.74 10.99 -41.69
CA GLY L 105 19.79 10.64 -42.63
C GLY L 105 21.10 11.33 -42.31
N ILE L 106 21.12 12.01 -41.17
CA ILE L 106 22.31 12.77 -40.78
C ILE L 106 23.40 11.86 -40.24
N VAL L 107 24.61 11.97 -40.82
CA VAL L 107 25.75 11.28 -40.24
C VAL L 107 26.75 12.30 -39.70
N GLU L 108 27.40 11.95 -38.61
CA GLU L 108 28.41 12.80 -38.02
C GLU L 108 29.68 12.01 -37.98
N PHE L 109 30.80 12.69 -38.23
CA PHE L 109 32.09 12.05 -38.15
C PHE L 109 33.02 12.90 -37.28
N TRP L 110 33.48 12.32 -36.18
CA TRP L 110 34.36 13.02 -35.26
C TRP L 110 35.77 12.45 -35.25
N VAL L 111 36.75 13.30 -35.51
CA VAL L 111 38.14 12.87 -35.48
C VAL L 111 38.90 13.55 -34.34
N ASP L 112 39.41 12.75 -33.42
CA ASP L 112 40.18 13.25 -32.28
C ASP L 112 39.41 14.32 -31.49
N GLY L 113 38.12 14.09 -31.32
CA GLY L 113 37.29 15.01 -30.55
C GLY L 113 36.71 16.18 -31.32
N LYS L 114 37.09 16.34 -32.58
CA LYS L 114 36.60 17.46 -33.39
C LYS L 114 35.59 17.00 -34.45
N PRO L 115 34.45 17.68 -34.53
CA PRO L 115 33.43 17.26 -35.49
C PRO L 115 33.76 17.70 -36.92
N ARG L 116 33.53 16.81 -37.86
CA ARG L 116 33.53 17.16 -39.27
C ARG L 116 32.14 17.69 -39.51
N VAL L 117 31.93 18.30 -40.66
CA VAL L 117 30.60 18.79 -41.00
C VAL L 117 29.60 17.63 -41.02
N ARG L 118 28.32 17.94 -40.92
CA ARG L 118 27.29 16.91 -40.98
C ARG L 118 26.93 16.63 -42.42
N LYS L 119 26.61 15.37 -42.71
CA LYS L 119 26.26 14.96 -44.07
C LYS L 119 25.06 14.05 -44.04
N SER L 120 24.57 13.70 -45.23
CA SER L 120 23.36 12.89 -45.35
C SER L 120 23.65 11.50 -45.93
N LEU L 121 22.98 10.48 -45.39
CA LEU L 121 23.16 9.11 -45.83
C LEU L 121 22.01 8.18 -45.43
N LYS L 122 21.36 7.59 -46.42
CA LYS L 122 20.37 6.56 -46.16
C LYS L 122 19.25 7.00 -45.20
N LYS L 123 18.58 8.09 -45.54
CA LYS L 123 17.42 8.50 -44.73
C LYS L 123 16.34 7.41 -44.80
N GLY L 124 15.83 7.02 -43.64
CA GLY L 124 14.72 6.08 -43.61
C GLY L 124 15.11 4.61 -43.68
N TYR L 125 16.38 4.34 -43.93
CA TYR L 125 16.90 2.98 -43.97
C TYR L 125 16.85 2.35 -42.58
N THR L 126 16.98 1.03 -42.51
CA THR L 126 17.06 0.37 -41.21
C THR L 126 18.22 -0.63 -41.21
N VAL L 127 19.10 -0.52 -40.23
CA VAL L 127 20.28 -1.37 -40.13
C VAL L 127 19.94 -2.67 -39.41
N GLY L 128 20.32 -3.79 -40.01
CA GLY L 128 20.01 -5.11 -39.49
C GLY L 128 20.68 -5.42 -38.16
N ALA L 129 20.04 -6.28 -37.36
CA ALA L 129 20.58 -6.62 -36.05
C ALA L 129 21.31 -7.97 -36.03
N GLU L 130 21.08 -8.78 -37.07
CA GLU L 130 21.80 -10.04 -37.21
C GLU L 130 23.09 -9.73 -37.95
N ALA L 131 24.14 -9.45 -37.19
CA ALA L 131 25.35 -8.88 -37.77
C ALA L 131 26.62 -9.63 -37.44
N SER L 132 27.56 -9.57 -38.37
CA SER L 132 28.90 -10.05 -38.10
C SER L 132 29.76 -8.80 -38.01
N ILE L 133 30.34 -8.58 -36.83
CA ILE L 133 31.13 -7.38 -36.58
C ILE L 133 32.60 -7.74 -36.45
N ILE L 134 33.41 -7.20 -37.36
CA ILE L 134 34.79 -7.63 -37.46
C ILE L 134 35.81 -6.51 -37.48
N LEU L 135 36.83 -6.69 -36.66
CA LEU L 135 38.01 -5.82 -36.60
C LEU L 135 39.18 -6.49 -37.30
N GLY L 136 39.89 -5.74 -38.16
CA GLY L 136 41.12 -6.24 -38.71
C GLY L 136 41.05 -6.68 -40.17
N GLN L 137 39.83 -6.99 -40.62
CA GLN L 137 39.59 -7.38 -41.99
C GLN L 137 38.35 -6.69 -42.50
N GLU L 138 38.25 -6.53 -43.81
CA GLU L 138 37.03 -6.02 -44.43
C GLU L 138 36.18 -7.19 -44.96
N GLN L 139 34.91 -7.24 -44.57
CA GLN L 139 34.03 -8.33 -44.95
C GLN L 139 33.41 -8.12 -46.32
N ASP L 140 33.47 -9.17 -47.15
CA ASP L 140 32.77 -9.17 -48.43
C ASP L 140 31.60 -10.15 -48.41
N SER L 141 31.53 -10.92 -47.33
CA SER L 141 30.42 -11.82 -47.07
C SER L 141 30.17 -11.89 -45.58
N PHE L 142 29.02 -12.42 -45.19
CA PHE L 142 28.69 -12.49 -43.79
C PHE L 142 29.73 -13.30 -43.03
N GLY L 143 30.73 -12.64 -42.47
CA GLY L 143 31.67 -13.31 -41.58
C GLY L 143 32.96 -13.77 -42.25
N GLY L 144 33.17 -13.33 -43.50
CA GLY L 144 34.35 -13.74 -44.22
C GLY L 144 34.56 -13.06 -45.55
N ASN L 145 35.31 -13.74 -46.41
CA ASN L 145 35.70 -13.18 -47.70
C ASN L 145 36.52 -11.92 -47.56
N PHE L 146 37.60 -12.05 -46.80
CA PHE L 146 38.49 -10.95 -46.55
C PHE L 146 39.41 -10.67 -47.73
N GLU L 147 39.80 -9.41 -47.89
CA GLU L 147 40.86 -9.05 -48.83
C GLU L 147 42.05 -8.54 -48.04
N GLY L 148 43.23 -9.08 -48.33
CA GLY L 148 44.44 -8.72 -47.61
C GLY L 148 44.88 -7.30 -47.89
N SER L 149 44.50 -6.79 -49.06
CA SER L 149 44.84 -5.41 -49.42
C SER L 149 43.96 -4.41 -48.69
N GLN L 150 43.13 -4.93 -47.78
CA GLN L 150 42.21 -4.09 -47.03
C GLN L 150 42.30 -4.35 -45.53
N SER L 151 43.25 -5.18 -45.14
CA SER L 151 43.42 -5.51 -43.72
C SER L 151 44.02 -4.35 -42.94
N LEU L 152 43.83 -4.37 -41.62
CA LEU L 152 44.41 -3.34 -40.76
C LEU L 152 45.67 -3.89 -40.16
N VAL L 153 46.76 -3.17 -40.36
CA VAL L 153 48.01 -3.54 -39.73
C VAL L 153 48.35 -2.48 -38.70
N GLY L 154 48.31 -2.87 -37.44
CA GLY L 154 48.53 -1.93 -36.34
C GLY L 154 47.67 -2.27 -35.15
N ASP L 155 47.22 -1.25 -34.42
CA ASP L 155 46.43 -1.47 -33.21
C ASP L 155 45.01 -0.94 -33.37
N ILE L 156 44.06 -1.57 -32.70
CA ILE L 156 42.72 -0.98 -32.61
C ILE L 156 42.14 -1.38 -31.27
N GLY L 157 41.45 -0.44 -30.63
CA GLY L 157 40.90 -0.63 -29.28
C GLY L 157 39.82 0.39 -28.90
N ASN L 158 39.39 0.35 -27.63
CA ASN L 158 38.32 1.23 -27.18
C ASN L 158 37.11 1.25 -28.13
N VAL L 159 36.71 0.08 -28.61
CA VAL L 159 35.58 -0.01 -29.52
C VAL L 159 34.30 -0.02 -28.70
N ASN L 160 33.39 0.90 -28.99
CA ASN L 160 32.13 0.98 -28.29
C ASN L 160 31.04 1.33 -29.28
N MET L 161 29.83 0.83 -29.05
CA MET L 161 28.72 1.10 -29.96
C MET L 161 27.41 1.37 -29.19
N TRP L 162 26.64 2.37 -29.64
CA TRP L 162 25.34 2.67 -29.04
C TRP L 162 24.28 2.55 -30.12
N ASP L 163 23.04 2.31 -29.69
CA ASP L 163 21.94 2.23 -30.64
C ASP L 163 21.21 3.57 -30.84
N PHE L 164 21.84 4.65 -30.40
CA PHE L 164 21.30 6.00 -30.62
C PHE L 164 22.43 6.97 -30.95
N VAL L 165 22.08 8.20 -31.33
CA VAL L 165 23.09 9.20 -31.66
C VAL L 165 23.62 9.95 -30.44
N LEU L 166 24.91 9.84 -30.20
CA LEU L 166 25.56 10.60 -29.13
C LEU L 166 25.55 12.11 -29.43
N SER L 167 25.25 12.89 -28.40
CA SER L 167 25.29 14.35 -28.50
C SER L 167 26.73 14.82 -28.48
N PRO L 168 26.97 16.04 -28.98
CA PRO L 168 28.35 16.55 -28.98
C PRO L 168 28.99 16.55 -27.59
N ASP L 169 28.21 16.83 -26.55
CA ASP L 169 28.77 16.82 -25.19
C ASP L 169 29.19 15.42 -24.79
N GLU L 170 28.35 14.44 -25.14
CA GLU L 170 28.63 13.05 -24.83
C GLU L 170 29.90 12.60 -25.55
N ILE L 171 29.97 12.89 -26.86
CA ILE L 171 31.14 12.53 -27.64
C ILE L 171 32.39 13.14 -27.04
N ASN L 172 32.27 14.38 -26.59
CA ASN L 172 33.41 15.03 -25.97
C ASN L 172 33.90 14.32 -24.73
N THR L 173 32.99 13.96 -23.82
CA THR L 173 33.41 13.31 -22.59
C THR L 173 34.03 11.94 -22.92
N ILE L 174 33.51 11.28 -23.96
CA ILE L 174 34.08 10.00 -24.39
C ILE L 174 35.53 10.21 -24.81
N TYR L 175 35.77 11.28 -25.58
CA TYR L 175 37.12 11.55 -26.09
C TYR L 175 38.09 11.95 -24.97
N LEU L 176 37.59 12.75 -24.03
CA LEU L 176 38.40 13.23 -22.92
C LEU L 176 38.59 12.18 -21.81
N GLY L 177 37.83 11.08 -21.85
CA GLY L 177 38.05 9.97 -20.95
C GLY L 177 37.02 9.78 -19.83
N GLY L 178 36.07 10.68 -19.73
CA GLY L 178 34.96 10.55 -18.79
C GLY L 178 34.20 9.23 -18.88
N PRO L 179 33.23 9.03 -17.98
CA PRO L 179 32.48 7.79 -17.83
C PRO L 179 31.38 7.71 -18.85
N PHE L 180 31.03 6.49 -19.26
CA PHE L 180 29.89 6.30 -20.17
C PHE L 180 29.52 4.82 -20.19
N SER L 181 28.30 4.52 -20.66
CA SER L 181 27.88 3.13 -20.80
C SER L 181 27.17 2.91 -22.13
N PRO L 182 27.89 2.26 -23.07
CA PRO L 182 27.36 1.92 -24.39
C PRO L 182 26.39 0.76 -24.25
N ASN L 183 25.37 0.72 -25.09
CA ASN L 183 24.37 -0.32 -24.97
C ASN L 183 24.34 -1.36 -26.14
N VAL L 184 25.38 -1.37 -26.98
CA VAL L 184 25.49 -2.37 -28.03
C VAL L 184 26.81 -3.11 -27.92
N LEU L 185 27.94 -2.40 -28.11
CA LEU L 185 29.26 -2.97 -27.82
C LEU L 185 29.91 -2.20 -26.70
N ASN L 186 30.46 -2.90 -25.73
CA ASN L 186 31.09 -2.23 -24.60
C ASN L 186 32.49 -2.76 -24.35
N TRP L 187 33.49 -1.93 -24.59
CA TRP L 187 34.88 -2.33 -24.46
C TRP L 187 35.19 -2.92 -23.08
N ARG L 188 34.40 -2.52 -22.09
CA ARG L 188 34.66 -2.93 -20.70
C ARG L 188 33.94 -4.24 -20.36
N ALA L 189 33.04 -4.65 -21.24
CA ALA L 189 32.36 -5.95 -21.15
C ALA L 189 32.21 -6.52 -22.57
N LEU L 190 33.33 -6.94 -23.14
CA LEU L 190 33.38 -7.27 -24.57
C LEU L 190 33.33 -8.78 -24.78
N LYS L 191 32.38 -9.22 -25.59
CA LYS L 191 32.31 -10.63 -25.98
C LYS L 191 32.89 -10.75 -27.38
N TYR L 192 34.06 -11.38 -27.45
CA TYR L 192 34.77 -11.47 -28.72
C TYR L 192 35.43 -12.83 -28.95
N GLU L 193 35.75 -13.07 -30.21
CA GLU L 193 36.43 -14.29 -30.61
C GLU L 193 37.63 -13.94 -31.52
N VAL L 194 38.79 -14.51 -31.24
CA VAL L 194 39.98 -14.20 -32.04
C VAL L 194 40.32 -15.27 -33.06
N GLN L 195 40.76 -14.86 -34.24
CA GLN L 195 41.18 -15.80 -35.27
C GLN L 195 42.52 -15.36 -35.84
N GLY L 196 43.51 -16.25 -35.80
CA GLY L 196 44.77 -15.97 -36.45
C GLY L 196 45.76 -15.18 -35.62
N GLU L 197 46.54 -14.35 -36.31
CA GLU L 197 47.67 -13.68 -35.70
C GLU L 197 47.24 -12.34 -35.07
N VAL L 198 46.55 -12.43 -33.93
CA VAL L 198 46.05 -11.26 -33.23
C VAL L 198 46.51 -11.29 -31.78
N PHE L 199 47.02 -10.18 -31.29
CA PHE L 199 47.47 -10.17 -29.90
C PHE L 199 46.78 -9.09 -29.06
N THR L 200 46.77 -9.32 -27.75
CA THR L 200 46.21 -8.37 -26.81
C THR L 200 47.36 -7.76 -26.04
N LYS L 201 47.55 -6.45 -26.23
CA LYS L 201 48.61 -5.72 -25.54
C LYS L 201 48.08 -4.44 -24.88
N PRO L 202 48.86 -3.87 -23.96
CA PRO L 202 48.53 -2.55 -23.40
C PRO L 202 48.42 -1.50 -24.51
N GLN L 203 47.43 -0.62 -24.46
CA GLN L 203 47.24 0.37 -25.50
C GLN L 203 48.40 1.36 -25.60
N LEU L 204 48.67 1.81 -26.82
CA LEU L 204 49.73 2.79 -27.07
C LEU L 204 49.28 4.23 -26.85
N TRP L 205 47.97 4.47 -26.92
CA TRP L 205 47.44 5.80 -26.74
C TRP L 205 47.08 6.04 -25.28
N PRO L 206 47.02 7.31 -24.87
CA PRO L 206 46.62 7.66 -23.50
C PRO L 206 45.22 7.16 -23.18
N GLN M 1 81.51 -1.95 -11.68
CA GLN M 1 80.22 -1.29 -11.63
C GLN M 1 80.38 0.19 -11.34
N THR M 2 80.24 1.02 -12.38
CA THR M 2 80.29 2.46 -12.20
C THR M 2 78.88 3.03 -12.25
N ASP M 3 78.62 4.06 -11.44
CA ASP M 3 77.35 4.80 -11.54
C ASP M 3 77.48 5.94 -12.55
N MET M 4 76.94 5.72 -13.75
CA MET M 4 77.06 6.68 -14.85
C MET M 4 75.93 7.73 -14.79
N SER M 5 75.21 7.77 -13.68
CA SER M 5 74.09 8.70 -13.58
C SER M 5 74.53 10.08 -14.00
N ARG M 6 73.74 10.69 -14.89
CA ARG M 6 73.90 12.11 -15.18
C ARG M 6 75.14 12.34 -16.04
N LYS M 7 75.73 11.26 -16.53
CA LYS M 7 76.90 11.35 -17.42
C LYS M 7 76.64 10.69 -18.79
N ALA M 8 77.49 11.01 -19.77
CA ALA M 8 77.33 10.47 -21.13
C ALA M 8 78.69 10.20 -21.73
N PHE M 9 78.72 9.29 -22.70
CA PHE M 9 79.95 9.05 -23.45
C PHE M 9 79.97 10.01 -24.62
N VAL M 10 81.15 10.58 -24.88
CA VAL M 10 81.30 11.55 -25.96
C VAL M 10 82.28 11.05 -27.00
N PHE M 11 81.82 10.97 -28.24
CA PHE M 11 82.67 10.63 -29.38
C PHE M 11 82.82 11.85 -30.28
N PRO M 12 83.83 12.69 -30.03
CA PRO M 12 83.97 14.04 -30.58
C PRO M 12 84.23 14.08 -32.08
N LYS M 13 84.92 13.08 -32.64
CA LYS M 13 85.16 13.09 -34.09
C LYS M 13 85.04 11.75 -34.75
N GLU M 14 84.77 11.77 -36.06
CA GLU M 14 84.59 10.55 -36.83
C GLU M 14 85.82 9.70 -36.67
N SER M 15 85.62 8.41 -36.39
CA SER M 15 86.75 7.49 -36.20
C SER M 15 86.37 6.06 -36.46
N ASP M 16 87.37 5.19 -36.37
CA ASP M 16 87.31 3.84 -36.84
C ASP M 16 87.61 2.99 -35.61
N THR M 17 87.96 3.68 -34.53
CA THR M 17 88.73 3.07 -33.44
C THR M 17 88.17 3.39 -32.07
N SER M 18 87.28 4.37 -32.00
CA SER M 18 86.72 4.79 -30.72
C SER M 18 85.38 4.10 -30.44
N TYR M 19 85.27 3.50 -29.26
CA TYR M 19 84.06 2.79 -28.89
C TYR M 19 84.03 2.41 -27.42
N VAL M 20 82.85 2.05 -26.95
CA VAL M 20 82.67 1.55 -25.60
C VAL M 20 82.05 0.16 -25.65
N SER M 21 82.60 -0.76 -24.86
CA SER M 21 82.06 -2.11 -24.77
C SER M 21 81.30 -2.25 -23.47
N LEU M 22 80.03 -2.58 -23.57
CA LEU M 22 79.18 -2.78 -22.40
C LEU M 22 79.11 -4.27 -22.06
N LYS M 23 79.28 -4.60 -20.78
CA LYS M 23 79.34 -6.00 -20.36
C LYS M 23 78.06 -6.43 -19.66
N ALA M 24 77.40 -7.44 -20.20
CA ALA M 24 76.17 -7.99 -19.62
C ALA M 24 76.43 -9.35 -18.98
N PRO M 25 76.01 -9.50 -17.72
CA PRO M 25 76.21 -10.72 -16.92
C PRO M 25 75.23 -11.79 -17.35
N LEU M 26 74.82 -11.70 -18.60
CA LEU M 26 73.73 -12.49 -19.12
C LEU M 26 74.01 -14.00 -19.19
N THR M 27 72.99 -14.80 -18.87
CA THR M 27 73.09 -16.23 -18.95
C THR M 27 72.04 -16.82 -19.92
N LYS M 28 70.76 -16.68 -19.59
CA LYS M 28 69.70 -17.22 -20.44
C LYS M 28 69.71 -16.52 -21.79
N PRO M 29 69.51 -17.27 -22.88
CA PRO M 29 69.23 -16.62 -24.17
C PRO M 29 67.96 -15.79 -24.05
N LEU M 30 67.83 -14.74 -24.84
CA LEU M 30 66.75 -13.78 -24.68
C LEU M 30 65.56 -14.13 -25.54
N LYS M 31 64.38 -14.17 -24.93
CA LYS M 31 63.15 -14.43 -25.68
C LYS M 31 62.31 -13.17 -25.74
N ALA M 32 62.86 -12.11 -25.18
CA ALA M 32 62.28 -10.76 -25.20
C ALA M 32 63.31 -9.77 -24.65
N PHE M 33 63.22 -8.51 -25.07
CA PHE M 33 64.10 -7.49 -24.50
C PHE M 33 63.56 -6.08 -24.73
N THR M 34 64.05 -5.16 -23.91
CA THR M 34 63.85 -3.74 -24.11
C THR M 34 65.18 -2.99 -24.00
N VAL M 35 65.40 -2.06 -24.92
CA VAL M 35 66.60 -1.22 -24.87
C VAL M 35 66.20 0.25 -24.88
N CYS M 36 66.76 1.02 -23.96
CA CYS M 36 66.52 2.46 -23.89
C CYS M 36 67.83 3.23 -23.84
N LEU M 37 67.84 4.40 -24.47
CA LEU M 37 69.04 5.22 -24.44
C LEU M 37 68.74 6.61 -24.95
N HIS M 38 69.67 7.51 -24.65
CA HIS M 38 69.67 8.89 -25.15
C HIS M 38 70.86 8.99 -26.07
N PHE M 39 70.71 9.70 -27.18
CA PHE M 39 71.88 10.05 -27.99
C PHE M 39 71.65 11.41 -28.63
N TYR M 40 72.72 12.00 -29.14
CA TYR M 40 72.66 13.34 -29.70
C TYR M 40 73.73 13.48 -30.75
N THR M 41 73.33 13.61 -32.01
CA THR M 41 74.30 13.71 -33.10
C THR M 41 73.76 14.61 -34.21
N GLU M 42 74.65 15.16 -35.03
CA GLU M 42 74.24 15.97 -36.17
C GLU M 42 74.41 15.23 -37.48
N LEU M 43 74.73 13.94 -37.40
CA LEU M 43 75.04 13.14 -38.58
C LEU M 43 73.84 12.83 -39.45
N SER M 44 72.64 12.98 -38.91
CA SER M 44 71.42 12.50 -39.57
C SER M 44 71.26 13.09 -40.97
N SER M 45 71.70 14.33 -41.12
CA SER M 45 71.61 15.04 -42.40
C SER M 45 72.58 14.50 -43.46
N THR M 46 73.74 14.01 -43.02
CA THR M 46 74.82 13.70 -43.94
C THR M 46 75.11 12.21 -44.18
N ARG M 47 74.87 11.34 -43.20
CA ARG M 47 75.09 9.90 -43.39
C ARG M 47 74.42 9.03 -42.33
N GLY M 48 74.57 7.71 -42.45
CA GLY M 48 74.01 6.80 -41.47
C GLY M 48 74.94 6.57 -40.29
N TYR M 49 74.42 5.97 -39.21
CA TYR M 49 75.24 5.67 -38.03
C TYR M 49 74.61 4.61 -37.14
N SER M 50 75.44 3.93 -36.36
CA SER M 50 74.97 2.94 -35.43
C SER M 50 74.72 3.55 -34.05
N ILE M 51 73.54 3.30 -33.52
CA ILE M 51 73.19 3.76 -32.19
C ILE M 51 73.53 2.74 -31.11
N PHE M 52 73.19 1.47 -31.36
CA PHE M 52 73.39 0.41 -30.37
C PHE M 52 73.66 -0.90 -31.11
N SER M 53 74.88 -1.44 -30.99
CA SER M 53 75.27 -2.64 -31.72
C SER M 53 75.50 -3.84 -30.80
N TYR M 54 74.70 -4.89 -30.99
CA TYR M 54 74.73 -6.08 -30.17
C TYR M 54 75.03 -7.27 -31.05
N ALA M 55 76.23 -7.83 -30.91
CA ALA M 55 76.69 -8.89 -31.79
C ALA M 55 76.91 -10.24 -31.08
N THR M 56 76.76 -11.30 -31.86
CA THR M 56 76.99 -12.67 -31.44
C THR M 56 78.13 -13.23 -32.28
N LYS M 57 78.74 -14.34 -31.85
CA LYS M 57 79.75 -15.00 -32.68
C LYS M 57 79.13 -15.40 -34.04
N ARG M 58 77.84 -15.72 -34.02
CA ARG M 58 77.12 -16.17 -35.22
C ARG M 58 76.48 -15.02 -36.01
N GLN M 59 76.12 -13.92 -35.33
CA GLN M 59 75.37 -12.85 -35.97
C GLN M 59 75.84 -11.49 -35.51
N ASP M 60 76.35 -10.70 -36.45
CA ASP M 60 76.93 -9.41 -36.12
C ASP M 60 75.84 -8.38 -35.79
N ASN M 61 74.65 -8.64 -36.29
CA ASN M 61 73.51 -7.76 -36.08
C ASN M 61 72.41 -8.48 -35.31
N GLU M 62 72.76 -8.99 -34.14
CA GLU M 62 71.81 -9.74 -33.34
C GLU M 62 70.75 -8.77 -32.83
N ILE M 63 71.19 -7.64 -32.28
CA ILE M 63 70.29 -6.52 -32.07
C ILE M 63 70.99 -5.27 -32.58
N LEU M 64 70.37 -4.56 -33.52
CA LEU M 64 70.96 -3.33 -34.02
C LEU M 64 69.97 -2.21 -34.17
N ILE M 65 70.19 -1.13 -33.43
CA ILE M 65 69.47 0.12 -33.60
C ILE M 65 70.37 1.03 -34.41
N PHE M 66 69.87 1.50 -35.54
CA PHE M 66 70.71 2.17 -36.52
C PHE M 66 69.92 3.30 -37.18
N TRP M 67 70.61 4.38 -37.53
CA TRP M 67 69.98 5.45 -38.30
C TRP M 67 70.47 5.35 -39.73
N SER M 68 69.58 5.07 -40.68
CA SER M 68 70.01 5.01 -42.07
C SER M 68 69.59 6.28 -42.82
N LYS M 69 70.52 6.84 -43.58
CA LYS M 69 70.38 8.18 -44.14
C LYS M 69 69.11 8.35 -44.98
N ASP M 70 68.44 9.48 -44.77
CA ASP M 70 67.27 9.86 -45.59
C ASP M 70 66.11 8.85 -45.49
N ILE M 71 66.15 8.01 -44.47
CA ILE M 71 65.06 7.06 -44.25
C ILE M 71 64.48 7.17 -42.83
N GLY M 72 65.30 6.88 -41.83
CA GLY M 72 64.87 6.97 -40.44
C GLY M 72 65.53 5.88 -39.61
N TYR M 73 64.82 5.40 -38.61
CA TYR M 73 65.39 4.40 -37.71
C TYR M 73 65.28 3.02 -38.32
N SER M 74 66.34 2.24 -38.21
CA SER M 74 66.31 0.85 -38.65
C SER M 74 66.54 -0.01 -37.44
N PHE M 75 65.68 -0.99 -37.26
CA PHE M 75 65.75 -1.89 -36.12
C PHE M 75 66.01 -3.30 -36.64
N THR M 76 67.05 -3.94 -36.15
CA THR M 76 67.40 -5.27 -36.63
C THR M 76 67.48 -6.30 -35.49
N VAL M 77 66.81 -7.41 -35.66
CA VAL M 77 66.95 -8.53 -34.73
C VAL M 77 67.35 -9.76 -35.55
N GLY M 78 68.41 -10.44 -35.12
CA GLY M 78 68.89 -11.64 -35.77
C GLY M 78 69.12 -11.49 -37.27
N GLY M 79 69.60 -10.33 -37.68
CA GLY M 79 69.88 -10.10 -39.08
C GLY M 79 68.71 -9.53 -39.87
N SER M 80 67.48 -9.65 -39.38
CA SER M 80 66.32 -9.13 -40.12
C SER M 80 66.03 -7.69 -39.73
N GLU M 81 65.81 -6.86 -40.73
CA GLU M 81 65.65 -5.43 -40.53
C GLU M 81 64.22 -4.98 -40.83
N ILE M 82 63.68 -4.10 -39.98
CA ILE M 82 62.51 -3.30 -40.33
C ILE M 82 62.82 -1.82 -40.14
N LEU M 83 62.03 -0.98 -40.77
CA LEU M 83 62.30 0.45 -40.75
C LEU M 83 61.22 1.21 -39.99
N PHE M 84 61.63 2.29 -39.35
CA PHE M 84 60.69 3.25 -38.80
C PHE M 84 61.01 4.60 -39.39
N GLU M 85 60.25 4.97 -40.43
CA GLU M 85 60.51 6.20 -41.19
C GLU M 85 60.49 7.42 -40.30
N VAL M 86 61.35 8.37 -40.62
CA VAL M 86 61.33 9.66 -39.95
C VAL M 86 61.58 10.79 -40.95
N PRO M 87 60.52 11.50 -41.32
CA PRO M 87 60.68 12.71 -42.12
C PRO M 87 60.86 13.88 -41.17
N GLU M 88 61.48 14.96 -41.65
CA GLU M 88 61.62 16.18 -40.86
C GLU M 88 62.30 15.95 -39.50
N VAL M 89 63.49 15.38 -39.54
CA VAL M 89 64.27 15.24 -38.30
C VAL M 89 64.62 16.60 -37.70
N THR M 90 64.64 16.68 -36.37
CA THR M 90 65.05 17.91 -35.70
C THR M 90 66.39 17.74 -35.00
N VAL M 91 67.11 18.84 -34.85
CA VAL M 91 68.41 18.84 -34.18
C VAL M 91 68.25 18.99 -32.67
N ALA M 92 68.19 17.86 -31.99
CA ALA M 92 68.13 17.85 -30.53
C ALA M 92 68.44 16.46 -30.04
N PRO M 93 68.79 16.32 -28.76
CA PRO M 93 68.95 14.99 -28.18
C PRO M 93 67.68 14.17 -28.41
N VAL M 94 67.85 12.87 -28.63
CA VAL M 94 66.73 11.99 -28.85
C VAL M 94 66.77 10.87 -27.84
N HIS M 95 65.60 10.50 -27.33
CA HIS M 95 65.49 9.35 -26.45
C HIS M 95 64.71 8.27 -27.13
N ILE M 96 65.23 7.05 -27.13
CA ILE M 96 64.49 5.95 -27.71
C ILE M 96 64.37 4.78 -26.77
N CYS M 97 63.24 4.10 -26.90
CA CYS M 97 63.02 2.80 -26.28
C CYS M 97 62.59 1.89 -27.39
N THR M 98 63.17 0.70 -27.40
CA THR M 98 62.82 -0.27 -28.43
C THR M 98 62.67 -1.65 -27.79
N SER M 99 61.63 -2.39 -28.17
CA SER M 99 61.42 -3.72 -27.58
C SER M 99 61.02 -4.76 -28.62
N TRP M 100 61.25 -6.03 -28.27
CA TRP M 100 60.92 -7.15 -29.15
C TRP M 100 60.53 -8.34 -28.29
N GLU M 101 59.51 -9.06 -28.74
CA GLU M 101 59.05 -10.26 -28.04
C GLU M 101 59.02 -11.47 -28.97
N SER M 102 59.75 -12.54 -28.62
CA SER M 102 59.80 -13.72 -29.47
C SER M 102 58.42 -14.32 -29.68
N ALA M 103 57.67 -14.48 -28.59
CA ALA M 103 56.35 -15.09 -28.62
C ALA M 103 55.43 -14.55 -29.72
N SER M 104 55.49 -13.24 -29.96
CA SER M 104 54.56 -12.62 -30.89
C SER M 104 55.24 -12.00 -32.11
N GLY M 105 56.53 -11.71 -31.95
CA GLY M 105 57.28 -11.07 -33.00
C GLY M 105 57.04 -9.58 -33.05
N ILE M 106 56.31 -9.07 -32.07
CA ILE M 106 55.97 -7.66 -32.03
C ILE M 106 57.18 -6.84 -31.59
N VAL M 107 57.53 -5.83 -32.40
CA VAL M 107 58.51 -4.85 -31.94
C VAL M 107 57.83 -3.51 -31.69
N GLU M 108 58.31 -2.79 -30.68
CA GLU M 108 57.84 -1.44 -30.40
C GLU M 108 59.00 -0.48 -30.54
N PHE M 109 58.71 0.69 -31.08
CA PHE M 109 59.76 1.71 -31.16
C PHE M 109 59.21 3.01 -30.61
N TRP M 110 59.86 3.50 -29.55
CA TRP M 110 59.43 4.73 -28.90
C TRP M 110 60.43 5.86 -29.08
N VAL M 111 59.95 6.98 -29.62
CA VAL M 111 60.82 8.15 -29.80
C VAL M 111 60.37 9.33 -28.94
N ASP M 112 61.24 9.73 -28.03
CA ASP M 112 60.94 10.85 -27.13
C ASP M 112 59.61 10.62 -26.41
N GLY M 113 59.37 9.40 -25.94
CA GLY M 113 58.21 9.10 -25.14
C GLY M 113 56.95 8.78 -25.94
N LYS M 114 57.02 8.89 -27.26
CA LYS M 114 55.86 8.64 -28.10
C LYS M 114 56.03 7.35 -28.91
N PRO M 115 55.00 6.48 -28.86
CA PRO M 115 55.13 5.20 -29.54
C PRO M 115 54.93 5.31 -31.05
N ARG M 116 55.79 4.61 -31.78
CA ARG M 116 55.53 4.36 -33.18
C ARG M 116 54.58 3.21 -33.26
N VAL M 117 53.97 2.98 -34.42
CA VAL M 117 53.10 1.83 -34.55
C VAL M 117 53.85 0.50 -34.26
N ARG M 118 53.12 -0.55 -33.90
CA ARG M 118 53.74 -1.85 -33.65
C ARG M 118 54.00 -2.60 -34.95
N LYS M 119 55.11 -3.33 -35.00
CA LYS M 119 55.48 -4.07 -36.20
C LYS M 119 55.93 -5.47 -35.83
N SER M 120 56.18 -6.28 -36.86
CA SER M 120 56.54 -7.69 -36.67
C SER M 120 57.97 -7.98 -37.10
N LEU M 121 58.68 -8.78 -36.31
CA LEU M 121 60.04 -9.12 -36.61
C LEU M 121 60.46 -10.38 -35.86
N LYS M 122 60.93 -11.38 -36.59
CA LYS M 122 61.52 -12.58 -36.02
C LYS M 122 60.68 -13.28 -34.96
N LYS M 123 59.44 -13.57 -35.27
CA LYS M 123 58.63 -14.37 -34.36
C LYS M 123 59.29 -15.73 -34.08
N GLY M 124 59.42 -16.10 -32.82
CA GLY M 124 59.95 -17.40 -32.46
C GLY M 124 61.46 -17.48 -32.38
N TYR M 125 62.13 -16.42 -32.82
CA TYR M 125 63.59 -16.36 -32.77
C TYR M 125 64.11 -16.33 -31.33
N THR M 126 65.38 -16.60 -31.13
CA THR M 126 65.98 -16.48 -29.81
C THR M 126 67.29 -15.73 -29.90
N VAL M 127 67.40 -14.65 -29.13
CA VAL M 127 68.61 -13.82 -29.17
C VAL M 127 69.69 -14.38 -28.24
N GLY M 128 70.91 -14.47 -28.74
CA GLY M 128 72.00 -15.08 -28.00
C GLY M 128 72.46 -14.27 -26.80
N ALA M 129 73.00 -14.96 -25.81
CA ALA M 129 73.40 -14.31 -24.56
C ALA M 129 74.89 -14.02 -24.52
N GLU M 130 75.64 -14.70 -25.37
CA GLU M 130 77.08 -14.47 -25.47
C GLU M 130 77.28 -13.34 -26.45
N ALA M 131 77.27 -12.11 -25.95
CA ALA M 131 77.18 -10.94 -26.80
C ALA M 131 78.33 -9.96 -26.61
N SER M 132 78.64 -9.25 -27.67
CA SER M 132 79.52 -8.08 -27.63
C SER M 132 78.64 -6.87 -27.88
N ILE M 133 78.48 -6.04 -26.85
CA ILE M 133 77.60 -4.88 -26.95
C ILE M 133 78.43 -3.60 -27.04
N ILE M 134 78.27 -2.88 -28.15
CA ILE M 134 79.14 -1.75 -28.46
C ILE M 134 78.42 -0.46 -28.79
N LEU M 135 78.87 0.61 -28.14
CA LEU M 135 78.42 1.95 -28.42
C LEU M 135 79.50 2.67 -29.24
N GLY M 136 79.09 3.41 -30.27
CA GLY M 136 80.02 4.26 -30.99
C GLY M 136 80.50 3.75 -32.34
N GLN M 137 80.40 2.43 -32.54
CA GLN M 137 80.80 1.77 -33.78
C GLN M 137 79.76 0.71 -34.13
N GLU M 138 79.71 0.34 -35.40
CA GLU M 138 78.81 -0.73 -35.85
C GLU M 138 79.65 -1.99 -36.09
N GLN M 139 79.27 -3.07 -35.42
CA GLN M 139 80.02 -4.32 -35.48
C GLN M 139 79.72 -5.13 -36.74
N ASP M 140 80.76 -5.57 -37.44
CA ASP M 140 80.60 -6.51 -38.53
C ASP M 140 81.15 -7.88 -38.18
N SER M 141 81.78 -7.96 -37.00
CA SER M 141 82.24 -9.22 -36.44
C SER M 141 82.08 -9.12 -34.93
N PHE M 142 82.16 -10.27 -34.25
CA PHE M 142 82.05 -10.28 -32.80
C PHE M 142 83.15 -9.42 -32.14
N GLY M 143 82.81 -8.17 -31.83
CA GLY M 143 83.70 -7.29 -31.10
C GLY M 143 84.61 -6.42 -31.96
N GLY M 144 84.34 -6.37 -33.26
CA GLY M 144 85.19 -5.61 -34.15
C GLY M 144 84.70 -5.47 -35.59
N ASN M 145 85.64 -5.18 -36.49
CA ASN M 145 85.35 -4.89 -37.89
C ASN M 145 84.41 -3.71 -38.08
N PHE M 146 84.82 -2.57 -37.52
CA PHE M 146 84.03 -1.36 -37.55
C PHE M 146 84.17 -0.65 -38.89
N GLU M 147 83.13 0.10 -39.28
CA GLU M 147 83.20 0.95 -40.44
C GLU M 147 83.07 2.37 -39.96
N GLY M 148 83.99 3.24 -40.39
CA GLY M 148 84.00 4.61 -39.95
C GLY M 148 82.82 5.39 -40.49
N SER M 149 82.28 4.96 -41.63
CA SER M 149 81.13 5.62 -42.23
C SER M 149 79.85 5.26 -41.48
N GLN M 150 80.01 4.51 -40.39
CA GLN M 150 78.86 4.10 -39.59
C GLN M 150 79.04 4.43 -38.12
N SER M 151 80.09 5.18 -37.79
CA SER M 151 80.38 5.53 -36.40
C SER M 151 79.45 6.61 -35.89
N LEU M 152 79.31 6.69 -34.57
CA LEU M 152 78.47 7.71 -33.98
C LEU M 152 79.36 8.85 -33.54
N VAL M 153 79.05 10.05 -34.02
CA VAL M 153 79.78 11.25 -33.61
C VAL M 153 78.84 12.15 -32.83
N GLY M 154 79.11 12.26 -31.53
CA GLY M 154 78.25 13.00 -30.63
C GLY M 154 78.19 12.32 -29.29
N ASP M 155 77.04 12.39 -28.63
CA ASP M 155 76.89 11.83 -27.29
C ASP M 155 75.92 10.66 -27.25
N ILE M 156 76.15 9.73 -26.33
CA ILE M 156 75.16 8.72 -26.04
C ILE M 156 75.25 8.34 -24.56
N GLY M 157 74.09 8.18 -23.93
CA GLY M 157 74.06 7.83 -22.52
C GLY M 157 72.73 7.26 -22.07
N ASN M 158 72.55 7.08 -20.76
CA ASN M 158 71.33 6.48 -20.21
C ASN M 158 70.96 5.18 -20.89
N VAL M 159 71.96 4.34 -21.15
CA VAL M 159 71.73 3.08 -21.82
C VAL M 159 71.25 2.06 -20.79
N ASN M 160 70.08 1.50 -21.02
CA ASN M 160 69.55 0.47 -20.14
C ASN M 160 68.90 -0.64 -20.95
N MET M 161 68.97 -1.87 -20.43
CA MET M 161 68.41 -3.03 -21.11
C MET M 161 67.70 -3.99 -20.17
N TRP M 162 66.50 -4.41 -20.53
CA TRP M 162 65.78 -5.44 -19.78
C TRP M 162 65.60 -6.71 -20.61
N ASP M 163 65.41 -7.83 -19.95
CA ASP M 163 65.16 -9.08 -20.67
C ASP M 163 63.68 -9.37 -20.88
N PHE M 164 62.83 -8.35 -20.76
CA PHE M 164 61.41 -8.50 -21.05
C PHE M 164 60.88 -7.24 -21.69
N VAL M 165 59.64 -7.27 -22.13
CA VAL M 165 59.06 -6.09 -22.76
C VAL M 165 58.47 -5.11 -21.75
N LEU M 166 58.97 -3.88 -21.78
CA LEU M 166 58.40 -2.78 -20.98
C LEU M 166 57.00 -2.38 -21.46
N SER M 167 56.09 -2.18 -20.50
CA SER M 167 54.74 -1.73 -20.80
C SER M 167 54.78 -0.24 -21.14
N PRO M 168 53.75 0.25 -21.85
CA PRO M 168 53.70 1.68 -22.14
C PRO M 168 53.85 2.56 -20.88
N ASP M 169 53.27 2.15 -19.75
CA ASP M 169 53.38 2.95 -18.53
C ASP M 169 54.82 2.97 -18.04
N GLU M 170 55.48 1.83 -18.14
CA GLU M 170 56.88 1.73 -17.70
C GLU M 170 57.77 2.59 -18.58
N ILE M 171 57.54 2.53 -19.89
CA ILE M 171 58.35 3.30 -20.82
C ILE M 171 58.16 4.78 -20.55
N ASN M 172 56.91 5.16 -20.27
CA ASN M 172 56.65 6.55 -19.95
C ASN M 172 57.42 7.03 -18.71
N THR M 173 57.36 6.28 -17.62
CA THR M 173 58.09 6.70 -16.42
C THR M 173 59.60 6.74 -16.66
N ILE M 174 60.12 5.87 -17.51
CA ILE M 174 61.52 5.94 -17.87
C ILE M 174 61.86 7.25 -18.59
N TYR M 175 60.99 7.64 -19.51
CA TYR M 175 61.23 8.85 -20.29
C TYR M 175 61.09 10.10 -19.43
N LEU M 176 60.09 10.09 -18.54
CA LEU M 176 59.82 11.23 -17.67
C LEU M 176 60.80 11.32 -16.49
N GLY M 177 61.62 10.29 -16.29
CA GLY M 177 62.65 10.32 -15.27
C GLY M 177 62.42 9.55 -13.98
N GLY M 178 61.21 9.02 -13.78
CA GLY M 178 60.91 8.16 -12.64
C GLY M 178 61.91 7.02 -12.40
N PRO M 179 61.68 6.24 -11.33
CA PRO M 179 62.58 5.17 -10.88
C PRO M 179 62.36 3.88 -11.62
N PHE M 180 63.42 3.12 -11.84
CA PHE M 180 63.30 1.81 -12.48
C PHE M 180 64.59 1.00 -12.24
N SER M 181 64.48 -0.31 -12.41
CA SER M 181 65.66 -1.17 -12.31
C SER M 181 65.71 -2.16 -13.47
N PRO M 182 66.63 -1.94 -14.40
CA PRO M 182 66.86 -2.81 -15.56
C PRO M 182 67.64 -4.03 -15.10
N ASN M 183 67.38 -5.18 -15.73
CA ASN M 183 68.03 -6.41 -15.29
C ASN M 183 69.08 -6.98 -16.25
N VAL M 184 69.47 -6.21 -17.25
CA VAL M 184 70.51 -6.66 -18.18
C VAL M 184 71.64 -5.67 -18.23
N LEU M 185 71.35 -4.45 -18.70
CA LEU M 185 72.31 -3.34 -18.61
C LEU M 185 71.70 -2.23 -17.78
N ASN M 186 72.48 -1.74 -16.83
CA ASN M 186 72.03 -0.68 -15.90
C ASN M 186 72.99 0.50 -15.88
N TRP M 187 72.49 1.64 -16.34
CA TRP M 187 73.35 2.82 -16.46
C TRP M 187 73.92 3.21 -15.09
N ARG M 188 73.18 2.84 -14.03
CA ARG M 188 73.56 3.19 -12.67
C ARG M 188 74.53 2.19 -12.04
N ALA M 189 74.74 1.07 -12.72
CA ALA M 189 75.74 0.09 -12.32
C ALA M 189 76.32 -0.56 -13.57
N LEU M 190 77.08 0.23 -14.31
CA LEU M 190 77.50 -0.17 -15.65
C LEU M 190 78.90 -0.72 -15.65
N LYS M 191 79.07 -1.91 -16.19
CA LYS M 191 80.42 -2.46 -16.35
C LYS M 191 80.80 -2.27 -17.80
N TYR M 192 81.84 -1.49 -18.04
CA TYR M 192 82.20 -1.12 -19.40
C TYR M 192 83.69 -0.98 -19.58
N GLU M 193 84.11 -0.98 -20.84
CA GLU M 193 85.50 -0.83 -21.20
C GLU M 193 85.61 0.18 -22.35
N VAL M 194 86.55 1.12 -22.27
CA VAL M 194 86.67 2.15 -23.28
C VAL M 194 87.89 1.92 -24.16
N GLN M 195 87.72 2.22 -25.45
CA GLN M 195 88.81 2.09 -26.41
C GLN M 195 88.86 3.34 -27.29
N GLY M 196 90.03 3.95 -27.38
CA GLY M 196 90.19 5.08 -28.27
C GLY M 196 89.73 6.41 -27.73
N GLU M 197 89.31 7.28 -28.64
CA GLU M 197 88.97 8.66 -28.34
C GLU M 197 87.53 8.80 -27.83
N VAL M 198 87.31 8.40 -26.58
CA VAL M 198 85.99 8.48 -25.95
C VAL M 198 86.09 9.19 -24.61
N PHE M 199 85.18 10.12 -24.36
CA PHE M 199 85.23 10.83 -23.07
C PHE M 199 83.95 10.70 -22.26
N THR M 200 84.08 10.90 -20.96
CA THR M 200 82.92 10.90 -20.07
C THR M 200 82.68 12.33 -19.59
N LYS M 201 81.52 12.89 -19.93
CA LYS M 201 81.19 14.26 -19.59
C LYS M 201 79.76 14.31 -19.09
N PRO M 202 79.38 15.40 -18.43
CA PRO M 202 78.00 15.60 -17.98
C PRO M 202 77.05 15.59 -19.17
N GLN M 203 75.88 14.98 -19.02
CA GLN M 203 74.97 14.85 -20.15
C GLN M 203 74.42 16.21 -20.59
N LEU M 204 74.15 16.33 -21.89
CA LEU M 204 73.59 17.56 -22.46
C LEU M 204 72.08 17.64 -22.39
N TRP M 205 71.45 16.49 -22.15
CA TRP M 205 69.98 16.45 -22.06
C TRP M 205 69.53 16.49 -20.59
N PRO M 206 68.28 16.90 -20.37
CA PRO M 206 67.73 16.96 -19.01
C PRO M 206 67.73 15.58 -18.34
N GLN N 1 86.92 49.37 -13.62
CA GLN N 1 85.82 48.42 -13.45
C GLN N 1 84.45 49.10 -13.51
N THR N 2 83.77 48.95 -14.64
CA THR N 2 82.42 49.48 -14.77
C THR N 2 81.41 48.34 -14.68
N ASP N 3 80.27 48.61 -14.05
CA ASP N 3 79.19 47.64 -14.02
C ASP N 3 78.32 47.85 -15.25
N MET N 4 78.45 46.97 -16.23
CA MET N 4 77.73 47.10 -17.48
C MET N 4 76.36 46.44 -17.43
N SER N 5 75.94 46.02 -16.24
CA SER N 5 74.66 45.34 -16.08
C SER N 5 73.56 46.04 -16.84
N ARG N 6 72.84 45.29 -17.65
CA ARG N 6 71.62 45.82 -18.25
C ARG N 6 71.93 46.80 -19.39
N LYS N 7 73.21 46.87 -19.77
CA LYS N 7 73.66 47.73 -20.87
C LYS N 7 74.38 46.95 -21.97
N ALA N 8 74.39 47.53 -23.16
CA ALA N 8 75.02 46.90 -24.33
C ALA N 8 75.84 47.90 -25.16
N PHE N 9 76.86 47.41 -25.86
CA PHE N 9 77.57 48.24 -26.81
C PHE N 9 76.81 48.24 -28.13
N VAL N 10 76.67 49.41 -28.74
CA VAL N 10 75.99 49.56 -30.02
C VAL N 10 76.94 50.05 -31.10
N PHE N 11 77.02 49.31 -32.19
CA PHE N 11 77.79 49.71 -33.38
C PHE N 11 76.80 49.96 -34.52
N PRO N 12 76.34 51.22 -34.65
CA PRO N 12 75.18 51.60 -35.48
C PRO N 12 75.40 51.46 -36.97
N LYS N 13 76.61 51.66 -37.48
CA LYS N 13 76.85 51.45 -38.91
C LYS N 13 78.14 50.70 -39.22
N GLU N 14 78.20 50.15 -40.42
CA GLU N 14 79.38 49.44 -40.89
C GLU N 14 80.61 50.34 -40.83
N SER N 15 81.70 49.85 -40.26
CA SER N 15 82.90 50.64 -40.11
C SER N 15 84.15 49.80 -39.97
N ASP N 16 85.28 50.48 -39.96
CA ASP N 16 86.58 49.89 -40.10
C ASP N 16 87.31 50.20 -38.82
N THR N 17 86.68 51.02 -37.98
CA THR N 17 87.38 51.82 -36.98
C THR N 17 86.74 51.75 -35.61
N SER N 18 85.50 51.29 -35.56
CA SER N 18 84.77 51.25 -34.32
C SER N 18 84.95 49.88 -33.65
N TYR N 19 85.34 49.91 -32.37
CA TYR N 19 85.50 48.69 -31.61
C TYR N 19 85.65 48.91 -30.11
N VAL N 20 85.53 47.83 -29.35
CA VAL N 20 85.77 47.87 -27.91
C VAL N 20 86.85 46.88 -27.57
N SER N 21 87.76 47.29 -26.71
CA SER N 21 88.81 46.42 -26.25
C SER N 21 88.51 46.02 -24.81
N LEU N 22 88.44 44.72 -24.58
CA LEU N 22 88.19 44.19 -23.26
C LEU N 22 89.51 43.77 -22.62
N LYS N 23 89.71 44.16 -21.37
CA LYS N 23 90.97 43.90 -20.68
C LYS N 23 90.84 42.79 -19.66
N ALA N 24 91.63 41.74 -19.82
CA ALA N 24 91.63 40.61 -18.89
C ALA N 24 92.91 40.61 -18.07
N PRO N 25 92.76 40.50 -16.73
CA PRO N 25 93.87 40.51 -15.76
C PRO N 25 94.59 39.17 -15.75
N LEU N 26 94.52 38.49 -16.88
CA LEU N 26 94.94 37.11 -16.99
C LEU N 26 96.45 36.89 -16.81
N THR N 27 96.78 35.80 -16.12
CA THR N 27 98.17 35.42 -15.96
C THR N 27 98.46 34.03 -16.57
N LYS N 28 97.82 33.00 -16.03
CA LYS N 28 98.07 31.63 -16.48
C LYS N 28 97.60 31.48 -17.92
N PRO N 29 98.39 30.78 -18.75
CA PRO N 29 97.84 30.41 -20.06
C PRO N 29 96.61 29.53 -19.86
N LEU N 30 95.68 29.56 -20.81
CA LEU N 30 94.39 28.90 -20.64
C LEU N 30 94.43 27.46 -21.16
N LYS N 31 94.01 26.52 -20.32
CA LYS N 31 93.91 25.14 -20.76
C LYS N 31 92.45 24.75 -20.91
N ALA N 32 91.58 25.73 -20.68
CA ALA N 32 90.15 25.58 -20.84
C ALA N 32 89.50 26.95 -20.74
N PHE N 33 88.35 27.14 -21.36
CA PHE N 33 87.61 28.40 -21.20
C PHE N 33 86.15 28.31 -21.59
N THR N 34 85.37 29.28 -21.13
CA THR N 34 84.00 29.42 -21.57
C THR N 34 83.78 30.90 -21.87
N VAL N 35 83.08 31.19 -22.95
CA VAL N 35 82.72 32.54 -23.31
C VAL N 35 81.23 32.62 -23.58
N CYS N 36 80.56 33.60 -22.96
CA CYS N 36 79.13 33.81 -23.16
C CYS N 36 78.88 35.25 -23.54
N LEU N 37 77.86 35.46 -24.35
CA LEU N 37 77.48 36.82 -24.75
C LEU N 37 76.16 36.84 -25.48
N HIS N 38 75.59 38.04 -25.54
CA HIS N 38 74.36 38.31 -26.29
C HIS N 38 74.78 39.19 -27.44
N PHE N 39 74.20 39.00 -28.61
CA PHE N 39 74.38 39.96 -29.68
C PHE N 39 73.14 39.99 -30.54
N TYR N 40 72.99 41.05 -31.32
CA TYR N 40 71.81 41.21 -32.14
C TYR N 40 72.19 41.99 -33.40
N THR N 41 72.09 41.32 -34.56
CA THR N 41 72.45 41.98 -35.81
C THR N 41 71.57 41.47 -36.93
N GLU N 42 71.46 42.24 -38.01
CA GLU N 42 70.69 41.79 -39.18
C GLU N 42 71.61 41.40 -40.33
N LEU N 43 72.90 41.30 -40.04
CA LEU N 43 73.91 41.01 -41.05
C LEU N 43 73.89 39.58 -41.60
N SER N 44 73.30 38.66 -40.85
CA SER N 44 73.36 37.23 -41.17
C SER N 44 72.92 36.92 -42.58
N SER N 45 71.97 37.70 -43.09
CA SER N 45 71.42 37.48 -44.43
C SER N 45 72.36 37.95 -45.54
N THR N 46 73.17 38.95 -45.25
CA THR N 46 73.97 39.60 -46.29
C THR N 46 75.50 39.33 -46.28
N ARG N 47 76.09 39.09 -45.12
CA ARG N 47 77.52 38.82 -45.08
C ARG N 47 77.98 38.25 -43.74
N GLY N 48 79.27 37.95 -43.62
CA GLY N 48 79.82 37.41 -42.40
C GLY N 48 80.22 38.49 -41.41
N TYR N 49 80.47 38.11 -40.16
CA TYR N 49 80.87 39.07 -39.12
C TYR N 49 81.51 38.42 -37.90
N SER N 50 82.32 39.20 -37.20
CA SER N 50 82.98 38.71 -36.00
C SER N 50 82.14 39.01 -34.76
N ILE N 51 81.98 38.00 -33.92
CA ILE N 51 81.22 38.16 -32.70
C ILE N 51 82.15 38.42 -31.52
N PHE N 52 83.26 37.70 -31.45
CA PHE N 52 84.18 37.81 -30.33
C PHE N 52 85.57 37.46 -30.86
N SER N 53 86.48 38.44 -30.88
CA SER N 53 87.83 38.21 -31.39
C SER N 53 88.89 38.29 -30.30
N TYR N 54 89.65 37.21 -30.15
CA TYR N 54 90.65 37.10 -29.10
C TYR N 54 91.97 36.80 -29.77
N ALA N 55 92.90 37.75 -29.76
CA ALA N 55 94.16 37.59 -30.48
C ALA N 55 95.39 37.57 -29.58
N THR N 56 96.43 36.90 -30.07
CA THR N 56 97.73 36.80 -29.43
C THR N 56 98.76 37.42 -30.36
N LYS N 57 99.95 37.73 -29.84
CA LYS N 57 101.02 38.24 -30.71
C LYS N 57 101.33 37.20 -31.78
N ARG N 58 101.15 35.93 -31.43
CA ARG N 58 101.45 34.82 -32.34
C ARG N 58 100.29 34.36 -33.20
N GLN N 59 99.07 34.55 -32.70
CA GLN N 59 97.88 34.07 -33.39
C GLN N 59 96.70 35.05 -33.33
N ASP N 60 96.28 35.54 -34.49
CA ASP N 60 95.22 36.53 -34.55
C ASP N 60 93.86 35.93 -34.21
N ASN N 61 93.74 34.62 -34.43
CA ASN N 61 92.51 33.89 -34.16
C ASN N 61 92.71 32.86 -33.08
N GLU N 62 93.16 33.32 -31.91
CA GLU N 62 93.42 32.45 -30.78
C GLU N 62 92.09 31.91 -30.26
N ILE N 63 91.12 32.78 -30.06
CA ILE N 63 89.74 32.36 -29.88
C ILE N 63 88.84 33.25 -30.74
N LEU N 64 88.11 32.66 -31.66
CA LEU N 64 87.25 33.45 -32.54
C LEU N 64 85.87 32.86 -32.74
N ILE N 65 84.87 33.59 -32.29
CA ILE N 65 83.49 33.27 -32.57
C ILE N 65 83.05 34.17 -33.71
N PHE N 66 82.56 33.57 -34.77
CA PHE N 66 82.34 34.27 -36.03
C PHE N 66 81.12 33.71 -36.72
N TRP N 67 80.37 34.56 -37.40
CA TRP N 67 79.28 34.08 -38.23
C TRP N 67 79.73 34.13 -39.67
N SER N 68 79.77 32.99 -40.35
CA SER N 68 80.14 33.00 -41.76
C SER N 68 78.91 32.84 -42.65
N LYS N 69 78.80 33.65 -43.68
CA LYS N 69 77.57 33.79 -44.45
C LYS N 69 77.08 32.48 -45.02
N ASP N 70 75.78 32.26 -44.93
CA ASP N 70 75.13 31.09 -45.54
C ASP N 70 75.66 29.75 -45.01
N ILE N 71 76.32 29.79 -43.86
CA ILE N 71 76.81 28.57 -43.22
C ILE N 71 76.35 28.44 -41.78
N GLY N 72 76.76 29.37 -40.93
CA GLY N 72 76.38 29.34 -39.53
C GLY N 72 77.54 29.81 -38.66
N TYR N 73 77.60 29.31 -37.43
CA TYR N 73 78.62 29.76 -36.50
C TYR N 73 79.94 29.09 -36.79
N SER N 74 81.02 29.87 -36.81
CA SER N 74 82.35 29.32 -36.91
C SER N 74 83.08 29.56 -35.60
N PHE N 75 83.70 28.53 -35.06
CA PHE N 75 84.41 28.63 -33.80
C PHE N 75 85.85 28.27 -34.06
N THR N 76 86.76 29.16 -33.67
CA THR N 76 88.18 28.94 -33.94
C THR N 76 89.02 29.01 -32.67
N VAL N 77 89.87 28.02 -32.47
CA VAL N 77 90.84 28.03 -31.37
C VAL N 77 92.21 27.80 -31.97
N GLY N 78 93.16 28.66 -31.64
CA GLY N 78 94.52 28.55 -32.14
C GLY N 78 94.62 28.42 -33.66
N GLY N 79 93.78 29.14 -34.37
CA GLY N 79 93.79 29.10 -35.82
C GLY N 79 92.98 27.99 -36.46
N SER N 80 92.61 26.96 -35.69
CA SER N 80 91.81 25.85 -36.23
C SER N 80 90.33 26.12 -36.09
N GLU N 81 89.60 25.91 -37.19
CA GLU N 81 88.18 26.25 -37.28
C GLU N 81 87.28 25.01 -37.36
N ILE N 82 86.16 25.04 -36.66
CA ILE N 82 85.07 24.10 -36.89
C ILE N 82 83.80 24.87 -37.07
N LEU N 83 82.83 24.24 -37.72
CA LEU N 83 81.58 24.90 -38.01
C LEU N 83 80.42 24.37 -37.17
N PHE N 84 79.48 25.24 -36.86
CA PHE N 84 78.20 24.84 -36.33
C PHE N 84 77.09 25.37 -37.25
N GLU N 85 76.66 24.53 -38.19
CA GLU N 85 75.68 24.93 -39.21
C GLU N 85 74.42 25.50 -38.61
N VAL N 86 73.85 26.48 -39.29
CA VAL N 86 72.56 27.03 -38.89
C VAL N 86 71.73 27.35 -40.11
N PRO N 87 70.76 26.51 -40.40
CA PRO N 87 69.79 26.81 -41.44
C PRO N 87 68.64 27.58 -40.82
N GLU N 88 67.91 28.35 -41.61
CA GLU N 88 66.72 29.07 -41.13
C GLU N 88 67.01 29.98 -39.93
N VAL N 89 67.95 30.90 -40.09
CA VAL N 89 68.21 31.87 -39.03
C VAL N 89 67.00 32.78 -38.82
N THR N 90 66.75 33.16 -37.56
CA THR N 90 65.67 34.08 -37.24
C THR N 90 66.21 35.44 -36.81
N VAL N 91 65.42 36.48 -37.06
CA VAL N 91 65.78 37.83 -36.68
C VAL N 91 65.39 38.13 -35.23
N ALA N 92 66.35 37.93 -34.32
CA ALA N 92 66.14 38.23 -32.90
C ALA N 92 67.48 38.18 -32.19
N PRO N 93 67.57 38.80 -31.01
CA PRO N 93 68.81 38.73 -30.25
C PRO N 93 69.15 37.26 -30.01
N VAL N 94 70.44 36.94 -30.01
CA VAL N 94 70.90 35.59 -29.81
C VAL N 94 71.84 35.57 -28.61
N HIS N 95 71.76 34.51 -27.82
CA HIS N 95 72.68 34.33 -26.72
C HIS N 95 73.53 33.10 -27.01
N ILE N 96 74.83 33.21 -26.85
CA ILE N 96 75.65 32.03 -27.07
C ILE N 96 76.60 31.80 -25.93
N CYS N 97 76.88 30.54 -25.67
CA CYS N 97 77.96 30.14 -24.79
C CYS N 97 78.79 29.18 -25.58
N THR N 98 80.09 29.27 -25.42
CA THR N 98 80.93 28.38 -26.15
C THR N 98 82.06 28.02 -25.22
N SER N 99 82.50 26.76 -25.25
CA SER N 99 83.59 26.32 -24.39
C SER N 99 84.57 25.34 -25.07
N TRP N 100 85.77 25.24 -24.51
CA TRP N 100 86.81 24.38 -25.07
C TRP N 100 87.68 23.89 -23.94
N GLU N 101 88.09 22.62 -24.03
CA GLU N 101 88.93 22.02 -23.00
C GLU N 101 90.13 21.37 -23.67
N SER N 102 91.32 21.80 -23.29
CA SER N 102 92.54 21.26 -23.88
C SER N 102 92.68 19.76 -23.66
N ALA N 103 92.41 19.32 -22.42
CA ALA N 103 92.56 17.92 -22.06
C ALA N 103 91.89 16.96 -23.05
N SER N 104 90.71 17.33 -23.54
CA SER N 104 89.91 16.43 -24.34
C SER N 104 89.74 16.92 -25.78
N GLY N 105 89.87 18.23 -25.96
CA GLY N 105 89.66 18.83 -27.26
C GLY N 105 88.19 19.10 -27.52
N ILE N 106 87.35 18.85 -26.51
CA ILE N 106 85.91 18.98 -26.68
C ILE N 106 85.45 20.43 -26.67
N VAL N 107 84.74 20.86 -27.72
CA VAL N 107 84.14 22.17 -27.69
C VAL N 107 82.65 22.02 -27.62
N GLU N 108 82.00 22.92 -26.89
CA GLU N 108 80.55 22.94 -26.80
C GLU N 108 80.10 24.28 -27.35
N PHE N 109 78.95 24.28 -28.00
CA PHE N 109 78.39 25.51 -28.52
C PHE N 109 76.93 25.54 -28.14
N TRP N 110 76.52 26.55 -27.39
CA TRP N 110 75.14 26.68 -26.92
C TRP N 110 74.47 27.90 -27.52
N VAL N 111 73.31 27.69 -28.12
CA VAL N 111 72.57 28.79 -28.74
C VAL N 111 71.23 28.94 -28.06
N ASP N 112 71.02 30.10 -27.43
CA ASP N 112 69.78 30.40 -26.74
C ASP N 112 69.45 29.33 -25.70
N GLY N 113 70.48 28.87 -25.00
CA GLY N 113 70.29 27.92 -23.93
C GLY N 113 70.22 26.46 -24.34
N LYS N 114 70.27 26.18 -25.65
CA LYS N 114 70.20 24.80 -26.15
C LYS N 114 71.54 24.36 -26.68
N PRO N 115 72.02 23.19 -26.26
CA PRO N 115 73.33 22.71 -26.70
C PRO N 115 73.31 22.16 -28.13
N ARG N 116 74.30 22.56 -28.90
CA ARG N 116 74.64 21.88 -30.14
C ARG N 116 75.44 20.64 -29.77
N VAL N 117 75.64 19.74 -30.73
CA VAL N 117 76.38 18.55 -30.43
C VAL N 117 77.81 18.92 -30.03
N ARG N 118 78.50 18.02 -29.34
CA ARG N 118 79.88 18.26 -28.98
C ARG N 118 80.82 17.94 -30.13
N LYS N 119 81.91 18.69 -30.25
CA LYS N 119 82.88 18.46 -31.32
C LYS N 119 84.29 18.56 -30.80
N SER N 120 85.26 18.31 -31.66
CA SER N 120 86.66 18.24 -31.26
C SER N 120 87.48 19.36 -31.89
N LEU N 121 88.39 19.95 -31.12
CA LEU N 121 89.22 21.02 -31.62
C LEU N 121 90.47 21.22 -30.78
N LYS N 122 91.65 21.10 -31.39
CA LYS N 122 92.90 21.46 -30.72
C LYS N 122 93.13 20.77 -29.36
N LYS N 123 93.03 19.45 -29.34
CA LYS N 123 93.35 18.71 -28.13
C LYS N 123 94.79 18.99 -27.74
N GLY N 124 95.02 19.36 -26.49
CA GLY N 124 96.38 19.51 -25.99
C GLY N 124 97.00 20.88 -26.21
N TYR N 125 96.32 21.71 -26.98
CA TYR N 125 96.80 23.05 -27.26
C TYR N 125 96.74 23.90 -25.99
N THR N 126 97.44 25.05 -25.99
CA THR N 126 97.33 25.99 -24.88
C THR N 126 97.06 27.40 -25.40
N VAL N 127 95.99 28.02 -24.89
CA VAL N 127 95.62 29.37 -25.30
C VAL N 127 96.40 30.42 -24.50
N GLY N 128 96.95 31.39 -25.22
CA GLY N 128 97.83 32.39 -24.60
C GLY N 128 97.07 33.35 -23.72
N ALA N 129 97.78 33.91 -22.74
CA ALA N 129 97.15 34.82 -21.78
C ALA N 129 97.40 36.29 -22.10
N GLU N 130 98.41 36.56 -22.93
CA GLU N 130 98.69 37.93 -23.35
C GLU N 130 97.83 38.18 -24.56
N ALA N 131 96.63 38.70 -24.32
CA ALA N 131 95.61 38.75 -25.36
C ALA N 131 95.04 40.12 -25.65
N SER N 132 94.64 40.33 -26.89
CA SER N 132 93.87 41.49 -27.25
C SER N 132 92.47 40.99 -27.53
N ILE N 133 91.52 41.42 -26.71
CA ILE N 133 90.15 40.94 -26.84
C ILE N 133 89.25 42.05 -27.36
N ILE N 134 88.64 41.82 -28.52
CA ILE N 134 87.94 42.90 -29.21
C ILE N 134 86.54 42.56 -29.69
N LEU N 135 85.62 43.47 -29.39
CA LEU N 135 84.24 43.38 -29.83
C LEU N 135 84.04 44.37 -30.98
N GLY N 136 83.34 43.96 -32.02
CA GLY N 136 82.95 44.85 -33.10
C GLY N 136 83.76 44.79 -34.39
N GLN N 137 84.97 44.22 -34.29
CA GLN N 137 85.87 44.07 -35.42
C GLN N 137 86.54 42.71 -35.30
N GLU N 138 87.01 42.20 -36.43
CA GLU N 138 87.76 40.95 -36.44
C GLU N 138 89.24 41.29 -36.57
N GLN N 139 90.05 40.79 -35.65
CA GLN N 139 91.47 41.08 -35.64
C GLN N 139 92.28 40.24 -36.62
N ASP N 140 93.13 40.88 -37.41
CA ASP N 140 94.10 40.13 -38.23
C ASP N 140 95.53 40.30 -37.70
N SER N 141 95.66 41.17 -36.71
CA SER N 141 96.92 41.36 -36.00
C SER N 141 96.60 41.63 -34.55
N PHE N 142 97.62 41.54 -33.70
CA PHE N 142 97.42 41.81 -32.30
C PHE N 142 96.92 43.23 -32.07
N GLY N 143 95.60 43.40 -31.94
CA GLY N 143 95.04 44.69 -31.61
C GLY N 143 94.60 45.53 -32.79
N GLY N 144 94.61 44.94 -33.98
CA GLY N 144 94.25 45.70 -35.17
C GLY N 144 94.15 44.94 -36.48
N ASN N 145 94.31 45.68 -37.57
CA ASN N 145 94.14 45.13 -38.89
C ASN N 145 92.75 44.57 -39.08
N PHE N 146 91.77 45.43 -38.86
CA PHE N 146 90.37 45.09 -39.03
C PHE N 146 89.93 45.07 -40.48
N GLU N 147 88.95 44.22 -40.80
CA GLU N 147 88.29 44.27 -42.09
C GLU N 147 86.86 44.72 -41.89
N GLY N 148 86.43 45.71 -42.66
CA GLY N 148 85.10 46.25 -42.53
C GLY N 148 84.03 45.27 -42.97
N SER N 149 84.41 44.34 -43.84
CA SER N 149 83.47 43.33 -44.33
C SER N 149 83.29 42.25 -43.28
N GLN N 150 83.90 42.44 -42.12
CA GLN N 150 83.75 41.49 -41.02
C GLN N 150 83.33 42.15 -39.71
N SER N 151 82.95 43.42 -39.77
CA SER N 151 82.58 44.15 -38.57
C SER N 151 81.17 43.77 -38.12
N LEU N 152 80.90 43.98 -36.84
CA LEU N 152 79.57 43.72 -36.31
C LEU N 152 78.77 45.01 -36.36
N VAL N 153 77.62 44.97 -37.00
CA VAL N 153 76.71 46.11 -36.97
C VAL N 153 75.47 45.71 -36.18
N GLY N 154 75.30 46.32 -35.01
CA GLY N 154 74.21 45.99 -34.12
C GLY N 154 74.67 46.10 -32.68
N ASP N 155 74.09 45.27 -31.81
CA ASP N 155 74.42 45.34 -30.39
C ASP N 155 75.18 44.11 -29.94
N ILE N 156 75.95 44.25 -28.88
CA ILE N 156 76.55 43.09 -28.24
C ILE N 156 76.76 43.41 -26.76
N GLY N 157 76.44 42.47 -25.87
CA GLY N 157 76.54 42.71 -24.44
C GLY N 157 76.57 41.43 -23.63
N ASN N 158 76.49 41.55 -22.30
CA ASN N 158 76.58 40.39 -21.42
C ASN N 158 77.75 39.46 -21.75
N VAL N 159 78.89 40.06 -22.06
CA VAL N 159 80.10 39.29 -22.36
C VAL N 159 80.76 38.83 -21.08
N ASN N 160 80.95 37.52 -20.93
CA ASN N 160 81.60 36.97 -19.74
C ASN N 160 82.50 35.83 -20.14
N MET N 161 83.59 35.63 -19.41
CA MET N 161 84.54 34.59 -19.76
C MET N 161 85.08 33.89 -18.52
N TRP N 162 85.16 32.56 -18.55
CA TRP N 162 85.75 31.83 -17.45
C TRP N 162 86.95 31.07 -17.97
N ASP N 163 87.89 30.72 -17.08
CA ASP N 163 89.04 29.89 -17.45
C ASP N 163 88.82 28.37 -17.28
N PHE N 164 87.57 27.94 -17.18
CA PHE N 164 87.23 26.52 -17.12
C PHE N 164 85.94 26.27 -17.88
N VAL N 165 85.57 25.01 -18.04
CA VAL N 165 84.37 24.68 -18.78
C VAL N 165 83.13 24.67 -17.88
N LEU N 166 82.16 25.50 -18.23
CA LEU N 166 80.86 25.53 -17.57
C LEU N 166 80.08 24.23 -17.84
N SER N 167 79.49 23.70 -16.77
CA SER N 167 78.62 22.53 -16.87
C SER N 167 77.28 22.94 -17.47
N PRO N 168 76.56 21.96 -18.04
CA PRO N 168 75.25 22.29 -18.61
C PRO N 168 74.32 22.99 -17.63
N ASP N 169 74.36 22.62 -16.35
CA ASP N 169 73.50 23.30 -15.35
C ASP N 169 73.90 24.76 -15.17
N GLU N 170 75.21 25.00 -15.14
CA GLU N 170 75.74 26.34 -15.03
C GLU N 170 75.33 27.19 -16.23
N ILE N 171 75.50 26.63 -17.42
CA ILE N 171 75.15 27.35 -18.64
C ILE N 171 73.69 27.69 -18.62
N ASN N 172 72.89 26.76 -18.14
CA ASN N 172 71.46 27.02 -18.08
C ASN N 172 71.12 28.20 -17.17
N THR N 173 71.69 28.22 -15.97
CA THR N 173 71.38 29.31 -15.05
C THR N 173 71.88 30.67 -15.60
N ILE N 174 73.01 30.66 -16.30
CA ILE N 174 73.45 31.86 -16.98
C ILE N 174 72.42 32.35 -18.01
N TYR N 175 71.87 31.43 -18.79
CA TYR N 175 70.91 31.80 -19.85
C TYR N 175 69.60 32.30 -19.23
N LEU N 176 69.17 31.63 -18.17
CA LEU N 176 67.91 31.95 -17.51
C LEU N 176 68.00 33.19 -16.62
N GLY N 177 69.23 33.64 -16.36
CA GLY N 177 69.43 34.89 -15.63
C GLY N 177 69.90 34.79 -14.18
N GLY N 178 69.97 33.57 -13.64
CA GLY N 178 70.51 33.36 -12.31
C GLY N 178 71.88 33.98 -12.07
N PRO N 179 72.41 33.83 -10.84
CA PRO N 179 73.64 34.47 -10.37
C PRO N 179 74.87 33.69 -10.77
N PHE N 180 75.98 34.37 -11.04
CA PHE N 180 77.23 33.70 -11.38
C PHE N 180 78.39 34.66 -11.25
N SER N 181 79.61 34.14 -11.16
CA SER N 181 80.80 34.98 -11.11
C SER N 181 81.92 34.43 -12.00
N PRO N 182 82.11 35.08 -13.15
CA PRO N 182 83.13 34.71 -14.14
C PRO N 182 84.49 35.16 -13.61
N ASN N 183 85.56 34.44 -13.96
CA ASN N 183 86.86 34.77 -13.41
C ASN N 183 87.90 35.28 -14.44
N VAL N 184 87.43 35.63 -15.63
CA VAL N 184 88.31 36.19 -16.65
C VAL N 184 87.76 37.52 -17.15
N LEU N 185 86.58 37.49 -17.75
CA LEU N 185 85.87 38.72 -18.07
C LEU N 185 84.53 38.73 -17.35
N ASN N 186 84.22 39.85 -16.70
CA ASN N 186 82.98 39.96 -15.95
C ASN N 186 82.21 41.21 -16.38
N TRP N 187 81.05 41.00 -16.98
CA TRP N 187 80.24 42.12 -17.47
C TRP N 187 79.92 43.11 -16.36
N ARG N 188 79.86 42.62 -15.12
CA ARG N 188 79.48 43.44 -13.99
C ARG N 188 80.68 44.19 -13.36
N ALA N 189 81.87 43.88 -13.84
CA ALA N 189 83.09 44.56 -13.44
C ALA N 189 84.04 44.56 -14.63
N LEU N 190 83.65 45.28 -15.68
CA LEU N 190 84.33 45.21 -16.98
C LEU N 190 85.33 46.34 -17.15
N LYS N 191 86.59 45.98 -17.44
CA LYS N 191 87.58 46.97 -17.78
C LYS N 191 87.71 47.02 -19.29
N TYR N 192 87.29 48.12 -19.89
CA TYR N 192 87.25 48.24 -21.35
C TYR N 192 87.66 49.62 -21.85
N GLU N 193 87.96 49.70 -23.15
CA GLU N 193 88.37 50.94 -23.78
C GLU N 193 87.64 51.04 -25.11
N VAL N 194 87.04 52.19 -25.39
CA VAL N 194 86.27 52.34 -26.63
C VAL N 194 87.04 53.14 -27.68
N GLN N 195 86.84 52.78 -28.94
CA GLN N 195 87.45 53.46 -30.07
C GLN N 195 86.42 53.66 -31.16
N GLY N 196 86.22 54.89 -31.59
CA GLY N 196 85.37 55.14 -32.72
C GLY N 196 83.90 55.26 -32.37
N GLU N 197 83.05 54.90 -33.33
CA GLU N 197 81.61 55.10 -33.26
C GLU N 197 80.93 53.96 -32.49
N VAL N 198 81.08 53.94 -31.17
CA VAL N 198 80.50 52.92 -30.32
C VAL N 198 79.72 53.56 -29.18
N PHE N 199 78.48 53.12 -28.97
CA PHE N 199 77.68 53.74 -27.91
C PHE N 199 77.25 52.73 -26.86
N THR N 200 76.98 53.24 -25.67
CA THR N 200 76.46 52.41 -24.59
C THR N 200 75.00 52.75 -24.37
N LYS N 201 74.13 51.77 -24.63
CA LYS N 201 72.69 51.93 -24.47
C LYS N 201 72.09 50.79 -23.65
N PRO N 202 70.83 50.97 -23.19
CA PRO N 202 70.11 49.88 -22.50
C PRO N 202 69.91 48.71 -23.43
N GLN N 203 70.09 47.48 -22.93
CA GLN N 203 70.02 46.31 -23.78
C GLN N 203 68.63 46.10 -24.36
N LEU N 204 68.56 45.56 -25.56
CA LEU N 204 67.31 45.27 -26.26
C LEU N 204 66.72 43.91 -25.91
N TRP N 205 67.54 43.04 -25.35
CA TRP N 205 67.08 41.72 -24.93
C TRP N 205 66.72 41.71 -23.45
N PRO N 206 65.82 40.81 -23.05
CA PRO N 206 65.42 40.67 -21.65
C PRO N 206 66.63 40.40 -20.75
N GLN O 1 41.91 70.48 -27.27
CA GLN O 1 42.39 69.27 -26.60
C GLN O 1 41.28 68.25 -26.41
N THR O 2 41.24 67.24 -27.29
CA THR O 2 40.28 66.15 -27.15
C THR O 2 40.96 64.93 -26.53
N ASP O 3 40.26 64.20 -25.68
CA ASP O 3 40.77 62.93 -25.18
C ASP O 3 40.33 61.83 -26.15
N MET O 4 41.29 61.36 -26.96
CA MET O 4 41.02 60.37 -27.97
C MET O 4 41.13 58.94 -27.43
N SER O 5 41.30 58.82 -26.11
CA SER O 5 41.41 57.50 -25.49
C SER O 5 40.41 56.49 -26.05
N ARG O 6 40.93 55.35 -26.47
CA ARG O 6 40.05 54.24 -26.81
C ARG O 6 39.33 54.47 -28.16
N LYS O 7 39.75 55.52 -28.88
CA LYS O 7 39.20 55.82 -30.20
C LYS O 7 40.29 55.86 -31.28
N ALA O 8 39.84 55.74 -32.54
CA ALA O 8 40.77 55.71 -33.66
C ALA O 8 40.21 56.51 -34.84
N PHE O 9 41.09 57.02 -35.70
CA PHE O 9 40.65 57.59 -36.96
C PHE O 9 40.46 56.51 -38.01
N VAL O 10 39.37 56.61 -38.75
CA VAL O 10 39.07 55.63 -39.78
C VAL O 10 39.05 56.28 -41.18
N PHE O 11 39.85 55.74 -42.09
CA PHE O 11 39.87 56.15 -43.47
C PHE O 11 39.36 55.00 -44.31
N PRO O 12 38.04 54.94 -44.53
CA PRO O 12 37.32 53.79 -45.10
C PRO O 12 37.65 53.47 -46.56
N LYS O 13 37.95 54.47 -47.38
CA LYS O 13 38.32 54.17 -48.78
C LYS O 13 39.50 54.98 -49.29
N GLU O 14 40.12 54.48 -50.36
CA GLU O 14 41.26 55.16 -50.96
C GLU O 14 40.85 56.57 -51.39
N SER O 15 41.66 57.56 -51.03
CA SER O 15 41.33 58.91 -51.39
C SER O 15 42.57 59.79 -51.46
N ASP O 16 42.33 61.02 -51.90
CA ASP O 16 43.37 61.96 -52.26
C ASP O 16 43.25 63.12 -51.28
N THR O 17 42.17 63.06 -50.49
CA THR O 17 41.58 64.25 -49.88
C THR O 17 41.34 64.11 -48.39
N SER O 18 41.34 62.87 -47.91
CA SER O 18 41.01 62.60 -46.53
C SER O 18 42.26 62.51 -45.68
N TYR O 19 42.29 63.27 -44.60
CA TYR O 19 43.44 63.26 -43.71
C TYR O 19 43.15 63.96 -42.38
N VAL O 20 44.06 63.78 -41.44
CA VAL O 20 43.98 64.46 -40.16
C VAL O 20 45.26 65.22 -39.90
N SER O 21 45.14 66.44 -39.42
CA SER O 21 46.32 67.23 -39.14
C SER O 21 46.48 67.35 -37.62
N LEU O 22 47.65 66.93 -37.14
CA LEU O 22 47.92 66.94 -35.72
C LEU O 22 48.74 68.17 -35.40
N LYS O 23 48.37 68.88 -34.34
CA LYS O 23 49.03 70.13 -33.99
C LYS O 23 49.93 69.98 -32.78
N ALA O 24 51.22 70.27 -32.97
CA ALA O 24 52.18 70.23 -31.88
C ALA O 24 52.59 71.62 -31.44
N PRO O 25 52.51 71.88 -30.12
CA PRO O 25 52.80 73.18 -29.51
C PRO O 25 54.31 73.41 -29.43
N LEU O 26 55.01 72.78 -30.37
CA LEU O 26 56.46 72.68 -30.33
C LEU O 26 57.19 74.00 -30.53
N THR O 27 58.27 74.17 -29.77
CA THR O 27 59.10 75.37 -29.91
C THR O 27 60.54 75.01 -30.29
N LYS O 28 61.26 74.32 -29.41
CA LYS O 28 62.65 73.92 -29.67
C LYS O 28 62.70 72.99 -30.89
N PRO O 29 63.70 73.18 -31.76
CA PRO O 29 63.96 72.15 -32.78
C PRO O 29 64.33 70.84 -32.08
N LEU O 30 64.01 69.71 -32.70
CA LEU O 30 64.17 68.40 -32.06
C LEU O 30 65.55 67.82 -32.32
N LYS O 31 66.23 67.43 -31.24
CA LYS O 31 67.51 66.74 -31.35
C LYS O 31 67.38 65.24 -31.02
N ALA O 32 66.13 64.83 -30.80
CA ALA O 32 65.76 63.46 -30.46
C ALA O 32 64.24 63.38 -30.46
N PHE O 33 63.68 62.23 -30.81
CA PHE O 33 62.24 62.03 -30.70
C PHE O 33 61.83 60.55 -30.65
N THR O 34 60.62 60.30 -30.15
CA THR O 34 60.02 58.98 -30.23
C THR O 34 58.60 59.14 -30.74
N VAL O 35 58.18 58.29 -31.65
CA VAL O 35 56.81 58.29 -32.13
C VAL O 35 56.20 56.90 -32.00
N CYS O 36 54.99 56.82 -31.42
CA CYS O 36 54.30 55.54 -31.25
C CYS O 36 52.90 55.64 -31.82
N LEU O 37 52.43 54.55 -32.38
CA LEU O 37 51.07 54.54 -32.88
C LEU O 37 50.60 53.12 -33.20
N HIS O 38 49.30 52.96 -33.36
CA HIS O 38 48.67 51.73 -33.79
C HIS O 38 48.05 52.01 -35.13
N PHE O 39 48.13 51.06 -36.04
CA PHE O 39 47.39 51.21 -37.28
C PHE O 39 46.99 49.83 -37.76
N TYR O 40 46.07 49.78 -38.71
CA TYR O 40 45.53 48.52 -39.14
C TYR O 40 45.03 48.71 -40.55
N THR O 41 45.67 48.03 -41.49
CA THR O 41 45.28 48.15 -42.92
C THR O 41 45.53 46.86 -43.65
N GLU O 42 44.83 46.66 -44.77
CA GLU O 42 45.09 45.49 -45.62
C GLU O 42 45.89 45.82 -46.88
N LEU O 43 46.46 47.02 -46.94
CA LEU O 43 47.13 47.49 -48.13
C LEU O 43 48.49 46.82 -48.36
N SER O 44 49.08 46.26 -47.31
CA SER O 44 50.47 45.79 -47.37
C SER O 44 50.73 44.84 -48.53
N SER O 45 49.71 44.06 -48.88
CA SER O 45 49.82 43.09 -49.95
C SER O 45 49.83 43.72 -51.35
N THR O 46 49.17 44.87 -51.48
CA THR O 46 48.90 45.44 -52.79
C THR O 46 49.68 46.72 -53.16
N ARG O 47 50.03 47.55 -52.18
CA ARG O 47 50.80 48.77 -52.45
C ARG O 47 51.41 49.40 -51.20
N GLY O 48 52.15 50.49 -51.38
CA GLY O 48 52.74 51.18 -50.24
C GLY O 48 51.77 52.19 -49.63
N TYR O 49 52.13 52.73 -48.47
CA TYR O 49 51.29 53.72 -47.78
C TYR O 49 52.04 54.47 -46.69
N SER O 50 51.57 55.68 -46.40
CA SER O 50 52.15 56.49 -45.33
C SER O 50 51.46 56.22 -44.01
N ILE O 51 52.27 56.01 -42.98
CA ILE O 51 51.76 55.79 -41.64
C ILE O 51 51.73 57.12 -40.86
N PHE O 52 52.82 57.87 -40.91
CA PHE O 52 52.96 59.08 -40.13
C PHE O 52 53.84 60.04 -40.93
N SER O 53 53.25 61.13 -41.44
CA SER O 53 53.99 62.13 -42.23
C SER O 53 54.20 63.44 -41.51
N TYR O 54 55.47 63.80 -41.31
CA TYR O 54 55.87 65.01 -40.59
C TYR O 54 56.70 65.89 -41.51
N ALA O 55 56.11 67.00 -41.96
CA ALA O 55 56.74 67.86 -42.98
C ALA O 55 57.18 69.23 -42.45
N THR O 56 58.24 69.77 -43.05
CA THR O 56 58.76 71.11 -42.78
C THR O 56 58.60 71.93 -44.05
N LYS O 57 58.67 73.26 -43.95
CA LYS O 57 58.63 74.10 -45.14
C LYS O 57 59.80 73.72 -46.07
N ARG O 58 60.91 73.32 -45.45
CA ARG O 58 62.11 72.94 -46.19
C ARG O 58 62.15 71.46 -46.62
N GLN O 59 61.51 70.58 -45.84
CA GLN O 59 61.62 69.13 -46.06
C GLN O 59 60.28 68.44 -45.88
N ASP O 60 59.78 67.84 -46.95
CA ASP O 60 58.47 67.17 -46.91
C ASP O 60 58.50 65.86 -46.09
N ASN O 61 59.70 65.28 -45.97
CA ASN O 61 59.90 64.04 -45.27
C ASN O 61 60.84 64.23 -44.11
N GLU O 62 60.48 65.18 -43.26
CA GLU O 62 61.31 65.50 -42.10
C GLU O 62 61.32 64.30 -41.17
N ILE O 63 60.12 63.78 -40.86
CA ILE O 63 59.99 62.47 -40.23
C ILE O 63 58.92 61.68 -40.98
N LEU O 64 59.27 60.53 -41.52
CA LEU O 64 58.29 59.74 -42.27
C LEU O 64 58.37 58.25 -41.97
N ILE O 65 57.28 57.72 -41.41
CA ILE O 65 57.12 56.29 -41.22
C ILE O 65 56.23 55.83 -42.35
N PHE O 66 56.73 54.88 -43.13
CA PHE O 66 56.07 54.51 -44.38
C PHE O 66 56.20 53.01 -44.60
N TRP O 67 55.19 52.42 -45.24
CA TRP O 67 55.28 51.01 -45.62
C TRP O 67 55.51 50.94 -47.11
N SER O 68 56.64 50.40 -47.53
CA SER O 68 56.87 50.31 -48.97
C SER O 68 56.70 48.86 -49.44
N LYS O 69 55.94 48.70 -50.52
CA LYS O 69 55.44 47.39 -50.95
C LYS O 69 56.54 46.35 -51.13
N ASP O 70 56.27 45.14 -50.65
CA ASP O 70 57.18 44.01 -50.84
C ASP O 70 58.57 44.22 -50.21
N ILE O 71 58.68 45.18 -49.31
CA ILE O 71 59.94 45.43 -48.62
C ILE O 71 59.80 45.45 -47.11
N GLY O 72 59.01 46.40 -46.60
CA GLY O 72 58.80 46.52 -45.17
C GLY O 72 58.66 47.96 -44.73
N TYR O 73 59.06 48.23 -43.49
CA TYR O 73 58.94 49.58 -42.97
C TYR O 73 60.06 50.47 -43.45
N SER O 74 59.72 51.67 -43.89
CA SER O 74 60.73 52.65 -44.27
C SER O 74 60.67 53.80 -43.28
N PHE O 75 61.82 54.17 -42.76
CA PHE O 75 61.89 55.24 -41.79
C PHE O 75 62.76 56.35 -42.35
N THR O 76 62.21 57.55 -42.42
CA THR O 76 62.94 58.68 -42.99
C THR O 76 63.08 59.85 -42.03
N VAL O 77 64.31 60.32 -41.86
CA VAL O 77 64.56 61.55 -41.10
C VAL O 77 65.30 62.53 -41.99
N GLY O 78 64.76 63.74 -42.13
CA GLY O 78 65.41 64.79 -42.91
C GLY O 78 65.72 64.38 -44.33
N GLY O 79 64.83 63.60 -44.93
CA GLY O 79 65.01 63.16 -46.31
C GLY O 79 65.74 61.86 -46.50
N SER O 80 66.56 61.45 -45.51
CA SER O 80 67.31 60.19 -45.58
C SER O 80 66.52 58.98 -45.09
N GLU O 81 66.53 57.91 -45.87
CA GLU O 81 65.69 56.76 -45.63
C GLU O 81 66.53 55.54 -45.25
N ILE O 82 66.07 54.79 -44.26
CA ILE O 82 66.56 53.44 -44.02
C ILE O 82 65.39 52.49 -44.01
N LEU O 83 65.67 51.21 -44.23
CA LEU O 83 64.62 50.21 -44.30
C LEU O 83 64.67 49.25 -43.11
N PHE O 84 63.49 48.77 -42.72
CA PHE O 84 63.38 47.66 -41.80
C PHE O 84 62.55 46.58 -42.47
N GLU O 85 63.24 45.60 -43.07
CA GLU O 85 62.59 44.54 -43.84
C GLU O 85 61.56 43.78 -43.04
N VAL O 86 60.49 43.40 -43.71
CA VAL O 86 59.49 42.54 -43.10
C VAL O 86 58.98 41.51 -44.10
N PRO O 87 59.44 40.27 -43.95
CA PRO O 87 58.89 39.16 -44.73
C PRO O 87 57.71 38.58 -43.96
N GLU O 88 56.80 37.93 -44.66
CA GLU O 88 55.66 37.26 -44.02
C GLU O 88 54.82 38.19 -43.14
N VAL O 89 54.33 39.28 -43.71
CA VAL O 89 53.44 40.15 -42.96
C VAL O 89 52.14 39.42 -42.59
N THR O 90 51.60 39.73 -41.42
CA THR O 90 50.32 39.16 -41.00
C THR O 90 49.21 40.21 -40.99
N VAL O 91 47.98 39.76 -41.19
CA VAL O 91 46.81 40.64 -41.20
C VAL O 91 46.29 40.86 -39.78
N ALA O 92 46.76 41.91 -39.14
CA ALA O 92 46.30 42.28 -37.81
C ALA O 92 46.74 43.70 -37.51
N PRO O 93 46.08 44.34 -36.53
CA PRO O 93 46.58 45.65 -36.08
C PRO O 93 48.04 45.53 -35.72
N VAL O 94 48.79 46.60 -36.00
CA VAL O 94 50.20 46.66 -35.67
C VAL O 94 50.48 47.88 -34.80
N HIS O 95 51.35 47.70 -33.82
CA HIS O 95 51.79 48.81 -33.01
C HIS O 95 53.27 49.07 -33.27
N ILE O 96 53.63 50.32 -33.52
CA ILE O 96 55.04 50.62 -33.71
C ILE O 96 55.49 51.76 -32.82
N CYS O 97 56.73 51.65 -32.39
CA CYS O 97 57.43 52.74 -31.74
C CYS O 97 58.69 52.97 -32.52
N THR O 98 59.03 54.22 -32.77
CA THR O 98 60.23 54.50 -33.55
C THR O 98 60.90 55.71 -32.95
N SER O 99 62.22 55.64 -32.84
CA SER O 99 62.98 56.73 -32.22
C SER O 99 64.28 57.07 -32.94
N TRP O 100 64.76 58.30 -32.72
CA TRP O 100 65.97 58.80 -33.36
C TRP O 100 66.67 59.78 -32.44
N GLU O 101 67.99 59.69 -32.39
CA GLU O 101 68.77 60.58 -31.56
C GLU O 101 69.87 61.26 -32.40
N SER O 102 69.86 62.59 -32.43
CA SER O 102 70.86 63.33 -33.19
C SER O 102 72.27 63.02 -32.72
N ALA O 103 72.48 63.05 -31.41
CA ALA O 103 73.80 62.82 -30.86
C ALA O 103 74.52 61.59 -31.42
N SER O 104 73.78 60.52 -31.69
CA SER O 104 74.40 59.24 -32.04
C SER O 104 73.98 58.76 -33.42
N GLY O 105 72.85 59.26 -33.89
CA GLY O 105 72.32 58.87 -35.18
C GLY O 105 71.62 57.53 -35.10
N ILE O 106 71.52 57.01 -33.88
CA ILE O 106 70.86 55.72 -33.67
C ILE O 106 69.34 55.79 -33.81
N VAL O 107 68.76 54.98 -34.70
CA VAL O 107 67.30 54.87 -34.73
C VAL O 107 66.88 53.49 -34.20
N GLU O 108 65.75 53.45 -33.51
CA GLU O 108 65.20 52.19 -33.05
C GLU O 108 63.84 52.02 -33.71
N PHE O 109 63.51 50.79 -34.05
CA PHE O 109 62.20 50.53 -34.60
C PHE O 109 61.60 49.33 -33.84
N TRP O 110 60.44 49.54 -33.22
CA TRP O 110 59.79 48.50 -32.42
C TRP O 110 58.48 48.10 -33.05
N VAL O 111 58.32 46.81 -33.30
CA VAL O 111 57.07 46.31 -33.85
C VAL O 111 56.37 45.41 -32.84
N ASP O 112 55.15 45.77 -32.47
CA ASP O 112 54.37 44.99 -31.50
C ASP O 112 55.17 44.67 -30.23
N GLY O 113 55.92 45.66 -29.74
CA GLY O 113 56.66 45.49 -28.51
C GLY O 113 58.03 44.88 -28.65
N LYS O 114 58.37 44.43 -29.84
CA LYS O 114 59.67 43.78 -30.06
C LYS O 114 60.63 44.67 -30.85
N PRO O 115 61.87 44.81 -30.36
CA PRO O 115 62.83 45.71 -31.01
C PRO O 115 63.45 45.09 -32.26
N ARG O 116 63.46 45.85 -33.36
CA ARG O 116 64.31 45.53 -34.49
C ARG O 116 65.71 45.96 -34.10
N VAL O 117 66.71 45.57 -34.89
CA VAL O 117 68.08 45.94 -34.58
C VAL O 117 68.24 47.47 -34.65
N ARG O 118 69.26 47.98 -33.99
CA ARG O 118 69.50 49.42 -34.06
C ARG O 118 70.25 49.81 -35.34
N LYS O 119 69.92 50.97 -35.90
CA LYS O 119 70.54 51.42 -37.14
C LYS O 119 70.94 52.88 -37.04
N SER O 120 71.59 53.39 -38.09
CA SER O 120 72.15 54.74 -38.07
C SER O 120 71.46 55.63 -39.08
N LEU O 121 71.19 56.87 -38.71
CA LEU O 121 70.52 57.80 -39.61
C LEU O 121 70.69 59.23 -39.14
N LYS O 122 71.23 60.07 -40.02
CA LYS O 122 71.32 61.51 -39.78
C LYS O 122 71.93 61.92 -38.45
N LYS O 123 73.10 61.39 -38.14
CA LYS O 123 73.81 61.86 -36.94
C LYS O 123 74.05 63.37 -37.04
N GLY O 124 73.74 64.07 -35.96
CA GLY O 124 74.01 65.49 -35.85
C GLY O 124 72.98 66.40 -36.51
N TYR O 125 72.04 65.81 -37.23
CA TYR O 125 70.96 66.58 -37.85
C TYR O 125 70.05 67.19 -36.80
N THR O 126 69.17 68.09 -37.20
CA THR O 126 68.22 68.72 -36.27
C THR O 126 66.86 68.81 -36.95
N VAL O 127 65.86 68.24 -36.29
CA VAL O 127 64.52 68.21 -36.87
C VAL O 127 63.75 69.49 -36.55
N GLY O 128 63.15 70.07 -37.57
CA GLY O 128 62.48 71.35 -37.41
C GLY O 128 61.25 71.28 -36.55
N ALA O 129 60.91 72.40 -35.90
CA ALA O 129 59.78 72.45 -34.99
C ALA O 129 58.54 73.02 -35.65
N GLU O 130 58.72 73.71 -36.78
CA GLU O 130 57.60 74.27 -37.52
C GLU O 130 57.11 73.21 -38.49
N ALA O 131 56.20 72.36 -38.01
CA ALA O 131 55.85 71.15 -38.74
C ALA O 131 54.36 71.01 -39.07
N SER O 132 54.10 70.34 -40.18
CA SER O 132 52.77 69.90 -40.54
C SER O 132 52.76 68.38 -40.37
N ILE O 133 51.98 67.91 -39.38
CA ILE O 133 51.93 66.49 -39.03
C ILE O 133 50.63 65.89 -39.51
N ILE O 134 50.73 64.91 -40.40
CA ILE O 134 49.53 64.41 -41.06
C ILE O 134 49.38 62.89 -41.04
N LEU O 135 48.17 62.46 -40.68
CA LEU O 135 47.78 61.06 -40.72
C LEU O 135 46.89 60.82 -41.93
N GLY O 136 47.13 59.74 -42.66
CA GLY O 136 46.20 59.34 -43.71
C GLY O 136 46.65 59.65 -45.12
N GLN O 137 47.60 60.59 -45.23
CA GLN O 137 48.17 60.99 -46.51
C GLN O 137 49.67 61.19 -46.36
N GLU O 138 50.37 61.05 -47.48
CA GLU O 138 51.81 61.33 -47.50
C GLU O 138 52.04 62.75 -48.07
N GLN O 139 52.74 63.57 -47.30
CA GLN O 139 53.00 64.95 -47.71
C GLN O 139 54.17 65.09 -48.69
N ASP O 140 53.93 65.78 -49.80
CA ASP O 140 55.01 66.16 -50.71
C ASP O 140 55.33 67.65 -50.61
N SER O 141 54.49 68.38 -49.88
CA SER O 141 54.73 69.79 -49.61
C SER O 141 54.21 70.06 -48.21
N PHE O 142 54.60 71.19 -47.64
CA PHE O 142 54.16 71.53 -46.29
C PHE O 142 52.64 71.61 -46.25
N GLY O 143 52.00 70.53 -45.82
CA GLY O 143 50.58 70.52 -45.56
C GLY O 143 49.72 70.08 -46.73
N GLY O 144 50.35 69.50 -47.74
CA GLY O 144 49.60 69.11 -48.92
C GLY O 144 50.39 68.34 -49.96
N ASN O 145 49.85 68.33 -51.19
CA ASN O 145 50.44 67.58 -52.30
C ASN O 145 50.47 66.09 -52.03
N PHE O 146 49.29 65.57 -51.76
CA PHE O 146 49.11 64.17 -51.40
C PHE O 146 49.06 63.30 -52.63
N GLU O 147 49.55 62.07 -52.51
CA GLU O 147 49.38 61.07 -53.56
C GLU O 147 48.40 60.03 -53.06
N GLY O 148 47.41 59.69 -53.88
CA GLY O 148 46.41 58.70 -53.51
C GLY O 148 46.97 57.31 -53.45
N SER O 149 48.02 57.06 -54.22
CA SER O 149 48.67 55.76 -54.22
C SER O 149 49.52 55.58 -52.95
N GLN O 150 49.46 56.54 -52.05
CA GLN O 150 50.24 56.47 -50.81
C GLN O 150 49.38 56.71 -49.57
N SER O 151 48.06 56.77 -49.77
CA SER O 151 47.14 57.04 -48.67
C SER O 151 46.98 55.80 -47.79
N LEU O 152 46.60 56.01 -46.53
CA LEU O 152 46.33 54.90 -45.62
C LEU O 152 44.84 54.59 -45.63
N VAL O 153 44.50 53.35 -45.96
CA VAL O 153 43.10 52.92 -45.91
C VAL O 153 42.95 51.93 -44.76
N GLY O 154 42.18 52.33 -43.76
CA GLY O 154 42.05 51.56 -42.53
C GLY O 154 42.02 52.46 -41.31
N ASP O 155 42.59 51.99 -40.21
CA ASP O 155 42.49 52.73 -38.95
C ASP O 155 43.87 53.13 -38.50
N ILE O 156 43.94 54.23 -37.76
CA ILE O 156 45.16 54.60 -37.07
C ILE O 156 44.80 55.35 -35.79
N GLY O 157 45.53 55.09 -34.70
CA GLY O 157 45.20 55.70 -33.42
C GLY O 157 46.33 55.55 -32.42
N ASN O 158 46.10 55.97 -31.19
CA ASN O 158 47.13 55.93 -30.15
C ASN O 158 48.41 56.58 -30.58
N VAL O 159 48.30 57.66 -31.34
CA VAL O 159 49.47 58.39 -31.77
C VAL O 159 50.05 59.23 -30.65
N ASN O 160 51.33 59.04 -30.35
CA ASN O 160 51.98 59.81 -29.29
C ASN O 160 53.42 60.12 -29.69
N MET O 161 53.92 61.29 -29.25
CA MET O 161 55.26 61.73 -29.63
C MET O 161 56.00 62.38 -28.48
N TRP O 162 57.25 62.00 -28.28
CA TRP O 162 58.09 62.64 -27.25
C TRP O 162 59.27 63.33 -27.93
N ASP O 163 59.91 64.26 -27.23
CA ASP O 163 61.08 64.94 -27.79
C ASP O 163 62.37 64.33 -27.26
N PHE O 164 62.28 63.10 -26.77
CA PHE O 164 63.49 62.36 -26.38
C PHE O 164 63.31 60.90 -26.71
N VAL O 165 64.35 60.11 -26.48
CA VAL O 165 64.31 58.69 -26.82
C VAL O 165 63.80 57.86 -25.65
N LEU O 166 62.71 57.15 -25.89
CA LEU O 166 62.16 56.19 -24.92
C LEU O 166 63.08 54.99 -24.71
N SER O 167 63.26 54.63 -23.45
CA SER O 167 64.06 53.45 -23.09
C SER O 167 63.25 52.18 -23.40
N PRO O 168 63.95 51.04 -23.52
CA PRO O 168 63.23 49.81 -23.80
C PRO O 168 62.13 49.54 -22.76
N ASP O 169 62.39 49.79 -21.49
CA ASP O 169 61.38 49.58 -20.45
C ASP O 169 60.16 50.48 -20.67
N GLU O 170 60.40 51.73 -21.06
CA GLU O 170 59.33 52.68 -21.28
C GLU O 170 58.51 52.23 -22.48
N ILE O 171 59.19 51.76 -23.52
CA ILE O 171 58.49 51.35 -24.72
C ILE O 171 57.63 50.15 -24.41
N ASN O 172 58.17 49.26 -23.58
CA ASN O 172 57.40 48.11 -23.19
C ASN O 172 56.12 48.50 -22.46
N THR O 173 56.21 49.38 -21.46
CA THR O 173 55.00 49.75 -20.72
C THR O 173 53.99 50.44 -21.65
N ILE O 174 54.48 51.14 -22.66
CA ILE O 174 53.58 51.78 -23.61
C ILE O 174 52.81 50.75 -24.42
N TYR O 175 53.51 49.71 -24.86
CA TYR O 175 52.88 48.64 -25.62
C TYR O 175 51.90 47.83 -24.77
N LEU O 176 52.30 47.50 -23.54
CA LEU O 176 51.47 46.67 -22.67
C LEU O 176 50.29 47.44 -22.08
N GLY O 177 50.33 48.76 -22.15
CA GLY O 177 49.20 49.56 -21.72
C GLY O 177 49.39 50.44 -20.49
N GLY O 178 50.46 50.27 -19.72
CA GLY O 178 50.75 51.15 -18.61
C GLY O 178 50.60 52.67 -18.84
N PRO O 179 50.84 53.48 -17.80
CA PRO O 179 50.70 54.94 -17.81
C PRO O 179 51.93 55.64 -18.38
N PHE O 180 51.72 56.76 -19.03
CA PHE O 180 52.81 57.55 -19.58
C PHE O 180 52.32 58.94 -19.96
N SER O 181 53.25 59.89 -20.07
CA SER O 181 52.90 61.23 -20.54
C SER O 181 53.87 61.74 -21.61
N PRO O 182 53.40 61.76 -22.86
CA PRO O 182 54.18 62.25 -23.99
C PRO O 182 54.21 63.78 -23.94
N ASN O 183 55.29 64.40 -24.39
CA ASN O 183 55.42 65.86 -24.30
C ASN O 183 55.39 66.59 -25.64
N VAL O 184 55.00 65.91 -26.70
CA VAL O 184 54.88 66.54 -28.01
C VAL O 184 53.50 66.33 -28.60
N LEU O 185 53.15 65.09 -28.89
CA LEU O 185 51.76 64.74 -29.22
C LEU O 185 51.21 63.79 -28.16
N ASN O 186 50.01 64.07 -27.66
CA ASN O 186 49.39 63.24 -26.63
C ASN O 186 47.99 62.81 -27.03
N TRP O 187 47.82 61.51 -27.25
CA TRP O 187 46.53 61.00 -27.73
C TRP O 187 45.39 61.34 -26.78
N ARG O 188 45.74 61.53 -25.50
CA ARG O 188 44.76 61.85 -24.47
C ARG O 188 44.46 63.36 -24.35
N ALA O 189 45.23 64.17 -25.07
CA ALA O 189 44.98 65.61 -25.18
C ALA O 189 45.42 66.08 -26.55
N LEU O 190 44.68 65.67 -27.56
CA LEU O 190 45.11 65.82 -28.93
C LEU O 190 44.42 67.01 -29.57
N LYS O 191 45.22 67.92 -30.12
CA LYS O 191 44.67 69.04 -30.90
C LYS O 191 44.78 68.69 -32.37
N TYR O 192 43.65 68.51 -33.04
CA TYR O 192 43.68 68.03 -34.42
C TYR O 192 42.60 68.66 -35.27
N GLU O 193 42.75 68.51 -36.57
CA GLU O 193 41.79 69.06 -37.52
C GLU O 193 41.54 67.99 -38.59
N VAL O 194 40.28 67.78 -38.94
CA VAL O 194 39.96 66.72 -39.90
C VAL O 194 39.58 67.31 -41.25
N GLN O 195 39.96 66.60 -42.31
CA GLN O 195 39.60 67.03 -43.66
C GLN O 195 39.11 65.83 -44.44
N GLY O 196 37.94 65.95 -45.05
CA GLY O 196 37.46 64.91 -45.93
C GLY O 196 36.80 63.74 -45.23
N GLU O 197 36.90 62.57 -45.84
CA GLU O 197 36.19 61.36 -45.41
C GLU O 197 36.95 60.63 -44.29
N VAL O 198 36.92 61.20 -43.09
CA VAL O 198 37.59 60.61 -41.94
C VAL O 198 36.60 60.48 -40.78
N PHE O 199 36.57 59.31 -40.14
CA PHE O 199 35.65 59.11 -39.03
C PHE O 199 36.34 58.76 -37.74
N THR O 200 35.67 59.06 -36.63
CA THR O 200 36.15 58.67 -35.32
C THR O 200 35.29 57.51 -34.77
N LYS O 201 35.91 56.36 -34.57
CA LYS O 201 35.22 55.16 -34.09
C LYS O 201 36.01 54.52 -32.95
N PRO O 202 35.38 53.61 -32.19
CA PRO O 202 36.07 52.85 -31.15
C PRO O 202 37.18 52.02 -31.77
N GLN O 203 38.33 51.94 -31.11
CA GLN O 203 39.46 51.20 -31.68
C GLN O 203 39.22 49.70 -31.80
N LEU O 204 39.75 49.10 -32.86
CA LEU O 204 39.62 47.67 -33.12
C LEU O 204 40.64 46.85 -32.34
N TRP O 205 41.69 47.48 -31.85
CA TRP O 205 42.73 46.77 -31.11
C TRP O 205 42.50 46.91 -29.62
N PRO O 206 43.04 45.97 -28.84
CA PRO O 206 42.92 46.00 -27.38
C PRO O 206 43.50 47.28 -26.81
N GLN P 1 -63.23 -18.95 35.24
CA GLN P 1 -62.26 -18.87 34.16
C GLN P 1 -60.84 -19.09 34.69
N THR P 2 -60.30 -20.27 34.47
CA THR P 2 -58.93 -20.55 34.85
C THR P 2 -58.02 -20.57 33.62
N ASP P 3 -56.81 -20.04 33.77
CA ASP P 3 -55.82 -20.14 32.71
C ASP P 3 -55.09 -21.47 32.83
N MET P 4 -55.43 -22.42 31.97
CA MET P 4 -54.80 -23.75 32.02
C MET P 4 -53.51 -23.82 31.23
N SER P 5 -53.00 -22.67 30.81
CA SER P 5 -51.81 -22.65 29.96
C SER P 5 -50.73 -23.53 30.53
N ARG P 6 -50.18 -24.42 29.69
CA ARG P 6 -49.01 -25.16 30.09
C ARG P 6 -49.33 -26.27 31.11
N LYS P 7 -50.63 -26.52 31.31
CA LYS P 7 -51.09 -27.57 32.22
C LYS P 7 -51.96 -28.60 31.51
N ALA P 8 -52.09 -29.79 32.10
CA ALA P 8 -52.90 -30.85 31.51
C ALA P 8 -53.70 -31.59 32.58
N PHE P 9 -54.81 -32.22 32.18
CA PHE P 9 -55.57 -33.04 33.11
C PHE P 9 -54.98 -34.43 33.03
N VAL P 10 -54.82 -35.07 34.19
CA VAL P 10 -54.26 -36.41 34.26
C VAL P 10 -55.28 -37.38 34.84
N PHE P 11 -55.49 -38.49 34.11
CA PHE P 11 -56.37 -39.58 34.55
C PHE P 11 -55.50 -40.81 34.71
N PRO P 12 -54.93 -40.99 35.92
CA PRO P 12 -53.86 -41.95 36.20
C PRO P 12 -54.24 -43.43 36.08
N LYS P 13 -55.49 -43.77 36.38
CA LYS P 13 -55.91 -45.18 36.22
C LYS P 13 -57.31 -45.34 35.62
N GLU P 14 -57.55 -46.52 35.08
CA GLU P 14 -58.84 -46.83 34.48
C GLU P 14 -59.94 -46.64 35.50
N SER P 15 -61.00 -45.94 35.11
CA SER P 15 -62.11 -45.68 36.01
C SER P 15 -63.42 -45.41 35.28
N ASP P 16 -64.46 -45.28 36.08
CA ASP P 16 -65.83 -45.26 35.63
C ASP P 16 -66.37 -43.91 36.05
N THR P 17 -65.55 -43.17 36.79
CA THR P 17 -66.06 -42.11 37.65
C THR P 17 -65.29 -40.81 37.52
N SER P 18 -64.11 -40.89 36.89
CA SER P 18 -63.25 -39.73 36.80
C SER P 18 -63.46 -39.01 35.49
N TYR P 19 -63.73 -37.71 35.56
CA TYR P 19 -63.91 -36.94 34.35
C TYR P 19 -63.89 -35.44 34.58
N VAL P 20 -63.76 -34.68 33.50
CA VAL P 20 -63.85 -33.23 33.59
C VAL P 20 -65.00 -32.75 32.71
N SER P 21 -65.79 -31.82 33.24
CA SER P 21 -66.85 -31.22 32.46
C SER P 21 -66.46 -29.80 32.02
N LEU P 22 -66.45 -29.57 30.71
CA LEU P 22 -66.11 -28.27 30.16
C LEU P 22 -67.39 -27.48 29.89
N LYS P 23 -67.42 -26.24 30.31
CA LYS P 23 -68.61 -25.40 30.16
C LYS P 23 -68.46 -24.36 29.04
N ALA P 24 -69.38 -24.43 28.08
CA ALA P 24 -69.40 -23.51 26.95
C ALA P 24 -70.59 -22.56 27.08
N PRO P 25 -70.32 -21.25 27.01
CA PRO P 25 -71.31 -20.17 27.12
C PRO P 25 -72.15 -20.07 25.84
N LEU P 26 -72.27 -21.20 25.14
CA LEU P 26 -72.76 -21.23 23.78
C LEU P 26 -74.24 -20.88 23.69
N THR P 27 -74.60 -20.14 22.66
CA THR P 27 -76.00 -19.81 22.42
C THR P 27 -76.51 -20.35 21.08
N LYS P 28 -75.92 -19.88 19.98
CA LYS P 28 -76.34 -20.32 18.64
C LYS P 28 -76.06 -21.81 18.46
N PRO P 29 -76.99 -22.55 17.84
CA PRO P 29 -76.63 -23.89 17.40
C PRO P 29 -75.46 -23.82 16.42
N LEU P 30 -74.67 -24.87 16.35
CA LEU P 30 -73.44 -24.84 15.54
C LEU P 30 -73.68 -25.33 14.13
N LYS P 31 -73.25 -24.54 13.14
CA LYS P 31 -73.34 -24.95 11.74
C LYS P 31 -71.96 -25.22 11.20
N ALA P 32 -70.97 -25.08 12.09
CA ALA P 32 -69.57 -25.39 11.79
C ALA P 32 -68.79 -25.36 13.10
N PHE P 33 -67.71 -26.13 13.17
CA PHE P 33 -66.85 -26.09 14.35
C PHE P 33 -65.46 -26.64 14.08
N THR P 34 -64.51 -26.26 14.95
CA THR P 34 -63.21 -26.88 15.00
C THR P 34 -62.87 -27.22 16.46
N VAL P 35 -62.29 -28.40 16.67
CA VAL P 35 -61.83 -28.79 17.98
C VAL P 35 -60.38 -29.22 17.90
N CYS P 36 -59.54 -28.68 18.80
CA CYS P 36 -58.12 -29.04 18.89
C CYS P 36 -57.79 -29.46 20.29
N LEU P 37 -56.86 -30.40 20.42
CA LEU P 37 -56.40 -30.83 21.73
C LEU P 37 -55.15 -31.68 21.61
N HIS P 38 -54.47 -31.82 22.75
CA HIS P 38 -53.34 -32.74 22.90
C HIS P 38 -53.79 -33.82 23.84
N PHE P 39 -53.37 -35.04 23.59
CA PHE P 39 -53.59 -36.10 24.54
C PHE P 39 -52.44 -37.10 24.44
N TYR P 40 -52.31 -37.95 25.46
CA TYR P 40 -51.21 -38.89 25.54
C TYR P 40 -51.65 -40.10 26.34
N THR P 41 -51.70 -41.26 25.69
CA THR P 41 -52.15 -42.46 26.35
C THR P 41 -51.49 -43.67 25.74
N GLU P 42 -51.40 -44.77 26.48
CA GLU P 42 -50.81 -46.01 25.96
C GLU P 42 -51.89 -47.05 25.69
N LEU P 43 -53.15 -46.61 25.72
CA LEU P 43 -54.28 -47.51 25.54
C LEU P 43 -54.46 -48.06 24.11
N SER P 44 -53.85 -47.38 23.14
CA SER P 44 -54.10 -47.65 21.72
C SER P 44 -53.87 -49.12 21.37
N SER P 45 -52.91 -49.74 22.04
CA SER P 45 -52.53 -51.11 21.76
C SER P 45 -53.55 -52.10 22.32
N THR P 46 -54.21 -51.72 23.39
CA THR P 46 -55.04 -52.67 24.13
C THR P 46 -56.56 -52.51 24.02
N ARG P 47 -57.06 -51.28 23.84
CA ARG P 47 -58.50 -51.06 23.72
C ARG P 47 -58.87 -49.69 23.16
N GLY P 48 -60.16 -49.41 23.02
CA GLY P 48 -60.60 -48.12 22.54
C GLY P 48 -60.80 -47.11 23.67
N TYR P 49 -60.94 -45.84 23.32
CA TYR P 49 -61.14 -44.81 24.33
C TYR P 49 -61.71 -43.53 23.75
N SER P 50 -62.35 -42.74 24.59
CA SER P 50 -62.91 -41.46 24.17
C SER P 50 -61.92 -40.31 24.39
N ILE P 51 -61.73 -39.51 23.36
CA ILE P 51 -60.84 -38.37 23.45
C ILE P 51 -61.62 -37.10 23.83
N PHE P 52 -62.78 -36.89 23.21
CA PHE P 52 -63.56 -35.66 23.40
C PHE P 52 -65.02 -36.02 23.18
N SER P 53 -65.84 -35.93 24.24
CA SER P 53 -67.25 -36.31 24.18
C SER P 53 -68.17 -35.13 24.35
N TYR P 54 -68.99 -34.86 23.34
CA TYR P 54 -69.87 -33.70 23.32
C TYR P 54 -71.28 -34.22 23.12
N ALA P 55 -72.12 -34.10 24.15
CA ALA P 55 -73.45 -34.70 24.13
C ALA P 55 -74.57 -33.67 24.26
N THR P 56 -75.73 -34.05 23.70
CA THR P 56 -76.96 -33.26 23.74
C THR P 56 -78.01 -34.09 24.46
N LYS P 57 -79.09 -33.46 24.91
CA LYS P 57 -80.19 -34.21 25.51
C LYS P 57 -80.73 -35.24 24.51
N ARG P 58 -80.63 -34.90 23.22
CA ARG P 58 -81.14 -35.72 22.15
C ARG P 58 -80.13 -36.71 21.57
N GLN P 59 -78.86 -36.36 21.64
CA GLN P 59 -77.82 -37.16 21.01
C GLN P 59 -76.57 -37.24 21.91
N ASP P 60 -76.25 -38.44 22.35
CA ASP P 60 -75.08 -38.64 23.21
C ASP P 60 -73.75 -38.45 22.48
N ASN P 61 -73.77 -38.69 21.18
CA ASN P 61 -72.60 -38.53 20.33
C ASN P 61 -72.76 -37.40 19.34
N GLU P 62 -73.04 -36.20 19.85
CA GLU P 62 -73.28 -35.03 18.99
C GLU P 62 -71.96 -34.65 18.31
N ILE P 63 -70.90 -34.54 19.09
CA ILE P 63 -69.54 -34.54 18.56
C ILE P 63 -68.68 -35.52 19.34
N LEU P 64 -68.09 -36.50 18.68
CA LEU P 64 -67.26 -37.48 19.36
C LEU P 64 -65.99 -37.81 18.64
N ILE P 65 -64.86 -37.45 19.26
CA ILE P 65 -63.55 -37.90 18.80
C ILE P 65 -63.18 -39.09 19.66
N PHE P 66 -62.87 -40.20 19.02
CA PHE P 66 -62.73 -41.48 19.70
C PHE P 66 -61.63 -42.31 19.03
N TRP P 67 -60.92 -43.11 19.80
CA TRP P 67 -59.97 -44.04 19.20
C TRP P 67 -60.55 -45.42 19.28
N SER P 68 -60.75 -46.08 18.15
CA SER P 68 -61.28 -47.42 18.21
C SER P 68 -60.20 -48.43 17.88
N LYS P 69 -60.14 -49.50 18.68
CA LYS P 69 -59.01 -50.40 18.69
C LYS P 69 -58.72 -51.01 17.33
N ASP P 70 -57.44 -51.02 16.98
CA ASP P 70 -56.97 -51.70 15.77
C ASP P 70 -57.54 -51.10 14.51
N ILE P 71 -58.06 -49.87 14.61
CA ILE P 71 -58.59 -49.19 13.45
C ILE P 71 -57.98 -47.81 13.28
N GLY P 72 -58.22 -46.95 14.26
CA GLY P 72 -57.71 -45.59 14.21
C GLY P 72 -58.68 -44.58 14.83
N TYR P 73 -58.65 -43.35 14.33
CA TYR P 73 -59.51 -42.33 14.86
C TYR P 73 -60.92 -42.46 14.28
N SER P 74 -61.92 -42.32 15.14
CA SER P 74 -63.32 -42.29 14.73
C SER P 74 -63.88 -40.93 15.06
N PHE P 75 -64.51 -40.31 14.06
CA PHE P 75 -65.07 -38.98 14.25
C PHE P 75 -66.56 -39.09 14.05
N THR P 76 -67.33 -38.60 15.02
CA THR P 76 -68.78 -38.71 14.97
C THR P 76 -69.47 -37.36 15.09
N VAL P 77 -70.37 -37.05 14.18
CA VAL P 77 -71.20 -35.85 14.30
C VAL P 77 -72.65 -36.28 14.22
N GLY P 78 -73.47 -35.85 15.18
CA GLY P 78 -74.88 -36.20 15.22
C GLY P 78 -75.19 -37.69 15.09
N GLY P 79 -74.34 -38.53 15.67
CA GLY P 79 -74.58 -39.96 15.63
C GLY P 79 -73.93 -40.69 14.49
N SER P 80 -73.56 -39.96 13.43
CA SER P 80 -72.93 -40.58 12.25
C SER P 80 -71.42 -40.60 12.38
N GLU P 81 -70.83 -41.73 12.06
CA GLU P 81 -69.42 -41.97 12.27
C GLU P 81 -68.66 -42.13 10.95
N ILE P 82 -67.48 -41.53 10.87
CA ILE P 82 -66.52 -41.90 9.83
C ILE P 82 -65.21 -42.25 10.50
N LEU P 83 -64.36 -42.97 9.78
CA LEU P 83 -63.09 -43.42 10.32
C LEU P 83 -61.92 -42.75 9.63
N PHE P 84 -60.86 -42.54 10.40
CA PHE P 84 -59.58 -42.15 9.85
C PHE P 84 -58.56 -43.19 10.28
N GLU P 85 -58.31 -44.17 9.41
CA GLU P 85 -57.41 -45.28 9.71
C GLU P 85 -56.04 -44.83 10.16
N VAL P 86 -55.46 -45.57 11.09
CA VAL P 86 -54.10 -45.33 11.51
C VAL P 86 -53.37 -46.65 11.74
N PRO P 87 -52.51 -47.03 10.78
CA PRO P 87 -51.64 -48.17 10.99
C PRO P 87 -50.35 -47.68 11.65
N GLU P 88 -49.64 -48.57 12.33
CA GLU P 88 -48.35 -48.23 12.93
C GLU P 88 -48.41 -47.02 13.87
N VAL P 89 -49.28 -47.08 14.88
CA VAL P 89 -49.31 -46.02 15.88
C VAL P 89 -47.99 -45.93 16.67
N THR P 90 -47.59 -44.72 17.02
CA THR P 90 -46.40 -44.54 17.82
C THR P 90 -46.75 -44.07 19.24
N VAL P 91 -45.89 -44.40 20.19
CA VAL P 91 -46.06 -44.00 21.58
C VAL P 91 -45.49 -42.60 21.83
N ALA P 92 -46.34 -41.60 21.69
CA ALA P 92 -45.95 -40.23 21.98
C ALA P 92 -47.21 -39.37 22.09
N PRO P 93 -47.09 -38.20 22.73
CA PRO P 93 -48.24 -37.29 22.76
C PRO P 93 -48.69 -37.01 21.32
N VAL P 94 -50.00 -36.87 21.14
CA VAL P 94 -50.57 -36.60 19.85
C VAL P 94 -51.36 -35.30 19.92
N HIS P 95 -51.27 -34.51 18.87
CA HIS P 95 -52.10 -33.33 18.78
C HIS P 95 -53.08 -33.49 17.64
N ILE P 96 -54.36 -33.21 17.89
CA ILE P 96 -55.32 -33.31 16.80
C ILE P 96 -56.14 -32.04 16.64
N CYS P 97 -56.49 -31.77 15.40
CA CYS P 97 -57.47 -30.75 15.09
C CYS P 97 -58.50 -31.40 14.20
N THR P 98 -59.76 -31.13 14.48
CA THR P 98 -60.82 -31.75 13.71
C THR P 98 -61.90 -30.72 13.45
N SER P 99 -62.45 -30.72 12.25
CA SER P 99 -63.45 -29.71 11.88
C SER P 99 -64.59 -30.29 11.02
N TRP P 100 -65.72 -29.60 11.07
CA TRP P 100 -66.88 -29.99 10.30
C TRP P 100 -67.67 -28.76 9.88
N GLU P 101 -68.19 -28.79 8.66
CA GLU P 101 -68.98 -27.68 8.13
C GLU P 101 -70.32 -28.20 7.64
N SER P 102 -71.41 -27.65 8.15
CA SER P 102 -72.73 -28.10 7.76
C SER P 102 -72.97 -27.87 6.29
N ALA P 103 -72.66 -26.66 5.83
CA ALA P 103 -72.87 -26.29 4.43
C ALA P 103 -72.41 -27.33 3.42
N SER P 104 -71.27 -27.97 3.65
CA SER P 104 -70.65 -28.86 2.67
C SER P 104 -70.59 -30.28 3.15
N GLY P 105 -70.62 -30.47 4.45
CA GLY P 105 -70.48 -31.77 5.06
C GLY P 105 -69.04 -32.23 5.16
N ILE P 106 -68.12 -31.34 4.79
CA ILE P 106 -66.71 -31.66 4.79
C ILE P 106 -66.15 -31.72 6.22
N VAL P 107 -65.51 -32.83 6.57
CA VAL P 107 -64.76 -32.89 7.82
C VAL P 107 -63.26 -32.99 7.53
N GLU P 108 -62.46 -32.34 8.36
CA GLU P 108 -61.02 -32.41 8.25
C GLU P 108 -60.49 -33.01 9.54
N PHE P 109 -59.47 -33.82 9.41
CA PHE P 109 -58.83 -34.38 10.57
C PHE P 109 -57.32 -34.18 10.44
N TRP P 110 -56.76 -33.43 11.37
CA TRP P 110 -55.34 -33.14 11.39
C TRP P 110 -54.62 -33.82 12.55
N VAL P 111 -53.58 -34.59 12.24
CA VAL P 111 -52.79 -35.28 13.26
C VAL P 111 -51.37 -34.75 13.29
N ASP P 112 -51.00 -34.12 14.40
CA ASP P 112 -49.65 -33.60 14.57
C ASP P 112 -49.29 -32.62 13.45
N GLY P 113 -50.25 -31.78 13.12
CA GLY P 113 -50.04 -30.72 12.15
C GLY P 113 -50.19 -31.13 10.70
N LYS P 114 -50.45 -32.41 10.44
CA LYS P 114 -50.55 -32.91 9.07
C LYS P 114 -51.99 -33.30 8.78
N PRO P 115 -52.53 -32.82 7.66
CA PRO P 115 -53.92 -33.10 7.31
C PRO P 115 -54.11 -34.52 6.77
N ARG P 116 -55.17 -35.16 7.24
CA ARG P 116 -55.69 -36.35 6.61
C ARG P 116 -56.54 -35.89 5.45
N VAL P 117 -56.88 -36.79 4.55
CA VAL P 117 -57.74 -36.42 3.44
C VAL P 117 -59.09 -35.90 3.94
N ARG P 118 -59.79 -35.12 3.10
CA ARG P 118 -61.09 -34.56 3.49
C ARG P 118 -62.19 -35.60 3.28
N LYS P 119 -63.19 -35.59 4.15
CA LYS P 119 -64.28 -36.56 4.03
C LYS P 119 -65.61 -35.89 4.25
N SER P 120 -66.68 -36.66 4.11
CA SER P 120 -68.02 -36.10 4.18
C SER P 120 -68.79 -36.67 5.36
N LEU P 121 -69.53 -35.80 6.05
CA LEU P 121 -70.33 -36.21 7.19
C LEU P 121 -71.45 -35.21 7.50
N LYS P 122 -72.69 -35.70 7.53
CA LYS P 122 -73.81 -34.90 7.99
C LYS P 122 -73.95 -33.53 7.33
N LYS P 123 -73.98 -33.49 6.01
CA LYS P 123 -74.24 -32.23 5.30
C LYS P 123 -75.61 -31.69 5.71
N GLY P 124 -75.67 -30.41 6.06
CA GLY P 124 -76.93 -29.76 6.38
C GLY P 124 -77.46 -29.95 7.80
N TYR P 125 -76.78 -30.79 8.58
CA TYR P 125 -77.14 -31.03 9.97
C TYR P 125 -76.86 -29.79 10.82
N THR P 126 -77.40 -29.74 12.02
CA THR P 126 -77.09 -28.65 12.92
C THR P 126 -76.74 -29.20 14.30
N VAL P 127 -75.57 -28.84 14.82
CA VAL P 127 -75.12 -29.31 16.13
C VAL P 127 -75.68 -28.44 17.25
N GLY P 128 -76.26 -29.09 18.26
CA GLY P 128 -76.93 -28.38 19.34
C GLY P 128 -76.02 -27.60 20.25
N ALA P 129 -76.55 -26.55 20.85
CA ALA P 129 -75.76 -25.68 21.72
C ALA P 129 -75.89 -25.99 23.22
N GLU P 130 -76.95 -26.70 23.59
CA GLU P 130 -77.12 -27.14 24.97
C GLU P 130 -76.37 -28.46 25.10
N ALA P 131 -75.11 -28.36 25.48
CA ALA P 131 -74.20 -29.51 25.44
C ALA P 131 -73.53 -29.83 26.76
N SER P 132 -73.25 -31.12 26.95
CA SER P 132 -72.42 -31.58 28.04
C SER P 132 -71.12 -32.02 27.41
N ILE P 133 -70.05 -31.29 27.70
CA ILE P 133 -68.76 -31.58 27.10
C ILE P 133 -67.85 -32.25 28.13
N ILE P 134 -67.40 -33.46 27.84
CA ILE P 134 -66.67 -34.23 28.82
C ILE P 134 -65.35 -34.86 28.36
N LEU P 135 -64.31 -34.63 29.15
CA LEU P 135 -63.00 -35.22 28.95
C LEU P 135 -62.84 -36.40 29.90
N GLY P 136 -62.28 -37.51 29.41
CA GLY P 136 -61.94 -38.63 30.27
C GLY P 136 -62.92 -39.80 30.30
N GLN P 137 -64.16 -39.53 29.92
CA GLN P 137 -65.18 -40.56 29.81
C GLN P 137 -65.96 -40.41 28.52
N GLU P 138 -66.58 -41.49 28.06
CA GLU P 138 -67.47 -41.41 26.90
C GLU P 138 -68.93 -41.37 27.38
N GLN P 139 -69.65 -40.32 27.00
CA GLN P 139 -71.06 -40.15 27.38
C GLN P 139 -72.05 -41.03 26.59
N ASP P 140 -72.91 -41.75 27.30
CA ASP P 140 -74.02 -42.46 26.68
C ASP P 140 -75.34 -41.77 26.99
N SER P 141 -75.28 -40.78 27.87
CA SER P 141 -76.42 -39.95 28.19
C SER P 141 -75.93 -38.54 28.45
N PHE P 142 -76.85 -37.58 28.48
CA PHE P 142 -76.47 -36.20 28.69
C PHE P 142 -75.82 -36.02 30.05
N GLY P 143 -74.49 -36.08 30.09
CA GLY P 143 -73.74 -35.84 31.31
C GLY P 143 -73.37 -37.06 32.11
N GLY P 144 -73.54 -38.25 31.53
CA GLY P 144 -73.25 -39.47 32.26
C GLY P 144 -73.37 -40.75 31.50
N ASN P 145 -73.63 -41.83 32.22
CA ASN P 145 -73.64 -43.16 31.64
C ASN P 145 -72.34 -43.53 30.97
N PHE P 146 -71.28 -43.49 31.75
CA PHE P 146 -69.94 -43.74 31.25
C PHE P 146 -69.67 -45.23 31.20
N GLU P 147 -68.82 -45.65 30.27
CA GLU P 147 -68.32 -47.02 30.24
C GLU P 147 -66.83 -46.96 30.52
N GLY P 148 -66.38 -47.81 31.44
CA GLY P 148 -64.98 -47.80 31.84
C GLY P 148 -64.07 -48.34 30.76
N SER P 149 -64.63 -49.16 29.88
CA SER P 149 -63.84 -49.73 28.80
C SER P 149 -63.65 -48.71 27.69
N GLN P 150 -64.10 -47.48 27.95
CA GLN P 150 -63.94 -46.40 27.00
C GLN P 150 -63.34 -45.14 27.61
N SER P 151 -62.87 -45.23 28.85
CA SER P 151 -62.28 -44.09 29.54
C SER P 151 -60.88 -43.80 29.02
N LEU P 152 -60.43 -42.57 29.19
CA LEU P 152 -59.07 -42.20 28.82
C LEU P 152 -58.18 -42.32 30.02
N VAL P 153 -57.11 -43.09 29.87
CA VAL P 153 -56.09 -43.19 30.89
C VAL P 153 -54.80 -42.57 30.36
N GLY P 154 -54.41 -41.44 30.96
CA GLY P 154 -53.29 -40.65 30.47
C GLY P 154 -53.58 -39.18 30.64
N ASP P 155 -53.04 -38.36 29.74
CA ASP P 155 -53.15 -36.91 29.86
C ASP P 155 -53.94 -36.35 28.71
N ILE P 156 -54.60 -35.22 28.95
CA ILE P 156 -55.23 -34.48 27.87
C ILE P 156 -55.23 -33.00 28.22
N GLY P 157 -54.93 -32.15 27.24
CA GLY P 157 -54.92 -30.72 27.50
C GLY P 157 -54.94 -29.89 26.23
N ASN P 158 -54.72 -28.58 26.37
CA ASN P 158 -54.79 -27.68 25.23
C ASN P 158 -56.08 -27.86 24.43
N VAL P 159 -57.19 -28.05 25.14
CA VAL P 159 -58.48 -28.20 24.49
C VAL P 159 -59.05 -26.85 24.08
N ASN P 160 -59.31 -26.68 22.80
CA ASN P 160 -59.89 -25.44 22.32
C ASN P 160 -60.95 -25.72 21.26
N MET P 161 -61.97 -24.88 21.19
CA MET P 161 -63.04 -25.07 20.23
C MET P 161 -63.47 -23.74 19.62
N TRP P 162 -63.67 -23.75 18.29
CA TRP P 162 -64.21 -22.59 17.57
C TRP P 162 -65.53 -22.94 16.92
N ASP P 163 -66.36 -21.94 16.66
CA ASP P 163 -67.65 -22.16 15.99
C ASP P 163 -67.58 -22.02 14.46
N PHE P 164 -66.38 -22.06 13.91
CA PHE P 164 -66.18 -22.07 12.46
C PHE P 164 -65.01 -22.95 12.10
N VAL P 165 -64.81 -23.16 10.80
CA VAL P 165 -63.73 -24.03 10.34
C VAL P 165 -62.39 -23.32 10.19
N LEU P 166 -61.40 -23.81 10.91
CA LEU P 166 -60.05 -23.28 10.83
C LEU P 166 -59.41 -23.59 9.46
N SER P 167 -58.78 -22.57 8.87
CA SER P 167 -58.03 -22.74 7.63
C SER P 167 -56.73 -23.46 7.90
N PRO P 168 -56.15 -24.07 6.87
CA PRO P 168 -54.91 -24.81 7.08
C PRO P 168 -53.82 -23.95 7.71
N ASP P 169 -53.76 -22.67 7.35
CA ASP P 169 -52.74 -21.80 7.93
C ASP P 169 -52.97 -21.59 9.41
N GLU P 170 -54.24 -21.45 9.79
CA GLU P 170 -54.61 -21.26 11.18
C GLU P 170 -54.30 -22.52 11.99
N ILE P 171 -54.63 -23.68 11.44
CA ILE P 171 -54.36 -24.93 12.15
C ILE P 171 -52.86 -25.06 12.34
N ASN P 172 -52.12 -24.66 11.33
CA ASN P 172 -50.69 -24.79 11.43
C ASN P 172 -50.15 -23.93 12.56
N THR P 173 -50.60 -22.69 12.67
CA THR P 173 -50.08 -21.82 13.71
C THR P 173 -50.49 -22.31 15.09
N ILE P 174 -51.65 -22.93 15.19
CA ILE P 174 -52.05 -23.56 16.44
C ILE P 174 -51.13 -24.70 16.84
N TYR P 175 -50.77 -25.55 15.88
CA TYR P 175 -49.86 -26.66 16.15
C TYR P 175 -48.44 -26.19 16.52
N LEU P 176 -47.94 -25.18 15.81
CA LEU P 176 -46.59 -24.67 15.99
C LEU P 176 -46.47 -23.76 17.22
N GLY P 177 -47.59 -23.37 17.80
CA GLY P 177 -47.58 -22.68 19.07
C GLY P 177 -47.92 -21.20 19.02
N GLY P 178 -48.09 -20.65 17.82
CA GLY P 178 -48.48 -19.26 17.67
C GLY P 178 -49.72 -18.84 18.46
N PRO P 179 -50.10 -17.55 18.38
CA PRO P 179 -51.21 -16.96 19.13
C PRO P 179 -52.54 -17.23 18.45
N PHE P 180 -53.60 -17.37 19.24
CA PHE P 180 -54.94 -17.56 18.68
C PHE P 180 -56.00 -17.31 19.74
N SER P 181 -57.24 -17.03 19.33
CA SER P 181 -58.34 -16.90 20.27
C SER P 181 -59.56 -17.67 19.82
N PRO P 182 -59.85 -18.80 20.48
CA PRO P 182 -60.98 -19.67 20.21
C PRO P 182 -62.22 -18.97 20.74
N ASN P 183 -63.38 -19.19 20.15
CA ASN P 183 -64.58 -18.53 20.60
C ASN P 183 -65.66 -19.45 21.18
N VAL P 184 -65.32 -20.70 21.44
CA VAL P 184 -66.24 -21.59 22.15
C VAL P 184 -65.60 -22.12 23.44
N LEU P 185 -64.55 -22.91 23.31
CA LEU P 185 -63.76 -23.35 24.47
C LEU P 185 -62.37 -22.77 24.38
N ASN P 186 -61.91 -22.12 25.44
CA ASN P 186 -60.57 -21.54 25.47
C ASN P 186 -59.71 -22.07 26.60
N TRP P 187 -58.64 -22.79 26.28
CA TRP P 187 -57.80 -23.38 27.30
C TRP P 187 -57.27 -22.33 28.25
N ARG P 188 -57.12 -21.11 27.78
CA ARG P 188 -56.53 -20.05 28.57
C ARG P 188 -57.58 -19.33 29.44
N ALA P 189 -58.84 -19.69 29.26
CA ALA P 189 -59.94 -19.16 30.05
C ALA P 189 -61.03 -20.21 30.15
N LEU P 190 -60.70 -21.30 30.82
CA LEU P 190 -61.50 -22.51 30.81
C LEU P 190 -62.39 -22.58 32.05
N LYS P 191 -63.69 -22.74 31.83
CA LYS P 191 -64.60 -22.95 32.94
C LYS P 191 -64.91 -24.43 32.99
N TYR P 192 -64.47 -25.10 34.04
CA TYR P 192 -64.59 -26.54 34.12
C TYR P 192 -64.93 -27.02 35.53
N GLU P 193 -65.32 -28.28 35.62
CA GLU P 193 -65.69 -28.89 36.89
C GLU P 193 -65.10 -30.30 36.90
N VAL P 194 -64.48 -30.68 38.00
CA VAL P 194 -63.79 -31.96 38.07
C VAL P 194 -64.56 -32.94 38.94
N GLN P 195 -64.52 -34.20 38.57
CA GLN P 195 -65.19 -35.24 39.34
C GLN P 195 -64.29 -36.44 39.42
N GLY P 196 -64.05 -36.91 40.62
CA GLY P 196 -63.26 -38.12 40.81
C GLY P 196 -61.75 -37.93 40.77
N GLU P 197 -61.06 -38.97 40.30
CA GLU P 197 -59.62 -39.08 40.34
C GLU P 197 -58.96 -38.40 39.13
N VAL P 198 -58.97 -37.07 39.14
CA VAL P 198 -58.38 -36.26 38.07
C VAL P 198 -57.42 -35.23 38.65
N PHE P 199 -56.24 -35.12 38.06
CA PHE P 199 -55.26 -34.18 38.57
C PHE P 199 -54.80 -33.17 37.54
N THR P 200 -54.38 -32.00 38.01
CA THR P 200 -53.84 -30.98 37.14
C THR P 200 -52.33 -30.93 37.33
N LYS P 201 -51.59 -31.27 36.28
CA LYS P 201 -50.13 -31.30 36.30
C LYS P 201 -49.55 -30.54 35.09
N PRO P 202 -48.25 -30.19 35.16
CA PRO P 202 -47.57 -29.59 34.00
C PRO P 202 -47.61 -30.52 32.80
N GLN P 203 -47.84 -29.99 31.60
CA GLN P 203 -48.00 -30.84 30.43
C GLN P 203 -46.71 -31.53 30.05
N LEU P 204 -46.83 -32.75 29.51
CA LEU P 204 -45.68 -33.58 29.12
C LEU P 204 -45.18 -33.27 27.71
N TRP P 205 -45.99 -32.57 26.95
CA TRP P 205 -45.63 -32.24 25.58
C TRP P 205 -45.12 -30.81 25.54
N PRO P 206 -44.32 -30.50 24.51
CA PRO P 206 -43.78 -29.14 24.35
C PRO P 206 -44.90 -28.12 24.23
N GLN Q 1 -17.66 -37.95 50.76
CA GLN Q 1 -18.20 -37.23 49.60
C GLN Q 1 -17.20 -37.20 48.45
N THR Q 2 -17.40 -38.08 47.48
CA THR Q 2 -16.57 -38.05 46.28
C THR Q 2 -17.32 -37.37 45.12
N ASP Q 3 -16.61 -36.59 44.32
CA ASP Q 3 -17.21 -36.03 43.11
C ASP Q 3 -17.05 -37.05 41.98
N MET Q 4 -18.14 -37.74 41.66
CA MET Q 4 -18.13 -38.76 40.65
C MET Q 4 -18.34 -38.22 39.23
N SER Q 5 -18.34 -36.90 39.09
CA SER Q 5 -18.54 -36.28 37.78
C SER Q 5 -17.76 -36.98 36.68
N ARG Q 6 -18.45 -37.32 35.60
CA ARG Q 6 -17.78 -37.76 34.40
C ARG Q 6 -17.22 -39.20 34.56
N LYS Q 7 -17.59 -39.85 35.67
CA LYS Q 7 -17.16 -41.23 35.93
C LYS Q 7 -18.34 -42.17 36.13
N ALA Q 8 -18.10 -43.47 35.95
CA ALA Q 8 -19.16 -44.45 36.09
C ALA Q 8 -18.65 -45.70 36.83
N PHE Q 9 -19.56 -46.44 37.46
CA PHE Q 9 -19.23 -47.75 38.00
C PHE Q 9 -19.31 -48.84 36.93
N VAL Q 10 -18.32 -49.73 36.90
CA VAL Q 10 -18.27 -50.76 35.87
C VAL Q 10 -18.36 -52.13 36.52
N PHE Q 11 -19.33 -52.92 36.10
CA PHE Q 11 -19.47 -54.30 36.56
C PHE Q 11 -19.23 -55.24 35.38
N PRO Q 12 -17.98 -55.63 35.16
CA PRO Q 12 -17.48 -56.27 33.94
C PRO Q 12 -18.01 -57.67 33.68
N LYS Q 13 -18.33 -58.42 34.72
CA LYS Q 13 -18.91 -59.75 34.50
C LYS Q 13 -20.00 -60.14 35.49
N GLU Q 14 -20.81 -61.11 35.06
CA GLU Q 14 -21.93 -61.56 35.85
C GLU Q 14 -21.44 -62.04 37.21
N SER Q 15 -22.07 -61.59 38.28
CA SER Q 15 -21.65 -61.98 39.61
C SER Q 15 -22.75 -61.88 40.64
N ASP Q 16 -22.43 -62.30 41.84
CA ASP Q 16 -23.39 -62.55 42.89
C ASP Q 16 -23.00 -61.60 44.01
N THR Q 17 -21.86 -60.94 43.81
CA THR Q 17 -21.07 -60.42 44.92
C THR Q 17 -20.63 -58.98 44.71
N SER Q 18 -20.68 -58.52 43.47
CA SER Q 18 -20.24 -57.18 43.13
C SER Q 18 -21.38 -56.18 43.21
N TYR Q 19 -21.15 -55.06 43.90
CA TYR Q 19 -22.18 -54.04 44.04
C TYR Q 19 -21.67 -52.77 44.67
N VAL Q 20 -22.49 -51.73 44.62
CA VAL Q 20 -22.14 -50.47 45.24
C VAL Q 20 -23.27 -50.09 46.15
N SER Q 21 -22.94 -49.59 47.33
CA SER Q 21 -23.96 -49.13 48.27
C SER Q 21 -23.89 -47.62 48.36
N LEU Q 22 -25.02 -46.98 48.07
CA LEU Q 22 -25.13 -45.54 48.09
C LEU Q 22 -25.73 -45.12 49.41
N LYS Q 23 -25.14 -44.12 50.05
CA LYS Q 23 -25.58 -43.70 51.37
C LYS Q 23 -26.32 -42.38 51.30
N ALA Q 24 -27.56 -42.38 51.79
CA ALA Q 24 -28.39 -41.17 51.82
C ALA Q 24 -28.57 -40.67 53.25
N PRO Q 25 -28.30 -39.39 53.47
CA PRO Q 25 -28.37 -38.73 54.78
C PRO Q 25 -29.81 -38.48 55.17
N LEU Q 26 -30.68 -39.33 54.68
CA LEU Q 26 -32.11 -39.09 54.74
C LEU Q 26 -32.70 -39.19 56.15
N THR Q 27 -33.64 -38.30 56.44
CA THR Q 27 -34.34 -38.31 57.70
C THR Q 27 -35.85 -38.51 57.50
N LYS Q 28 -36.52 -37.55 56.86
CA LYS Q 28 -37.97 -37.62 56.67
C LYS Q 28 -38.30 -38.82 55.79
N PRO Q 29 -39.37 -39.56 56.11
CA PRO Q 29 -39.90 -40.53 55.14
C PRO Q 29 -40.33 -39.79 53.87
N LEU Q 30 -40.22 -40.46 52.73
CA LEU Q 30 -40.44 -39.80 51.44
C LEU Q 30 -41.90 -39.83 51.02
N LYS Q 31 -42.45 -38.67 50.67
CA LYS Q 31 -43.82 -38.61 50.16
C LYS Q 31 -43.82 -38.30 48.65
N ALA Q 32 -42.61 -38.20 48.11
CA ALA Q 32 -42.38 -37.95 46.69
C ALA Q 32 -40.91 -38.16 46.42
N PHE Q 33 -40.56 -38.59 45.20
CA PHE Q 33 -39.15 -38.65 44.83
C PHE Q 33 -38.93 -38.64 43.32
N THR Q 34 -37.71 -38.30 42.92
CA THR Q 34 -37.26 -38.49 41.55
C THR Q 34 -35.89 -39.17 41.54
N VAL Q 35 -35.70 -40.14 40.66
CA VAL Q 35 -34.41 -40.81 40.51
C VAL Q 35 -33.98 -40.74 39.05
N CYS Q 36 -32.75 -40.30 38.81
CA CYS Q 36 -32.18 -40.26 37.47
C CYS Q 36 -30.86 -41.04 37.42
N LEU Q 37 -30.57 -41.63 36.28
CA LEU Q 37 -29.31 -42.33 36.13
C LEU Q 37 -29.07 -42.74 34.69
N HIS Q 38 -27.82 -43.04 34.38
CA HIS Q 38 -27.41 -43.52 33.07
C HIS Q 38 -26.96 -44.93 33.30
N PHE Q 39 -27.23 -45.83 32.37
CA PHE Q 39 -26.67 -47.17 32.44
C PHE Q 39 -26.48 -47.70 31.03
N TYR Q 40 -25.71 -48.77 30.92
CA TYR Q 40 -25.37 -49.28 29.60
C TYR Q 40 -25.05 -50.76 29.74
N THR Q 41 -25.90 -51.61 29.18
CA THR Q 41 -25.69 -53.06 29.28
C THR Q 41 -26.17 -53.75 28.02
N GLU Q 42 -25.69 -54.97 27.78
CA GLU Q 42 -26.16 -55.76 26.65
C GLU Q 42 -27.06 -56.90 27.08
N LEU Q 43 -27.49 -56.86 28.33
CA LEU Q 43 -28.27 -57.94 28.89
C LEU Q 43 -29.71 -58.01 28.39
N SER Q 44 -30.22 -56.90 27.85
CA SER Q 44 -31.64 -56.76 27.57
C SER Q 44 -32.17 -57.89 26.69
N SER Q 45 -31.33 -58.35 25.79
CA SER Q 45 -31.69 -59.41 24.86
C SER Q 45 -31.79 -60.79 25.53
N THR Q 46 -31.03 -60.99 26.60
CA THR Q 46 -30.88 -62.34 27.15
C THR Q 46 -31.55 -62.59 28.51
N ARG Q 47 -31.66 -61.57 29.35
CA ARG Q 47 -32.30 -61.76 30.67
C ARG Q 47 -32.65 -60.45 31.36
N GLY Q 48 -33.29 -60.54 32.52
CA GLY Q 48 -33.63 -59.36 33.30
C GLY Q 48 -32.48 -58.86 34.17
N TYR Q 49 -32.60 -57.63 34.68
CA TYR Q 49 -31.57 -57.06 35.56
C TYR Q 49 -32.06 -55.89 36.38
N SER Q 50 -31.43 -55.67 37.52
CA SER Q 50 -31.80 -54.55 38.39
C SER Q 50 -30.98 -53.30 38.04
N ILE Q 51 -31.66 -52.18 37.91
CA ILE Q 51 -31.00 -50.92 37.58
C ILE Q 51 -30.75 -50.08 38.83
N PHE Q 52 -31.73 -50.05 39.73
CA PHE Q 52 -31.63 -49.26 40.94
C PHE Q 52 -32.45 -49.94 42.03
N SER Q 53 -31.80 -50.49 43.05
CA SER Q 53 -32.50 -51.20 44.14
C SER Q 53 -32.47 -50.45 45.46
N TYR Q 54 -33.65 -50.14 46.00
CA TYR Q 54 -33.79 -49.34 47.20
C TYR Q 54 -34.62 -50.14 48.19
N ALA Q 55 -33.98 -50.63 49.24
CA ALA Q 55 -34.64 -51.55 50.17
C ALA Q 55 -34.80 -51.00 51.59
N THR Q 56 -35.85 -51.45 52.27
CA THR Q 56 -36.16 -51.11 53.66
C THR Q 56 -36.08 -52.40 54.48
N LYS Q 57 -36.00 -52.28 55.80
CA LYS Q 57 -36.02 -53.47 56.65
C LYS Q 57 -37.33 -54.23 56.40
N ARG Q 58 -38.39 -53.47 56.10
CA ARG Q 58 -39.72 -54.03 55.90
C ARG Q 58 -40.01 -54.43 54.45
N GLN Q 59 -39.37 -53.77 53.49
CA GLN Q 59 -39.68 -53.98 52.08
C GLN Q 59 -38.42 -53.99 51.20
N ASP Q 60 -38.14 -55.13 50.58
CA ASP Q 60 -36.93 -55.24 49.76
C ASP Q 60 -37.03 -54.44 48.46
N ASN Q 61 -38.25 -54.19 48.02
CA ASN Q 61 -38.50 -53.44 46.80
C ASN Q 61 -39.26 -52.15 47.08
N GLU Q 62 -38.68 -51.33 47.96
CA GLU Q 62 -39.31 -50.09 48.34
C GLU Q 62 -39.30 -49.15 47.14
N ILE Q 63 -38.17 -49.06 46.44
CA ILE Q 63 -38.14 -48.44 45.14
C ILE Q 63 -37.26 -49.30 44.27
N LEU Q 64 -37.82 -49.84 43.20
CA LEU Q 64 -37.05 -50.69 42.29
C LEU Q 64 -37.25 -50.38 40.80
N ILE Q 65 -36.17 -49.96 40.15
CA ILE Q 65 -36.16 -49.80 38.70
C ILE Q 65 -35.47 -51.01 38.13
N PHE Q 66 -36.16 -51.72 37.25
CA PHE Q 66 -35.75 -53.05 36.85
C PHE Q 66 -36.07 -53.26 35.38
N TRP Q 67 -35.23 -53.99 34.67
CA TRP Q 67 -35.55 -54.39 33.31
C TRP Q 67 -35.96 -55.84 33.27
N SER Q 68 -37.20 -56.12 32.93
CA SER Q 68 -37.63 -57.52 32.87
C SER Q 68 -37.67 -58.00 31.42
N LYS Q 69 -37.12 -59.19 31.20
CA LYS Q 69 -36.84 -59.67 29.84
C LYS Q 69 -38.07 -59.70 28.95
N ASP Q 70 -37.90 -59.25 27.71
CA ASP Q 70 -38.94 -59.32 26.69
C ASP Q 70 -40.21 -58.54 27.05
N ILE Q 71 -40.10 -57.62 28.01
CA ILE Q 71 -41.22 -56.78 28.40
C ILE Q 71 -40.84 -55.31 28.35
N GLY Q 72 -39.91 -54.91 29.21
CA GLY Q 72 -39.45 -53.53 29.27
C GLY Q 72 -39.12 -53.10 30.69
N TYR Q 73 -39.27 -51.81 30.97
CA TYR Q 73 -38.96 -51.31 32.30
C TYR Q 73 -40.05 -51.67 33.28
N SER Q 74 -39.65 -52.13 34.46
CA SER Q 74 -40.55 -52.36 35.58
C SER Q 74 -40.21 -51.39 36.69
N PHE Q 75 -41.22 -50.70 37.21
CA PHE Q 75 -41.02 -49.71 38.25
C PHE Q 75 -41.83 -50.14 39.45
N THR Q 76 -41.17 -50.30 40.59
CA THR Q 76 -41.83 -50.77 41.79
C THR Q 76 -41.71 -49.77 42.94
N VAL Q 77 -42.83 -49.48 43.58
CA VAL Q 77 -42.83 -48.70 44.81
C VAL Q 77 -43.58 -49.48 45.88
N GLY Q 78 -42.94 -49.67 47.04
CA GLY Q 78 -43.55 -50.38 48.15
C GLY Q 78 -44.06 -51.75 47.79
N GLY Q 79 -43.34 -52.45 46.89
CA GLY Q 79 -43.71 -53.80 46.52
C GLY Q 79 -44.66 -53.91 45.34
N SER Q 80 -45.36 -52.82 45.00
CA SER Q 80 -46.29 -52.77 43.86
C SER Q 80 -45.60 -52.40 42.57
N GLU Q 81 -45.81 -53.21 41.54
CA GLU Q 81 -45.12 -53.07 40.27
C GLU Q 81 -46.05 -52.56 39.15
N ILE Q 82 -45.54 -51.64 38.34
CA ILE Q 82 -46.17 -51.33 37.05
C ILE Q 82 -45.12 -51.47 35.95
N LEU Q 83 -45.58 -51.65 34.73
CA LEU Q 83 -44.65 -51.86 33.63
C LEU Q 83 -44.64 -50.68 32.68
N PHE Q 84 -43.50 -50.48 32.02
CA PHE Q 84 -43.40 -49.57 30.91
C PHE Q 84 -42.82 -50.32 29.72
N GLU Q 85 -43.69 -50.86 28.87
CA GLU Q 85 -43.28 -51.70 27.75
C GLU Q 85 -42.25 -51.03 26.87
N VAL Q 86 -41.34 -51.83 26.35
CA VAL Q 86 -40.38 -51.37 25.37
C VAL Q 86 -40.14 -52.43 24.32
N PRO Q 87 -40.72 -52.23 23.15
CA PRO Q 87 -40.40 -53.06 21.98
C PRO Q 87 -39.21 -52.44 21.26
N GLU Q 88 -38.49 -53.25 20.49
CA GLU Q 88 -37.37 -52.78 19.69
C GLU Q 88 -36.34 -52.01 20.50
N VAL Q 89 -35.79 -52.64 21.53
CA VAL Q 89 -34.71 -52.01 22.28
C VAL Q 89 -33.46 -51.81 21.40
N THR Q 90 -32.73 -50.71 21.62
CA THR Q 90 -31.49 -50.47 20.90
C THR Q 90 -30.27 -50.62 21.81
N VAL Q 91 -29.14 -51.01 21.22
CA VAL Q 91 -27.89 -51.15 21.96
C VAL Q 91 -27.15 -49.82 22.11
N ALA Q 92 -27.42 -49.12 23.21
CA ALA Q 92 -26.76 -47.86 23.49
C ALA Q 92 -26.97 -47.51 24.95
N PRO Q 93 -26.11 -46.62 25.47
CA PRO Q 93 -26.38 -46.12 26.82
C PRO Q 93 -27.79 -45.54 26.88
N VAL Q 94 -28.46 -45.74 28.01
CA VAL Q 94 -29.78 -45.22 28.23
C VAL Q 94 -29.79 -44.31 29.43
N HIS Q 95 -30.52 -43.21 29.35
CA HIS Q 95 -30.72 -42.36 30.52
C HIS Q 95 -32.17 -42.46 30.98
N ILE Q 96 -32.40 -42.64 32.27
CA ILE Q 96 -33.77 -42.65 32.72
C ILE Q 96 -34.01 -41.71 33.89
N CYS Q 97 -35.21 -41.15 33.94
CA CYS Q 97 -35.66 -40.40 35.09
C CYS Q 97 -36.99 -40.98 35.46
N THR Q 98 -37.21 -41.18 36.75
CA THR Q 98 -38.44 -41.79 37.18
C THR Q 98 -38.89 -41.09 38.45
N SER Q 99 -40.19 -40.79 38.55
CA SER Q 99 -40.71 -40.09 39.71
C SER Q 99 -42.05 -40.64 40.21
N TRP Q 100 -42.34 -40.37 41.48
CA TRP Q 100 -43.55 -40.86 42.13
C TRP Q 100 -44.00 -39.84 43.15
N GLU Q 101 -45.31 -39.61 43.25
CA GLU Q 101 -45.85 -38.67 44.21
C GLU Q 101 -46.94 -39.33 45.04
N SER Q 102 -46.80 -39.35 46.35
CA SER Q 102 -47.77 -40.02 47.20
C SER Q 102 -49.16 -39.39 47.05
N ALA Q 103 -49.19 -38.06 47.07
CA ALA Q 103 -50.45 -37.32 47.02
C ALA Q 103 -51.41 -37.77 45.89
N SER Q 104 -50.85 -38.16 44.74
CA SER Q 104 -51.64 -38.44 43.56
C SER Q 104 -51.47 -39.86 43.07
N GLY Q 105 -50.36 -40.48 43.44
CA GLY Q 105 -50.04 -41.82 42.98
C GLY Q 105 -49.47 -41.82 41.59
N ILE Q 106 -49.27 -40.64 41.03
CA ILE Q 106 -48.75 -40.52 39.67
C ILE Q 106 -47.27 -40.87 39.58
N VAL Q 107 -46.91 -41.80 38.70
CA VAL Q 107 -45.50 -42.01 38.41
C VAL Q 107 -45.19 -41.55 37.00
N GLU Q 108 -43.97 -41.06 36.79
CA GLU Q 108 -43.53 -40.66 35.47
C GLU Q 108 -42.33 -41.49 35.16
N PHE Q 109 -42.16 -41.86 33.90
CA PHE Q 109 -40.97 -42.57 33.49
C PHE Q 109 -40.44 -41.91 32.23
N TRP Q 110 -39.22 -41.39 32.30
CA TRP Q 110 -38.60 -40.73 31.17
C TRP Q 110 -37.43 -41.55 30.62
N VAL Q 111 -37.44 -41.82 29.32
CA VAL Q 111 -36.33 -42.52 28.69
C VAL Q 111 -35.65 -41.64 27.67
N ASP Q 112 -34.36 -41.39 27.87
CA ASP Q 112 -33.58 -40.53 26.98
C ASP Q 112 -34.25 -39.18 26.74
N GLY Q 113 -34.78 -38.59 27.80
CA GLY Q 113 -35.34 -37.26 27.72
C GLY Q 113 -36.79 -37.22 27.27
N LYS Q 114 -37.36 -38.37 26.90
CA LYS Q 114 -38.73 -38.41 26.41
C LYS Q 114 -39.67 -39.07 27.42
N PRO Q 115 -40.78 -38.39 27.75
CA PRO Q 115 -41.70 -38.92 28.76
C PRO Q 115 -42.54 -40.07 28.22
N ARG Q 116 -42.65 -41.13 29.01
CA ARG Q 116 -43.65 -42.15 28.78
C ARG Q 116 -44.94 -41.60 29.35
N VAL Q 117 -46.04 -42.29 29.13
CA VAL Q 117 -47.31 -41.80 29.65
C VAL Q 117 -47.29 -41.84 31.18
N ARG Q 118 -48.13 -41.02 31.82
CA ARG Q 118 -48.23 -41.07 33.27
C ARG Q 118 -49.06 -42.27 33.73
N LYS Q 119 -48.68 -42.86 34.86
CA LYS Q 119 -49.41 -44.00 35.41
C LYS Q 119 -49.63 -43.82 36.90
N SER Q 120 -50.31 -44.79 37.52
CA SER Q 120 -50.69 -44.68 38.91
C SER Q 120 -50.08 -45.80 39.72
N LEU Q 121 -49.60 -45.44 40.91
CA LEU Q 121 -48.94 -46.42 41.79
C LEU Q 121 -48.92 -45.96 43.24
N LYS Q 122 -49.43 -46.78 44.14
CA LYS Q 122 -49.33 -46.52 45.57
C LYS Q 122 -49.71 -45.13 46.00
N LYS Q 123 -50.89 -44.66 45.64
CA LYS Q 123 -51.36 -43.37 46.17
C LYS Q 123 -51.46 -43.42 47.70
N GLY Q 124 -50.94 -42.37 48.35
CA GLY Q 124 -50.99 -42.25 49.80
C GLY Q 124 -49.94 -43.02 50.59
N TYR Q 125 -49.18 -43.87 49.89
CA TYR Q 125 -48.11 -44.64 50.53
C TYR Q 125 -47.00 -43.70 50.99
N THR Q 126 -46.11 -44.21 51.83
CA THR Q 126 -44.96 -43.43 52.30
C THR Q 126 -43.70 -44.28 52.21
N VAL Q 127 -42.71 -43.75 51.51
CA VAL Q 127 -41.46 -44.49 51.32
C VAL Q 127 -40.51 -44.28 52.50
N GLY Q 128 -39.95 -45.37 53.00
CA GLY Q 128 -39.12 -45.32 54.20
C GLY Q 128 -37.80 -44.62 53.98
N ALA Q 129 -37.26 -44.02 55.06
CA ALA Q 129 -36.01 -43.26 54.95
C ALA Q 129 -34.80 -44.06 55.39
N GLU Q 130 -35.02 -45.16 56.13
CA GLU Q 130 -33.95 -46.03 56.56
C GLU Q 130 -33.73 -47.05 55.46
N ALA Q 131 -32.88 -46.71 54.50
CA ALA Q 131 -32.80 -47.47 53.26
C ALA Q 131 -31.41 -47.99 52.92
N SER Q 132 -31.39 -49.16 52.27
CA SER Q 132 -30.18 -49.68 51.68
C SER Q 132 -30.30 -49.50 50.18
N ILE Q 133 -29.48 -48.62 49.62
CA ILE Q 133 -29.56 -48.31 48.20
C ILE Q 133 -28.41 -48.95 47.44
N ILE Q 134 -28.72 -49.83 46.50
CA ILE Q 134 -27.69 -50.62 45.86
C ILE Q 134 -27.71 -50.65 44.33
N LEU Q 135 -26.54 -50.43 43.74
CA LEU Q 135 -26.34 -50.52 42.31
C LEU Q 135 -25.65 -51.85 42.00
N GLY Q 136 -26.07 -52.54 40.95
CA GLY Q 136 -25.35 -53.70 40.47
C GLY Q 136 -25.96 -55.04 40.86
N GLN Q 137 -26.80 -55.01 41.89
CA GLN Q 137 -27.47 -56.21 42.35
C GLN Q 137 -28.89 -55.88 42.74
N GLU Q 138 -29.76 -56.88 42.73
CA GLU Q 138 -31.13 -56.69 43.18
C GLU Q 138 -31.27 -57.26 44.60
N GLN Q 139 -31.70 -56.40 45.53
CA GLN Q 139 -31.87 -56.80 46.92
C GLN Q 139 -33.14 -57.61 47.19
N ASP Q 140 -32.99 -58.74 47.87
CA ASP Q 140 -34.15 -59.47 48.40
C ASP Q 140 -34.26 -59.34 49.93
N SER Q 141 -33.25 -58.70 50.52
CA SER Q 141 -33.27 -58.41 51.95
C SER Q 141 -32.54 -57.10 52.13
N PHE Q 142 -32.73 -56.48 53.29
CA PHE Q 142 -32.08 -55.21 53.57
C PHE Q 142 -30.55 -55.34 53.46
N GLY Q 143 -30.01 -54.97 52.30
CA GLY Q 143 -28.58 -54.93 52.13
C GLY Q 143 -27.96 -56.21 51.59
N GLY Q 144 -28.80 -57.17 51.19
CA GLY Q 144 -28.24 -58.39 50.64
C GLY Q 144 -29.25 -59.36 50.00
N ASN Q 145 -28.87 -60.63 49.95
CA ASN Q 145 -29.67 -61.67 49.29
C ASN Q 145 -29.83 -61.38 47.82
N PHE Q 146 -28.70 -61.24 47.17
CA PHE Q 146 -28.66 -60.93 45.75
C PHE Q 146 -28.91 -62.18 44.91
N GLU Q 147 -29.48 -61.99 43.72
CA GLU Q 147 -29.59 -63.06 42.73
C GLU Q 147 -28.70 -62.70 41.56
N GLY Q 148 -27.90 -63.65 41.11
CA GLY Q 148 -26.95 -63.41 40.04
C GLY Q 148 -27.64 -63.25 38.70
N SER Q 149 -28.80 -63.88 38.58
CA SER Q 149 -29.60 -63.79 37.37
C SER Q 149 -30.29 -62.41 37.25
N GLN Q 150 -30.02 -61.52 38.20
CA GLN Q 150 -30.63 -60.20 38.18
C GLN Q 150 -29.59 -59.08 38.31
N SER Q 151 -28.33 -59.45 38.20
CA SER Q 151 -27.24 -58.49 38.38
C SER Q 151 -27.08 -57.64 37.13
N LEU Q 152 -26.49 -56.47 37.29
CA LEU Q 152 -26.24 -55.60 36.15
C LEU Q 152 -24.83 -55.85 35.65
N VAL Q 153 -24.69 -56.16 34.38
CA VAL Q 153 -23.37 -56.28 33.77
C VAL Q 153 -23.18 -55.18 32.76
N GLY Q 154 -22.33 -54.22 33.10
CA GLY Q 154 -22.09 -53.09 32.24
C GLY Q 154 -21.77 -51.87 33.10
N ASP Q 155 -22.17 -50.68 32.65
CA ASP Q 155 -21.85 -49.47 33.39
C ASP Q 155 -23.12 -48.83 33.96
N ILE Q 156 -22.96 -48.08 35.05
CA ILE Q 156 -24.05 -47.25 35.54
C ILE Q 156 -23.43 -46.03 36.22
N GLY Q 157 -24.03 -44.85 36.01
CA GLY Q 157 -23.48 -43.61 36.53
C GLY Q 157 -24.50 -42.48 36.55
N ASN Q 158 -24.04 -41.28 36.86
CA ASN Q 158 -24.92 -40.12 36.99
C ASN Q 158 -26.18 -40.41 37.79
N VAL Q 159 -26.05 -41.19 38.87
CA VAL Q 159 -27.17 -41.46 39.75
C VAL Q 159 -27.47 -40.25 40.63
N ASN Q 160 -28.69 -39.75 40.58
CA ASN Q 160 -29.13 -38.64 41.43
C ASN Q 160 -30.54 -38.89 41.94
N MET Q 161 -30.87 -38.36 43.12
CA MET Q 161 -32.19 -38.57 43.68
C MET Q 161 -32.69 -37.33 44.39
N TRP Q 162 -33.94 -36.95 44.14
CA TRP Q 162 -34.55 -35.83 44.85
C TRP Q 162 -35.69 -36.32 45.71
N ASP Q 163 -36.11 -35.52 46.70
CA ASP Q 163 -37.23 -35.90 47.54
C ASP Q 163 -38.53 -35.22 47.10
N PHE Q 164 -38.54 -34.75 45.86
CA PHE Q 164 -39.76 -34.22 45.25
C PHE Q 164 -39.80 -34.58 43.78
N VAL Q 165 -40.91 -34.24 43.12
CA VAL Q 165 -41.08 -34.56 41.71
C VAL Q 165 -40.53 -33.47 40.80
N LEU Q 166 -39.58 -33.86 39.97
CA LEU Q 166 -39.03 -32.98 38.96
C LEU Q 166 -40.08 -32.65 37.87
N SER Q 167 -40.16 -31.37 37.52
CA SER Q 167 -41.03 -30.90 36.44
C SER Q 167 -40.42 -31.31 35.11
N PRO Q 168 -41.25 -31.37 34.06
CA PRO Q 168 -40.72 -31.71 32.74
C PRO Q 168 -39.57 -30.81 32.29
N ASP Q 169 -39.63 -29.52 32.58
CA ASP Q 169 -38.52 -28.62 32.24
C ASP Q 169 -37.23 -28.99 32.97
N GLU Q 170 -37.36 -29.31 34.26
CA GLU Q 170 -36.23 -29.71 35.06
C GLU Q 170 -35.63 -30.99 34.49
N ILE Q 171 -36.48 -31.95 34.17
CA ILE Q 171 -36.00 -33.23 33.69
C ILE Q 171 -35.26 -33.01 32.39
N ASN Q 172 -35.79 -32.10 31.59
CA ASN Q 172 -35.12 -31.81 30.35
C ASN Q 172 -33.72 -31.22 30.50
N THR Q 173 -33.56 -30.19 31.32
CA THR Q 173 -32.22 -29.66 31.58
C THR Q 173 -31.26 -30.73 32.15
N ILE Q 174 -31.76 -31.60 33.02
CA ILE Q 174 -30.94 -32.69 33.52
C ILE Q 174 -30.40 -33.59 32.38
N TYR Q 175 -31.29 -33.91 31.43
CA TYR Q 175 -30.93 -34.79 30.30
C TYR Q 175 -29.95 -34.09 29.34
N LEU Q 176 -30.20 -32.80 29.12
CA LEU Q 176 -29.39 -31.99 28.23
C LEU Q 176 -28.05 -31.54 28.84
N GLY Q 177 -27.91 -31.70 30.15
CA GLY Q 177 -26.62 -31.48 30.80
C GLY Q 177 -26.52 -30.23 31.66
N GLY Q 178 -27.57 -29.42 31.66
CA GLY Q 178 -27.64 -28.26 32.52
C GLY Q 178 -27.39 -28.52 34.00
N PRO Q 179 -27.37 -27.44 34.81
CA PRO Q 179 -26.98 -27.48 36.21
C PRO Q 179 -28.14 -27.91 37.04
N PHE Q 180 -27.87 -28.56 38.17
CA PHE Q 180 -28.93 -28.93 39.11
C PHE Q 180 -28.33 -29.40 40.43
N SER Q 181 -29.13 -29.39 41.50
CA SER Q 181 -28.68 -29.87 42.81
C SER Q 181 -29.69 -30.77 43.50
N PRO Q 182 -29.43 -32.09 43.46
CA PRO Q 182 -30.27 -33.11 44.07
C PRO Q 182 -30.10 -33.04 45.57
N ASN Q 183 -31.14 -33.36 46.33
CA ASN Q 183 -31.06 -33.21 47.78
C ASN Q 183 -31.12 -34.55 48.51
N VAL Q 184 -30.97 -35.67 47.81
CA VAL Q 184 -30.98 -36.98 48.47
C VAL Q 184 -29.74 -37.76 48.08
N LEU Q 185 -29.58 -38.08 46.80
CA LEU Q 185 -28.32 -38.58 46.29
C LEU Q 185 -27.73 -37.60 45.27
N ASN Q 186 -26.45 -37.29 45.41
CA ASN Q 186 -25.79 -36.37 44.50
C ASN Q 186 -24.54 -36.98 43.91
N TRP Q 187 -24.55 -37.21 42.60
CA TRP Q 187 -23.41 -37.84 41.95
C TRP Q 187 -22.14 -37.02 42.16
N ARG Q 188 -22.32 -35.71 42.34
CA ARG Q 188 -21.18 -34.80 42.50
C ARG Q 188 -20.69 -34.70 43.94
N ALA Q 189 -21.45 -35.30 44.86
CA ALA Q 189 -21.05 -35.45 46.26
C ALA Q 189 -21.58 -36.76 46.82
N LEU Q 190 -21.04 -37.87 46.30
CA LEU Q 190 -21.59 -39.19 46.54
C LEU Q 190 -20.86 -39.90 47.66
N LYS Q 191 -21.60 -40.36 48.65
CA LYS Q 191 -21.04 -41.20 49.70
C LYS Q 191 -21.39 -42.64 49.39
N TYR Q 192 -20.39 -43.44 49.09
CA TYR Q 192 -20.65 -44.80 48.66
C TYR Q 192 -19.61 -45.79 49.16
N GLU Q 193 -19.94 -47.07 49.06
CA GLU Q 193 -19.09 -48.15 49.51
C GLU Q 193 -19.07 -49.26 48.44
N VAL Q 194 -17.90 -49.72 48.06
CA VAL Q 194 -17.83 -50.73 47.02
C VAL Q 194 -17.56 -52.13 47.60
N GLN Q 195 -18.16 -53.14 46.96
CA GLN Q 195 -17.96 -54.52 47.36
C GLN Q 195 -17.73 -55.38 46.11
N GLY Q 196 -16.65 -56.14 46.09
CA GLY Q 196 -16.46 -57.06 44.99
C GLY Q 196 -15.83 -56.44 43.76
N GLU Q 197 -16.16 -57.05 42.63
CA GLU Q 197 -15.54 -56.71 41.35
C GLU Q 197 -16.21 -55.49 40.68
N VAL Q 198 -15.93 -54.29 41.20
CA VAL Q 198 -16.50 -53.05 40.69
C VAL Q 198 -15.40 -52.02 40.43
N PHE Q 199 -15.41 -51.38 39.27
CA PHE Q 199 -14.37 -50.42 38.97
C PHE Q 199 -14.92 -49.07 38.66
N THR Q 200 -14.09 -48.05 38.81
CA THR Q 200 -14.47 -46.70 38.48
C THR Q 200 -13.70 -46.26 37.24
N LYS Q 201 -14.42 -45.98 36.17
CA LYS Q 201 -13.81 -45.59 34.90
C LYS Q 201 -14.51 -44.34 34.37
N PRO Q 202 -13.87 -43.66 33.40
CA PRO Q 202 -14.54 -42.55 32.68
C PRO Q 202 -15.80 -43.05 31.97
N GLN Q 203 -16.88 -42.27 32.01
CA GLN Q 203 -18.14 -42.69 31.44
C GLN Q 203 -18.06 -42.84 29.92
N LEU Q 204 -18.79 -43.83 29.40
CA LEU Q 204 -18.87 -44.08 27.97
C LEU Q 204 -19.86 -43.15 27.23
N TRP Q 205 -20.81 -42.59 27.97
CA TRP Q 205 -21.79 -41.73 27.35
C TRP Q 205 -21.32 -40.30 27.42
N PRO Q 206 -21.87 -39.44 26.56
CA PRO Q 206 -21.56 -38.02 26.56
C PRO Q 206 -21.93 -37.35 27.90
N GLN R 1 11.71 -44.77 9.66
CA GLN R 1 10.52 -43.97 10.01
C GLN R 1 9.90 -43.30 8.80
N THR R 2 8.81 -43.90 8.29
CA THR R 2 8.07 -43.29 7.19
C THR R 2 6.82 -42.61 7.71
N ASP R 3 6.48 -41.45 7.16
CA ASP R 3 5.21 -40.82 7.46
C ASP R 3 4.12 -41.40 6.53
N MET R 4 3.30 -42.29 7.09
CA MET R 4 2.24 -42.95 6.33
C MET R 4 0.93 -42.14 6.27
N SER R 5 0.99 -40.90 6.73
CA SER R 5 -0.20 -40.05 6.78
C SER R 5 -0.95 -40.12 5.46
N ARG R 6 -2.26 -40.38 5.57
CA ARG R 6 -3.13 -40.24 4.42
C ARG R 6 -2.91 -41.39 3.40
N LYS R 7 -2.19 -42.43 3.84
CA LYS R 7 -1.93 -43.59 2.99
C LYS R 7 -2.37 -44.88 3.68
N ALA R 8 -2.55 -45.94 2.89
CA ALA R 8 -2.96 -47.24 3.43
C ALA R 8 -2.28 -48.37 2.71
N PHE R 9 -2.22 -49.54 3.36
CA PHE R 9 -1.68 -50.74 2.76
C PHE R 9 -2.80 -51.46 2.05
N VAL R 10 -2.54 -51.91 0.84
CA VAL R 10 -3.56 -52.59 0.04
C VAL R 10 -3.16 -54.03 -0.23
N PHE R 11 -4.04 -54.95 0.15
CA PHE R 11 -3.85 -56.37 -0.12
C PHE R 11 -4.90 -56.84 -1.12
N PRO R 12 -4.61 -56.68 -2.43
CA PRO R 12 -5.60 -56.79 -3.51
C PRO R 12 -6.24 -58.16 -3.66
N LYS R 13 -5.51 -59.25 -3.39
CA LYS R 13 -6.12 -60.58 -3.52
C LYS R 13 -5.74 -61.54 -2.42
N GLU R 14 -6.59 -62.54 -2.24
CA GLU R 14 -6.35 -63.55 -1.22
C GLU R 14 -4.99 -64.19 -1.42
N SER R 15 -4.21 -64.27 -0.34
CA SER R 15 -2.86 -64.82 -0.43
C SER R 15 -2.37 -65.40 0.90
N ASP R 16 -1.20 -66.01 0.82
CA ASP R 16 -0.62 -66.80 1.89
C ASP R 16 0.65 -66.10 2.31
N THR R 17 1.01 -65.08 1.53
CA THR R 17 2.40 -64.64 1.42
C THR R 17 2.56 -63.15 1.56
N SER R 18 1.46 -62.43 1.42
CA SER R 18 1.50 -60.98 1.46
C SER R 18 1.20 -60.49 2.87
N TYR R 19 2.07 -59.59 3.37
CA TYR R 19 1.90 -59.04 4.70
C TYR R 19 2.85 -57.87 4.98
N VAL R 20 2.54 -57.14 6.05
CA VAL R 20 3.40 -56.07 6.51
C VAL R 20 3.81 -56.35 7.95
N SER R 21 5.10 -56.14 8.24
CA SER R 21 5.60 -56.30 9.59
C SER R 21 5.87 -54.92 10.19
N LEU R 22 5.24 -54.66 11.33
CA LEU R 22 5.37 -53.38 12.01
C LEU R 22 6.36 -53.55 13.14
N LYS R 23 7.31 -52.60 13.23
CA LYS R 23 8.38 -52.70 14.22
C LYS R 23 8.18 -51.74 15.39
N ALA R 24 8.08 -52.30 16.59
CA ALA R 24 7.92 -51.52 17.81
C ALA R 24 9.21 -51.50 18.63
N PRO R 25 9.68 -50.29 18.99
CA PRO R 25 10.91 -50.06 19.76
C PRO R 25 10.71 -50.41 21.23
N LEU R 26 9.79 -51.33 21.46
CA LEU R 26 9.30 -51.62 22.80
C LEU R 26 10.32 -52.27 23.71
N THR R 27 10.31 -51.84 24.96
CA THR R 27 11.16 -52.44 25.98
C THR R 27 10.34 -53.06 27.12
N LYS R 28 9.60 -52.24 27.86
CA LYS R 28 8.82 -52.72 28.99
C LYS R 28 7.74 -53.68 28.51
N PRO R 29 7.53 -54.79 29.24
CA PRO R 29 6.33 -55.59 28.96
C PRO R 29 5.09 -54.73 29.22
N LEU R 30 4.00 -55.02 28.49
CA LEU R 30 2.80 -54.19 28.52
C LEU R 30 1.84 -54.62 29.62
N LYS R 31 1.43 -53.66 30.45
CA LYS R 31 0.41 -53.91 31.46
C LYS R 31 -0.93 -53.22 31.09
N ALA R 32 -0.91 -52.59 29.91
CA ALA R 32 -2.06 -51.91 29.34
C ALA R 32 -1.72 -51.48 27.91
N PHE R 33 -2.73 -51.43 27.06
CA PHE R 33 -2.48 -50.93 25.71
C PHE R 33 -3.77 -50.49 25.00
N THR R 34 -3.58 -49.68 23.97
CA THR R 34 -4.66 -49.30 23.06
C THR R 34 -4.18 -49.44 21.61
N VAL R 35 -5.02 -50.05 20.78
CA VAL R 35 -4.73 -50.17 19.35
C VAL R 35 -5.88 -49.58 18.52
N CYS R 36 -5.51 -48.70 17.59
CA CYS R 36 -6.47 -48.10 16.69
C CYS R 36 -6.07 -48.33 15.23
N LEU R 37 -7.06 -48.50 14.37
CA LEU R 37 -6.79 -48.65 12.95
C LEU R 37 -8.08 -48.54 12.11
N HIS R 38 -7.87 -48.27 10.83
CA HIS R 38 -8.94 -48.29 9.83
C HIS R 38 -8.72 -49.50 8.96
N PHE R 39 -9.80 -50.17 8.58
CA PHE R 39 -9.67 -51.19 7.56
C PHE R 39 -10.92 -51.26 6.72
N TYR R 40 -10.84 -51.92 5.57
CA TYR R 40 -11.93 -51.93 4.61
C TYR R 40 -11.84 -53.19 3.81
N THR R 41 -12.77 -54.11 4.05
CA THR R 41 -12.79 -55.36 3.30
C THR R 41 -14.23 -55.80 3.02
N GLU R 42 -14.41 -56.65 2.01
CA GLU R 42 -15.72 -57.22 1.72
C GLU R 42 -15.83 -58.69 2.17
N LEU R 43 -14.83 -59.16 2.90
CA LEU R 43 -14.79 -60.57 3.32
C LEU R 43 -15.84 -60.94 4.36
N SER R 44 -16.38 -59.95 5.07
CA SER R 44 -17.21 -60.23 6.26
C SER R 44 -18.34 -61.19 5.96
N SER R 45 -18.86 -61.11 4.73
CA SER R 45 -19.99 -61.93 4.31
C SER R 45 -19.60 -63.38 4.07
N THR R 46 -18.35 -63.60 3.67
CA THR R 46 -17.93 -64.91 3.16
C THR R 46 -17.00 -65.75 4.08
N ARG R 47 -16.15 -65.10 4.88
CA ARG R 47 -15.25 -65.83 5.79
C ARG R 47 -14.61 -64.95 6.86
N GLY R 48 -13.81 -65.55 7.73
CA GLY R 48 -13.13 -64.80 8.79
C GLY R 48 -11.82 -64.19 8.29
N TYR R 49 -11.27 -63.24 9.05
CA TYR R 49 -9.98 -62.61 8.70
C TYR R 49 -9.31 -61.93 9.90
N SER R 50 -7.98 -61.83 9.83
CA SER R 50 -7.20 -61.14 10.87
C SER R 50 -7.04 -59.67 10.54
N ILE R 51 -7.33 -58.84 11.54
CA ILE R 51 -7.21 -57.41 11.37
C ILE R 51 -5.84 -56.92 11.87
N PHE R 52 -5.43 -57.43 13.04
CA PHE R 52 -4.19 -57.02 13.70
C PHE R 52 -3.64 -58.20 14.49
N SER R 53 -2.52 -58.77 14.02
CA SER R 53 -1.89 -59.93 14.69
C SER R 53 -0.57 -59.59 15.39
N TYR R 54 -0.54 -59.83 16.71
CA TYR R 54 0.60 -59.45 17.56
C TYR R 54 1.05 -60.73 18.26
N ALA R 55 2.21 -61.23 17.83
CA ALA R 55 2.69 -62.51 18.33
C ALA R 55 3.96 -62.41 19.19
N THR R 56 4.08 -63.36 20.12
CA THR R 56 5.25 -63.55 20.98
C THR R 56 5.89 -64.92 20.64
N LYS R 57 7.14 -65.15 21.06
CA LYS R 57 7.75 -66.46 20.89
C LYS R 57 6.89 -67.52 21.63
N ARG R 58 6.28 -67.10 22.72
CA ARG R 58 5.47 -67.98 23.57
C ARG R 58 4.00 -68.06 23.17
N GLN R 59 3.48 -66.97 22.60
CA GLN R 59 2.06 -66.88 22.30
C GLN R 59 1.79 -66.24 20.94
N ASP R 60 1.22 -67.01 20.01
CA ASP R 60 0.94 -66.52 18.66
C ASP R 60 -0.18 -65.46 18.63
N ASN R 61 -1.06 -65.54 19.63
CA ASN R 61 -2.20 -64.63 19.77
C ASN R 61 -2.07 -63.78 21.03
N GLU R 62 -0.97 -63.05 21.12
CA GLU R 62 -0.70 -62.24 22.30
C GLU R 62 -1.69 -61.09 22.31
N ILE R 63 -1.79 -60.41 21.17
CA ILE R 63 -2.90 -59.49 20.93
C ILE R 63 -3.48 -59.76 19.54
N LEU R 64 -4.75 -60.14 19.47
CA LEU R 64 -5.37 -60.44 18.17
C LEU R 64 -6.77 -59.85 17.96
N ILE R 65 -6.85 -58.90 17.03
CA ILE R 65 -8.11 -58.37 16.58
C ILE R 65 -8.47 -59.12 15.32
N PHE R 66 -9.63 -59.78 15.35
CA PHE R 66 -10.00 -60.72 14.31
C PHE R 66 -11.50 -60.62 14.01
N TRP R 67 -11.89 -60.81 12.75
CA TRP R 67 -13.30 -60.91 12.41
C TRP R 67 -13.67 -62.37 12.20
N SER R 68 -14.57 -62.91 13.02
CA SER R 68 -14.94 -64.29 12.79
C SER R 68 -16.34 -64.36 12.15
N LYS R 69 -16.45 -65.18 11.12
CA LYS R 69 -17.60 -65.17 10.23
C LYS R 69 -18.92 -65.37 10.99
N ASP R 70 -19.93 -64.57 10.61
CA ASP R 70 -21.30 -64.71 11.12
C ASP R 70 -21.39 -64.51 12.64
N ILE R 71 -20.35 -63.90 13.21
CA ILE R 71 -20.36 -63.60 14.64
C ILE R 71 -20.08 -62.12 14.94
N GLY R 72 -18.89 -61.67 14.53
CA GLY R 72 -18.49 -60.29 14.74
C GLY R 72 -17.01 -60.20 15.08
N TYR R 73 -16.65 -59.18 15.87
CA TYR R 73 -15.26 -58.96 16.26
C TYR R 73 -14.84 -59.89 17.39
N SER R 74 -13.67 -60.52 17.20
CA SER R 74 -13.06 -61.34 18.23
C SER R 74 -11.79 -60.66 18.72
N PHE R 75 -11.71 -60.46 20.03
CA PHE R 75 -10.55 -59.81 20.64
C PHE R 75 -9.83 -60.81 21.53
N THR R 76 -8.55 -61.02 21.24
CA THR R 76 -7.76 -61.99 21.99
C THR R 76 -6.52 -61.38 22.66
N VAL R 77 -6.38 -61.62 23.97
CA VAL R 77 -5.18 -61.23 24.70
C VAL R 77 -4.61 -62.47 25.37
N GLY R 78 -3.33 -62.75 25.10
CA GLY R 78 -2.63 -63.87 25.69
C GLY R 78 -3.36 -65.19 25.49
N GLY R 79 -3.92 -65.35 24.29
CA GLY R 79 -4.60 -66.59 23.94
C GLY R 79 -6.08 -66.69 24.35
N SER R 80 -6.52 -65.85 25.30
CA SER R 80 -7.92 -65.81 25.70
C SER R 80 -8.78 -64.86 24.83
N GLU R 81 -9.91 -65.39 24.37
CA GLU R 81 -10.75 -64.70 23.40
C GLU R 81 -12.08 -64.26 24.03
N ILE R 82 -12.49 -63.02 23.73
CA ILE R 82 -13.88 -62.61 23.94
C ILE R 82 -14.46 -62.09 22.64
N LEU R 83 -15.79 -62.11 22.55
CA LEU R 83 -16.46 -61.71 21.32
C LEU R 83 -17.19 -60.38 21.48
N PHE R 84 -17.24 -59.62 20.39
CA PHE R 84 -18.12 -58.48 20.30
C PHE R 84 -19.03 -58.67 19.10
N GLU R 85 -20.24 -59.18 19.36
CA GLU R 85 -21.20 -59.50 18.30
C GLU R 85 -21.49 -58.33 17.38
N VAL R 86 -21.64 -58.62 16.10
CA VAL R 86 -22.09 -57.62 15.16
C VAL R 86 -23.11 -58.20 14.17
N PRO R 87 -24.38 -57.90 14.40
CA PRO R 87 -25.40 -58.23 13.40
C PRO R 87 -25.50 -57.10 12.39
N GLU R 88 -25.98 -57.40 11.18
CA GLU R 88 -26.21 -56.38 10.16
C GLU R 88 -24.96 -55.55 9.85
N VAL R 89 -23.89 -56.22 9.46
CA VAL R 89 -22.70 -55.51 9.02
C VAL R 89 -22.96 -54.69 7.76
N THR R 90 -22.33 -53.52 7.66
CA THR R 90 -22.46 -52.68 6.48
C THR R 90 -21.14 -52.64 5.70
N VAL R 91 -21.27 -52.44 4.40
CA VAL R 91 -20.13 -52.33 3.51
C VAL R 91 -19.59 -50.89 3.49
N ALA R 92 -18.63 -50.64 4.37
CA ALA R 92 -17.91 -49.37 4.39
C ALA R 92 -16.65 -49.51 5.21
N PRO R 93 -15.68 -48.59 5.00
CA PRO R 93 -14.51 -48.59 5.88
C PRO R 93 -14.94 -48.55 7.33
N VAL R 94 -14.24 -49.30 8.16
CA VAL R 94 -14.49 -49.32 9.60
C VAL R 94 -13.26 -48.80 10.36
N HIS R 95 -13.53 -48.04 11.42
CA HIS R 95 -12.47 -47.63 12.32
C HIS R 95 -12.66 -48.30 13.67
N ILE R 96 -11.62 -48.92 14.21
CA ILE R 96 -11.75 -49.51 15.53
C ILE R 96 -10.66 -49.05 16.48
N CYS R 97 -11.01 -48.99 17.76
CA CYS R 97 -10.06 -48.75 18.84
C CYS R 97 -10.37 -49.82 19.85
N THR R 98 -9.32 -50.43 20.38
CA THR R 98 -9.53 -51.49 21.32
C THR R 98 -8.47 -51.34 22.38
N SER R 99 -8.83 -51.61 23.62
CA SER R 99 -7.91 -51.38 24.73
C SER R 99 -8.09 -52.44 25.82
N TRP R 100 -7.01 -52.64 26.59
CA TRP R 100 -7.00 -53.64 27.65
C TRP R 100 -6.13 -53.16 28.79
N GLU R 101 -6.56 -53.42 30.02
CA GLU R 101 -5.80 -53.02 31.19
C GLU R 101 -5.61 -54.24 32.10
N SER R 102 -4.34 -54.55 32.40
CA SER R 102 -4.02 -55.68 33.27
C SER R 102 -4.65 -55.52 34.66
N ALA R 103 -4.45 -54.34 35.24
CA ALA R 103 -4.95 -54.07 36.59
C ALA R 103 -6.41 -54.54 36.83
N SER R 104 -7.27 -54.34 35.84
CA SER R 104 -8.72 -54.53 36.02
C SER R 104 -9.25 -55.63 35.12
N GLY R 105 -8.51 -55.90 34.03
CA GLY R 105 -8.93 -56.90 33.06
C GLY R 105 -9.97 -56.34 32.11
N ILE R 106 -10.27 -55.06 32.22
CA ILE R 106 -11.30 -54.42 31.41
C ILE R 106 -10.82 -54.19 29.97
N VAL R 107 -11.57 -54.72 29.01
CA VAL R 107 -11.29 -54.36 27.62
C VAL R 107 -12.40 -53.47 27.08
N GLU R 108 -12.01 -52.55 26.20
CA GLU R 108 -12.96 -51.68 25.53
C GLU R 108 -12.87 -51.94 24.04
N PHE R 109 -14.01 -51.88 23.37
CA PHE R 109 -14.02 -52.04 21.93
C PHE R 109 -14.85 -50.91 21.32
N TRP R 110 -14.21 -50.07 20.50
CA TRP R 110 -14.88 -48.93 19.90
C TRP R 110 -15.01 -49.11 18.38
N VAL R 111 -16.24 -49.04 17.87
CA VAL R 111 -16.46 -49.14 16.44
C VAL R 111 -16.97 -47.83 15.88
N ASP R 112 -16.20 -47.25 14.96
CA ASP R 112 -16.57 -46.00 14.32
C ASP R 112 -16.93 -44.95 15.36
N GLY R 113 -16.14 -44.90 16.43
CA GLY R 113 -16.26 -43.85 17.42
C GLY R 113 -17.28 -44.14 18.51
N LYS R 114 -17.96 -45.27 18.40
CA LYS R 114 -18.97 -45.63 19.39
C LYS R 114 -18.53 -46.81 20.24
N PRO R 115 -18.65 -46.67 21.57
CA PRO R 115 -18.16 -47.72 22.46
C PRO R 115 -19.11 -48.89 22.56
N ARG R 116 -18.54 -50.09 22.44
CA ARG R 116 -19.26 -51.28 22.85
C ARG R 116 -19.24 -51.32 24.37
N VAL R 117 -20.01 -52.22 24.96
CA VAL R 117 -19.97 -52.32 26.41
C VAL R 117 -18.57 -52.79 26.87
N ARG R 118 -18.25 -52.56 28.14
CA ARG R 118 -16.95 -53.03 28.67
C ARG R 118 -17.01 -54.50 29.08
N LYS R 119 -15.92 -55.22 28.81
CA LYS R 119 -15.84 -56.63 29.18
C LYS R 119 -14.54 -56.95 29.92
N SER R 120 -14.44 -58.19 30.38
CA SER R 120 -13.28 -58.64 31.16
C SER R 120 -12.41 -59.68 30.43
N LEU R 121 -11.10 -59.52 30.55
CA LEU R 121 -10.17 -60.40 29.86
C LEU R 121 -8.77 -60.33 30.47
N LYS R 122 -8.30 -61.49 30.94
CA LYS R 122 -6.91 -61.64 31.40
C LYS R 122 -6.49 -60.60 32.45
N LYS R 123 -7.24 -60.52 33.55
CA LYS R 123 -6.84 -59.64 34.64
C LYS R 123 -5.48 -60.07 35.19
N GLY R 124 -4.56 -59.12 35.35
CA GLY R 124 -3.25 -59.41 35.93
C GLY R 124 -2.20 -60.04 35.00
N TYR R 125 -2.60 -60.40 33.79
CA TYR R 125 -1.67 -60.90 32.78
C TYR R 125 -0.69 -59.81 32.36
N THR R 126 0.37 -60.20 31.65
CA THR R 126 1.31 -59.22 31.15
C THR R 126 1.66 -59.52 29.71
N VAL R 127 1.53 -58.52 28.86
CA VAL R 127 1.78 -58.72 27.43
C VAL R 127 3.26 -58.54 27.10
N GLY R 128 3.84 -59.50 26.39
CA GLY R 128 5.26 -59.47 26.05
C GLY R 128 5.67 -58.32 25.14
N ALA R 129 6.92 -57.87 25.26
CA ALA R 129 7.41 -56.74 24.46
C ALA R 129 8.23 -57.18 23.24
N GLU R 130 8.64 -58.45 23.24
CA GLU R 130 9.37 -59.02 22.11
C GLU R 130 8.32 -59.60 21.15
N ALA R 131 7.86 -58.75 20.25
CA ALA R 131 6.67 -59.08 19.45
C ALA R 131 6.89 -58.99 17.96
N SER R 132 6.17 -59.85 17.25
CA SER R 132 6.07 -59.75 15.79
C SER R 132 4.68 -59.23 15.49
N ILE R 133 4.63 -58.00 14.96
CA ILE R 133 3.36 -57.34 14.68
C ILE R 133 3.07 -57.35 13.20
N ILE R 134 1.99 -58.03 12.82
CA ILE R 134 1.69 -58.27 11.41
C ILE R 134 0.29 -57.89 10.91
N LEU R 135 0.27 -57.11 9.83
CA LEU R 135 -0.95 -56.74 9.12
C LEU R 135 -1.11 -57.62 7.89
N GLY R 136 -2.30 -58.16 7.67
CA GLY R 136 -2.58 -58.81 6.40
C GLY R 136 -2.62 -60.32 6.49
N GLN R 137 -2.02 -60.86 7.55
CA GLN R 137 -2.03 -62.30 7.78
C GLN R 137 -2.24 -62.57 9.26
N GLU R 138 -2.72 -63.76 9.58
CA GLU R 138 -2.86 -64.16 10.97
C GLU R 138 -1.70 -65.09 11.33
N GLN R 139 -0.95 -64.70 12.37
CA GLN R 139 0.21 -65.48 12.84
C GLN R 139 -0.15 -66.71 13.68
N ASP R 140 0.41 -67.87 13.29
CA ASP R 140 0.33 -69.08 14.11
C ASP R 140 1.68 -69.40 14.78
N SER R 141 2.70 -68.66 14.38
CA SER R 141 4.01 -68.77 14.99
C SER R 141 4.63 -67.39 14.97
N PHE R 142 5.67 -67.19 15.77
CA PHE R 142 6.35 -65.90 15.81
C PHE R 142 6.89 -65.45 14.43
N GLY R 143 6.10 -64.63 13.73
CA GLY R 143 6.53 -64.07 12.46
C GLY R 143 6.15 -64.91 11.24
N GLY R 144 5.29 -65.92 11.42
CA GLY R 144 4.91 -66.75 10.29
C GLY R 144 3.80 -67.75 10.54
N ASN R 145 3.76 -68.78 9.70
CA ASN R 145 2.70 -69.78 9.74
C ASN R 145 1.32 -69.19 9.50
N PHE R 146 1.20 -68.49 8.38
CA PHE R 146 -0.03 -67.84 7.98
C PHE R 146 -1.04 -68.82 7.41
N GLU R 147 -2.32 -68.55 7.61
CA GLU R 147 -3.37 -69.29 6.91
C GLU R 147 -4.02 -68.33 5.91
N GLY R 148 -4.18 -68.79 4.66
CA GLY R 148 -4.77 -67.99 3.60
C GLY R 148 -6.25 -67.74 3.85
N SER R 149 -6.91 -68.65 4.57
CA SER R 149 -8.34 -68.52 4.87
C SER R 149 -8.55 -67.51 5.98
N GLN R 150 -7.48 -66.84 6.39
CA GLN R 150 -7.56 -65.84 7.45
C GLN R 150 -6.89 -64.55 7.05
N SER R 151 -6.46 -64.45 5.80
CA SER R 151 -5.80 -63.23 5.32
C SER R 151 -6.78 -62.07 5.17
N LEU R 152 -6.27 -60.84 5.17
CA LEU R 152 -7.10 -59.68 4.94
C LEU R 152 -6.99 -59.30 3.48
N VAL R 153 -8.13 -59.23 2.80
CA VAL R 153 -8.17 -58.74 1.43
C VAL R 153 -8.86 -57.38 1.42
N GLY R 154 -8.09 -56.34 1.13
CA GLY R 154 -8.62 -54.99 1.16
C GLY R 154 -7.57 -54.02 1.64
N ASP R 155 -8.02 -52.96 2.32
CA ASP R 155 -7.12 -51.92 2.80
C ASP R 155 -7.04 -51.94 4.33
N ILE R 156 -5.90 -51.47 4.85
CA ILE R 156 -5.75 -51.22 6.27
C ILE R 156 -4.74 -50.10 6.47
N GLY R 157 -5.03 -49.21 7.42
CA GLY R 157 -4.22 -48.02 7.60
C GLY R 157 -4.47 -47.34 8.94
N ASN R 158 -3.87 -46.16 9.14
CA ASN R 158 -4.00 -45.45 10.41
C ASN R 158 -3.81 -46.35 11.64
N VAL R 159 -2.83 -47.25 11.56
CA VAL R 159 -2.55 -48.13 12.69
C VAL R 159 -1.72 -47.37 13.74
N ASN R 160 -2.20 -47.36 14.99
CA ASN R 160 -1.50 -46.67 16.04
C ASN R 160 -1.64 -47.47 17.31
N MET R 161 -0.62 -47.44 18.17
CA MET R 161 -0.66 -48.21 19.42
C MET R 161 -0.08 -47.42 20.58
N TRP R 162 -0.75 -47.46 21.72
CA TRP R 162 -0.24 -46.84 22.94
C TRP R 162 -0.01 -47.92 23.99
N ASP R 163 0.84 -47.64 24.97
CA ASP R 163 1.08 -48.58 26.07
C ASP R 163 0.18 -48.33 27.30
N PHE R 164 -0.85 -47.52 27.11
CA PHE R 164 -1.82 -47.26 28.17
C PHE R 164 -3.24 -47.21 27.58
N VAL R 165 -4.24 -47.09 28.45
CA VAL R 165 -5.63 -47.05 28.01
C VAL R 165 -6.08 -45.62 27.68
N LEU R 166 -6.49 -45.44 26.42
CA LEU R 166 -7.08 -44.19 25.98
C LEU R 166 -8.44 -43.92 26.64
N SER R 167 -8.63 -42.67 27.07
CA SER R 167 -9.90 -42.24 27.64
C SER R 167 -10.92 -42.08 26.53
N PRO R 168 -12.21 -42.11 26.89
CA PRO R 168 -13.22 -41.89 25.86
C PRO R 168 -13.03 -40.58 25.08
N ASP R 169 -12.61 -39.50 25.74
CA ASP R 169 -12.39 -38.23 25.05
C ASP R 169 -11.22 -38.33 24.07
N GLU R 170 -10.21 -39.09 24.45
CA GLU R 170 -9.04 -39.26 23.61
C GLU R 170 -9.42 -40.08 22.39
N ILE R 171 -10.18 -41.17 22.62
CA ILE R 171 -10.59 -42.03 21.52
C ILE R 171 -11.44 -41.23 20.55
N ASN R 172 -12.29 -40.38 21.11
CA ASN R 172 -13.11 -39.55 20.26
C ASN R 172 -12.28 -38.65 19.37
N THR R 173 -11.28 -37.95 19.93
CA THR R 173 -10.51 -37.04 19.09
C THR R 173 -9.68 -37.79 18.04
N ILE R 174 -9.30 -39.02 18.34
CA ILE R 174 -8.64 -39.85 17.35
C ILE R 174 -9.55 -40.18 16.17
N TYR R 175 -10.80 -40.57 16.48
CA TYR R 175 -11.78 -40.88 15.44
C TYR R 175 -12.15 -39.66 14.61
N LEU R 176 -12.32 -38.51 15.26
CA LEU R 176 -12.73 -37.28 14.58
C LEU R 176 -11.60 -36.59 13.85
N GLY R 177 -10.38 -37.02 14.12
CA GLY R 177 -9.23 -36.58 13.37
C GLY R 177 -8.27 -35.63 14.05
N GLY R 178 -8.62 -35.18 15.27
CA GLY R 178 -7.70 -34.34 16.05
C GLY R 178 -6.27 -34.87 16.17
N PRO R 179 -5.38 -34.09 16.84
CA PRO R 179 -3.95 -34.38 17.06
C PRO R 179 -3.70 -35.38 18.20
N PHE R 180 -2.68 -36.21 18.04
CA PHE R 180 -2.33 -37.17 19.07
C PHE R 180 -0.94 -37.73 18.81
N SER R 181 -0.33 -38.30 19.85
CA SER R 181 0.97 -38.93 19.69
C SER R 181 1.02 -40.27 20.43
N PRO R 182 0.99 -41.36 19.66
CA PRO R 182 1.05 -42.73 20.17
C PRO R 182 2.49 -43.03 20.57
N ASN R 183 2.69 -43.88 21.56
CA ASN R 183 4.03 -44.14 22.04
C ASN R 183 4.53 -45.56 21.80
N VAL R 184 3.82 -46.34 20.98
CA VAL R 184 4.28 -47.69 20.64
C VAL R 184 4.37 -47.84 19.12
N LEU R 185 3.23 -47.77 18.44
CA LEU R 185 3.23 -47.65 16.98
C LEU R 185 2.67 -46.30 16.56
N ASN R 186 3.33 -45.62 15.64
CA ASN R 186 2.88 -44.33 15.17
C ASN R 186 2.80 -44.30 13.66
N TRP R 187 1.60 -44.17 13.11
CA TRP R 187 1.38 -44.18 11.68
C TRP R 187 2.19 -43.08 10.98
N ARG R 188 2.46 -42.00 11.72
CA ARG R 188 3.18 -40.86 11.15
C ARG R 188 4.70 -41.01 11.24
N ALA R 189 5.15 -42.05 11.94
CA ALA R 189 6.57 -42.42 12.00
C ALA R 189 6.68 -43.92 12.11
N LEU R 190 6.34 -44.59 11.01
CA LEU R 190 6.16 -46.04 11.06
C LEU R 190 7.38 -46.75 10.51
N LYS R 191 7.90 -47.69 11.29
CA LYS R 191 9.00 -48.52 10.81
C LYS R 191 8.39 -49.87 10.45
N TYR R 192 8.41 -50.18 9.15
CA TYR R 192 7.75 -51.39 8.67
C TYR R 192 8.54 -52.06 7.54
N GLU R 193 8.18 -53.32 7.30
CA GLU R 193 8.82 -54.11 6.26
C GLU R 193 7.73 -54.85 5.48
N VAL R 194 7.79 -54.77 4.15
CA VAL R 194 6.76 -55.39 3.31
C VAL R 194 7.21 -56.71 2.70
N GLN R 195 6.28 -57.66 2.63
CA GLN R 195 6.55 -58.94 2.02
C GLN R 195 5.39 -59.31 1.06
N GLY R 196 5.74 -59.63 -0.18
CA GLY R 196 4.74 -60.10 -1.11
C GLY R 196 3.94 -58.99 -1.79
N GLU R 197 2.70 -59.34 -2.13
CA GLU R 197 1.82 -58.50 -2.94
C GLU R 197 1.11 -57.48 -2.07
N VAL R 198 1.83 -56.42 -1.68
CA VAL R 198 1.27 -55.37 -0.83
C VAL R 198 1.59 -54.01 -1.43
N PHE R 199 0.60 -53.13 -1.53
CA PHE R 199 0.87 -51.83 -2.13
C PHE R 199 0.51 -50.69 -1.20
N THR R 200 1.12 -49.55 -1.48
CA THR R 200 0.85 -48.34 -0.72
C THR R 200 0.10 -47.36 -1.62
N LYS R 201 -1.15 -47.09 -1.24
CA LYS R 201 -2.04 -46.20 -1.98
C LYS R 201 -2.69 -45.17 -1.06
N PRO R 202 -3.21 -44.07 -1.64
CA PRO R 202 -3.99 -43.08 -0.88
C PRO R 202 -5.19 -43.77 -0.21
N GLN R 203 -5.50 -43.38 1.03
CA GLN R 203 -6.58 -44.05 1.77
C GLN R 203 -7.95 -43.77 1.15
N LEU R 204 -8.82 -44.78 1.23
CA LEU R 204 -10.18 -44.67 0.73
C LEU R 204 -11.14 -43.98 1.71
N TRP R 205 -10.78 -43.96 2.98
CA TRP R 205 -11.60 -43.29 3.97
C TRP R 205 -11.17 -41.83 4.19
N PRO R 206 -12.10 -41.00 4.70
CA PRO R 206 -11.79 -39.60 5.01
C PRO R 206 -10.67 -39.49 6.06
N GLN S 1 -16.12 -31.96 -31.92
CA GLN S 1 -16.12 -31.69 -30.47
C GLN S 1 -17.39 -30.97 -30.04
N THR S 2 -18.30 -31.69 -29.40
CA THR S 2 -19.51 -31.07 -28.88
C THR S 2 -19.41 -30.95 -27.37
N ASP S 3 -19.92 -29.85 -26.84
CA ASP S 3 -20.02 -29.71 -25.39
C ASP S 3 -21.34 -30.34 -24.93
N MET S 4 -21.24 -31.52 -24.32
CA MET S 4 -22.42 -32.24 -23.85
C MET S 4 -22.82 -31.85 -22.44
N SER S 5 -22.20 -30.80 -21.90
CA SER S 5 -22.50 -30.39 -20.54
C SER S 5 -23.98 -30.36 -20.29
N ARG S 6 -24.40 -31.01 -19.21
CA ARG S 6 -25.78 -30.85 -18.74
C ARG S 6 -26.78 -31.63 -19.65
N LYS S 7 -26.26 -32.43 -20.58
CA LYS S 7 -27.09 -33.25 -21.45
C LYS S 7 -26.77 -34.75 -21.32
N ALA S 8 -27.72 -35.59 -21.73
CA ALA S 8 -27.55 -37.03 -21.63
C ALA S 8 -28.09 -37.73 -22.89
N PHE S 9 -27.59 -38.94 -23.14
CA PHE S 9 -28.11 -39.74 -24.24
C PHE S 9 -29.28 -40.57 -23.71
N VAL S 10 -30.37 -40.62 -24.48
CA VAL S 10 -31.55 -41.36 -24.07
C VAL S 10 -31.84 -42.52 -25.01
N PHE S 11 -31.95 -43.71 -24.45
CA PHE S 11 -32.28 -44.90 -25.21
C PHE S 11 -33.63 -45.38 -24.70
N PRO S 12 -34.72 -44.89 -25.30
CA PRO S 12 -36.08 -45.00 -24.79
C PRO S 12 -36.65 -46.43 -24.74
N LYS S 13 -36.30 -47.27 -25.71
CA LYS S 13 -36.78 -48.65 -25.68
C LYS S 13 -35.73 -49.68 -26.03
N GLU S 14 -35.98 -50.91 -25.60
CA GLU S 14 -35.08 -52.01 -25.85
C GLU S 14 -34.83 -52.13 -27.35
N SER S 15 -33.57 -52.24 -27.74
CA SER S 15 -33.22 -52.38 -29.14
C SER S 15 -31.89 -53.08 -29.37
N ASP S 16 -31.58 -53.27 -30.64
CA ASP S 16 -30.53 -54.14 -31.07
C ASP S 16 -29.60 -53.25 -31.87
N THR S 17 -30.04 -52.01 -32.07
CA THR S 17 -29.56 -51.17 -33.16
C THR S 17 -29.19 -49.77 -32.75
N SER S 18 -29.60 -49.39 -31.55
CA SER S 18 -29.38 -48.03 -31.09
C SER S 18 -28.14 -47.99 -30.21
N TYR S 19 -27.25 -47.05 -30.50
CA TYR S 19 -26.03 -46.89 -29.74
C TYR S 19 -25.27 -45.61 -30.10
N VAL S 20 -24.32 -45.28 -29.24
CA VAL S 20 -23.46 -44.13 -29.49
C VAL S 20 -22.02 -44.63 -29.51
N SER S 21 -21.26 -44.14 -30.48
CA SER S 21 -19.85 -44.47 -30.56
C SER S 21 -19.04 -43.24 -30.13
N LEU S 22 -18.22 -43.43 -29.09
CA LEU S 22 -17.34 -42.39 -28.58
C LEU S 22 -15.96 -42.54 -29.20
N LYS S 23 -15.41 -41.43 -29.68
CA LYS S 23 -14.10 -41.43 -30.36
C LYS S 23 -12.98 -40.86 -29.49
N ALA S 24 -11.98 -41.70 -29.22
CA ALA S 24 -10.81 -41.30 -28.43
C ALA S 24 -9.57 -41.12 -29.32
N PRO S 25 -8.92 -39.95 -29.22
CA PRO S 25 -7.76 -39.57 -30.02
C PRO S 25 -6.51 -40.31 -29.53
N LEU S 26 -6.76 -41.48 -28.95
CA LEU S 26 -5.74 -42.19 -28.20
C LEU S 26 -4.58 -42.72 -29.06
N THR S 27 -3.38 -42.63 -28.51
CA THR S 27 -2.21 -43.17 -29.18
C THR S 27 -1.55 -44.27 -28.32
N LYS S 28 -1.02 -43.90 -27.16
CA LYS S 28 -0.32 -44.86 -26.30
C LYS S 28 -1.28 -45.95 -25.83
N PRO S 29 -0.82 -47.21 -25.82
CA PRO S 29 -1.61 -48.22 -25.11
C PRO S 29 -1.75 -47.82 -23.64
N LEU S 30 -2.81 -48.25 -23.00
CA LEU S 30 -3.12 -47.81 -21.65
C LEU S 30 -2.51 -48.74 -20.63
N LYS S 31 -1.80 -48.17 -19.66
CA LYS S 31 -1.27 -48.97 -18.54
C LYS S 31 -2.01 -48.64 -17.25
N ALA S 32 -2.96 -47.73 -17.38
CA ALA S 32 -3.87 -47.33 -16.29
C ALA S 32 -5.03 -46.52 -16.88
N PHE S 33 -6.18 -46.55 -16.22
CA PHE S 33 -7.26 -45.67 -16.67
C PHE S 33 -8.31 -45.44 -15.57
N THR S 34 -9.09 -44.37 -15.75
CA THR S 34 -10.28 -44.14 -14.95
C THR S 34 -11.45 -43.81 -15.86
N VAL S 35 -12.61 -44.39 -15.55
CA VAL S 35 -13.83 -44.09 -16.30
C VAL S 35 -14.91 -43.66 -15.33
N CYS S 36 -15.56 -42.54 -15.64
CA CYS S 36 -16.69 -42.04 -14.84
C CYS S 36 -17.91 -41.77 -15.71
N LEU S 37 -19.10 -41.96 -15.14
CA LEU S 37 -20.32 -41.73 -15.89
C LEU S 37 -21.54 -41.80 -14.98
N HIS S 38 -22.63 -41.20 -15.46
CA HIS S 38 -23.94 -41.27 -14.81
C HIS S 38 -24.82 -42.11 -15.72
N PHE S 39 -25.62 -42.97 -15.12
CA PHE S 39 -26.66 -43.63 -15.90
C PHE S 39 -27.90 -43.82 -15.04
N TYR S 40 -29.01 -44.15 -15.68
CA TYR S 40 -30.29 -44.27 -14.99
C TYR S 40 -31.17 -45.24 -15.77
N THR S 41 -31.47 -46.38 -15.16
CA THR S 41 -32.28 -47.38 -15.84
C THR S 41 -33.10 -48.18 -14.83
N GLU S 42 -34.18 -48.80 -15.30
CA GLU S 42 -35.00 -49.60 -14.41
C GLU S 42 -34.83 -51.07 -14.70
N LEU S 43 -33.84 -51.38 -15.54
CA LEU S 43 -33.60 -52.76 -15.96
C LEU S 43 -33.06 -53.67 -14.85
N SER S 44 -32.49 -53.09 -13.80
CA SER S 44 -31.75 -53.86 -12.79
C SER S 44 -32.56 -55.02 -12.19
N SER S 45 -33.87 -54.79 -12.07
CA SER S 45 -34.77 -55.78 -11.50
C SER S 45 -35.02 -56.96 -12.45
N THR S 46 -34.95 -56.70 -13.75
CA THR S 46 -35.43 -57.68 -14.74
C THR S 46 -34.35 -58.38 -15.61
N ARG S 47 -33.24 -57.72 -15.89
CA ARG S 47 -32.17 -58.36 -16.65
C ARG S 47 -30.83 -57.61 -16.59
N GLY S 48 -29.81 -58.13 -17.27
CA GLY S 48 -28.51 -57.48 -17.24
C GLY S 48 -28.39 -56.46 -18.35
N TYR S 49 -27.37 -55.62 -18.28
CA TYR S 49 -27.15 -54.59 -19.31
C TYR S 49 -25.72 -54.01 -19.30
N SER S 50 -25.29 -53.51 -20.44
CA SER S 50 -23.97 -52.93 -20.57
C SER S 50 -24.02 -51.44 -20.29
N ILE S 51 -23.12 -50.98 -19.43
CA ILE S 51 -23.03 -49.58 -19.10
C ILE S 51 -22.00 -48.86 -19.96
N PHE S 52 -20.85 -49.50 -20.16
CA PHE S 52 -19.72 -48.93 -20.90
C PHE S 52 -18.94 -50.06 -21.56
N SER S 53 -18.95 -50.11 -22.90
CA SER S 53 -18.29 -51.18 -23.65
C SER S 53 -17.14 -50.62 -24.48
N TYR S 54 -15.95 -51.14 -24.20
CA TYR S 54 -14.70 -50.71 -24.82
C TYR S 54 -14.06 -51.93 -25.47
N ALA S 55 -14.06 -51.97 -26.81
CA ALA S 55 -13.58 -53.15 -27.52
C ALA S 55 -12.34 -52.90 -28.37
N THR S 56 -11.56 -53.97 -28.54
CA THR S 56 -10.37 -54.01 -29.38
C THR S 56 -10.59 -55.03 -30.50
N LYS S 57 -9.78 -54.96 -31.57
CA LYS S 57 -9.89 -55.95 -32.64
C LYS S 57 -9.66 -57.34 -32.06
N ARG S 58 -8.86 -57.39 -30.99
CA ARG S 58 -8.46 -58.64 -30.35
C ARG S 58 -9.37 -59.05 -29.20
N GLN S 59 -9.94 -58.06 -28.52
CA GLN S 59 -10.74 -58.34 -27.32
C GLN S 59 -12.01 -57.48 -27.26
N ASP S 60 -13.17 -58.13 -27.30
CA ASP S 60 -14.46 -57.41 -27.31
C ASP S 60 -14.75 -56.78 -25.95
N ASN S 61 -14.17 -57.36 -24.90
CA ASN S 61 -14.35 -56.87 -23.55
C ASN S 61 -13.06 -56.32 -22.95
N GLU S 62 -12.45 -55.37 -23.66
CA GLU S 62 -11.16 -54.84 -23.25
C GLU S 62 -11.37 -54.06 -21.96
N ILE S 63 -12.36 -53.17 -21.97
CA ILE S 63 -12.90 -52.59 -20.73
C ILE S 63 -14.42 -52.68 -20.77
N LEU S 64 -15.01 -53.34 -19.77
CA LEU S 64 -16.46 -53.48 -19.74
C LEU S 64 -17.06 -53.27 -18.37
N ILE S 65 -17.86 -52.21 -18.25
CA ILE S 65 -18.67 -52.00 -17.05
C ILE S 65 -20.08 -52.48 -17.35
N PHE S 66 -20.58 -53.39 -16.52
CA PHE S 66 -21.78 -54.14 -16.86
C PHE S 66 -22.56 -54.42 -15.59
N TRP S 67 -23.89 -54.48 -15.70
CA TRP S 67 -24.70 -54.87 -14.57
C TRP S 67 -25.22 -56.25 -14.85
N SER S 68 -24.86 -57.23 -14.03
CA SER S 68 -25.40 -58.56 -14.27
C SER S 68 -26.52 -58.86 -13.27
N LYS S 69 -27.61 -59.43 -13.77
CA LYS S 69 -28.83 -59.55 -13.00
C LYS S 69 -28.67 -60.30 -11.68
N ASP S 70 -29.27 -59.73 -10.63
CA ASP S 70 -29.31 -60.37 -9.31
C ASP S 70 -27.93 -60.56 -8.69
N ILE S 71 -26.94 -59.82 -9.20
CA ILE S 71 -25.60 -59.92 -8.68
C ILE S 71 -25.06 -58.55 -8.32
N GLY S 72 -24.88 -57.71 -9.34
CA GLY S 72 -24.39 -56.36 -9.13
C GLY S 72 -23.52 -55.94 -10.28
N TYR S 73 -22.56 -55.05 -10.01
CA TYR S 73 -21.69 -54.55 -11.06
C TYR S 73 -20.62 -55.56 -11.42
N SER S 74 -20.36 -55.72 -12.71
CA SER S 74 -19.29 -56.57 -13.19
C SER S 74 -18.31 -55.69 -13.94
N PHE S 75 -17.04 -55.80 -13.57
CA PHE S 75 -16.00 -54.98 -14.19
C PHE S 75 -15.04 -55.93 -14.90
N THR S 76 -14.79 -55.66 -16.17
CA THR S 76 -13.95 -56.53 -16.98
C THR S 76 -12.83 -55.78 -17.67
N VAL S 77 -11.61 -56.29 -17.48
CA VAL S 77 -10.43 -55.76 -18.20
C VAL S 77 -9.80 -56.92 -18.96
N GLY S 78 -9.56 -56.71 -20.25
CA GLY S 78 -8.92 -57.70 -21.10
C GLY S 78 -9.54 -59.08 -21.00
N GLY S 79 -10.88 -59.14 -20.90
CA GLY S 79 -11.59 -60.41 -20.85
C GLY S 79 -11.76 -61.00 -19.45
N SER S 80 -10.97 -60.53 -18.48
CA SER S 80 -11.10 -61.03 -17.10
C SER S 80 -12.11 -60.21 -16.29
N GLU S 81 -12.99 -60.91 -15.58
CA GLU S 81 -14.10 -60.28 -14.90
C GLU S 81 -13.98 -60.40 -13.38
N ILE S 82 -14.27 -59.31 -12.67
CA ILE S 82 -14.52 -59.39 -11.23
C ILE S 82 -15.86 -58.74 -10.93
N LEU S 83 -16.45 -59.14 -9.79
CA LEU S 83 -17.76 -58.65 -9.42
C LEU S 83 -17.73 -57.69 -8.24
N PHE S 84 -18.64 -56.73 -8.25
CA PHE S 84 -18.92 -55.89 -7.10
C PHE S 84 -20.39 -56.04 -6.72
N GLU S 85 -20.66 -56.95 -5.80
CA GLU S 85 -22.02 -57.26 -5.38
C GLU S 85 -22.81 -56.04 -4.98
N VAL S 86 -24.09 -56.04 -5.33
CA VAL S 86 -25.00 -55.01 -4.86
C VAL S 86 -26.34 -55.63 -4.48
N PRO S 87 -26.58 -55.75 -3.18
CA PRO S 87 -27.92 -56.14 -2.70
C PRO S 87 -28.75 -54.87 -2.51
N GLU S 88 -30.07 -55.00 -2.55
CA GLU S 88 -30.96 -53.87 -2.29
C GLU S 88 -30.68 -52.66 -3.20
N VAL S 89 -30.73 -52.88 -4.51
CA VAL S 89 -30.61 -51.76 -5.44
C VAL S 89 -31.78 -50.76 -5.28
N THR S 90 -31.49 -49.48 -5.45
CA THR S 90 -32.53 -48.45 -5.41
C THR S 90 -32.76 -47.85 -6.78
N VAL S 91 -33.99 -47.39 -7.01
CA VAL S 91 -34.35 -46.77 -8.27
C VAL S 91 -34.00 -45.27 -8.27
N ALA S 92 -32.81 -44.97 -8.78
CA ALA S 92 -32.40 -43.59 -8.94
C ALA S 92 -31.19 -43.54 -9.85
N PRO S 93 -30.87 -42.35 -10.39
CA PRO S 93 -29.66 -42.25 -11.20
C PRO S 93 -28.48 -42.68 -10.35
N VAL S 94 -27.51 -43.33 -11.00
CA VAL S 94 -26.29 -43.78 -10.32
C VAL S 94 -25.09 -43.17 -10.99
N HIS S 95 -24.12 -42.79 -10.18
CA HIS S 95 -22.83 -42.31 -10.70
C HIS S 95 -21.76 -43.33 -10.35
N ILE S 96 -20.96 -43.71 -11.33
CA ILE S 96 -19.86 -44.61 -11.02
C ILE S 96 -18.53 -44.06 -11.52
N CYS S 97 -17.48 -44.37 -10.76
CA CYS S 97 -16.11 -44.16 -11.20
C CYS S 97 -15.41 -45.49 -11.05
N THR S 98 -14.62 -45.84 -12.05
CA THR S 98 -13.94 -47.13 -11.98
C THR S 98 -12.55 -46.93 -12.54
N SER S 99 -11.57 -47.57 -11.89
CA SER S 99 -10.18 -47.42 -12.31
C SER S 99 -9.39 -48.71 -12.23
N TRP S 100 -8.33 -48.77 -13.02
CA TRP S 100 -7.44 -49.93 -13.05
C TRP S 100 -6.01 -49.51 -13.31
N GLU S 101 -5.07 -50.17 -12.63
CA GLU S 101 -3.65 -49.87 -12.81
C GLU S 101 -2.89 -51.15 -13.14
N SER S 102 -2.17 -51.13 -14.27
CA SER S 102 -1.42 -52.31 -14.70
C SER S 102 -0.35 -52.70 -13.69
N ALA S 103 0.41 -51.69 -13.26
CA ALA S 103 1.50 -51.89 -12.30
C ALA S 103 1.12 -52.78 -11.09
N SER S 104 -0.08 -52.60 -10.55
CA SER S 104 -0.47 -53.26 -9.31
C SER S 104 -1.61 -54.26 -9.50
N GLY S 105 -2.36 -54.05 -10.58
CA GLY S 105 -3.56 -54.86 -10.82
C GLY S 105 -4.75 -54.41 -9.97
N ILE S 106 -4.58 -53.30 -9.26
CA ILE S 106 -5.64 -52.78 -8.40
C ILE S 106 -6.76 -52.12 -9.20
N VAL S 107 -7.99 -52.57 -8.98
CA VAL S 107 -9.13 -51.84 -9.53
C VAL S 107 -9.95 -51.23 -8.39
N GLU S 108 -10.45 -50.03 -8.65
CA GLU S 108 -11.33 -49.35 -7.70
C GLU S 108 -12.69 -49.19 -8.34
N PHE S 109 -13.74 -49.34 -7.53
CA PHE S 109 -15.09 -49.12 -8.02
C PHE S 109 -15.82 -48.20 -7.05
N TRP S 110 -16.20 -47.02 -7.56
CA TRP S 110 -16.90 -46.02 -6.74
C TRP S 110 -18.36 -45.86 -7.19
N VAL S 111 -19.28 -46.05 -6.25
CA VAL S 111 -20.71 -45.84 -6.51
C VAL S 111 -21.27 -44.65 -5.74
N ASP S 112 -21.69 -43.64 -6.48
CA ASP S 112 -22.28 -42.44 -5.88
C ASP S 112 -21.31 -41.79 -4.89
N GLY S 113 -20.03 -41.77 -5.29
CA GLY S 113 -19.00 -41.10 -4.52
C GLY S 113 -18.44 -41.92 -3.37
N LYS S 114 -18.95 -43.13 -3.16
CA LYS S 114 -18.44 -43.99 -2.08
C LYS S 114 -17.62 -45.14 -2.66
N PRO S 115 -16.42 -45.37 -2.12
CA PRO S 115 -15.56 -46.42 -2.66
C PRO S 115 -15.98 -47.80 -2.19
N ARG S 116 -15.97 -48.73 -3.14
CA ARG S 116 -16.07 -50.15 -2.81
C ARG S 116 -14.66 -50.56 -2.42
N VAL S 117 -14.52 -51.74 -1.82
CA VAL S 117 -13.20 -52.21 -1.48
C VAL S 117 -12.32 -52.34 -2.75
N ARG S 118 -11.00 -52.31 -2.58
CA ARG S 118 -10.11 -52.48 -3.74
C ARG S 118 -9.97 -53.96 -4.08
N LYS S 119 -9.81 -54.24 -5.37
CA LYS S 119 -9.65 -55.63 -5.82
C LYS S 119 -8.56 -55.73 -6.87
N SER S 120 -8.27 -56.96 -7.29
CA SER S 120 -7.17 -57.23 -8.20
C SER S 120 -7.64 -57.75 -9.55
N LEU S 121 -7.04 -57.22 -10.61
CA LEU S 121 -7.43 -57.63 -11.95
C LEU S 121 -6.34 -57.33 -12.98
N LYS S 122 -5.90 -58.38 -13.69
CA LYS S 122 -4.96 -58.25 -14.82
C LYS S 122 -3.71 -57.42 -14.53
N LYS S 123 -2.94 -57.81 -13.51
CA LYS S 123 -1.68 -57.13 -13.20
C LYS S 123 -0.75 -57.29 -14.41
N GLY S 124 -0.17 -56.17 -14.85
CA GLY S 124 0.83 -56.22 -15.90
C GLY S 124 0.29 -56.26 -17.32
N TYR S 125 -1.03 -56.39 -17.44
CA TYR S 125 -1.68 -56.35 -18.74
C TYR S 125 -1.53 -54.97 -19.38
N THR S 126 -1.80 -54.87 -20.67
CA THR S 126 -1.85 -53.57 -21.33
C THR S 126 -3.12 -53.42 -22.18
N VAL S 127 -3.85 -52.32 -21.96
CA VAL S 127 -5.11 -52.09 -22.67
C VAL S 127 -4.84 -51.41 -24.00
N GLY S 128 -5.47 -51.91 -25.06
CA GLY S 128 -5.21 -51.42 -26.41
C GLY S 128 -5.73 -50.02 -26.62
N ALA S 129 -5.11 -49.28 -27.53
CA ALA S 129 -5.52 -47.90 -27.80
C ALA S 129 -6.40 -47.78 -29.06
N GLU S 130 -6.38 -48.82 -29.91
CA GLU S 130 -7.25 -48.86 -31.09
C GLU S 130 -8.59 -49.47 -30.67
N ALA S 131 -9.50 -48.60 -30.22
CA ALA S 131 -10.68 -49.06 -29.52
C ALA S 131 -11.98 -48.58 -30.16
N SER S 132 -13.01 -49.42 -30.03
CA SER S 132 -14.38 -49.01 -30.33
C SER S 132 -15.10 -48.84 -29.01
N ILE S 133 -15.44 -47.61 -28.68
CA ILE S 133 -16.09 -47.31 -27.41
C ILE S 133 -17.58 -47.03 -27.58
N ILE S 134 -18.42 -47.83 -26.95
CA ILE S 134 -19.85 -47.79 -27.24
C ILE S 134 -20.76 -47.72 -26.03
N LEU S 135 -21.67 -46.76 -26.10
CA LEU S 135 -22.74 -46.61 -25.11
C LEU S 135 -24.04 -47.19 -25.66
N GLY S 136 -24.76 -47.94 -24.82
CA GLY S 136 -26.09 -48.39 -25.19
C GLY S 136 -26.22 -49.83 -25.67
N GLN S 137 -25.12 -50.40 -26.11
CA GLN S 137 -25.07 -51.80 -26.50
C GLN S 137 -23.82 -52.44 -25.92
N GLU S 138 -23.84 -53.77 -25.82
CA GLU S 138 -22.65 -54.52 -25.43
C GLU S 138 -22.00 -55.10 -26.69
N GLN S 139 -20.71 -54.81 -26.90
CA GLN S 139 -19.97 -55.29 -28.09
C GLN S 139 -19.49 -56.73 -27.94
N ASP S 140 -19.75 -57.56 -28.96
CA ASP S 140 -19.16 -58.90 -29.04
C ASP S 140 -18.14 -58.96 -30.16
N SER S 141 -18.03 -57.86 -30.91
CA SER S 141 -17.03 -57.74 -31.93
C SER S 141 -16.60 -56.28 -31.99
N PHE S 142 -15.50 -56.00 -32.65
CA PHE S 142 -15.03 -54.64 -32.74
C PHE S 142 -16.06 -53.77 -33.46
N GLY S 143 -16.90 -53.08 -32.69
CA GLY S 143 -17.83 -52.12 -33.26
C GLY S 143 -19.23 -52.64 -33.56
N GLY S 144 -19.53 -53.85 -33.08
CA GLY S 144 -20.79 -54.47 -33.39
C GLY S 144 -21.07 -55.78 -32.70
N ASN S 145 -21.93 -56.58 -33.32
CA ASN S 145 -22.43 -57.81 -32.73
C ASN S 145 -23.07 -57.57 -31.38
N PHE S 146 -24.11 -56.74 -31.39
CA PHE S 146 -24.84 -56.39 -30.18
C PHE S 146 -25.86 -57.46 -29.81
N GLU S 147 -26.14 -57.59 -28.52
CA GLU S 147 -27.23 -58.43 -28.05
C GLU S 147 -28.25 -57.51 -27.40
N GLY S 148 -29.51 -57.68 -27.81
CA GLY S 148 -30.59 -56.83 -27.31
C GLY S 148 -30.88 -57.10 -25.85
N SER S 149 -30.61 -58.32 -25.39
CA SER S 149 -30.83 -58.66 -24.00
C SER S 149 -29.74 -58.06 -23.10
N GLN S 150 -28.87 -57.26 -23.70
CA GLN S 150 -27.81 -56.59 -22.96
C GLN S 150 -27.75 -55.09 -23.21
N SER S 151 -28.76 -54.56 -23.89
CA SER S 151 -28.81 -53.14 -24.21
C SER S 151 -29.18 -52.31 -22.98
N LEU S 152 -28.85 -51.02 -23.01
CA LEU S 152 -29.21 -50.14 -21.93
C LEU S 152 -30.47 -49.43 -22.35
N VAL S 153 -31.50 -49.50 -21.51
CA VAL S 153 -32.70 -48.72 -21.72
C VAL S 153 -32.82 -47.69 -20.62
N GLY S 154 -32.67 -46.42 -21.01
CA GLY S 154 -32.65 -45.33 -20.06
C GLY S 154 -31.69 -44.25 -20.53
N ASP S 155 -31.08 -43.55 -19.56
CA ASP S 155 -30.20 -42.45 -19.86
C ASP S 155 -28.75 -42.78 -19.46
N ILE S 156 -27.81 -42.18 -20.16
CA ILE S 156 -26.43 -42.24 -19.73
C ILE S 156 -25.74 -40.98 -20.17
N GLY S 157 -24.89 -40.42 -19.30
CA GLY S 157 -24.20 -39.16 -19.58
C GLY S 157 -23.00 -38.89 -18.69
N ASN S 158 -22.43 -37.69 -18.81
CA ASN S 158 -21.24 -37.34 -18.03
C ASN S 158 -20.15 -38.42 -18.12
N VAL S 159 -19.98 -38.96 -19.33
CA VAL S 159 -18.95 -39.96 -19.55
C VAL S 159 -17.59 -39.28 -19.71
N ASN S 160 -16.63 -39.66 -18.86
CA ASN S 160 -15.27 -39.12 -18.93
C ASN S 160 -14.25 -40.22 -18.69
N MET S 161 -13.10 -40.11 -19.36
CA MET S 161 -12.07 -41.14 -19.22
C MET S 161 -10.68 -40.53 -19.12
N TRP S 162 -9.89 -40.99 -18.15
CA TRP S 162 -8.48 -40.57 -18.03
C TRP S 162 -7.55 -41.77 -18.29
N ASP S 163 -6.31 -41.48 -18.69
CA ASP S 163 -5.31 -42.55 -18.87
C ASP S 163 -4.47 -42.83 -17.62
N PHE S 164 -4.96 -42.40 -16.46
CA PHE S 164 -4.30 -42.69 -15.19
C PHE S 164 -5.32 -42.92 -14.11
N VAL S 165 -4.86 -43.28 -12.92
CA VAL S 165 -5.79 -43.52 -11.82
C VAL S 165 -6.07 -42.26 -11.02
N LEU S 166 -7.36 -41.91 -10.93
CA LEU S 166 -7.82 -40.82 -10.10
C LEU S 166 -7.68 -41.14 -8.60
N SER S 167 -7.19 -40.15 -7.86
CA SER S 167 -7.06 -40.26 -6.42
C SER S 167 -8.43 -40.11 -5.80
N PRO S 168 -8.60 -40.63 -4.58
CA PRO S 168 -9.89 -40.48 -3.90
C PRO S 168 -10.36 -39.00 -3.82
N ASP S 169 -9.45 -38.06 -3.63
CA ASP S 169 -9.85 -36.65 -3.57
C ASP S 169 -10.36 -36.16 -4.93
N GLU S 170 -9.71 -36.63 -5.98
CA GLU S 170 -10.11 -36.26 -7.33
C GLU S 170 -11.49 -36.85 -7.67
N ILE S 171 -11.69 -38.11 -7.33
CA ILE S 171 -12.96 -38.77 -7.59
C ILE S 171 -14.07 -38.05 -6.84
N ASN S 172 -13.76 -37.64 -5.61
CA ASN S 172 -14.74 -36.91 -4.83
C ASN S 172 -15.16 -35.61 -5.51
N THR S 173 -14.21 -34.80 -5.93
CA THR S 173 -14.56 -33.52 -6.57
C THR S 173 -15.34 -33.74 -7.88
N ILE S 174 -15.03 -34.83 -8.58
CA ILE S 174 -15.80 -35.17 -9.78
C ILE S 174 -17.26 -35.45 -9.42
N TYR S 175 -17.47 -36.22 -8.36
CA TYR S 175 -18.83 -36.56 -7.94
C TYR S 175 -19.60 -35.35 -7.44
N LEU S 176 -18.91 -34.47 -6.72
CA LEU S 176 -19.52 -33.29 -6.10
C LEU S 176 -19.72 -32.17 -7.11
N GLY S 177 -19.10 -32.31 -8.28
CA GLY S 177 -19.33 -31.38 -9.37
C GLY S 177 -18.21 -30.39 -9.67
N GLY S 178 -17.16 -30.39 -8.85
CA GLY S 178 -16.00 -29.54 -9.07
C GLY S 178 -15.42 -29.64 -10.49
N PRO S 179 -14.37 -28.85 -10.76
CA PRO S 179 -13.73 -28.74 -12.09
C PRO S 179 -12.74 -29.85 -12.32
N PHE S 180 -12.58 -30.29 -13.57
CA PHE S 180 -11.59 -31.34 -13.90
C PHE S 180 -11.38 -31.39 -15.41
N SER S 181 -10.27 -31.97 -15.83
CA SER S 181 -10.04 -32.14 -17.26
C SER S 181 -9.51 -33.54 -17.57
N PRO S 182 -10.38 -34.38 -18.15
CA PRO S 182 -10.05 -35.74 -18.56
C PRO S 182 -9.21 -35.68 -19.82
N ASN S 183 -8.30 -36.64 -20.00
CA ASN S 183 -7.40 -36.60 -21.14
C ASN S 183 -7.61 -37.73 -22.17
N VAL S 184 -8.72 -38.46 -22.04
CA VAL S 184 -9.05 -39.48 -23.02
C VAL S 184 -10.44 -39.23 -23.63
N LEU S 185 -11.49 -39.31 -22.79
CA LEU S 185 -12.82 -38.88 -23.21
C LEU S 185 -13.27 -37.71 -22.35
N ASN S 186 -13.75 -36.66 -23.00
CA ASN S 186 -14.19 -35.47 -22.27
C ASN S 186 -15.62 -35.10 -22.64
N TRP S 187 -16.53 -35.22 -21.67
CA TRP S 187 -17.93 -34.94 -21.92
C TRP S 187 -18.12 -33.52 -22.46
N ARG S 188 -17.21 -32.62 -22.11
CA ARG S 188 -17.32 -31.22 -22.50
C ARG S 188 -16.68 -30.93 -23.85
N ALA S 189 -16.04 -31.95 -24.41
CA ALA S 189 -15.51 -31.88 -25.78
C ALA S 189 -15.56 -33.30 -26.38
N LEU S 190 -16.78 -33.76 -26.64
CA LEU S 190 -17.00 -35.14 -27.00
C LEU S 190 -17.13 -35.29 -28.51
N LYS S 191 -16.36 -36.21 -29.07
CA LYS S 191 -16.51 -36.55 -30.47
C LYS S 191 -17.23 -37.89 -30.51
N TYR S 192 -18.45 -37.86 -31.07
CA TYR S 192 -19.30 -39.06 -31.05
C TYR S 192 -20.12 -39.19 -32.33
N GLU S 193 -20.68 -40.38 -32.50
CA GLU S 193 -21.48 -40.68 -33.66
C GLU S 193 -22.69 -41.47 -33.16
N VAL S 194 -23.88 -41.10 -33.63
CA VAL S 194 -25.11 -41.75 -33.19
C VAL S 194 -25.69 -42.72 -34.22
N GLN S 195 -26.22 -43.82 -33.75
CA GLN S 195 -26.84 -44.79 -34.63
C GLN S 195 -28.18 -45.24 -34.05
N GLY S 196 -29.23 -45.10 -34.84
CA GLY S 196 -30.53 -45.61 -34.46
C GLY S 196 -31.31 -44.68 -33.54
N GLU S 197 -32.08 -45.29 -32.64
CA GLU S 197 -33.04 -44.58 -31.80
C GLU S 197 -32.39 -44.04 -30.52
N VAL S 198 -31.63 -42.95 -30.67
CA VAL S 198 -30.92 -42.32 -29.56
C VAL S 198 -31.17 -40.83 -29.55
N PHE S 199 -31.52 -40.28 -28.40
CA PHE S 199 -31.83 -38.86 -28.33
C PHE S 199 -30.96 -38.14 -27.31
N THR S 200 -30.79 -36.84 -27.54
CA THR S 200 -30.06 -36.00 -26.63
C THR S 200 -31.02 -35.09 -25.91
N LYS S 201 -31.11 -35.28 -24.58
CA LYS S 201 -32.03 -34.52 -23.76
C LYS S 201 -31.30 -33.98 -22.54
N PRO S 202 -31.88 -32.98 -21.86
CA PRO S 202 -31.33 -32.47 -20.60
C PRO S 202 -31.24 -33.59 -19.57
N GLN S 203 -30.17 -33.62 -18.79
CA GLN S 203 -29.98 -34.72 -17.84
C GLN S 203 -31.00 -34.71 -16.72
N LEU S 204 -31.37 -35.90 -16.25
CA LEU S 204 -32.33 -36.07 -15.16
C LEU S 204 -31.72 -35.96 -13.77
N TRP S 205 -30.40 -36.13 -13.69
CA TRP S 205 -29.70 -36.03 -12.41
C TRP S 205 -29.15 -34.62 -12.22
N PRO S 206 -28.92 -34.23 -10.97
CA PRO S 206 -28.34 -32.92 -10.64
C PRO S 206 -26.96 -32.72 -11.29
N GLN T 1 -62.51 -17.11 -16.40
CA GLN T 1 -61.17 -17.24 -15.87
C GLN T 1 -61.17 -16.99 -14.37
N THR T 2 -61.06 -18.05 -13.59
CA THR T 2 -60.93 -17.90 -12.14
C THR T 2 -59.49 -18.13 -11.71
N ASP T 3 -59.02 -17.36 -10.73
CA ASP T 3 -57.72 -17.62 -10.15
C ASP T 3 -57.88 -18.65 -9.03
N MET T 4 -57.51 -19.90 -9.30
CA MET T 4 -57.66 -20.97 -8.32
C MET T 4 -56.45 -21.07 -7.40
N SER T 5 -55.54 -20.09 -7.44
CA SER T 5 -54.36 -20.10 -6.59
C SER T 5 -54.70 -20.51 -5.16
N ARG T 6 -53.97 -21.50 -4.65
CA ARG T 6 -54.00 -21.80 -3.24
C ARG T 6 -55.32 -22.52 -2.87
N LYS T 7 -56.08 -22.91 -3.89
CA LYS T 7 -57.33 -23.65 -3.71
C LYS T 7 -57.33 -25.01 -4.42
N ALA T 8 -58.19 -25.91 -3.97
CA ALA T 8 -58.27 -27.26 -4.54
C ALA T 8 -59.70 -27.71 -4.70
N PHE T 9 -59.95 -28.63 -5.62
CA PHE T 9 -61.27 -29.23 -5.74
C PHE T 9 -61.32 -30.41 -4.80
N VAL T 10 -62.44 -30.54 -4.09
CA VAL T 10 -62.64 -31.62 -3.13
C VAL T 10 -63.78 -32.53 -3.54
N PHE T 11 -63.49 -33.82 -3.63
CA PHE T 11 -64.51 -34.83 -3.93
C PHE T 11 -64.62 -35.73 -2.72
N PRO T 12 -65.49 -35.34 -1.78
CA PRO T 12 -65.58 -35.93 -0.44
C PRO T 12 -66.00 -37.40 -0.39
N LYS T 13 -66.83 -37.86 -1.31
CA LYS T 13 -67.22 -39.28 -1.29
C LYS T 13 -67.31 -39.93 -2.67
N GLU T 14 -67.24 -41.25 -2.67
CA GLU T 14 -67.28 -42.02 -3.90
C GLU T 14 -68.57 -41.70 -4.66
N SER T 15 -68.45 -41.41 -5.94
CA SER T 15 -69.64 -41.08 -6.73
C SER T 15 -69.42 -41.33 -8.21
N ASP T 16 -70.48 -41.13 -8.97
CA ASP T 16 -70.61 -41.56 -10.34
C ASP T 16 -70.81 -40.29 -11.13
N THR T 17 -70.99 -39.19 -10.40
CA THR T 17 -71.68 -38.01 -10.89
C THR T 17 -70.91 -36.73 -10.64
N SER T 18 -69.92 -36.79 -9.78
CA SER T 18 -69.22 -35.59 -9.38
C SER T 18 -67.95 -35.46 -10.18
N TYR T 19 -67.75 -34.28 -10.79
CA TYR T 19 -66.58 -34.04 -11.61
C TYR T 19 -66.39 -32.57 -11.96
N VAL T 20 -65.21 -32.25 -12.47
CA VAL T 20 -64.94 -30.91 -12.97
C VAL T 20 -64.49 -30.99 -14.41
N SER T 21 -65.00 -30.10 -15.24
CA SER T 21 -64.61 -30.07 -16.63
C SER T 21 -63.72 -28.85 -16.84
N LEU T 22 -62.53 -29.09 -17.35
CA LEU T 22 -61.56 -28.03 -17.58
C LEU T 22 -61.59 -27.67 -19.05
N LYS T 23 -61.63 -26.37 -19.34
CA LYS T 23 -61.77 -25.91 -20.73
C LYS T 23 -60.45 -25.35 -21.27
N ALA T 24 -59.97 -25.95 -22.35
CA ALA T 24 -58.75 -25.50 -23.02
C ALA T 24 -59.06 -24.82 -24.34
N PRO T 25 -58.51 -23.61 -24.53
CA PRO T 25 -58.76 -22.76 -25.70
C PRO T 25 -57.95 -23.28 -26.88
N LEU T 26 -57.70 -24.57 -26.86
CA LEU T 26 -56.75 -25.19 -27.76
C LEU T 26 -57.18 -25.17 -29.23
N THR T 27 -56.22 -24.94 -30.11
CA THR T 27 -56.47 -24.98 -31.54
C THR T 27 -55.61 -26.06 -32.25
N LYS T 28 -54.29 -25.88 -32.25
CA LYS T 28 -53.40 -26.85 -32.90
C LYS T 28 -53.52 -28.21 -32.20
N PRO T 29 -53.53 -29.30 -32.99
CA PRO T 29 -53.32 -30.62 -32.37
C PRO T 29 -51.95 -30.67 -31.67
N LEU T 30 -51.85 -31.47 -30.60
CA LEU T 30 -50.66 -31.47 -29.77
C LEU T 30 -49.61 -32.46 -30.26
N LYS T 31 -48.38 -31.97 -30.43
CA LYS T 31 -47.27 -32.84 -30.80
C LYS T 31 -46.30 -33.02 -29.63
N ALA T 32 -46.68 -32.43 -28.51
CA ALA T 32 -45.95 -32.52 -27.25
C ALA T 32 -46.81 -31.91 -26.15
N PHE T 33 -46.67 -32.38 -24.92
CA PHE T 33 -47.36 -31.73 -23.80
C PHE T 33 -46.74 -32.06 -22.45
N THR T 34 -47.03 -31.22 -21.48
CA THR T 34 -46.69 -31.49 -20.08
C THR T 34 -47.92 -31.23 -19.20
N VAL T 35 -48.17 -32.11 -18.25
CA VAL T 35 -49.27 -31.92 -17.33
C VAL T 35 -48.75 -32.06 -15.93
N CYS T 36 -49.12 -31.11 -15.07
CA CYS T 36 -48.71 -31.12 -13.66
C CYS T 36 -49.92 -30.93 -12.78
N LEU T 37 -49.89 -31.56 -11.61
CA LEU T 37 -50.99 -31.42 -10.68
C LEU T 37 -50.65 -32.02 -9.32
N HIS T 38 -51.39 -31.60 -8.31
CA HIS T 38 -51.31 -32.15 -6.96
C HIS T 38 -52.57 -32.91 -6.73
N PHE T 39 -52.49 -34.02 -6.03
CA PHE T 39 -53.69 -34.68 -5.59
C PHE T 39 -53.44 -35.39 -4.25
N TYR T 40 -54.51 -35.75 -3.58
CA TYR T 40 -54.37 -36.37 -2.27
C TYR T 40 -55.54 -37.29 -2.04
N THR T 41 -55.29 -38.59 -1.95
CA THR T 41 -56.36 -39.55 -1.75
C THR T 41 -55.87 -40.72 -0.90
N GLU T 42 -56.81 -41.44 -0.28
CA GLU T 42 -56.46 -42.65 0.45
C GLU T 42 -56.85 -43.92 -0.27
N LEU T 43 -57.21 -43.78 -1.54
CA LEU T 43 -57.75 -44.89 -2.31
C LEU T 43 -56.69 -45.90 -2.75
N SER T 44 -55.43 -45.49 -2.75
CA SER T 44 -54.36 -46.30 -3.33
C SER T 44 -54.31 -47.72 -2.77
N SER T 45 -54.65 -47.87 -1.50
CA SER T 45 -54.63 -49.16 -0.82
C SER T 45 -55.77 -50.08 -1.26
N THR T 46 -56.89 -49.48 -1.65
CA THR T 46 -58.11 -50.26 -1.85
C THR T 46 -58.58 -50.44 -3.31
N ARG T 47 -58.29 -49.47 -4.19
CA ARG T 47 -58.69 -49.61 -5.59
C ARG T 47 -58.02 -48.61 -6.51
N GLY T 48 -58.30 -48.69 -7.81
CA GLY T 48 -57.73 -47.77 -8.78
C GLY T 48 -58.54 -46.49 -8.91
N TYR T 49 -57.97 -45.47 -9.54
CA TYR T 49 -58.64 -44.18 -9.73
C TYR T 49 -58.01 -43.32 -10.82
N SER T 50 -58.83 -42.44 -11.40
CA SER T 50 -58.35 -41.54 -12.44
C SER T 50 -57.86 -40.23 -11.85
N ILE T 51 -56.67 -39.83 -12.26
CA ILE T 51 -56.13 -38.59 -11.79
C ILE T 51 -56.44 -37.46 -12.76
N PHE T 52 -56.28 -37.71 -14.05
CA PHE T 52 -56.45 -36.69 -15.08
C PHE T 52 -56.93 -37.39 -16.34
N SER T 53 -58.17 -37.12 -16.76
CA SER T 53 -58.76 -37.77 -17.93
C SER T 53 -58.99 -36.78 -19.07
N TYR T 54 -58.36 -37.05 -20.21
CA TYR T 54 -58.40 -36.18 -21.38
C TYR T 54 -58.94 -36.98 -22.57
N ALA T 55 -60.18 -36.70 -22.96
CA ALA T 55 -60.84 -37.50 -23.99
C ALA T 55 -61.11 -36.75 -25.30
N THR T 56 -61.13 -37.52 -26.38
CA THR T 56 -61.44 -37.05 -27.73
C THR T 56 -62.70 -37.76 -28.21
N LYS T 57 -63.37 -37.22 -29.23
CA LYS T 57 -64.54 -37.92 -29.77
C LYS T 57 -64.12 -39.31 -30.24
N ARG T 58 -62.87 -39.45 -30.68
CA ARG T 58 -62.34 -40.69 -31.22
C ARG T 58 -61.69 -41.57 -30.17
N GLN T 59 -61.15 -40.97 -29.12
CA GLN T 59 -60.37 -41.72 -28.12
C GLN T 59 -60.66 -41.24 -26.70
N ASP T 60 -61.20 -42.13 -25.88
CA ASP T 60 -61.59 -41.78 -24.52
C ASP T 60 -60.38 -41.58 -23.60
N ASN T 61 -59.27 -42.22 -23.98
CA ASN T 61 -58.02 -42.14 -23.22
C ASN T 61 -56.93 -41.50 -24.05
N GLU T 62 -57.20 -40.30 -24.55
CA GLU T 62 -56.23 -39.60 -25.37
C GLU T 62 -55.01 -39.23 -24.51
N ILE T 63 -55.26 -38.64 -23.34
CA ILE T 63 -54.24 -38.54 -22.30
C ILE T 63 -54.87 -38.99 -20.97
N LEU T 64 -54.31 -40.02 -20.35
CA LEU T 64 -54.84 -40.50 -19.07
C LEU T 64 -53.77 -40.80 -18.04
N ILE T 65 -53.81 -40.05 -16.94
CA ILE T 65 -52.99 -40.33 -15.78
C ILE T 65 -53.88 -41.04 -14.78
N PHE T 66 -53.48 -42.25 -14.42
CA PHE T 66 -54.33 -43.15 -13.65
C PHE T 66 -53.51 -43.90 -12.60
N TRP T 67 -54.11 -44.18 -11.45
CA TRP T 67 -53.46 -45.05 -10.48
C TRP T 67 -54.11 -46.41 -10.54
N SER T 68 -53.35 -47.45 -10.89
CA SER T 68 -53.97 -48.77 -10.92
C SER T 68 -53.53 -49.58 -9.70
N LYS T 69 -54.50 -50.24 -9.07
CA LYS T 69 -54.29 -50.86 -7.76
C LYS T 69 -53.12 -51.84 -7.73
N ASP T 70 -52.32 -51.76 -6.68
CA ASP T 70 -51.23 -52.72 -6.46
C ASP T 70 -50.19 -52.72 -7.59
N ILE T 71 -50.17 -51.67 -8.39
CA ILE T 71 -49.17 -51.56 -9.44
C ILE T 71 -48.44 -50.23 -9.39
N GLY T 72 -49.16 -49.14 -9.59
CA GLY T 72 -48.57 -47.82 -9.57
C GLY T 72 -49.23 -46.91 -10.56
N TYR T 73 -48.46 -45.96 -11.10
CA TYR T 73 -49.02 -44.98 -12.00
C TYR T 73 -49.09 -45.56 -13.38
N SER T 74 -50.22 -45.35 -14.06
CA SER T 74 -50.39 -45.73 -15.45
C SER T 74 -50.56 -44.47 -16.28
N PHE T 75 -49.80 -44.38 -17.35
CA PHE T 75 -49.84 -43.21 -18.21
C PHE T 75 -50.25 -43.66 -19.60
N THR T 76 -51.30 -43.06 -20.13
CA THR T 76 -51.84 -43.48 -21.42
C THR T 76 -51.91 -42.33 -22.41
N VAL T 77 -51.37 -42.53 -23.60
CA VAL T 77 -51.49 -41.56 -24.68
C VAL T 77 -52.08 -42.26 -25.89
N GLY T 78 -53.15 -41.71 -26.43
CA GLY T 78 -53.81 -42.29 -27.58
C GLY T 78 -54.18 -43.75 -27.41
N GLY T 79 -54.57 -44.13 -26.21
CA GLY T 79 -55.01 -45.49 -25.98
C GLY T 79 -53.94 -46.47 -25.56
N SER T 80 -52.67 -46.14 -25.81
CA SER T 80 -51.53 -46.98 -25.40
C SER T 80 -51.05 -46.64 -24.00
N GLU T 81 -50.88 -47.69 -23.18
CA GLU T 81 -50.57 -47.51 -21.77
C GLU T 81 -49.15 -47.97 -21.48
N ILE T 82 -48.45 -47.21 -20.62
CA ILE T 82 -47.24 -47.70 -19.96
C ILE T 82 -47.38 -47.52 -18.47
N LEU T 83 -46.61 -48.30 -17.71
CA LEU T 83 -46.71 -48.28 -16.26
C LEU T 83 -45.48 -47.64 -15.61
N PHE T 84 -45.68 -46.98 -14.48
CA PHE T 84 -44.59 -46.55 -13.61
C PHE T 84 -44.82 -47.15 -12.24
N GLU T 85 -44.20 -48.31 -11.97
CA GLU T 85 -44.41 -49.05 -10.73
C GLU T 85 -44.17 -48.20 -9.51
N VAL T 86 -44.94 -48.45 -8.48
CA VAL T 86 -44.71 -47.82 -7.19
C VAL T 86 -44.98 -48.79 -6.06
N PRO T 87 -43.91 -49.30 -5.47
CA PRO T 87 -44.03 -50.09 -4.24
C PRO T 87 -43.99 -49.15 -3.04
N GLU T 88 -44.54 -49.58 -1.91
CA GLU T 88 -44.47 -48.80 -0.68
C GLU T 88 -45.02 -47.37 -0.84
N VAL T 89 -46.25 -47.25 -1.29
CA VAL T 89 -46.89 -45.93 -1.34
C VAL T 89 -47.03 -45.33 0.06
N THR T 90 -46.89 -44.01 0.15
CA THR T 90 -47.09 -43.32 1.43
C THR T 90 -48.36 -42.46 1.40
N VAL T 91 -48.95 -42.26 2.59
CA VAL T 91 -50.16 -41.46 2.71
C VAL T 91 -49.82 -39.97 2.86
N ALA T 92 -49.77 -39.28 1.73
CA ALA T 92 -49.53 -37.84 1.74
C ALA T 92 -49.93 -37.29 0.38
N PRO T 93 -50.15 -35.97 0.31
CA PRO T 93 -50.35 -35.34 -0.99
C PRO T 93 -49.20 -35.69 -1.92
N VAL T 94 -49.50 -35.88 -3.19
CA VAL T 94 -48.52 -36.19 -4.21
C VAL T 94 -48.54 -35.13 -5.28
N HIS T 95 -47.37 -34.77 -5.79
CA HIS T 95 -47.31 -33.88 -6.92
C HIS T 95 -46.74 -34.64 -8.10
N ILE T 96 -47.40 -34.57 -9.26
CA ILE T 96 -46.84 -35.21 -10.43
C ILE T 96 -46.69 -34.28 -11.63
N CYS T 97 -45.66 -34.51 -12.42
CA CYS T 97 -45.50 -33.87 -13.71
C CYS T 97 -45.30 -34.97 -14.69
N THR T 98 -45.94 -34.88 -15.83
CA THR T 98 -45.82 -35.92 -16.82
C THR T 98 -45.76 -35.29 -18.20
N SER T 99 -44.91 -35.81 -19.07
CA SER T 99 -44.73 -35.22 -20.38
C SER T 99 -44.53 -36.25 -21.47
N TRP T 100 -44.83 -35.86 -22.71
CA TRP T 100 -44.73 -36.74 -23.85
C TRP T 100 -44.34 -35.91 -25.05
N GLU T 101 -43.49 -36.47 -25.90
CA GLU T 101 -43.07 -35.80 -27.13
C GLU T 101 -43.28 -36.71 -28.35
N SER T 102 -44.06 -36.25 -29.33
CA SER T 102 -44.32 -37.05 -30.51
C SER T 102 -43.03 -37.39 -31.26
N ALA T 103 -42.20 -36.37 -31.48
CA ALA T 103 -40.96 -36.55 -32.22
C ALA T 103 -40.12 -37.76 -31.78
N SER T 104 -40.07 -38.03 -30.48
CA SER T 104 -39.19 -39.06 -29.96
C SER T 104 -39.95 -40.22 -29.31
N GLY T 105 -41.17 -39.94 -28.86
CA GLY T 105 -41.96 -40.95 -28.18
C GLY T 105 -41.58 -41.03 -26.72
N ILE T 106 -40.71 -40.11 -26.28
CA ILE T 106 -40.25 -40.10 -24.91
C ILE T 106 -41.29 -39.56 -23.94
N VAL T 107 -41.66 -40.34 -22.93
CA VAL T 107 -42.46 -39.81 -21.83
C VAL T 107 -41.62 -39.70 -20.55
N GLU T 108 -41.89 -38.67 -19.77
CA GLU T 108 -41.25 -38.49 -18.47
C GLU T 108 -42.33 -38.51 -17.44
N PHE T 109 -42.01 -39.04 -16.27
CA PHE T 109 -42.96 -39.05 -15.18
C PHE T 109 -42.21 -38.60 -13.93
N TRP T 110 -42.64 -37.49 -13.35
CA TRP T 110 -42.01 -36.96 -12.15
C TRP T 110 -42.92 -37.07 -10.94
N VAL T 111 -42.43 -37.67 -9.87
CA VAL T 111 -43.19 -37.75 -8.63
C VAL T 111 -42.53 -36.96 -7.51
N ASP T 112 -43.23 -35.98 -6.99
CA ASP T 112 -42.71 -35.13 -5.93
C ASP T 112 -41.34 -34.53 -6.27
N GLY T 113 -41.19 -34.09 -7.51
CA GLY T 113 -39.99 -33.42 -7.94
C GLY T 113 -38.89 -34.35 -8.40
N LYS T 114 -39.08 -35.66 -8.27
CA LYS T 114 -38.06 -36.63 -8.64
C LYS T 114 -38.43 -37.38 -9.92
N PRO T 115 -37.52 -37.43 -10.90
CA PRO T 115 -37.83 -38.07 -12.17
C PRO T 115 -37.79 -39.58 -12.10
N ARG T 116 -38.79 -40.21 -12.69
CA ARG T 116 -38.72 -41.63 -12.97
C ARG T 116 -37.90 -41.78 -14.24
N VAL T 117 -37.52 -43.00 -14.57
CA VAL T 117 -36.76 -43.20 -15.78
C VAL T 117 -37.58 -42.79 -17.02
N ARG T 118 -36.91 -42.45 -18.11
CA ARG T 118 -37.63 -42.13 -19.34
C ARG T 118 -38.11 -43.38 -20.06
N LYS T 119 -39.27 -43.30 -20.72
CA LYS T 119 -39.84 -44.45 -21.41
C LYS T 119 -40.36 -44.00 -22.78
N SER T 120 -40.85 -44.95 -23.55
CA SER T 120 -41.31 -44.67 -24.91
C SER T 120 -42.80 -44.95 -25.08
N LEU T 121 -43.48 -44.06 -25.79
CA LEU T 121 -44.92 -44.18 -26.01
C LEU T 121 -45.36 -43.37 -27.22
N LYS T 122 -46.00 -44.05 -28.17
CA LYS T 122 -46.66 -43.38 -29.29
C LYS T 122 -45.78 -42.39 -30.04
N LYS T 123 -44.62 -42.83 -30.49
CA LYS T 123 -43.80 -41.97 -31.32
C LYS T 123 -44.54 -41.60 -32.60
N GLY T 124 -44.53 -40.32 -32.94
CA GLY T 124 -45.15 -39.86 -34.17
C GLY T 124 -46.66 -39.63 -34.13
N TYR T 125 -47.30 -40.02 -33.03
CA TYR T 125 -48.73 -39.82 -32.82
C TYR T 125 -49.04 -38.33 -32.71
N THR T 126 -50.32 -37.97 -32.85
CA THR T 126 -50.76 -36.60 -32.65
C THR T 126 -51.99 -36.54 -31.75
N VAL T 127 -51.89 -35.80 -30.64
CA VAL T 127 -52.99 -35.71 -29.69
C VAL T 127 -54.00 -34.66 -30.13
N GLY T 128 -55.28 -35.03 -30.13
CA GLY T 128 -56.34 -34.15 -30.61
C GLY T 128 -56.59 -32.93 -29.76
N ALA T 129 -57.07 -31.85 -30.38
CA ALA T 129 -57.25 -30.59 -29.69
C ALA T 129 -58.69 -30.38 -29.23
N GLU T 130 -59.59 -31.13 -29.84
CA GLU T 130 -60.99 -31.07 -29.46
C GLU T 130 -61.19 -32.04 -28.32
N ALA T 131 -61.00 -31.56 -27.10
CA ALA T 131 -60.92 -32.45 -25.95
C ALA T 131 -61.92 -32.14 -24.85
N SER T 132 -62.30 -33.20 -24.13
CA SER T 132 -63.03 -33.07 -22.88
C SER T 132 -62.08 -33.45 -21.75
N ILE T 133 -61.72 -32.46 -20.94
CA ILE T 133 -60.74 -32.68 -19.88
C ILE T 133 -61.44 -32.73 -18.54
N ILE T 134 -61.32 -33.86 -17.85
CA ILE T 134 -62.09 -34.08 -16.65
C ILE T 134 -61.32 -34.54 -15.42
N LEU T 135 -61.53 -33.84 -14.31
CA LEU T 135 -61.01 -34.20 -13.00
C LEU T 135 -62.10 -34.90 -12.21
N GLY T 136 -61.76 -36.00 -11.56
CA GLY T 136 -62.67 -36.62 -10.60
C GLY T 136 -63.34 -37.89 -11.07
N GLN T 137 -63.35 -38.08 -12.38
CA GLN T 137 -63.98 -39.24 -12.98
C GLN T 137 -63.11 -39.66 -14.15
N GLU T 138 -63.23 -40.93 -14.52
CA GLU T 138 -62.53 -41.44 -15.69
C GLU T 138 -63.52 -41.55 -16.86
N GLN T 139 -63.19 -40.91 -17.98
CA GLN T 139 -64.06 -40.88 -19.15
C GLN T 139 -63.99 -42.14 -20.02
N ASP T 140 -65.16 -42.70 -20.34
CA ASP T 140 -65.22 -43.80 -21.29
C ASP T 140 -65.85 -43.33 -22.60
N SER T 141 -66.35 -42.10 -22.60
CA SER T 141 -66.86 -41.47 -23.79
C SER T 141 -66.55 -39.99 -23.71
N PHE T 142 -66.63 -39.29 -24.84
CA PHE T 142 -66.37 -37.85 -24.83
C PHE T 142 -67.29 -37.13 -23.87
N GLY T 143 -66.80 -36.87 -22.67
CA GLY T 143 -67.51 -36.06 -21.71
C GLY T 143 -68.39 -36.84 -20.76
N GLY T 144 -68.27 -38.16 -20.75
CA GLY T 144 -69.11 -38.94 -19.88
C GLY T 144 -68.78 -40.42 -19.77
N ASN T 145 -69.78 -41.22 -19.44
CA ASN T 145 -69.63 -42.65 -19.21
C ASN T 145 -68.61 -42.95 -18.13
N PHE T 146 -68.85 -42.39 -16.97
CA PHE T 146 -67.99 -42.54 -15.82
C PHE T 146 -68.22 -43.87 -15.12
N GLU T 147 -67.15 -44.44 -14.54
CA GLU T 147 -67.27 -45.57 -13.66
C GLU T 147 -66.94 -45.12 -12.24
N GLY T 148 -67.80 -45.44 -11.29
CA GLY T 148 -67.59 -45.05 -9.91
C GLY T 148 -66.42 -45.74 -9.26
N SER T 149 -66.08 -46.94 -9.74
CA SER T 149 -64.94 -47.68 -9.22
C SER T 149 -63.63 -47.07 -9.74
N GLN T 150 -63.72 -45.95 -10.44
CA GLN T 150 -62.54 -45.29 -10.93
C GLN T 150 -62.53 -43.80 -10.57
N SER T 151 -63.46 -43.39 -9.71
CA SER T 151 -63.55 -41.99 -9.34
C SER T 151 -62.45 -41.60 -8.36
N LEU T 152 -62.16 -40.31 -8.25
CA LEU T 152 -61.16 -39.83 -7.31
C LEU T 152 -61.86 -39.33 -6.09
N VAL T 153 -61.51 -39.88 -4.93
CA VAL T 153 -62.06 -39.41 -3.67
C VAL T 153 -60.96 -38.76 -2.87
N GLY T 154 -61.05 -37.44 -2.74
CA GLY T 154 -60.02 -36.65 -2.10
C GLY T 154 -59.89 -35.29 -2.76
N ASP T 155 -58.67 -34.77 -2.82
CA ASP T 155 -58.47 -33.43 -3.34
C ASP T 155 -57.63 -33.49 -4.60
N ILE T 156 -57.84 -32.52 -5.48
CA ILE T 156 -56.93 -32.34 -6.59
C ILE T 156 -56.84 -30.87 -6.94
N GLY T 157 -55.64 -30.39 -7.24
CA GLY T 157 -55.44 -28.98 -7.53
C GLY T 157 -54.12 -28.68 -8.23
N ASN T 158 -53.80 -27.41 -8.38
CA ASN T 158 -52.60 -27.00 -9.12
C ASN T 158 -52.43 -27.69 -10.45
N VAL T 159 -53.53 -27.84 -11.18
CA VAL T 159 -53.51 -28.46 -12.50
C VAL T 159 -53.03 -27.45 -13.54
N ASN T 160 -51.97 -27.81 -14.25
CA ASN T 160 -51.44 -26.96 -15.29
C ASN T 160 -51.02 -27.78 -16.48
N MET T 161 -51.15 -27.24 -17.70
CA MET T 161 -50.78 -27.97 -18.90
C MET T 161 -50.06 -27.08 -19.89
N TRP T 162 -48.97 -27.59 -20.48
CA TRP T 162 -48.25 -26.89 -21.56
C TRP T 162 -48.34 -27.71 -22.83
N ASP T 163 -48.17 -27.06 -23.98
CA ASP T 163 -48.13 -27.77 -25.26
C ASP T 163 -46.71 -28.15 -25.71
N PHE T 164 -45.76 -28.13 -24.78
CA PHE T 164 -44.39 -28.58 -25.06
C PHE T 164 -43.83 -29.29 -23.84
N VAL T 165 -42.64 -29.85 -23.99
CA VAL T 165 -42.02 -30.59 -22.91
C VAL T 165 -41.22 -29.70 -21.97
N LEU T 166 -41.60 -29.72 -20.71
CA LEU T 166 -40.84 -29.02 -19.67
C LEU T 166 -39.47 -29.66 -19.42
N SER T 167 -38.46 -28.81 -19.30
CA SER T 167 -37.11 -29.26 -18.97
C SER T 167 -37.04 -29.63 -17.49
N PRO T 168 -36.05 -30.43 -17.12
CA PRO T 168 -35.91 -30.80 -15.70
C PRO T 168 -35.81 -29.57 -14.79
N ASP T 169 -35.14 -28.51 -15.24
CA ASP T 169 -35.02 -27.31 -14.42
C ASP T 169 -36.39 -26.66 -14.24
N GLU T 170 -37.18 -26.63 -15.32
CA GLU T 170 -38.50 -26.02 -15.28
C GLU T 170 -39.40 -26.83 -14.34
N ILE T 171 -39.34 -28.14 -14.44
CA ILE T 171 -40.19 -28.99 -13.62
C ILE T 171 -39.82 -28.80 -12.16
N ASN T 172 -38.53 -28.65 -11.90
CA ASN T 172 -38.11 -28.41 -10.54
C ASN T 172 -38.68 -27.12 -9.99
N THR T 173 -38.58 -26.02 -10.74
CA THR T 173 -39.07 -24.75 -10.22
C THR T 173 -40.59 -24.84 -10.00
N ILE T 174 -41.27 -25.65 -10.81
CA ILE T 174 -42.71 -25.82 -10.64
C ILE T 174 -43.04 -26.54 -9.34
N TYR T 175 -42.30 -27.59 -9.06
CA TYR T 175 -42.47 -28.31 -7.80
C TYR T 175 -42.11 -27.49 -6.55
N LEU T 176 -41.02 -26.72 -6.63
CA LEU T 176 -40.55 -25.92 -5.50
C LEU T 176 -41.39 -24.64 -5.30
N GLY T 177 -42.22 -24.31 -6.27
CA GLY T 177 -43.10 -23.17 -6.15
C GLY T 177 -42.81 -21.90 -6.95
N GLY T 178 -41.64 -21.81 -7.58
CA GLY T 178 -41.31 -20.67 -8.44
C GLY T 178 -42.39 -20.27 -9.45
N PRO T 179 -42.10 -19.22 -10.24
CA PRO T 179 -43.03 -18.65 -11.21
C PRO T 179 -43.02 -19.42 -12.52
N PHE T 180 -44.16 -19.45 -13.20
CA PHE T 180 -44.26 -20.10 -14.50
C PHE T 180 -45.57 -19.70 -15.18
N SER T 181 -45.64 -19.91 -16.50
CA SER T 181 -46.86 -19.62 -17.24
C SER T 181 -47.16 -20.73 -18.24
N PRO T 182 -48.15 -21.56 -17.92
CA PRO T 182 -48.60 -22.66 -18.77
C PRO T 182 -49.44 -22.08 -19.90
N ASN T 183 -49.40 -22.69 -21.08
CA ASN T 183 -50.09 -22.13 -22.22
C ASN T 183 -51.28 -22.95 -22.70
N VAL T 184 -51.69 -23.95 -21.92
CA VAL T 184 -52.87 -24.73 -22.26
C VAL T 184 -53.90 -24.68 -21.14
N LEU T 185 -53.55 -25.24 -19.98
CA LEU T 185 -54.36 -25.05 -18.78
C LEU T 185 -53.58 -24.29 -17.75
N ASN T 186 -54.18 -23.27 -17.15
CA ASN T 186 -53.50 -22.44 -16.15
C ASN T 186 -54.33 -22.34 -14.88
N TRP T 187 -53.82 -22.90 -13.80
CA TRP T 187 -54.54 -22.91 -12.54
C TRP T 187 -54.90 -21.50 -12.09
N ARG T 188 -54.10 -20.52 -12.50
CA ARG T 188 -54.29 -19.13 -12.08
C ARG T 188 -55.26 -18.36 -12.98
N ALA T 189 -55.67 -19.00 -14.06
CA ALA T 189 -56.70 -18.46 -14.94
C ALA T 189 -57.46 -19.64 -15.54
N LEU T 190 -58.23 -20.31 -14.70
CA LEU T 190 -58.84 -21.58 -15.06
C LEU T 190 -60.29 -21.38 -15.48
N LYS T 191 -60.64 -21.91 -16.65
CA LYS T 191 -62.04 -21.90 -17.07
C LYS T 191 -62.56 -23.29 -16.84
N TYR T 192 -63.52 -23.44 -15.94
CA TYR T 192 -64.01 -24.77 -15.57
C TYR T 192 -65.50 -24.76 -15.30
N GLU T 193 -66.07 -25.95 -15.26
CA GLU T 193 -67.48 -26.13 -14.99
C GLU T 193 -67.61 -27.30 -14.01
N VAL T 194 -68.41 -27.14 -12.96
CA VAL T 194 -68.55 -28.16 -11.93
C VAL T 194 -69.86 -28.90 -12.05
N GLN T 195 -69.84 -30.20 -11.73
CA GLN T 195 -71.04 -31.02 -11.78
C GLN T 195 -71.06 -31.88 -10.54
N GLY T 196 -72.18 -31.89 -9.84
CA GLY T 196 -72.31 -32.77 -8.70
C GLY T 196 -71.66 -32.29 -7.42
N GLU T 197 -71.27 -33.25 -6.59
CA GLU T 197 -70.77 -33.03 -5.25
C GLU T 197 -69.28 -32.67 -5.25
N VAL T 198 -68.96 -31.45 -5.65
CA VAL T 198 -67.58 -30.98 -5.73
C VAL T 198 -67.46 -29.66 -5.00
N PHE T 199 -66.45 -29.52 -4.14
CA PHE T 199 -66.29 -28.27 -3.42
C PHE T 199 -64.93 -27.62 -3.66
N THR T 200 -64.89 -26.32 -3.48
CA THR T 200 -63.64 -25.56 -3.56
C THR T 200 -63.18 -25.16 -2.17
N LYS T 201 -62.03 -25.67 -1.74
CA LYS T 201 -61.51 -25.39 -0.40
C LYS T 201 -60.03 -25.01 -0.49
N PRO T 202 -59.48 -24.42 0.58
CA PRO T 202 -58.03 -24.14 0.65
C PRO T 202 -57.22 -25.42 0.53
N GLN T 203 -56.10 -25.39 -0.18
CA GLN T 203 -55.33 -26.62 -0.41
C GLN T 203 -54.68 -27.15 0.88
N LEU T 204 -54.61 -28.48 0.99
CA LEU T 204 -54.01 -29.14 2.13
C LEU T 204 -52.49 -29.25 2.04
N TRP T 205 -51.95 -29.08 0.84
CA TRP T 205 -50.52 -29.16 0.65
C TRP T 205 -49.92 -27.78 0.65
N PRO T 206 -48.62 -27.69 0.96
CA PRO T 206 -47.91 -26.41 0.96
C PRO T 206 -47.95 -25.72 -0.42
#